data_8OYT
#
_entry.id   8OYT
#
_cell.length_a   1.00
_cell.length_b   1.00
_cell.length_c   1.00
_cell.angle_alpha   90.00
_cell.angle_beta   90.00
_cell.angle_gamma   90.00
#
_symmetry.space_group_name_H-M   'P 1'
#
loop_
_entity.id
_entity.type
_entity.pdbx_description
1 polymer 'Spike glycoprotein,Fibritin'
2 polymer 'H6 nanobody'
3 branched 2-acetamido-2-deoxy-beta-D-glucopyranose-(1-4)-2-acetamido-2-deoxy-beta-D-glucopyranose
4 non-polymer 2-acetamido-2-deoxy-beta-D-glucopyranose
#
loop_
_entity_poly.entity_id
_entity_poly.type
_entity_poly.pdbx_seq_one_letter_code
_entity_poly.pdbx_strand_id
1 'polypeptide(L)'
;MFVFLVLLPLVSSQCVNLTTRTQLPPAYTNSFTRGVYYPDKVFRSSVLHSTQDLFLPFFSNVTWFHVIHVSGTNGTKRFD
NPVLPFNDGVYFASIEKSNIIRGWIFGTTLDSKTQSLLIVNNATNVVIKVCEFQFCNDPFLDVYHKNNKSWMESEFRVYS
SANNCTFEYVSQPFLMDLEGKQGNFKNLREFVFKNIDGYFKIYSKHTPINIVREPEDLPQGFSALEPLVDLPIGINITRF
QTLLALHRSYLTPGDSSSGWTAGAAAYYVGYLQPRTFLLKYNENGTITDAVDCALDPLSETKCTLKSFTVEKGIYQTSNF
RVQPTESIVRFPNITNLCPFDEVFNATRFASVYAWNRKRISNCVADYSVLYNLAPFFTFKCYGVSPTKLNDLCFTNVYAD
SFVIRGDEVRQIAPGQTGNIADYNYKLPDDFTGCVIAWNSNKLDSKVSGNYNYLYRLFRKSNLKPFERDISTEIYQAGNK
PCNGVAGFNCYFPLKSYSFRPTYGVGHQPYRVVVLSFELLHAPATVCGPKKSTNLVKNKCVNFNFNGLKGTGVLTESNKK
FLPFQQFGRDIADTTDAVRDPQTLEILDITPCSFGGVSVITPGTNTSNQVAVLYQGVNCTEVPVAIHADQLTPTWRVYST
GSNVFQTRAGCLIGAEYVNNSYECDIPIGAGICASYQTQTKSHGSASSVASQSIIAYTMSLGAENSVAYSNNSIAIPTNF
TISVTTEILPVSMTKTSVDCTMYICGDSTECSNLLLQYGSFCTQLKRALTGIAVEQDKNTQEVFAQVKQIYKTPPIKYFG
GFNFSQILPDPSKPSKRSPIEDLLFNKVTLADAGFIKQYGDCLGDIAARDLICAQKFKGLTVLPPLLTDEMIAQYTSALL
AGTITSGWTFGAGPALQIPFPMQMAYRFNGIGVTQNVLYENQKLIANQFNSAIGKIQDSLSSTPSALGKLQDVVNHNAQA
LNTLVKQLSSKFGAISSVLNDIFSRLDPPEAEVQIDRLITGRLQSLQTYVTQQLIRAAEIRASANLAATKMSECVLGQSK
RVDFCGKGYHLMSFPQSAPHGVVFLHVTYVPAQEKNFTTAPAICHDGKAHFPREGVFVSNGTHWFVTQRNFYEPQIITTD
NTFVSGNCDVVIGIVNNTVYDPLQPELDSFKEELDKYFKNHTSPDVDLGDISGINASVVNIQKEIDRLNEVAKNLNESLI
DLQELGKYEQGSGYIPEAPRDGQAYVRKDGEWVLLSTFLGRSLEVLFQGPGHHHHHHHH
;
A,B,C
2 'polypeptide(L)'
;QVQLVESGGGLVQPGGSLTLSCVASESSLAPYRVAWFRQAPGKEREGVSCISRDAHPTSTYYTASVKGRFTMSRDNAKNT
VYLQMNSLKPSDTAVYYCATDLGGYCSDSNYPRAWWGQGTQVTVSSKHHHHHH
;
E,G,F
#
loop_
_chem_comp.id
_chem_comp.type
_chem_comp.name
_chem_comp.formula
NAG D-saccharide, beta linking 2-acetamido-2-deoxy-beta-D-glucopyranose 'C8 H15 N O6'
#
# COMPACT_ATOMS: atom_id res chain seq x y z
N THR A 19 -52.95 -10.42 45.07
CA THR A 19 -53.47 -9.78 46.27
C THR A 19 -52.88 -8.38 46.47
N THR A 20 -53.12 -7.81 47.64
CA THR A 20 -52.61 -6.50 48.00
C THR A 20 -51.27 -6.59 48.71
N ARG A 21 -50.32 -7.28 48.09
CA ARG A 21 -49.01 -7.45 48.70
C ARG A 21 -48.24 -6.13 48.64
N THR A 22 -47.27 -6.00 49.53
CA THR A 22 -46.45 -4.80 49.56
C THR A 22 -45.18 -4.99 48.74
N GLN A 23 -44.55 -3.87 48.40
CA GLN A 23 -43.32 -3.91 47.63
C GLN A 23 -42.17 -4.40 48.50
N LEU A 24 -41.14 -4.93 47.85
CA LEU A 24 -39.96 -5.44 48.54
C LEU A 24 -38.73 -4.82 47.90
N PRO A 25 -37.91 -4.10 48.65
CA PRO A 25 -36.68 -3.51 48.09
C PRO A 25 -35.71 -4.60 47.68
N PRO A 26 -35.25 -4.60 46.43
CA PRO A 26 -34.31 -5.64 46.01
C PRO A 26 -32.97 -5.50 46.72
N ALA A 27 -32.33 -6.64 46.94
CA ALA A 27 -31.02 -6.72 47.55
C ALA A 27 -29.93 -6.87 46.48
N TYR A 28 -28.68 -7.02 46.94
CA TYR A 28 -27.55 -7.17 46.03
C TYR A 28 -26.59 -8.23 46.57
N THR A 29 -25.87 -8.86 45.64
CA THR A 29 -24.93 -9.93 45.94
C THR A 29 -23.82 -9.85 44.90
N ASN A 30 -22.64 -10.34 45.25
CA ASN A 30 -21.51 -10.36 44.35
C ASN A 30 -21.53 -11.58 43.43
N SER A 31 -21.40 -11.31 42.12
CA SER A 31 -21.49 -12.33 41.08
C SER A 31 -20.27 -13.25 41.05
N PHE A 32 -19.15 -12.81 41.60
CA PHE A 32 -17.92 -13.62 41.62
C PHE A 32 -17.50 -13.91 40.17
N THR A 33 -16.79 -15.01 39.96
CA THR A 33 -16.25 -15.34 38.64
C THR A 33 -17.17 -16.30 37.89
N ARG A 34 -18.36 -15.79 37.59
CA ARG A 34 -19.38 -16.53 36.87
C ARG A 34 -19.87 -15.72 35.68
N GLY A 35 -20.41 -16.43 34.70
CA GLY A 35 -20.98 -15.81 33.52
C GLY A 35 -20.04 -15.80 32.33
N VAL A 36 -19.43 -16.94 32.05
CA VAL A 36 -18.55 -17.12 30.89
C VAL A 36 -19.13 -18.23 30.03
N TYR A 37 -19.16 -18.01 28.73
CA TYR A 37 -19.77 -18.97 27.81
C TYR A 37 -18.83 -19.26 26.66
N TYR A 38 -19.18 -20.28 25.90
CA TYR A 38 -18.43 -20.64 24.71
C TYR A 38 -18.75 -19.65 23.60
N PRO A 39 -17.78 -18.92 23.05
CA PRO A 39 -18.14 -17.91 22.05
C PRO A 39 -18.51 -18.55 20.73
N ASP A 40 -17.76 -19.56 20.29
CA ASP A 40 -17.96 -20.16 18.98
C ASP A 40 -18.10 -21.67 19.16
N LYS A 41 -18.51 -22.32 18.07
CA LYS A 41 -18.65 -23.77 18.06
C LYS A 41 -17.32 -24.47 17.81
N VAL A 42 -16.29 -23.72 17.45
CA VAL A 42 -15.00 -24.29 17.07
C VAL A 42 -14.27 -24.83 18.29
N PHE A 43 -13.74 -26.04 18.15
CA PHE A 43 -12.95 -26.68 19.21
C PHE A 43 -11.49 -26.27 19.12
N ARG A 44 -10.96 -25.78 20.23
CA ARG A 44 -9.56 -25.39 20.33
C ARG A 44 -9.06 -25.95 21.66
N SER A 45 -7.81 -26.37 21.68
CA SER A 45 -7.26 -27.00 22.88
C SER A 45 -5.87 -26.48 23.20
N SER A 46 -5.61 -26.29 24.50
CA SER A 46 -4.29 -25.91 25.00
C SER A 46 -3.81 -24.60 24.42
N VAL A 47 -4.73 -23.75 24.01
CA VAL A 47 -4.41 -22.44 23.45
C VAL A 47 -5.07 -21.38 24.31
N LEU A 48 -4.40 -20.23 24.42
CA LEU A 48 -4.91 -19.10 25.20
C LEU A 48 -5.48 -18.09 24.23
N HIS A 49 -6.75 -18.27 23.87
CA HIS A 49 -7.41 -17.39 22.93
C HIS A 49 -8.02 -16.20 23.65
N SER A 50 -8.00 -15.05 22.98
CA SER A 50 -8.58 -13.81 23.49
C SER A 50 -9.66 -13.33 22.52
N THR A 51 -10.84 -13.01 23.07
CA THR A 51 -11.98 -12.60 22.28
C THR A 51 -12.62 -11.35 22.85
N GLN A 52 -13.31 -10.62 21.98
CA GLN A 52 -14.03 -9.40 22.33
C GLN A 52 -15.53 -9.67 22.16
N ASP A 53 -16.25 -9.74 23.27
CA ASP A 53 -17.68 -10.01 23.24
C ASP A 53 -18.30 -9.54 24.54
N LEU A 54 -19.63 -9.55 24.58
CA LEU A 54 -20.35 -9.18 25.78
C LEU A 54 -20.14 -10.24 26.85
N PHE A 55 -19.77 -9.80 28.05
CA PHE A 55 -19.51 -10.74 29.12
C PHE A 55 -19.90 -10.13 30.46
N LEU A 56 -20.11 -11.00 31.44
CA LEU A 56 -20.41 -10.55 32.79
C LEU A 56 -19.11 -10.19 33.49
N PRO A 57 -18.92 -8.95 33.91
CA PRO A 57 -17.67 -8.59 34.60
C PRO A 57 -17.54 -9.39 35.88
N PHE A 58 -16.30 -9.76 36.20
CA PHE A 58 -16.05 -10.53 37.41
C PHE A 58 -16.30 -9.67 38.65
N PHE A 59 -16.92 -10.28 39.65
CA PHE A 59 -17.21 -9.65 40.93
C PHE A 59 -18.05 -8.38 40.75
N SER A 60 -19.26 -8.57 40.23
CA SER A 60 -20.18 -7.48 39.97
C SER A 60 -21.44 -7.72 40.76
N ASN A 61 -22.17 -6.64 41.06
CA ASN A 61 -23.42 -6.82 41.79
C ASN A 61 -24.45 -7.50 40.91
N VAL A 62 -25.15 -8.49 41.48
CA VAL A 62 -26.24 -9.18 40.81
C VAL A 62 -27.38 -9.31 41.81
N THR A 63 -28.61 -9.05 41.36
CA THR A 63 -29.72 -9.16 42.30
C THR A 63 -29.95 -10.63 42.66
N TRP A 64 -30.45 -10.85 43.88
CA TRP A 64 -30.62 -12.20 44.43
C TRP A 64 -32.07 -12.37 44.86
N PHE A 65 -33.01 -12.10 43.95
CA PHE A 65 -34.42 -12.32 44.22
C PHE A 65 -34.70 -13.75 44.66
N HIS A 66 -35.46 -13.86 45.75
CA HIS A 66 -35.83 -15.10 46.39
C HIS A 66 -37.35 -15.14 46.46
N VAL A 67 -37.94 -16.19 45.89
CA VAL A 67 -39.38 -16.39 45.86
C VAL A 67 -39.73 -17.51 46.83
N ILE A 68 -40.46 -17.16 47.88
CA ILE A 68 -40.89 -18.08 48.93
C ILE A 68 -42.33 -17.73 49.28
N SER A 71 -42.94 -18.57 50.12
CA SER A 71 -44.26 -18.30 50.67
C SER A 71 -44.27 -17.03 51.50
N GLY A 72 -44.90 -15.98 50.97
CA GLY A 72 -44.84 -14.66 51.57
C GLY A 72 -45.91 -14.51 52.64
N THR A 73 -45.48 -13.99 53.80
CA THR A 73 -46.39 -13.70 54.92
C THR A 73 -47.22 -14.94 55.30
N ASN A 74 -46.58 -16.10 55.20
CA ASN A 74 -47.19 -17.39 55.56
C ASN A 74 -48.51 -17.63 54.83
N GLY A 75 -48.54 -17.32 53.54
CA GLY A 75 -49.72 -17.61 52.75
C GLY A 75 -50.22 -16.49 51.87
N THR A 76 -49.44 -15.42 51.74
CA THR A 76 -49.80 -14.28 50.90
C THR A 76 -48.92 -14.28 49.66
N LYS A 77 -49.55 -14.20 48.49
CA LYS A 77 -48.79 -14.22 47.25
C LYS A 77 -47.90 -12.99 47.15
N ARG A 78 -46.66 -13.21 46.75
CA ARG A 78 -45.68 -12.14 46.55
C ARG A 78 -45.45 -11.99 45.05
N PHE A 79 -45.71 -10.79 44.54
CA PHE A 79 -45.52 -10.51 43.12
C PHE A 79 -44.12 -9.93 42.90
N ASP A 80 -43.13 -10.80 43.11
CA ASP A 80 -41.73 -10.44 42.88
C ASP A 80 -41.30 -10.81 41.47
N ASN A 81 -42.10 -10.37 40.50
CA ASN A 81 -41.86 -10.63 39.07
C ASN A 81 -41.93 -9.31 38.32
N PRO A 82 -40.93 -8.44 38.50
CA PRO A 82 -40.95 -7.15 37.80
C PRO A 82 -40.70 -7.30 36.31
N VAL A 83 -41.02 -6.23 35.60
CA VAL A 83 -40.76 -6.17 34.14
C VAL A 83 -39.34 -5.61 34.00
N LEU A 84 -38.37 -6.51 34.13
CA LEU A 84 -36.98 -6.09 34.06
C LEU A 84 -36.59 -5.77 32.63
N PRO A 85 -35.84 -4.69 32.41
CA PRO A 85 -35.41 -4.35 31.05
C PRO A 85 -34.43 -5.38 30.52
N PHE A 86 -34.64 -5.81 29.28
CA PHE A 86 -33.76 -6.82 28.69
C PHE A 86 -32.41 -6.21 28.30
N ASN A 87 -32.42 -4.99 27.75
CA ASN A 87 -31.22 -4.30 27.32
C ASN A 87 -30.41 -5.10 26.32
N ASP A 88 -29.26 -5.63 26.75
CA ASP A 88 -28.35 -6.32 25.86
C ASP A 88 -28.16 -7.79 26.19
N GLY A 89 -28.79 -8.28 27.24
CA GLY A 89 -28.66 -9.68 27.62
C GLY A 89 -28.81 -9.84 29.12
N VAL A 90 -29.01 -11.09 29.54
CA VAL A 90 -29.20 -11.39 30.95
C VAL A 90 -28.40 -12.63 31.32
N TYR A 91 -28.20 -12.79 32.63
CA TYR A 91 -27.49 -13.93 33.18
C TYR A 91 -28.40 -14.65 34.17
N PHE A 92 -29.64 -14.91 33.76
CA PHE A 92 -30.60 -15.57 34.64
C PHE A 92 -30.05 -16.89 35.16
N ALA A 93 -30.15 -17.09 36.48
CA ALA A 93 -29.69 -18.30 37.11
C ALA A 93 -30.61 -18.60 38.29
N SER A 94 -30.34 -19.72 38.97
CA SER A 94 -31.13 -20.07 40.13
C SER A 94 -30.39 -21.11 40.96
N ILE A 95 -30.81 -21.22 42.22
CA ILE A 95 -30.34 -22.26 43.13
C ILE A 95 -31.56 -23.11 43.44
N GLU A 96 -32.44 -23.26 42.45
CA GLU A 96 -33.74 -23.87 42.66
C GLU A 96 -33.59 -25.30 43.18
N LYS A 97 -34.47 -25.68 44.11
CA LYS A 97 -34.48 -27.03 44.66
C LYS A 97 -35.49 -27.92 43.94
N SER A 98 -36.75 -27.52 43.95
CA SER A 98 -37.84 -28.23 43.28
C SER A 98 -38.36 -27.34 42.16
N ASN A 99 -39.19 -27.92 41.30
CA ASN A 99 -39.64 -27.20 40.11
C ASN A 99 -40.63 -26.06 40.39
N ILE A 100 -40.16 -24.83 40.58
CA ILE A 100 -41.08 -23.71 40.78
C ILE A 100 -40.82 -22.53 39.85
N ILE A 101 -39.62 -22.36 39.28
CA ILE A 101 -39.32 -21.20 38.45
C ILE A 101 -39.47 -21.60 36.99
N ARG A 102 -40.30 -20.87 36.26
CA ARG A 102 -40.55 -21.15 34.85
C ARG A 102 -40.93 -19.86 34.14
N GLY A 103 -40.80 -19.87 32.82
CA GLY A 103 -41.30 -18.76 32.03
C GLY A 103 -40.30 -17.64 31.93
N TRP A 104 -40.01 -17.22 30.70
CA TRP A 104 -39.10 -16.11 30.44
C TRP A 104 -39.71 -15.21 29.38
N ILE A 105 -40.98 -14.84 29.60
CA ILE A 105 -41.74 -14.07 28.63
C ILE A 105 -41.05 -12.71 28.42
N PHE A 106 -41.12 -12.23 27.18
CA PHE A 106 -40.48 -10.98 26.79
C PHE A 106 -41.52 -10.11 26.10
N GLY A 107 -41.33 -8.80 26.15
CA GLY A 107 -42.26 -7.92 25.50
C GLY A 107 -41.85 -6.46 25.42
N THR A 108 -42.09 -5.83 24.29
CA THR A 108 -41.77 -4.41 24.15
C THR A 108 -42.72 -3.58 25.01
N THR A 109 -44.03 -3.84 24.90
CA THR A 109 -45.03 -3.15 25.70
C THR A 109 -45.88 -4.09 26.56
N LEU A 110 -45.75 -5.41 26.39
CA LEU A 110 -46.48 -6.39 27.19
C LEU A 110 -47.99 -6.19 27.08
N ASP A 111 -48.50 -6.35 25.86
CA ASP A 111 -49.94 -6.26 25.61
C ASP A 111 -50.26 -7.10 24.38
N SER A 112 -51.51 -7.02 23.93
CA SER A 112 -51.93 -7.78 22.76
C SER A 112 -51.44 -7.18 21.45
N LYS A 113 -50.90 -5.97 21.48
CA LYS A 113 -50.45 -5.29 20.26
C LYS A 113 -48.96 -5.47 20.02
N THR A 114 -48.29 -6.28 20.84
CA THR A 114 -46.84 -6.44 20.77
C THR A 114 -46.49 -7.91 20.63
N GLN A 115 -45.63 -8.23 19.67
CA GLN A 115 -45.13 -9.59 19.54
C GLN A 115 -44.29 -9.93 20.76
N SER A 116 -44.50 -11.14 21.30
CA SER A 116 -43.90 -11.51 22.57
C SER A 116 -43.43 -12.96 22.51
N LEU A 117 -42.49 -13.28 23.40
CA LEU A 117 -42.04 -14.65 23.58
C LEU A 117 -42.70 -15.29 24.79
N LEU A 118 -42.65 -16.62 24.83
CA LEU A 118 -43.21 -17.38 25.95
C LEU A 118 -42.51 -18.74 25.94
N ILE A 119 -41.63 -18.97 26.90
CA ILE A 119 -40.92 -20.24 26.89
C ILE A 119 -41.50 -21.09 28.01
N VAL A 120 -42.51 -21.89 27.68
CA VAL A 120 -43.11 -22.84 28.62
C VAL A 120 -42.31 -24.13 28.63
N ASN A 121 -42.60 -24.99 29.62
CA ASN A 121 -42.04 -26.33 29.77
C ASN A 121 -43.17 -27.35 29.93
N ASN A 122 -44.16 -27.29 29.05
CA ASN A 122 -45.32 -28.17 29.14
C ASN A 122 -44.87 -29.61 28.93
N ALA A 123 -44.89 -30.38 30.02
CA ALA A 123 -44.49 -31.79 30.03
C ALA A 123 -43.10 -31.95 29.46
N THR A 124 -42.99 -32.48 28.25
CA THR A 124 -41.70 -32.72 27.61
C THR A 124 -41.61 -31.95 26.29
N ASN A 125 -42.23 -30.78 26.23
CA ASN A 125 -42.21 -29.95 25.03
C ASN A 125 -42.00 -28.50 25.42
N VAL A 126 -41.04 -27.85 24.76
CA VAL A 126 -40.80 -26.43 25.03
C VAL A 126 -41.94 -25.59 24.49
N VAL A 127 -42.48 -25.95 23.32
CA VAL A 127 -43.60 -25.25 22.68
C VAL A 127 -43.22 -23.78 22.59
N ILE A 128 -42.20 -23.47 21.81
CA ILE A 128 -41.81 -22.08 21.60
C ILE A 128 -42.79 -21.45 20.62
N LYS A 129 -43.40 -20.34 21.02
CA LYS A 129 -44.41 -19.67 20.22
C LYS A 129 -44.05 -18.20 20.06
N VAL A 130 -44.32 -17.64 18.89
CA VAL A 130 -44.14 -16.21 18.64
C VAL A 130 -45.47 -15.68 18.14
N CYS A 131 -46.32 -15.22 19.06
CA CYS A 131 -47.63 -14.70 18.72
C CYS A 131 -48.02 -13.62 19.71
N GLU A 132 -48.91 -12.73 19.27
CA GLU A 132 -49.42 -11.67 20.13
C GLU A 132 -50.44 -12.22 21.12
N PHE A 133 -50.25 -11.89 22.40
CA PHE A 133 -51.15 -12.34 23.47
C PHE A 133 -51.51 -11.16 24.36
N GLN A 134 -52.56 -11.35 25.14
CA GLN A 134 -52.89 -10.45 26.23
C GLN A 134 -52.49 -11.09 27.54
N PHE A 135 -51.77 -10.33 28.36
CA PHE A 135 -51.15 -10.84 29.58
C PHE A 135 -51.93 -10.40 30.80
N CYS A 136 -52.19 -11.34 31.71
CA CYS A 136 -52.85 -11.03 32.97
C CYS A 136 -51.97 -10.13 33.83
N ASN A 137 -52.60 -9.47 34.80
CA ASN A 137 -51.85 -8.61 35.70
C ASN A 137 -50.85 -9.39 36.51
N ASP A 138 -51.23 -10.56 37.01
CA ASP A 138 -50.33 -11.44 37.77
C ASP A 138 -50.44 -12.85 37.22
N PRO A 139 -49.88 -13.11 36.03
CA PRO A 139 -49.91 -14.48 35.50
C PRO A 139 -49.05 -15.41 36.34
N PHE A 140 -49.47 -16.67 36.39
CA PHE A 140 -48.76 -17.66 37.21
C PHE A 140 -49.04 -19.05 36.65
N LEU A 141 -48.40 -20.05 37.27
CA LEU A 141 -48.54 -21.44 36.88
C LEU A 141 -48.77 -22.32 38.10
N ASP A 142 -49.32 -23.51 37.84
CA ASP A 142 -49.60 -24.51 38.87
C ASP A 142 -48.55 -25.61 38.75
N HIS A 145 -47.73 -25.78 39.80
CA HIS A 145 -46.72 -26.82 39.74
C HIS A 145 -47.37 -28.21 39.77
N LYS A 146 -48.44 -28.38 40.55
CA LYS A 146 -49.17 -29.63 40.52
C LYS A 146 -50.12 -29.63 39.34
N ASN A 147 -50.19 -30.75 38.63
CA ASN A 147 -51.08 -30.86 37.49
C ASN A 147 -52.53 -30.87 37.92
N ASN A 148 -53.37 -30.16 37.15
CA ASN A 148 -54.79 -30.10 37.45
C ASN A 148 -55.45 -31.45 37.21
N LYS A 149 -56.40 -31.79 38.09
CA LYS A 149 -57.10 -33.06 38.01
C LYS A 149 -58.06 -33.08 36.82
N SER A 150 -58.40 -34.29 36.38
CA SER A 150 -59.32 -34.52 35.27
C SER A 150 -58.85 -33.83 33.99
N TRP A 151 -59.35 -32.61 33.74
CA TRP A 151 -58.98 -31.87 32.53
C TRP A 151 -57.47 -31.64 32.48
N MET A 152 -57.00 -31.14 31.33
CA MET A 152 -55.57 -31.06 31.06
C MET A 152 -54.93 -30.20 32.15
N GLU A 153 -55.19 -28.89 32.15
CA GLU A 153 -54.66 -27.96 33.16
C GLU A 153 -55.22 -26.56 32.93
N SER A 154 -55.50 -25.84 34.03
CA SER A 154 -55.94 -24.46 33.97
C SER A 154 -54.77 -23.47 33.89
N GLU A 155 -53.58 -23.97 33.56
CA GLU A 155 -52.37 -23.16 33.43
C GLU A 155 -52.37 -22.22 32.24
N PHE A 156 -53.30 -22.35 31.30
CA PHE A 156 -53.31 -21.41 30.17
C PHE A 156 -53.93 -20.07 30.51
N ARG A 157 -54.10 -19.78 31.80
CA ARG A 157 -54.68 -18.53 32.28
C ARG A 157 -53.77 -17.34 32.05
N VAL A 158 -52.51 -17.58 31.65
CA VAL A 158 -51.57 -16.47 31.44
C VAL A 158 -52.07 -15.55 30.34
N TYR A 159 -52.66 -16.12 29.28
CA TYR A 159 -53.19 -15.32 28.20
C TYR A 159 -54.51 -15.92 27.77
N SER A 160 -55.31 -15.10 27.07
CA SER A 160 -56.61 -15.52 26.58
C SER A 160 -56.84 -15.26 25.10
N SER A 161 -56.07 -14.38 24.47
CA SER A 161 -56.21 -14.06 23.06
C SER A 161 -54.88 -14.24 22.34
N ALA A 162 -54.93 -14.84 21.16
CA ALA A 162 -53.76 -15.08 20.33
C ALA A 162 -54.10 -14.64 18.92
N ASN A 163 -53.57 -13.48 18.53
CA ASN A 163 -53.80 -12.89 17.22
C ASN A 163 -52.50 -12.94 16.42
N ASN A 164 -52.55 -13.56 15.25
CA ASN A 164 -51.41 -13.74 14.36
C ASN A 164 -50.36 -14.65 15.01
N CYS A 165 -49.56 -15.32 14.18
CA CYS A 165 -48.51 -16.19 14.69
C CYS A 165 -47.38 -16.23 13.67
N THR A 166 -46.15 -16.05 14.15
CA THR A 166 -44.99 -15.98 13.27
C THR A 166 -44.11 -17.23 13.36
N PHE A 167 -43.67 -17.60 14.55
CA PHE A 167 -42.74 -18.71 14.74
C PHE A 167 -43.29 -19.70 15.76
N GLU A 168 -43.10 -20.99 15.46
CA GLU A 168 -43.44 -22.07 16.38
C GLU A 168 -42.30 -23.05 16.45
N TYR A 169 -42.03 -23.56 17.65
CA TYR A 169 -40.93 -24.50 17.86
C TYR A 169 -41.28 -25.44 19.01
N VAL A 170 -41.40 -26.72 18.70
CA VAL A 170 -41.66 -27.75 19.70
C VAL A 170 -40.51 -28.75 19.65
N SER A 171 -39.96 -29.07 20.81
CA SER A 171 -38.82 -29.99 20.89
C SER A 171 -38.77 -30.55 22.31
N GLN A 172 -37.65 -31.18 22.65
CA GLN A 172 -37.44 -31.69 23.99
C GLN A 172 -37.39 -30.51 24.97
N PRO A 173 -37.74 -30.74 26.24
CA PRO A 173 -37.76 -29.63 27.20
C PRO A 173 -36.39 -28.98 27.36
N PHE A 174 -36.41 -27.66 27.55
CA PHE A 174 -35.18 -26.90 27.69
C PHE A 174 -34.42 -27.26 28.95
N LEU A 175 -35.08 -27.89 29.91
CA LEU A 175 -34.48 -28.40 31.14
C LEU A 175 -34.43 -29.91 31.15
N MET A 176 -33.26 -30.46 31.50
CA MET A 176 -33.09 -31.89 31.67
C MET A 176 -32.82 -32.25 33.12
N ASP A 177 -33.07 -31.31 34.03
CA ASP A 177 -32.80 -31.53 35.44
C ASP A 177 -33.77 -32.54 36.00
N LEU A 178 -33.26 -33.43 36.86
CA LEU A 178 -34.10 -34.41 37.53
C LEU A 178 -34.06 -34.17 39.03
N GLU A 179 -35.17 -34.50 39.70
CA GLU A 179 -35.27 -34.36 41.15
C GLU A 179 -35.75 -35.62 41.85
N GLY A 180 -36.49 -36.50 41.16
CA GLY A 180 -37.08 -37.67 41.79
C GLY A 180 -36.08 -38.60 42.47
N LYS A 181 -34.82 -38.55 42.05
CA LYS A 181 -33.75 -39.32 42.66
C LYS A 181 -33.80 -39.31 44.18
N GLN A 182 -33.60 -38.14 44.78
CA GLN A 182 -33.58 -37.99 46.23
C GLN A 182 -33.35 -36.52 46.56
N GLY A 183 -33.46 -36.20 47.84
CA GLY A 183 -33.26 -34.85 48.32
C GLY A 183 -31.78 -34.61 48.62
N ASN A 184 -31.53 -33.60 49.44
CA ASN A 184 -30.19 -33.19 49.88
C ASN A 184 -29.39 -32.53 48.77
N PHE A 185 -29.90 -32.46 47.54
CA PHE A 185 -29.24 -31.76 46.46
C PHE A 185 -30.27 -31.03 45.62
N LYS A 186 -29.90 -29.84 45.18
CA LYS A 186 -30.77 -28.95 44.42
C LYS A 186 -30.09 -28.61 43.09
N ASN A 187 -30.83 -27.94 42.23
CA ASN A 187 -30.31 -27.53 40.94
C ASN A 187 -29.65 -26.15 41.03
N LEU A 188 -28.78 -25.88 40.06
CA LEU A 188 -28.04 -24.64 39.93
C LEU A 188 -28.10 -24.15 38.50
N ARG A 189 -29.33 -24.09 37.98
CA ARG A 189 -29.59 -23.69 36.61
C ARG A 189 -29.01 -22.32 36.31
N GLU A 190 -28.30 -22.21 35.19
CA GLU A 190 -27.72 -20.94 34.75
C GLU A 190 -28.13 -20.70 33.31
N PHE A 191 -28.48 -19.46 32.98
CA PHE A 191 -28.95 -19.14 31.64
C PHE A 191 -28.48 -17.77 31.20
N VAL A 192 -28.14 -17.66 29.93
CA VAL A 192 -27.77 -16.38 29.31
C VAL A 192 -28.67 -16.18 28.10
N PHE A 193 -29.39 -15.08 28.08
CA PHE A 193 -30.31 -14.78 26.98
C PHE A 193 -29.73 -13.60 26.20
N LYS A 194 -29.28 -13.87 24.98
CA LYS A 194 -28.70 -12.83 24.14
C LYS A 194 -29.41 -12.80 22.79
N ASN A 195 -29.83 -11.62 22.36
CA ASN A 195 -30.48 -11.43 21.06
C ASN A 195 -29.71 -10.37 20.30
N ILE A 196 -29.26 -10.72 19.09
CA ILE A 196 -28.47 -9.81 18.27
C ILE A 196 -28.61 -10.22 16.82
N ASP A 197 -28.59 -9.23 15.93
CA ASP A 197 -28.63 -9.40 14.47
C ASP A 197 -29.60 -10.50 14.04
N GLY A 198 -30.80 -10.46 14.61
CA GLY A 198 -31.83 -11.44 14.29
C GLY A 198 -31.54 -12.85 14.71
N TYR A 199 -30.88 -13.04 15.84
CA TYR A 199 -30.58 -14.36 16.37
C TYR A 199 -30.90 -14.38 17.84
N PHE A 200 -31.21 -15.57 18.37
CA PHE A 200 -31.51 -15.73 19.78
C PHE A 200 -30.82 -16.98 20.28
N LYS A 201 -29.83 -16.82 21.16
CA LYS A 201 -29.07 -17.95 21.67
C LYS A 201 -29.32 -18.13 23.16
N ILE A 202 -29.38 -19.40 23.56
CA ILE A 202 -29.63 -19.80 24.95
C ILE A 202 -28.48 -20.68 25.40
N TYR A 203 -27.89 -20.34 26.54
CA TYR A 203 -26.83 -21.14 27.14
C TYR A 203 -27.30 -21.66 28.49
N SER A 204 -26.96 -22.91 28.79
CA SER A 204 -27.42 -23.55 30.00
C SER A 204 -26.34 -24.50 30.51
N LYS A 205 -26.38 -24.74 31.81
CA LYS A 205 -25.46 -25.69 32.46
C LYS A 205 -25.99 -25.98 33.85
N HIS A 206 -25.90 -27.25 34.25
CA HIS A 206 -26.43 -27.72 35.52
C HIS A 206 -25.34 -28.50 36.23
N THR A 207 -25.37 -28.44 37.55
CA THR A 207 -24.38 -29.07 38.44
C THR A 207 -25.02 -29.21 39.81
N PRO A 208 -24.61 -30.21 40.59
CA PRO A 208 -25.15 -30.35 41.94
C PRO A 208 -24.52 -29.33 42.88
N ILE A 209 -25.07 -29.28 44.08
CA ILE A 209 -24.66 -28.35 45.12
C ILE A 209 -24.28 -29.12 46.39
N ILE A 211 -23.32 -28.56 47.11
CA ILE A 211 -22.75 -29.15 48.32
C ILE A 211 -23.50 -28.70 49.57
N VAL A 212 -23.73 -27.40 49.73
CA VAL A 212 -24.35 -26.84 50.92
C VAL A 212 -25.54 -26.01 50.50
N ARG A 213 -26.58 -26.02 51.35
CA ARG A 213 -27.81 -25.28 51.08
C ARG A 213 -27.69 -23.77 51.23
N GLU A 214 -26.48 -23.22 51.16
CA GLU A 214 -26.29 -21.77 51.30
C GLU A 214 -26.98 -20.98 50.21
N PRO A 215 -28.09 -20.30 50.51
CA PRO A 215 -28.79 -19.50 49.49
C PRO A 215 -28.28 -18.08 49.38
N GLU A 216 -27.44 -17.64 50.32
CA GLU A 216 -26.95 -16.28 50.33
C GLU A 216 -26.12 -15.92 49.10
N ASP A 217 -24.99 -16.59 48.89
CA ASP A 217 -24.14 -16.27 47.76
C ASP A 217 -23.79 -17.47 46.89
N LEU A 218 -23.43 -17.11 45.66
CA LEU A 218 -23.04 -18.06 44.62
C LEU A 218 -21.72 -18.72 45.01
N PRO A 219 -21.64 -20.05 45.02
CA PRO A 219 -20.37 -20.70 45.35
C PRO A 219 -19.31 -20.38 44.30
N GLN A 220 -18.06 -20.35 44.75
CA GLN A 220 -16.91 -20.03 43.91
C GLN A 220 -16.43 -21.26 43.13
N GLY A 221 -16.89 -21.37 41.89
CA GLY A 221 -16.49 -22.46 41.01
C GLY A 221 -16.68 -22.04 39.57
N PHE A 222 -15.78 -22.48 38.70
CA PHE A 222 -15.88 -22.17 37.28
C PHE A 222 -16.93 -23.01 36.58
N SER A 223 -17.76 -22.38 35.76
CA SER A 223 -18.78 -23.08 34.99
C SER A 223 -18.85 -22.48 33.60
N ALA A 224 -18.90 -23.36 32.60
CA ALA A 224 -18.98 -22.98 31.19
C ALA A 224 -20.40 -23.15 30.68
N LEU A 225 -20.92 -22.13 30.01
CA LEU A 225 -22.30 -22.17 29.52
C LEU A 225 -22.23 -22.51 28.04
N GLU A 226 -22.59 -23.75 27.70
CA GLU A 226 -22.62 -24.20 26.31
C GLU A 226 -23.87 -23.70 25.59
N PRO A 227 -23.77 -23.38 24.31
CA PRO A 227 -24.96 -23.01 23.53
C PRO A 227 -25.93 -24.18 23.46
N LEU A 228 -27.22 -23.89 23.54
CA LEU A 228 -28.22 -24.94 23.50
C LEU A 228 -29.14 -24.82 22.29
N VAL A 229 -29.79 -23.68 22.12
CA VAL A 229 -30.75 -23.47 21.03
C VAL A 229 -30.47 -22.12 20.41
N ASP A 230 -30.55 -22.05 19.09
CA ASP A 230 -30.42 -20.82 18.35
C ASP A 230 -31.67 -20.60 17.52
N LEU A 231 -32.20 -19.39 17.56
CA LEU A 231 -33.43 -19.01 16.88
C LEU A 231 -33.17 -17.87 15.91
N PRO A 232 -33.79 -17.92 14.73
CA PRO A 232 -33.61 -16.87 13.72
C PRO A 232 -34.62 -15.74 13.76
N ILE A 233 -35.44 -15.63 14.80
CA ILE A 233 -36.46 -14.59 14.82
C ILE A 233 -35.80 -13.23 14.99
N GLY A 234 -36.55 -12.19 14.64
CA GLY A 234 -36.03 -10.83 14.71
C GLY A 234 -36.87 -9.92 15.57
N ILE A 235 -37.35 -10.45 16.70
CA ILE A 235 -38.21 -9.67 17.58
C ILE A 235 -37.38 -8.63 18.31
N ASN A 236 -37.88 -7.40 18.36
CA ASN A 236 -37.26 -6.35 19.15
C ASN A 236 -37.68 -6.51 20.61
N ILE A 237 -36.73 -6.85 21.47
CA ILE A 237 -37.00 -7.17 22.87
C ILE A 237 -36.42 -6.06 23.72
N THR A 238 -37.20 -5.59 24.70
CA THR A 238 -36.76 -4.56 25.62
C THR A 238 -37.00 -4.89 27.08
N ARG A 239 -37.91 -5.80 27.40
CA ARG A 239 -38.25 -6.10 28.78
C ARG A 239 -38.32 -7.60 29.03
N PHE A 240 -38.18 -7.96 30.30
CA PHE A 240 -38.06 -9.34 30.74
C PHE A 240 -39.06 -9.61 31.85
N GLN A 241 -39.77 -10.73 31.75
CA GLN A 241 -40.75 -11.11 32.76
C GLN A 241 -40.59 -12.59 33.08
N THR A 242 -40.86 -12.93 34.34
CA THR A 242 -40.72 -14.28 34.85
C THR A 242 -42.05 -14.75 35.43
N LEU A 243 -42.30 -16.05 35.29
CA LEU A 243 -43.52 -16.68 35.76
C LEU A 243 -43.21 -17.57 36.97
N LEU A 244 -44.27 -17.93 37.70
CA LEU A 244 -44.14 -18.79 38.86
C LEU A 244 -45.10 -19.97 38.77
N ALA A 245 -44.70 -21.07 39.38
CA ALA A 245 -45.42 -22.34 39.40
C ALA A 245 -45.97 -22.63 40.81
N LEU A 246 -47.21 -22.20 41.06
CA LEU A 246 -47.85 -22.49 42.35
C LEU A 246 -49.23 -23.07 42.10
N HIS A 247 -49.52 -24.20 42.74
CA HIS A 247 -50.78 -24.90 42.53
C HIS A 247 -51.91 -24.30 43.35
N ARG A 248 -51.79 -24.36 44.67
CA ARG A 248 -52.80 -23.88 45.61
C ARG A 248 -52.18 -23.90 46.99
N SER A 249 -52.98 -23.60 48.02
CA SER A 249 -52.50 -23.66 49.40
C SER A 249 -52.19 -25.11 49.78
N TYR A 250 -50.93 -25.50 49.66
CA TYR A 250 -50.52 -26.87 49.96
C TYR A 250 -49.22 -26.88 50.77
N SER A 258 -53.89 -20.42 52.23
CA SER A 258 -54.81 -19.52 51.54
C SER A 258 -54.21 -18.99 50.25
N GLY A 259 -55.04 -18.88 49.22
CA GLY A 259 -54.57 -18.38 47.94
C GLY A 259 -53.69 -19.38 47.21
N TRP A 260 -52.68 -18.86 46.53
CA TRP A 260 -51.73 -19.67 45.76
C TRP A 260 -50.38 -19.60 46.43
N THR A 261 -49.89 -20.74 46.92
CA THR A 261 -48.62 -20.81 47.63
C THR A 261 -47.80 -21.97 47.11
N ALA A 262 -46.49 -21.86 47.31
CA ALA A 262 -45.52 -22.86 46.88
C ALA A 262 -44.37 -22.87 47.87
N GLY A 263 -43.26 -23.50 47.46
CA GLY A 263 -42.09 -23.64 48.31
C GLY A 263 -41.11 -22.50 48.18
N ALA A 264 -39.85 -22.78 48.51
CA ALA A 264 -38.78 -21.80 48.51
C ALA A 264 -37.92 -21.93 47.26
N ALA A 265 -37.51 -20.78 46.73
CA ALA A 265 -36.70 -20.70 45.52
C ALA A 265 -35.99 -19.36 45.50
N ALA A 266 -35.00 -19.26 44.62
CA ALA A 266 -34.22 -18.03 44.46
C ALA A 266 -33.65 -17.98 43.06
N TYR A 267 -33.63 -16.79 42.48
CA TYR A 267 -33.08 -16.58 41.15
C TYR A 267 -32.33 -15.25 41.10
N TYR A 268 -31.40 -15.17 40.16
CA TYR A 268 -30.53 -14.01 39.99
C TYR A 268 -30.67 -13.47 38.57
N VAL A 269 -30.42 -12.16 38.43
CA VAL A 269 -30.45 -11.51 37.14
C VAL A 269 -29.11 -10.79 36.94
N GLY A 270 -28.42 -11.10 35.86
CA GLY A 270 -27.17 -10.43 35.58
C GLY A 270 -27.09 -9.82 34.19
N TYR A 271 -26.96 -8.51 34.13
CA TYR A 271 -26.96 -7.84 32.84
C TYR A 271 -25.63 -8.06 32.13
N LEU A 272 -25.66 -7.98 30.81
CA LEU A 272 -24.51 -8.32 29.99
C LEU A 272 -23.99 -7.07 29.30
N GLN A 273 -22.69 -6.85 29.37
CA GLN A 273 -22.06 -5.68 28.77
C GLN A 273 -20.79 -6.12 28.06
N PRO A 274 -20.36 -5.39 27.04
CA PRO A 274 -19.13 -5.77 26.31
C PRO A 274 -17.87 -5.73 27.16
N ARG A 275 -16.98 -6.67 26.88
CA ARG A 275 -15.71 -6.78 27.59
C ARG A 275 -14.71 -7.49 26.69
N THR A 276 -13.47 -7.55 27.15
CA THR A 276 -12.41 -8.29 26.48
C THR A 276 -11.82 -9.27 27.46
N PHE A 277 -11.78 -10.55 27.06
CA PHE A 277 -11.38 -11.62 27.94
C PHE A 277 -10.25 -12.40 27.30
N LEU A 278 -9.42 -13.01 28.14
CA LEU A 278 -8.40 -13.95 27.70
C LEU A 278 -8.81 -15.31 28.22
N LEU A 279 -8.96 -16.26 27.30
CA LEU A 279 -9.51 -17.57 27.64
C LEU A 279 -8.44 -18.64 27.48
N LYS A 280 -8.35 -19.53 28.46
CA LYS A 280 -7.37 -20.61 28.46
C LYS A 280 -8.14 -21.91 28.32
N TYR A 281 -7.85 -22.65 27.26
CA TYR A 281 -8.46 -23.96 27.08
C TYR A 281 -7.58 -25.06 27.64
N ASN A 282 -8.21 -26.20 27.91
CA ASN A 282 -7.52 -27.36 28.42
C ASN A 282 -7.30 -28.35 27.28
N GLU A 283 -6.84 -29.56 27.62
CA GLU A 283 -6.62 -30.57 26.60
C GLU A 283 -7.93 -30.97 25.94
N ASN A 284 -9.01 -31.10 26.72
CA ASN A 284 -10.28 -31.55 26.14
C ASN A 284 -11.06 -30.44 25.47
N GLY A 285 -10.61 -29.20 25.55
CA GLY A 285 -11.32 -28.13 24.87
C GLY A 285 -12.36 -27.48 25.73
N THR A 286 -12.32 -27.71 27.03
CA THR A 286 -13.27 -27.17 27.98
C THR A 286 -12.64 -26.02 28.73
N ILE A 287 -13.38 -24.94 28.86
CA ILE A 287 -12.86 -23.76 29.55
C ILE A 287 -12.72 -24.10 31.03
N THR A 288 -11.50 -23.95 31.55
CA THR A 288 -11.21 -24.25 32.94
C THR A 288 -11.16 -22.97 33.75
N ASP A 289 -10.55 -21.94 33.19
CA ASP A 289 -10.46 -20.63 33.81
C ASP A 289 -10.25 -19.62 32.70
N ALA A 290 -10.51 -18.35 33.03
CA ALA A 290 -10.37 -17.28 32.06
C ALA A 290 -10.04 -16.01 32.83
N VAL A 291 -9.46 -15.04 32.13
CA VAL A 291 -9.07 -13.79 32.76
C VAL A 291 -9.58 -12.64 31.92
N ASP A 292 -10.20 -11.66 32.56
CA ASP A 292 -10.63 -10.46 31.88
C ASP A 292 -9.42 -9.60 31.55
N CYS A 293 -9.61 -8.60 30.70
CA CYS A 293 -8.52 -7.75 30.28
C CYS A 293 -8.64 -6.31 30.78
N ALA A 294 -9.59 -6.01 31.66
CA ALA A 294 -9.71 -4.64 32.17
C ALA A 294 -10.01 -4.52 33.66
N LEU A 295 -10.04 -5.60 34.44
CA LEU A 295 -10.44 -5.48 35.84
C LEU A 295 -9.38 -4.79 36.70
N ASP A 296 -8.12 -5.18 36.57
CA ASP A 296 -7.10 -4.71 37.48
C ASP A 296 -5.75 -4.76 36.80
N PRO A 297 -4.73 -4.10 37.35
CA PRO A 297 -3.42 -4.10 36.67
C PRO A 297 -2.88 -5.48 36.41
N LEU A 298 -3.04 -6.40 37.35
CA LEU A 298 -2.56 -7.76 37.11
C LEU A 298 -3.32 -8.41 35.97
N SER A 299 -4.63 -8.13 35.87
CA SER A 299 -5.44 -8.66 34.79
C SER A 299 -4.96 -8.15 33.45
N GLU A 300 -4.71 -6.84 33.37
CA GLU A 300 -4.27 -6.26 32.10
C GLU A 300 -2.86 -6.72 31.74
N THR A 301 -1.99 -6.87 32.74
CA THR A 301 -0.66 -7.39 32.48
C THR A 301 -0.72 -8.80 31.93
N LYS A 302 -1.56 -9.65 32.52
CA LYS A 302 -1.72 -11.01 32.02
C LYS A 302 -2.29 -11.00 30.61
N CYS A 303 -3.25 -10.13 30.36
CA CYS A 303 -3.84 -10.03 29.02
C CYS A 303 -2.79 -9.62 27.99
N THR A 304 -1.98 -8.63 28.32
CA THR A 304 -1.02 -8.09 27.36
C THR A 304 0.20 -8.97 27.18
N LEU A 305 0.54 -9.78 28.19
CA LEU A 305 1.56 -10.80 28.03
C LEU A 305 1.01 -12.13 27.53
N LYS A 306 -0.31 -12.25 27.38
CA LYS A 306 -0.93 -13.45 26.84
C LYS A 306 -0.52 -14.69 27.63
N SER A 307 -0.53 -14.56 28.96
CA SER A 307 -0.17 -15.68 29.82
C SER A 307 -0.86 -15.54 31.16
N PHE A 308 -0.97 -16.66 31.87
CA PHE A 308 -1.57 -16.69 33.20
C PHE A 308 -0.54 -16.53 34.31
N THR A 309 0.74 -16.40 33.96
CA THR A 309 1.80 -16.23 34.93
C THR A 309 2.67 -15.06 34.50
N VAL A 310 2.94 -14.15 35.43
CA VAL A 310 3.75 -12.97 35.19
C VAL A 310 4.93 -13.01 36.16
N GLU A 311 6.13 -12.86 35.63
CA GLU A 311 7.34 -12.86 36.44
C GLU A 311 7.63 -11.46 36.94
N LYS A 312 8.61 -11.37 37.85
CA LYS A 312 8.96 -10.10 38.44
C LYS A 312 9.52 -9.15 37.40
N GLY A 313 9.04 -7.92 37.41
CA GLY A 313 9.51 -6.93 36.47
C GLY A 313 8.52 -5.78 36.36
N ILE A 314 8.80 -4.92 35.38
CA ILE A 314 7.94 -3.77 35.07
C ILE A 314 7.55 -3.87 33.61
N TYR A 315 6.26 -3.71 33.34
CA TYR A 315 5.73 -3.87 31.99
C TYR A 315 4.87 -2.68 31.61
N GLN A 316 4.83 -2.39 30.32
CA GLN A 316 3.99 -1.32 29.78
C GLN A 316 2.73 -1.94 29.17
N THR A 317 1.57 -1.47 29.62
CA THR A 317 0.30 -2.07 29.26
C THR A 317 -0.54 -1.19 28.33
N SER A 318 -0.81 0.05 28.72
CA SER A 318 -1.70 0.90 27.94
C SER A 318 -1.38 2.36 28.22
N ASN A 319 -2.28 3.25 27.80
CA ASN A 319 -2.10 4.68 27.95
C ASN A 319 -3.37 5.33 28.48
N PHE A 320 -3.19 6.50 29.09
CA PHE A 320 -4.28 7.26 29.67
C PHE A 320 -4.40 8.62 28.98
N ARG A 321 -5.62 9.15 28.96
CA ARG A 321 -5.92 10.43 28.34
C ARG A 321 -7.18 10.98 28.99
N VAL A 322 -7.43 12.28 28.79
CA VAL A 322 -8.62 12.93 29.31
C VAL A 322 -9.51 13.33 28.14
N GLN A 323 -10.76 12.92 28.19
CA GLN A 323 -11.72 13.28 27.15
C GLN A 323 -12.22 14.70 27.38
N PRO A 324 -12.69 15.38 26.32
CA PRO A 324 -13.32 16.68 26.53
C PRO A 324 -14.60 16.59 27.34
N THR A 325 -14.87 17.65 28.10
CA THR A 325 -16.04 17.70 28.97
C THR A 325 -17.10 18.68 28.51
N GLU A 326 -16.71 19.76 27.85
CA GLU A 326 -17.61 20.79 27.36
C GLU A 326 -17.24 21.13 25.94
N SER A 327 -18.18 21.72 25.21
CA SER A 327 -17.98 22.16 23.84
C SER A 327 -18.04 23.68 23.74
N ILE A 328 -16.98 24.26 23.18
CA ILE A 328 -16.79 25.71 23.03
C ILE A 328 -17.98 26.37 22.32
N VAL A 329 -18.91 25.53 21.83
CA VAL A 329 -20.19 25.81 21.18
C VAL A 329 -19.99 26.54 19.84
N ARG A 330 -18.83 27.20 19.63
CA ARG A 330 -18.52 27.87 18.37
C ARG A 330 -19.35 29.06 17.86
N PHE A 331 -18.79 30.27 17.97
CA PHE A 331 -19.44 31.51 17.51
C PHE A 331 -18.49 32.17 16.51
N PRO A 332 -18.72 31.97 15.21
CA PRO A 332 -17.92 32.63 14.16
C PRO A 332 -17.95 34.16 14.12
N ASN A 333 -18.58 34.81 15.09
CA ASN A 333 -18.71 36.28 15.12
C ASN A 333 -19.51 36.79 13.92
N ILE A 334 -20.79 36.46 13.96
CA ILE A 334 -21.78 36.81 12.96
C ILE A 334 -22.64 37.93 13.53
N THR A 335 -22.81 38.99 12.75
CA THR A 335 -23.58 40.18 13.12
C THR A 335 -23.84 40.96 11.85
N ASN A 336 -24.66 42.02 11.98
CA ASN A 336 -25.04 42.86 10.86
C ASN A 336 -25.99 42.04 10.00
N LEU A 337 -27.15 41.73 10.56
CA LEU A 337 -28.18 40.98 9.86
C LEU A 337 -28.73 41.75 8.68
N CYS A 338 -29.02 41.00 7.62
CA CYS A 338 -29.46 41.50 6.32
C CYS A 338 -30.91 41.95 6.29
N PRO A 339 -31.20 43.25 6.25
CA PRO A 339 -32.58 43.72 6.05
C PRO A 339 -32.92 43.77 4.56
N PHE A 340 -32.75 42.62 3.90
CA PHE A 340 -32.86 42.38 2.46
C PHE A 340 -34.25 42.36 1.93
N ASP A 341 -35.31 42.75 2.64
CA ASP A 341 -36.66 42.61 2.09
C ASP A 341 -37.33 43.95 1.86
N GLU A 342 -36.54 45.04 1.80
CA GLU A 342 -37.01 46.39 1.50
C GLU A 342 -38.41 46.58 2.05
N VAL A 343 -38.55 46.42 3.37
CA VAL A 343 -39.83 46.59 4.06
C VAL A 343 -40.66 45.41 3.58
N PHE A 344 -40.51 44.27 4.25
CA PHE A 344 -41.24 43.05 3.92
C PHE A 344 -42.69 43.32 3.56
N ASN A 345 -43.14 42.70 2.48
CA ASN A 345 -44.51 42.81 1.97
C ASN A 345 -44.93 44.28 1.94
N ALA A 346 -44.28 45.03 1.07
CA ALA A 346 -44.57 46.44 0.90
C ALA A 346 -45.51 46.67 -0.29
N THR A 347 -46.22 47.80 -0.24
CA THR A 347 -47.09 48.18 -1.34
C THR A 347 -46.28 48.43 -2.62
N ARG A 348 -45.14 49.09 -2.49
CA ARG A 348 -44.30 49.33 -3.66
C ARG A 348 -43.79 48.02 -4.24
N PHE A 349 -43.80 47.94 -5.55
CA PHE A 349 -43.39 46.79 -6.34
C PHE A 349 -43.61 47.19 -7.80
N ALA A 350 -43.08 46.39 -8.72
CA ALA A 350 -43.24 46.73 -10.13
C ALA A 350 -44.12 45.67 -10.77
N SER A 351 -44.35 45.80 -12.06
CA SER A 351 -45.23 44.83 -12.70
C SER A 351 -44.41 43.69 -13.29
N VAL A 352 -45.07 42.84 -14.07
CA VAL A 352 -44.39 41.71 -14.69
C VAL A 352 -43.38 42.15 -15.75
N TYR A 353 -43.62 43.28 -16.43
CA TYR A 353 -42.75 43.69 -17.53
C TYR A 353 -41.35 44.07 -17.08
N ALA A 354 -41.15 44.34 -15.80
CA ALA A 354 -39.83 44.77 -15.34
C ALA A 354 -39.58 44.25 -13.95
N TRP A 355 -38.32 44.01 -13.63
CA TRP A 355 -37.90 43.53 -12.32
C TRP A 355 -37.11 44.61 -11.59
N ASN A 356 -36.60 44.30 -10.40
CA ASN A 356 -35.83 45.23 -9.59
C ASN A 356 -34.42 44.69 -9.44
N ARG A 357 -33.44 45.52 -9.76
CA ARG A 357 -32.05 45.10 -9.71
C ARG A 357 -31.47 45.25 -8.29
N LYS A 358 -32.23 44.80 -7.30
CA LYS A 358 -31.73 44.75 -5.93
C LYS A 358 -30.78 43.57 -5.79
N ARG A 359 -29.84 43.69 -4.85
CA ARG A 359 -28.83 42.68 -4.67
C ARG A 359 -28.70 42.34 -3.19
N ILE A 360 -28.61 41.05 -2.89
CA ILE A 360 -28.42 40.57 -1.52
C ILE A 360 -27.10 39.81 -1.48
N SER A 361 -26.21 40.23 -0.59
CA SER A 361 -24.90 39.63 -0.42
C SER A 361 -24.35 40.09 0.91
N ASN A 362 -23.20 39.53 1.30
CA ASN A 362 -22.54 39.87 2.57
C ASN A 362 -23.56 40.06 3.69
N CYS A 363 -24.41 39.05 3.85
CA CYS A 363 -25.53 39.07 4.79
C CYS A 363 -25.57 37.80 5.62
N VAL A 364 -26.24 37.91 6.77
CA VAL A 364 -26.39 36.81 7.72
C VAL A 364 -27.86 36.58 8.04
N ALA A 365 -28.74 36.70 7.04
CA ALA A 365 -30.18 36.56 7.27
C ALA A 365 -30.63 35.11 7.25
N ASP A 366 -31.29 34.69 8.34
CA ASP A 366 -31.86 33.36 8.51
C ASP A 366 -33.26 33.25 7.90
N TYR A 367 -33.39 32.43 6.87
CA TYR A 367 -34.62 32.22 6.12
C TYR A 367 -35.70 31.51 6.94
N SER A 368 -35.32 30.96 8.09
CA SER A 368 -36.33 30.39 8.96
C SER A 368 -37.29 31.43 9.49
N VAL A 369 -36.89 32.70 9.63
CA VAL A 369 -37.89 33.70 10.01
C VAL A 369 -38.95 33.83 8.92
N LEU A 370 -38.51 33.73 7.66
CA LEU A 370 -39.43 33.77 6.53
C LEU A 370 -40.41 32.62 6.61
N TYR A 371 -39.92 31.42 6.93
CA TYR A 371 -40.86 30.31 7.09
C TYR A 371 -41.69 30.48 8.37
N ASN A 372 -41.15 31.22 9.33
CA ASN A 372 -41.81 31.50 10.60
C ASN A 372 -43.09 32.28 10.36
N LEU A 373 -43.05 33.20 9.39
CA LEU A 373 -44.24 33.99 9.08
C LEU A 373 -45.35 33.11 8.53
N ALA A 374 -46.57 33.41 9.00
CA ALA A 374 -47.79 32.66 8.67
C ALA A 374 -48.20 32.63 7.21
N PRO A 375 -48.27 33.74 6.46
CA PRO A 375 -48.84 33.66 5.11
C PRO A 375 -47.87 33.22 4.02
N PHE A 376 -46.65 32.83 4.38
CA PHE A 376 -45.67 32.34 3.41
C PHE A 376 -46.03 30.90 3.08
N PHE A 377 -47.10 30.73 2.29
CA PHE A 377 -47.58 29.38 1.99
C PHE A 377 -46.49 28.55 1.31
N THR A 378 -45.85 29.10 0.28
CA THR A 378 -44.93 28.30 -0.54
C THR A 378 -43.51 28.63 -0.07
N PHE A 379 -42.81 27.61 0.42
CA PHE A 379 -41.40 27.77 0.77
C PHE A 379 -40.52 26.58 0.39
N LYS A 380 -41.03 25.56 -0.29
CA LYS A 380 -40.22 24.38 -0.58
C LYS A 380 -39.33 24.57 -1.80
N CYS A 381 -38.10 24.10 -1.68
CA CYS A 381 -37.14 24.09 -2.78
C CYS A 381 -37.12 22.73 -3.46
N TYR A 382 -37.11 22.75 -4.80
CA TYR A 382 -37.19 21.49 -5.53
C TYR A 382 -35.99 20.58 -5.29
N GLY A 383 -34.77 21.12 -5.31
CA GLY A 383 -33.64 20.22 -5.18
C GLY A 383 -33.04 20.12 -3.78
N VAL A 384 -33.37 21.10 -2.95
CA VAL A 384 -32.85 21.25 -1.61
C VAL A 384 -34.02 21.40 -0.64
N SER A 385 -33.97 20.68 0.46
CA SER A 385 -35.07 20.81 1.39
C SER A 385 -35.00 22.21 1.97
N PRO A 386 -36.11 22.95 2.05
CA PRO A 386 -36.03 24.31 2.60
C PRO A 386 -35.58 24.35 4.05
N THR A 387 -35.83 23.29 4.81
CA THR A 387 -35.39 23.27 6.19
C THR A 387 -33.88 23.37 6.29
N LYS A 388 -33.17 22.64 5.41
CA LYS A 388 -31.73 22.72 5.28
C LYS A 388 -31.28 23.99 4.57
N LEU A 389 -32.09 24.53 3.66
CA LEU A 389 -31.68 25.75 2.97
C LEU A 389 -31.60 26.93 3.92
N ASN A 390 -32.19 26.82 5.11
CA ASN A 390 -32.18 27.90 6.09
C ASN A 390 -30.76 28.32 6.43
N ASP A 391 -29.82 27.38 6.34
CA ASP A 391 -28.41 27.60 6.66
C ASP A 391 -27.50 27.15 5.53
N LEU A 392 -28.05 27.02 4.33
CA LEU A 392 -27.29 26.69 3.13
C LEU A 392 -26.57 27.94 2.68
N CYS A 393 -25.39 27.77 2.09
CA CYS A 393 -24.60 28.92 1.71
C CYS A 393 -24.64 29.07 0.20
N PHE A 394 -24.74 30.32 -0.22
CA PHE A 394 -24.81 30.73 -1.61
C PHE A 394 -23.94 31.91 -1.99
N THR A 395 -23.84 32.03 -3.32
CA THR A 395 -23.12 33.05 -4.06
C THR A 395 -24.06 33.67 -5.10
N ASN A 396 -24.08 35.00 -5.25
CA ASN A 396 -24.83 35.64 -6.33
C ASN A 396 -26.34 35.34 -6.38
N VAL A 397 -27.06 35.83 -5.37
CA VAL A 397 -28.52 35.69 -5.22
C VAL A 397 -29.16 37.05 -5.39
N TYR A 398 -30.15 37.11 -6.29
CA TYR A 398 -30.86 38.31 -6.67
C TYR A 398 -32.36 38.07 -6.62
N ALA A 399 -33.06 39.15 -6.27
CA ALA A 399 -34.50 39.21 -6.13
C ALA A 399 -35.19 39.54 -7.44
N ASP A 400 -36.49 39.31 -7.49
CA ASP A 400 -37.24 39.57 -8.71
C ASP A 400 -38.53 40.30 -8.37
N SER A 401 -38.92 41.19 -9.28
CA SER A 401 -40.13 42.01 -9.19
C SER A 401 -41.17 41.48 -10.17
N PHE A 402 -42.12 40.69 -9.67
CA PHE A 402 -43.18 40.24 -10.55
C PHE A 402 -44.41 39.89 -9.72
N VAL A 403 -45.56 40.29 -10.26
CA VAL A 403 -46.86 40.19 -9.61
C VAL A 403 -47.71 39.25 -10.45
N ILE A 404 -48.25 38.20 -9.83
CA ILE A 404 -49.03 37.22 -10.56
C ILE A 404 -50.39 37.07 -9.89
N ARG A 405 -51.35 36.54 -10.65
CA ARG A 405 -52.71 36.33 -10.14
C ARG A 405 -52.70 35.48 -8.88
N GLY A 406 -51.86 34.44 -8.85
CA GLY A 406 -51.73 33.57 -7.71
C GLY A 406 -52.24 32.16 -7.96
N ASP A 407 -53.19 32.01 -8.88
CA ASP A 407 -53.73 30.71 -9.21
C ASP A 407 -52.85 29.94 -10.20
N GLU A 408 -51.78 30.56 -10.70
CA GLU A 408 -50.90 29.89 -11.65
C GLU A 408 -49.46 29.78 -11.14
N VAL A 409 -49.30 29.30 -9.91
CA VAL A 409 -47.95 29.18 -9.34
C VAL A 409 -47.22 28.06 -10.07
N ARG A 410 -47.92 26.98 -10.36
CA ARG A 410 -47.29 25.86 -11.05
C ARG A 410 -46.97 26.26 -12.48
N GLN A 411 -47.74 27.23 -13.00
CA GLN A 411 -47.54 27.73 -14.35
C GLN A 411 -46.31 28.62 -14.44
N ILE A 412 -45.99 29.36 -13.37
CA ILE A 412 -44.80 30.20 -13.39
C ILE A 412 -43.55 29.33 -13.53
N ALA A 413 -43.51 28.20 -12.81
CA ALA A 413 -42.40 27.28 -12.93
C ALA A 413 -42.39 26.67 -14.33
N PRO A 414 -41.21 26.36 -14.87
CA PRO A 414 -41.14 25.82 -16.22
C PRO A 414 -41.85 24.48 -16.36
N GLY A 415 -42.40 24.28 -17.56
CA GLY A 415 -43.11 23.08 -17.95
C GLY A 415 -44.56 23.35 -18.22
N GLN A 416 -45.02 24.56 -17.92
CA GLN A 416 -46.39 24.99 -18.11
C GLN A 416 -46.37 26.44 -18.59
N THR A 417 -47.25 26.77 -19.53
CA THR A 417 -47.38 28.15 -19.98
C THR A 417 -48.84 28.56 -19.90
N GLY A 418 -49.07 29.79 -19.49
CA GLY A 418 -50.42 30.31 -19.30
C GLY A 418 -50.64 31.71 -19.85
N ASN A 419 -51.75 32.33 -19.46
CA ASN A 419 -52.06 33.67 -19.93
C ASN A 419 -51.02 34.69 -19.48
N ILE A 420 -50.56 34.60 -18.24
CA ILE A 420 -49.51 35.47 -17.73
C ILE A 420 -48.15 34.78 -17.63
N ALA A 421 -48.12 33.50 -17.25
CA ALA A 421 -46.86 32.75 -17.24
C ALA A 421 -46.31 32.48 -18.63
N ASP A 422 -47.17 32.34 -19.64
CA ASP A 422 -46.68 32.08 -21.00
C ASP A 422 -45.88 33.26 -21.53
N TYR A 423 -46.32 34.49 -21.25
CA TYR A 423 -45.75 35.66 -21.88
C TYR A 423 -44.97 36.54 -20.91
N ASN A 424 -45.60 36.96 -19.82
CA ASN A 424 -45.03 37.94 -18.92
C ASN A 424 -43.84 37.40 -18.12
N TYR A 425 -44.05 36.37 -17.30
CA TYR A 425 -43.01 35.80 -16.46
C TYR A 425 -42.68 34.38 -16.90
N LYS A 426 -41.40 34.14 -17.21
CA LYS A 426 -40.92 32.87 -17.75
C LYS A 426 -39.71 32.40 -16.95
N LEU A 427 -39.68 31.10 -16.65
CA LEU A 427 -38.54 30.50 -15.99
C LEU A 427 -37.89 29.40 -16.82
N PRO A 428 -36.57 29.30 -16.80
CA PRO A 428 -35.89 28.31 -17.64
C PRO A 428 -36.20 26.90 -17.15
N ASP A 429 -36.04 25.92 -18.03
CA ASP A 429 -36.36 24.56 -17.62
C ASP A 429 -35.43 24.03 -16.55
N ASP A 430 -34.30 24.71 -16.31
CA ASP A 430 -33.33 24.35 -15.29
C ASP A 430 -33.17 25.70 -14.60
N PHE A 431 -34.03 25.99 -13.62
CA PHE A 431 -33.95 27.24 -12.89
C PHE A 431 -33.64 27.03 -11.42
N THR A 432 -32.59 27.70 -10.95
CA THR A 432 -32.20 27.61 -9.54
C THR A 432 -33.18 28.47 -8.74
N GLY A 433 -33.04 28.46 -7.41
CA GLY A 433 -33.94 29.24 -6.60
C GLY A 433 -35.38 28.74 -6.51
N CYS A 434 -36.00 29.09 -5.39
CA CYS A 434 -37.37 28.71 -5.12
C CYS A 434 -38.37 29.84 -5.33
N VAL A 435 -39.63 29.44 -5.23
CA VAL A 435 -40.80 30.27 -5.39
C VAL A 435 -41.30 30.65 -4.00
N ILE A 436 -41.37 31.95 -3.73
CA ILE A 436 -41.82 32.47 -2.45
C ILE A 436 -42.96 33.43 -2.72
N ALA A 437 -44.07 33.25 -1.99
CA ALA A 437 -45.25 34.06 -2.17
C ALA A 437 -45.95 34.26 -0.85
N TRP A 438 -46.76 35.32 -0.77
CA TRP A 438 -47.51 35.62 0.44
C TRP A 438 -48.82 36.35 0.11
N ASN A 439 -49.71 36.32 1.09
CA ASN A 439 -51.08 36.83 1.12
C ASN A 439 -51.04 38.36 1.22
N SER A 440 -51.05 39.02 0.06
CA SER A 440 -51.04 40.48 -0.01
C SER A 440 -52.03 41.02 -1.04
N ASN A 441 -53.02 40.21 -1.44
CA ASN A 441 -53.99 40.66 -2.42
C ASN A 441 -54.83 41.80 -1.88
N LYS A 442 -55.22 41.72 -0.60
CA LYS A 442 -56.08 42.77 -0.05
C LYS A 442 -55.36 44.11 -0.08
N LEU A 443 -54.07 44.11 0.29
CA LEU A 443 -53.30 45.34 0.32
C LEU A 443 -53.09 45.88 -1.10
N ASP A 444 -52.75 45.00 -2.05
CA ASP A 444 -52.44 45.51 -3.39
C ASP A 444 -53.70 45.97 -4.12
N SER A 445 -54.78 45.20 -4.04
CA SER A 445 -55.99 45.54 -4.76
C SER A 445 -56.67 46.72 -4.07
N LYS A 446 -57.41 47.51 -4.85
CA LYS A 446 -58.12 48.64 -4.28
C LYS A 446 -59.60 48.59 -4.64
N GLY A 449 -59.89 49.36 -11.42
CA GLY A 449 -59.41 50.45 -10.60
C GLY A 449 -57.92 50.73 -10.77
N ASN A 450 -57.11 50.11 -9.92
CA ASN A 450 -55.67 50.28 -9.95
C ASN A 450 -55.06 49.37 -11.01
N TYR A 451 -54.71 49.93 -12.16
CA TYR A 451 -54.15 49.15 -13.26
C TYR A 451 -52.71 49.58 -13.54
N ASN A 452 -52.03 50.02 -12.48
CA ASN A 452 -50.65 50.47 -12.53
C ASN A 452 -49.68 49.37 -12.93
N TYR A 453 -50.03 48.11 -12.63
CA TYR A 453 -49.17 46.95 -12.92
C TYR A 453 -49.45 46.40 -14.32
N LEU A 454 -48.85 47.06 -15.30
CA LEU A 454 -49.01 46.70 -16.71
C LEU A 454 -48.39 45.34 -17.03
N TYR A 455 -49.04 44.60 -17.92
CA TYR A 455 -48.57 43.31 -18.36
C TYR A 455 -48.69 43.20 -19.87
N ARG A 456 -47.70 42.56 -20.49
CA ARG A 456 -47.59 42.43 -21.94
C ARG A 456 -48.30 41.14 -22.35
N LEU A 457 -49.56 41.27 -22.76
CA LEU A 457 -50.32 40.12 -23.21
C LEU A 457 -49.86 39.65 -24.57
N PHE A 458 -49.47 40.57 -25.45
CA PHE A 458 -49.08 40.20 -26.81
C PHE A 458 -47.62 40.57 -27.01
N ARG A 459 -46.88 39.70 -27.69
CA ARG A 459 -45.47 39.91 -27.97
C ARG A 459 -45.19 39.32 -29.34
N LYS A 460 -43.94 39.41 -29.79
CA LYS A 460 -43.61 38.86 -31.10
C LYS A 460 -43.81 37.35 -31.13
N SER A 461 -43.27 36.65 -30.15
CA SER A 461 -43.37 35.20 -30.05
C SER A 461 -42.92 34.81 -28.65
N ASN A 462 -42.75 33.52 -28.41
CA ASN A 462 -42.22 33.05 -27.14
C ASN A 462 -40.78 33.52 -26.99
N LEU A 463 -40.37 33.78 -25.75
CA LEU A 463 -39.05 34.30 -25.47
C LEU A 463 -38.27 33.32 -24.62
N LYS A 464 -36.97 33.22 -24.89
CA LYS A 464 -36.09 32.38 -24.09
C LYS A 464 -35.85 33.01 -22.72
N PRO A 465 -35.47 32.19 -21.74
CA PRO A 465 -35.19 32.73 -20.40
C PRO A 465 -34.10 33.79 -20.41
N PHE A 466 -34.25 34.76 -19.50
CA PHE A 466 -33.37 35.92 -19.36
C PHE A 466 -33.58 36.93 -20.49
N GLU A 467 -34.84 37.32 -20.68
CA GLU A 467 -35.24 38.37 -21.61
C GLU A 467 -36.47 39.04 -21.01
N ARG A 468 -36.48 40.36 -20.99
CA ARG A 468 -37.60 41.07 -20.37
C ARG A 468 -38.21 42.05 -21.36
N ASP A 469 -39.48 42.37 -21.13
CA ASP A 469 -40.22 43.29 -22.00
C ASP A 469 -39.99 44.71 -21.49
N ILE A 470 -39.18 45.48 -22.22
CA ILE A 470 -38.92 46.88 -21.88
C ILE A 470 -39.50 47.83 -22.93
N SER A 471 -39.18 47.61 -24.20
CA SER A 471 -39.70 48.41 -25.30
C SER A 471 -40.98 47.78 -25.84
N THR A 472 -42.08 48.56 -25.78
CA THR A 472 -43.37 48.03 -26.21
C THR A 472 -43.38 47.94 -27.73
N GLU A 473 -43.48 46.70 -28.23
CA GLU A 473 -43.58 46.41 -29.65
C GLU A 473 -44.87 45.63 -29.86
N ILE A 474 -45.90 46.31 -30.37
CA ILE A 474 -47.19 45.67 -30.49
C ILE A 474 -47.18 44.59 -31.57
N TYR A 475 -48.13 43.66 -31.45
CA TYR A 475 -48.20 42.51 -32.34
C TYR A 475 -48.60 42.95 -33.75
N GLN A 476 -47.93 42.37 -34.75
CA GLN A 476 -48.24 42.65 -36.15
C GLN A 476 -48.75 41.37 -36.78
N ALA A 477 -49.96 41.43 -37.34
CA ALA A 477 -50.59 40.27 -37.97
C ALA A 477 -51.27 40.68 -39.27
N GLY A 478 -50.61 41.49 -40.08
CA GLY A 478 -51.24 41.89 -41.32
C GLY A 478 -50.29 42.46 -42.35
N ASN A 479 -50.85 42.73 -43.52
CA ASN A 479 -50.11 43.32 -44.62
C ASN A 479 -49.59 44.72 -44.27
N LYS A 480 -50.41 45.51 -43.59
CA LYS A 480 -50.12 46.87 -43.15
C LYS A 480 -49.63 46.88 -41.70
N PRO A 481 -48.62 47.70 -41.44
CA PRO A 481 -48.12 47.86 -40.07
C PRO A 481 -49.14 48.51 -39.15
N CYS A 482 -49.04 48.16 -37.86
CA CYS A 482 -49.87 48.72 -36.81
C CYS A 482 -49.74 50.22 -36.58
N ASN A 483 -48.92 50.91 -37.37
CA ASN A 483 -48.66 52.32 -37.10
C ASN A 483 -49.98 53.08 -37.06
N GLY A 484 -50.01 54.17 -36.30
CA GLY A 484 -51.18 55.03 -36.36
C GLY A 484 -52.34 54.42 -35.60
N VAL A 485 -52.23 54.40 -34.27
CA VAL A 485 -53.17 53.86 -33.28
C VAL A 485 -53.31 52.35 -33.52
N ALA A 486 -54.31 51.71 -32.93
CA ALA A 486 -54.58 50.29 -33.14
C ALA A 486 -55.63 50.11 -34.23
N GLY A 487 -55.17 49.79 -35.43
CA GLY A 487 -56.04 49.64 -36.56
C GLY A 487 -56.70 48.27 -36.50
N PHE A 488 -57.39 47.94 -37.59
CA PHE A 488 -58.07 46.66 -37.67
C PHE A 488 -57.05 45.54 -37.64
N ASN A 489 -57.39 44.43 -36.99
CA ASN A 489 -56.48 43.30 -36.81
C ASN A 489 -55.28 43.61 -35.92
N CYS A 490 -55.23 44.77 -35.27
CA CYS A 490 -54.12 45.13 -34.39
C CYS A 490 -54.62 45.43 -32.99
N TYR A 491 -54.11 44.67 -32.04
CA TYR A 491 -54.51 44.59 -30.64
C TYR A 491 -53.37 45.04 -29.72
N PHE A 492 -53.75 45.59 -28.51
CA PHE A 492 -52.90 46.09 -27.43
C PHE A 492 -53.03 45.20 -26.20
N PRO A 493 -51.92 45.07 -25.45
CA PRO A 493 -51.92 44.27 -24.22
C PRO A 493 -52.69 44.87 -23.07
N LEU A 494 -53.26 46.06 -23.26
CA LEU A 494 -53.94 46.77 -22.17
C LEU A 494 -55.33 46.16 -22.00
N LYS A 495 -55.35 44.90 -21.59
CA LYS A 495 -56.52 44.26 -20.99
C LYS A 495 -56.35 44.31 -19.47
N SER A 496 -57.46 44.25 -18.75
CA SER A 496 -57.37 44.36 -17.31
C SER A 496 -57.23 42.99 -16.66
N TYR A 497 -56.42 42.93 -15.61
CA TYR A 497 -56.13 41.72 -14.86
C TYR A 497 -57.02 41.55 -13.64
N SER A 498 -58.19 42.18 -13.63
CA SER A 498 -59.17 42.06 -12.55
C SER A 498 -58.62 42.49 -11.18
N PHE A 499 -58.24 43.78 -11.07
CA PHE A 499 -57.84 44.26 -9.75
C PHE A 499 -59.02 44.82 -8.98
N ARG A 500 -60.19 44.85 -9.60
CA ARG A 500 -61.38 45.39 -8.98
C ARG A 500 -61.77 44.44 -7.85
N PRO A 501 -62.37 44.92 -6.77
CA PRO A 501 -62.74 43.99 -5.70
C PRO A 501 -64.00 43.19 -6.00
N THR A 502 -64.49 43.25 -7.24
CA THR A 502 -65.64 42.48 -7.66
C THR A 502 -65.29 40.99 -7.70
N TYR A 503 -63.99 40.69 -7.68
CA TYR A 503 -63.37 39.38 -7.71
C TYR A 503 -62.41 39.24 -6.53
N GLY A 504 -62.87 39.52 -5.33
CA GLY A 504 -61.92 39.56 -4.23
C GLY A 504 -61.14 38.29 -3.91
N VAL A 505 -61.83 37.18 -3.64
CA VAL A 505 -61.13 35.91 -3.42
C VAL A 505 -60.31 35.47 -4.64
N GLY A 506 -60.98 35.19 -5.76
CA GLY A 506 -60.42 35.12 -7.10
C GLY A 506 -59.65 36.20 -7.81
N HIS A 507 -58.43 35.88 -8.27
CA HIS A 507 -57.64 36.64 -9.24
C HIS A 507 -56.81 37.82 -8.69
N GLN A 508 -57.00 38.29 -7.46
CA GLN A 508 -56.24 39.49 -7.12
C GLN A 508 -54.75 39.17 -7.00
N PRO A 509 -53.90 40.18 -7.15
CA PRO A 509 -52.44 39.97 -7.12
C PRO A 509 -51.89 39.41 -5.81
N TYR A 510 -51.18 38.29 -5.92
CA TYR A 510 -50.52 37.67 -4.78
C TYR A 510 -49.02 37.89 -4.97
N ARG A 511 -48.35 38.43 -3.95
CA ARG A 511 -46.94 38.79 -4.12
C ARG A 511 -46.14 37.49 -4.21
N VAL A 512 -45.71 37.12 -5.41
CA VAL A 512 -44.84 35.96 -5.60
C VAL A 512 -43.45 36.42 -6.00
N VAL A 513 -42.43 36.04 -5.22
CA VAL A 513 -41.07 36.49 -5.45
C VAL A 513 -40.20 35.24 -5.62
N VAL A 514 -39.43 35.20 -6.70
CA VAL A 514 -38.48 34.12 -6.95
C VAL A 514 -37.06 34.67 -6.86
N LEU A 515 -36.16 33.92 -6.20
CA LEU A 515 -34.81 34.40 -5.98
C LEU A 515 -33.85 33.49 -6.74
N SER A 516 -33.00 34.07 -7.58
CA SER A 516 -32.01 33.29 -8.30
C SER A 516 -30.97 32.73 -7.32
N PHE A 517 -30.50 31.51 -7.57
CA PHE A 517 -29.56 30.86 -6.65
C PHE A 517 -28.35 30.32 -7.41
N GLU A 518 -27.17 30.49 -6.82
CA GLU A 518 -25.93 29.90 -7.31
C GLU A 518 -25.27 29.11 -6.19
N LEU A 519 -24.75 27.95 -6.53
CA LEU A 519 -24.22 26.96 -5.59
C LEU A 519 -22.70 26.94 -5.77
N LEU A 520 -22.02 27.84 -5.04
CA LEU A 520 -20.56 27.83 -4.94
C LEU A 520 -19.88 27.99 -6.31
N HIS A 521 -20.58 28.66 -7.23
CA HIS A 521 -20.03 29.01 -8.53
C HIS A 521 -18.99 30.12 -8.41
N ALA A 522 -19.08 30.92 -7.36
CA ALA A 522 -18.20 32.03 -7.03
C ALA A 522 -17.84 31.90 -5.56
N PRO A 523 -16.82 32.60 -5.09
CA PRO A 523 -16.53 32.57 -3.65
C PRO A 523 -17.72 32.99 -2.79
N ALA A 524 -17.85 32.30 -1.65
CA ALA A 524 -19.01 32.42 -0.78
C ALA A 524 -19.23 33.85 -0.31
N THR A 525 -20.48 34.31 -0.37
CA THR A 525 -20.82 35.68 0.02
C THR A 525 -21.63 35.70 1.31
N VAL A 526 -22.72 34.94 1.38
CA VAL A 526 -23.62 34.89 2.51
C VAL A 526 -23.70 33.46 3.01
N CYS A 527 -23.29 33.24 4.24
CA CYS A 527 -23.48 31.94 4.88
C CYS A 527 -24.48 32.02 6.01
N GLY A 528 -25.02 30.86 6.37
CA GLY A 528 -26.03 30.76 7.38
C GLY A 528 -25.50 31.12 8.75
N PRO A 529 -26.39 31.57 9.64
CA PRO A 529 -25.96 31.98 10.97
C PRO A 529 -25.77 30.79 11.91
N LYS A 530 -24.88 31.00 12.90
CA LYS A 530 -24.58 30.04 13.95
C LYS A 530 -24.66 30.62 15.35
N LYS A 531 -24.20 31.86 15.55
CA LYS A 531 -24.13 32.51 16.86
C LYS A 531 -23.55 31.60 17.94
N SER A 532 -24.25 31.53 19.08
CA SER A 532 -24.01 30.69 20.26
C SER A 532 -22.99 31.18 21.31
N THR A 533 -22.32 32.33 21.13
CA THR A 533 -21.32 32.85 22.09
C THR A 533 -20.12 31.92 22.27
N ASN A 534 -18.93 32.49 22.50
CA ASN A 534 -17.76 31.63 22.66
C ASN A 534 -16.96 31.97 23.91
N LEU A 535 -16.49 30.91 24.60
CA LEU A 535 -15.65 31.00 25.79
C LEU A 535 -15.43 29.64 26.44
N VAL A 536 -14.28 29.46 27.09
CA VAL A 536 -13.91 28.23 27.79
C VAL A 536 -12.49 28.39 28.36
N LYS A 537 -12.29 28.15 29.64
CA LYS A 537 -10.96 28.33 30.19
C LYS A 537 -10.54 27.08 30.95
N ASN A 538 -9.25 26.76 30.90
CA ASN A 538 -8.66 25.69 31.71
C ASN A 538 -9.33 24.33 31.47
N LYS A 539 -9.86 24.07 30.29
CA LYS A 539 -10.51 22.79 30.07
C LYS A 539 -10.13 22.13 28.75
N CYS A 540 -9.78 20.86 28.82
CA CYS A 540 -9.54 20.01 27.65
C CYS A 540 -10.88 19.85 26.94
N VAL A 541 -11.06 20.56 25.82
CA VAL A 541 -12.34 20.58 25.14
C VAL A 541 -12.12 20.42 23.64
N ASN A 542 -13.21 20.11 22.96
CA ASN A 542 -13.22 20.04 21.50
C ASN A 542 -13.55 21.43 20.97
N PHE A 543 -12.55 22.15 20.49
CA PHE A 543 -12.78 23.46 19.91
C PHE A 543 -13.01 23.35 18.42
N ASN A 544 -13.99 24.10 17.92
CA ASN A 544 -14.32 24.07 16.51
C ASN A 544 -14.24 25.48 15.93
N PHE A 545 -13.18 26.21 16.24
CA PHE A 545 -13.07 27.59 15.75
C PHE A 545 -12.93 27.59 14.24
N ASN A 546 -13.74 28.43 13.59
CA ASN A 546 -13.72 28.60 12.15
C ASN A 546 -13.95 27.29 11.42
N GLY A 547 -14.61 26.35 12.10
CA GLY A 547 -14.88 25.04 11.55
C GLY A 547 -13.74 24.06 11.59
N LEU A 548 -12.64 24.37 12.30
CA LEU A 548 -11.51 23.46 12.37
C LEU A 548 -11.60 22.65 13.65
N LYS A 549 -11.55 21.32 13.50
CA LYS A 549 -11.60 20.41 14.63
C LYS A 549 -10.32 20.45 15.46
N GLY A 550 -10.47 20.22 16.75
CA GLY A 550 -9.32 20.18 17.65
C GLY A 550 -9.78 19.82 19.04
N THR A 551 -8.80 19.49 19.88
CA THR A 551 -9.08 19.15 21.28
C THR A 551 -7.89 19.54 22.14
N GLY A 552 -8.14 20.37 23.15
CA GLY A 552 -7.04 20.79 24.01
C GLY A 552 -7.50 21.73 25.10
N VAL A 553 -6.52 22.29 25.79
CA VAL A 553 -6.73 23.22 26.90
C VAL A 553 -6.42 24.63 26.42
N LEU A 554 -7.37 25.54 26.60
CA LEU A 554 -7.21 26.92 26.19
C LEU A 554 -6.79 27.75 27.40
N THR A 555 -5.72 28.53 27.22
CA THR A 555 -5.18 29.38 28.27
C THR A 555 -4.75 30.70 27.67
N GLU A 556 -4.48 31.67 28.53
CA GLU A 556 -4.01 32.97 28.09
C GLU A 556 -2.60 32.87 27.50
N SER A 557 -2.34 33.74 26.52
CA SER A 557 -1.07 33.76 25.81
C SER A 557 -0.64 35.21 25.59
N ASN A 558 0.64 35.38 25.29
CA ASN A 558 1.22 36.69 25.01
C ASN A 558 1.80 36.76 23.61
N LYS A 559 1.26 35.98 22.68
CA LYS A 559 1.71 35.99 21.29
C LYS A 559 1.26 37.26 20.61
N LYS A 560 2.17 38.21 20.40
CA LYS A 560 1.81 39.52 19.84
C LYS A 560 1.47 39.37 18.36
N PHE A 561 0.22 39.01 18.11
CA PHE A 561 -0.28 38.88 16.75
C PHE A 561 -0.36 40.24 16.05
N LEU A 562 -0.18 40.22 14.74
CA LEU A 562 -0.41 41.39 13.95
C LEU A 562 -1.91 41.66 13.87
N PRO A 563 -2.30 42.89 13.52
CA PRO A 563 -3.74 43.22 13.46
C PRO A 563 -4.55 42.26 12.61
N PHE A 564 -3.99 41.76 11.52
CA PHE A 564 -4.71 40.83 10.65
C PHE A 564 -4.50 39.37 11.04
N GLN A 565 -3.41 39.04 11.72
CA GLN A 565 -3.14 37.64 12.03
C GLN A 565 -4.22 37.09 12.96
N GLN A 566 -4.63 35.85 12.70
CA GLN A 566 -5.68 35.19 13.47
C GLN A 566 -5.19 33.92 14.15
N PHE A 567 -4.56 33.02 13.41
CA PHE A 567 -4.22 31.68 13.90
C PHE A 567 -2.84 31.70 14.54
N GLY A 568 -2.32 30.50 14.80
CA GLY A 568 -0.98 30.36 15.35
C GLY A 568 -0.47 28.97 15.12
N ARG A 569 0.85 28.84 14.97
CA ARG A 569 1.47 27.56 14.68
C ARG A 569 2.85 27.54 15.31
N ASP A 570 3.42 26.33 15.38
CA ASP A 570 4.76 26.19 15.94
C ASP A 570 5.68 25.44 14.99
N ILE A 571 6.86 25.07 15.49
CA ILE A 571 7.85 24.36 14.68
C ILE A 571 7.32 22.99 14.26
N ALA A 572 6.35 22.44 15.00
CA ALA A 572 5.78 21.15 14.72
C ALA A 572 4.64 21.20 13.70
N ASP A 573 4.58 22.25 12.88
CA ASP A 573 3.57 22.47 11.87
C ASP A 573 2.17 22.08 12.37
N THR A 574 1.86 22.49 13.60
CA THR A 574 0.57 22.24 14.21
C THR A 574 0.08 23.54 14.84
N THR A 575 -1.23 23.62 15.05
CA THR A 575 -1.80 24.84 15.60
C THR A 575 -1.30 25.09 17.01
N ASP A 576 -1.06 26.35 17.32
CA ASP A 576 -0.57 26.76 18.62
C ASP A 576 -1.32 27.93 19.23
N ALA A 577 -1.99 28.75 18.42
CA ALA A 577 -2.72 29.90 18.93
C ALA A 577 -3.91 30.19 18.02
N VAL A 578 -4.86 30.95 18.56
CA VAL A 578 -6.08 31.31 17.85
C VAL A 578 -6.56 32.65 18.41
N ARG A 579 -7.23 33.43 17.56
CA ARG A 579 -7.73 34.73 17.97
C ARG A 579 -9.22 34.66 18.26
N ASP A 580 -9.66 35.39 19.27
CA ASP A 580 -11.05 35.36 19.66
C ASP A 580 -11.87 35.98 18.53
N PRO A 581 -12.91 35.32 18.05
CA PRO A 581 -13.70 35.93 16.96
C PRO A 581 -14.43 37.18 17.41
N GLN A 582 -14.64 37.34 18.72
CA GLN A 582 -15.39 38.45 19.28
C GLN A 582 -14.49 39.53 19.88
N THR A 583 -13.62 39.15 20.80
CA THR A 583 -12.70 40.07 21.44
C THR A 583 -11.30 40.01 20.83
N LEU A 584 -10.52 41.05 21.12
CA LEU A 584 -9.16 41.21 20.63
C LEU A 584 -8.12 40.57 21.53
N GLU A 585 -8.48 39.45 22.17
CA GLU A 585 -7.59 38.71 23.05
C GLU A 585 -7.47 37.29 22.55
N ILE A 586 -6.30 36.69 22.77
CA ILE A 586 -6.02 35.36 22.24
C ILE A 586 -5.82 34.37 23.38
N LEU A 587 -5.92 33.10 23.00
CA LEU A 587 -5.74 31.96 23.88
C LEU A 587 -4.77 31.00 23.21
N ASP A 588 -4.01 30.27 24.02
CA ASP A 588 -3.05 29.31 23.47
C ASP A 588 -3.60 27.90 23.63
N ILE A 589 -3.58 27.15 22.53
CA ILE A 589 -4.10 25.80 22.51
C ILE A 589 -2.97 24.83 22.83
N THR A 590 -3.22 23.94 23.79
CA THR A 590 -2.31 22.88 24.17
C THR A 590 -3.22 21.72 24.55
N PRO A 591 -2.92 20.51 24.12
CA PRO A 591 -3.77 19.38 24.51
C PRO A 591 -3.57 19.03 25.97
N CYS A 592 -4.62 18.50 26.57
CA CYS A 592 -4.54 18.12 27.97
C CYS A 592 -3.71 16.85 28.14
N SER A 593 -3.37 16.57 29.38
CA SER A 593 -2.29 15.65 29.67
C SER A 593 -2.66 14.23 29.26
N PHE A 594 -1.63 13.44 28.98
CA PHE A 594 -1.78 12.03 28.64
C PHE A 594 -0.44 11.37 28.96
N GLY A 595 -0.36 10.06 28.77
CA GLY A 595 0.89 9.38 29.01
C GLY A 595 0.70 7.88 28.95
N GLY A 596 1.68 7.17 29.50
CA GLY A 596 1.65 5.72 29.51
C GLY A 596 1.62 5.20 30.93
N VAL A 597 1.23 3.94 31.09
CA VAL A 597 1.08 3.31 32.39
C VAL A 597 1.95 2.08 32.42
N SER A 598 2.73 1.93 33.48
CA SER A 598 3.58 0.78 33.69
C SER A 598 3.24 0.12 35.00
N VAL A 599 3.20 -1.20 34.99
CA VAL A 599 2.82 -2.00 36.14
C VAL A 599 4.07 -2.70 36.66
N ILE A 600 4.32 -2.55 37.95
CA ILE A 600 5.46 -3.15 38.62
C ILE A 600 4.93 -4.27 39.51
N THR A 601 5.41 -5.48 39.26
CA THR A 601 4.98 -6.63 40.03
C THR A 601 6.17 -7.48 40.44
N PRO A 602 6.10 -8.08 41.64
CA PRO A 602 7.16 -8.99 42.08
C PRO A 602 7.09 -10.36 41.44
N GLY A 603 6.03 -10.64 40.68
CA GLY A 603 5.84 -11.94 40.08
C GLY A 603 4.59 -12.56 40.65
N THR A 604 3.76 -13.18 39.82
CA THR A 604 2.53 -13.74 40.36
C THR A 604 2.78 -14.87 41.33
N ASN A 605 3.95 -15.54 41.25
CA ASN A 605 4.18 -16.57 42.25
C ASN A 605 4.49 -15.94 43.60
N THR A 606 4.77 -14.65 43.62
CA THR A 606 5.10 -13.88 44.82
C THR A 606 4.00 -12.84 45.06
N SER A 607 2.89 -13.26 45.67
CA SER A 607 1.76 -12.37 45.93
C SER A 607 1.14 -11.76 44.67
N ASN A 608 -0.07 -11.24 44.82
CA ASN A 608 -0.81 -10.58 43.74
C ASN A 608 -0.71 -9.06 43.79
N GLN A 609 0.06 -8.51 44.73
CA GLN A 609 0.22 -7.07 44.80
C GLN A 609 1.02 -6.52 43.61
N VAL A 610 0.61 -5.34 43.14
CA VAL A 610 1.20 -4.68 41.99
C VAL A 610 1.37 -3.20 42.32
N ALA A 611 2.22 -2.53 41.54
CA ALA A 611 2.38 -1.09 41.62
C ALA A 611 2.27 -0.50 40.22
N VAL A 612 1.66 0.68 40.13
CA VAL A 612 1.35 1.33 38.86
C VAL A 612 2.19 2.59 38.73
N LEU A 613 2.87 2.73 37.60
CA LEU A 613 3.70 3.89 37.30
C LEU A 613 3.08 4.71 36.19
N TYR A 614 2.86 6.00 36.45
CA TYR A 614 2.37 6.94 35.45
C TYR A 614 3.56 7.75 34.94
N GLN A 615 3.73 7.76 33.62
CA GLN A 615 4.92 8.30 32.99
C GLN A 615 4.70 9.74 32.54
N GLY A 616 5.61 10.62 32.95
CA GLY A 616 5.63 11.98 32.45
C GLY A 616 4.53 12.87 32.93
N VAL A 617 3.87 12.53 34.03
CA VAL A 617 2.79 13.36 34.57
C VAL A 617 3.00 13.58 36.06
N ASN A 618 2.76 14.81 36.49
CA ASN A 618 2.84 15.15 37.90
C ASN A 618 1.69 14.49 38.66
N CYS A 619 1.90 14.28 39.97
CA CYS A 619 0.88 13.57 40.76
C CYS A 619 -0.39 14.39 40.87
N THR A 620 -0.29 15.72 40.85
CA THR A 620 -1.48 16.55 41.01
C THR A 620 -2.40 16.38 39.82
N GLU A 621 -1.83 16.30 38.62
CA GLU A 621 -2.61 16.23 37.39
C GLU A 621 -3.44 14.96 37.33
N VAL A 622 -2.86 13.83 37.71
CA VAL A 622 -3.55 12.55 37.61
C VAL A 622 -3.56 11.86 38.97
N PRO A 623 -4.49 12.22 39.85
CA PRO A 623 -4.65 11.49 41.11
C PRO A 623 -5.42 10.19 40.94
N VAL A 624 -5.72 9.50 42.04
CA VAL A 624 -6.47 8.25 42.00
C VAL A 624 -7.95 8.46 42.21
N ALA A 625 -8.41 9.70 42.33
CA ALA A 625 -9.80 10.05 42.53
C ALA A 625 -10.46 10.64 41.30
N ILE A 626 -9.72 10.76 40.20
CA ILE A 626 -10.23 11.34 38.96
C ILE A 626 -10.87 10.29 38.07
N HIS A 627 -11.39 9.21 38.67
CA HIS A 627 -12.06 8.19 37.87
C HIS A 627 -13.41 8.71 37.37
N ALA A 628 -13.58 10.04 37.40
CA ALA A 628 -14.84 10.68 37.02
C ALA A 628 -14.98 10.65 35.50
N ASP A 629 -14.02 11.28 34.80
CA ASP A 629 -14.05 11.32 33.34
C ASP A 629 -12.58 11.29 32.90
N GLN A 630 -12.11 10.08 32.67
CA GLN A 630 -10.77 9.76 32.19
C GLN A 630 -10.90 8.45 31.42
N LEU A 631 -9.84 8.03 30.75
CA LEU A 631 -9.86 6.65 30.30
C LEU A 631 -9.65 5.76 31.51
N THR A 632 -9.57 4.46 31.29
CA THR A 632 -9.22 3.52 32.36
C THR A 632 -10.27 3.64 33.48
N PRO A 633 -11.50 3.16 33.25
CA PRO A 633 -12.59 3.40 34.20
C PRO A 633 -12.42 2.76 35.58
N THR A 634 -12.29 1.43 35.63
CA THR A 634 -12.20 0.75 36.91
C THR A 634 -10.87 1.02 37.60
N TRP A 635 -9.93 1.64 36.90
CA TRP A 635 -8.61 1.98 37.43
C TRP A 635 -8.77 3.11 38.45
N ARG A 636 -9.12 2.69 39.67
CA ARG A 636 -9.22 3.60 40.81
C ARG A 636 -7.92 3.65 41.59
N VAL A 637 -7.17 2.54 41.60
CA VAL A 637 -5.90 2.43 42.32
C VAL A 637 -6.17 2.78 43.78
N TYR A 638 -7.38 2.46 44.24
CA TYR A 638 -7.85 2.69 45.63
C TYR A 638 -7.70 4.19 45.89
N SER A 639 -7.00 4.60 46.94
CA SER A 639 -6.94 6.02 47.29
C SER A 639 -5.56 6.28 47.90
N THR A 640 -5.44 7.39 48.61
CA THR A 640 -4.17 7.79 49.20
C THR A 640 -3.77 6.97 50.41
N GLY A 641 -4.42 5.84 50.72
CA GLY A 641 -3.95 5.02 51.81
C GLY A 641 -2.51 4.59 51.62
N SER A 642 -2.15 4.25 50.39
CA SER A 642 -0.75 4.06 50.00
C SER A 642 -0.26 5.37 49.41
N ASN A 643 0.81 5.91 49.97
CA ASN A 643 1.25 7.23 49.57
C ASN A 643 1.66 7.27 48.10
N VAL A 644 1.37 8.39 47.46
CA VAL A 644 1.75 8.62 46.07
C VAL A 644 3.12 9.30 46.06
N PHE A 645 4.02 8.78 45.25
CA PHE A 645 5.38 9.29 45.19
C PHE A 645 5.64 9.90 43.82
N GLN A 646 6.16 11.12 43.81
CA GLN A 646 6.43 11.85 42.58
C GLN A 646 7.89 11.64 42.20
N THR A 647 8.12 11.12 41.01
CA THR A 647 9.46 10.87 40.50
C THR A 647 9.72 11.75 39.30
N ARG A 648 10.97 11.72 38.83
CA ARG A 648 11.30 12.46 37.61
C ARG A 648 10.58 11.84 36.42
N ALA A 649 10.47 10.52 36.41
CA ALA A 649 9.75 9.84 35.33
C ALA A 649 8.26 10.21 35.38
N GLY A 650 7.69 10.28 36.58
CA GLY A 650 6.29 10.63 36.71
C GLY A 650 5.77 10.44 38.12
N CYS A 651 4.56 9.91 38.24
CA CYS A 651 3.92 9.67 39.52
C CYS A 651 3.81 8.18 39.76
N LEU A 652 4.33 7.72 40.90
CA LEU A 652 4.30 6.33 41.28
C LEU A 652 3.29 6.16 42.40
N ILE A 653 2.30 5.30 42.18
CA ILE A 653 1.21 5.08 43.13
C ILE A 653 1.16 3.60 43.48
N GLY A 654 1.12 3.31 44.78
CA GLY A 654 1.02 1.95 45.26
C GLY A 654 2.22 1.46 46.04
N ALA A 655 3.28 2.24 46.11
CA ALA A 655 4.49 1.84 46.80
C ALA A 655 4.90 2.92 47.79
N GLU A 656 5.62 2.50 48.83
CA GLU A 656 6.06 3.38 49.89
C GLU A 656 7.53 3.74 49.67
N TYR A 657 7.85 5.03 49.78
CA TYR A 657 9.22 5.49 49.55
C TYR A 657 9.97 5.46 50.87
N VAL A 658 10.83 4.47 51.03
CA VAL A 658 11.68 4.37 52.21
C VAL A 658 12.90 5.26 52.03
N ASN A 659 13.63 5.49 53.13
CA ASN A 659 14.83 6.31 53.13
C ASN A 659 16.09 5.46 53.25
N ASN A 660 16.00 4.18 52.93
CA ASN A 660 17.14 3.28 52.97
C ASN A 660 17.69 3.11 51.55
N SER A 661 18.67 2.23 51.39
CA SER A 661 19.26 1.97 50.08
C SER A 661 19.56 0.49 49.94
N TYR A 662 19.23 -0.07 48.78
CA TYR A 662 19.53 -1.46 48.48
C TYR A 662 19.93 -1.58 47.02
N GLU A 663 20.28 -2.81 46.64
CA GLU A 663 20.57 -3.13 45.25
C GLU A 663 19.29 -3.08 44.43
N CYS A 664 19.40 -2.65 43.18
CA CYS A 664 18.22 -2.52 42.34
C CYS A 664 17.62 -3.89 42.02
N ASP A 665 16.29 -3.96 42.10
CA ASP A 665 15.55 -5.17 41.77
C ASP A 665 14.68 -4.95 40.54
N ILE A 666 13.81 -3.95 40.57
CA ILE A 666 13.00 -3.59 39.42
C ILE A 666 13.35 -2.17 39.01
N PRO A 667 14.01 -1.96 37.89
CA PRO A 667 14.47 -0.62 37.52
C PRO A 667 13.32 0.29 37.06
N ILE A 668 12.99 1.30 37.87
CA ILE A 668 11.98 2.26 37.44
C ILE A 668 12.59 3.35 36.57
N GLY A 669 13.71 3.91 36.99
CA GLY A 669 14.38 4.94 36.22
C GLY A 669 14.88 6.07 37.11
N ALA A 670 15.91 6.75 36.63
CA ALA A 670 16.52 7.89 37.34
C ALA A 670 16.98 7.48 38.73
N GLY A 671 17.50 6.26 38.84
CA GLY A 671 18.04 5.78 40.09
C GLY A 671 17.05 5.23 41.08
N ILE A 672 15.78 5.10 40.70
CA ILE A 672 14.75 4.59 41.59
C ILE A 672 14.39 3.16 41.18
N CYS A 673 14.35 2.26 42.16
CA CYS A 673 13.99 0.86 41.96
C CYS A 673 13.01 0.46 43.05
N ALA A 674 12.23 -0.59 42.77
CA ALA A 674 11.21 -1.06 43.68
C ALA A 674 11.35 -2.56 43.89
N SER A 675 10.89 -3.03 45.06
CA SER A 675 10.94 -4.44 45.39
C SER A 675 9.91 -4.74 46.46
N TYR A 676 9.62 -6.03 46.62
CA TYR A 676 8.66 -6.53 47.60
C TYR A 676 9.44 -6.98 48.83
N GLN A 677 9.46 -6.14 49.86
CA GLN A 677 10.23 -6.40 51.07
C GLN A 677 9.38 -6.10 52.29
N THR A 678 9.86 -6.55 53.44
CA THR A 678 9.20 -6.30 54.71
C THR A 678 9.36 -4.85 55.15
N SER A 691 3.07 -5.68 56.71
CA SER A 691 4.15 -6.66 56.80
C SER A 691 5.01 -6.65 55.55
N GLN A 692 4.43 -7.10 54.44
CA GLN A 692 5.12 -7.16 53.15
C GLN A 692 4.47 -6.17 52.20
N SER A 693 5.29 -5.34 51.57
CA SER A 693 4.78 -4.34 50.65
C SER A 693 5.89 -3.97 49.66
N ILE A 694 5.51 -3.18 48.66
CA ILE A 694 6.45 -2.72 47.64
C ILE A 694 7.01 -1.38 48.10
N ILE A 695 8.33 -1.27 48.12
CA ILE A 695 9.00 -0.08 48.62
C ILE A 695 9.83 0.54 47.51
N ALA A 696 10.04 1.85 47.62
CA ALA A 696 10.88 2.62 46.72
C ALA A 696 11.97 3.32 47.52
N TYR A 697 13.18 3.35 46.97
CA TYR A 697 14.32 3.88 47.69
C TYR A 697 15.30 4.45 46.67
N THR A 698 16.49 4.81 47.15
CA THR A 698 17.57 5.27 46.30
C THR A 698 18.70 4.26 46.32
N MET A 699 19.15 3.84 45.14
CA MET A 699 20.16 2.80 45.03
C MET A 699 21.50 3.21 45.61
N SER A 700 22.22 2.21 46.09
CA SER A 700 23.54 2.36 46.68
C SER A 700 24.56 1.89 45.64
N LEU A 701 25.58 2.70 45.43
CA LEU A 701 26.60 2.38 44.43
C LEU A 701 27.48 1.23 44.89
N GLY A 702 27.58 1.03 46.19
CA GLY A 702 28.40 -0.03 46.73
C GLY A 702 28.70 0.26 48.19
N ALA A 703 29.59 -0.55 48.74
CA ALA A 703 29.96 -0.40 50.13
C ALA A 703 31.08 0.63 50.22
N GLU A 704 30.98 1.51 51.21
CA GLU A 704 31.98 2.54 51.39
C GLU A 704 33.29 1.94 51.86
N ASN A 705 34.38 2.50 51.36
CA ASN A 705 35.71 2.02 51.69
C ASN A 705 36.67 3.19 51.66
N SER A 706 37.80 3.00 52.33
CA SER A 706 38.84 4.02 52.38
C SER A 706 40.17 3.30 52.41
N VAL A 707 41.13 3.79 51.62
CA VAL A 707 42.44 3.18 51.52
C VAL A 707 43.39 3.97 52.40
N ALA A 708 44.17 3.25 53.20
CA ALA A 708 45.09 3.88 54.15
C ALA A 708 46.39 4.19 53.41
N TYR A 709 46.33 5.23 52.59
CA TYR A 709 47.51 5.66 51.87
C TYR A 709 48.50 6.31 52.84
N SER A 710 49.78 6.10 52.57
CA SER A 710 50.82 6.63 53.43
C SER A 710 52.11 6.76 52.64
N ASN A 711 53.07 7.45 53.25
CA ASN A 711 54.38 7.64 52.64
C ASN A 711 55.09 6.31 52.43
N ASN A 712 55.10 5.44 53.45
CA ASN A 712 55.82 4.18 53.31
C ASN A 712 55.07 2.94 53.79
N SER A 713 53.74 2.96 53.82
CA SER A 713 52.99 1.77 54.20
C SER A 713 52.55 1.02 52.95
N ILE A 714 52.54 -0.31 53.04
CA ILE A 714 52.19 -1.18 51.92
C ILE A 714 51.58 -2.45 52.48
N ALA A 715 50.74 -3.08 51.67
CA ALA A 715 50.09 -4.33 52.03
C ALA A 715 50.49 -5.40 51.03
N ILE A 716 51.01 -6.52 51.55
CA ILE A 716 51.49 -7.63 50.74
C ILE A 716 50.67 -8.86 51.13
N PRO A 717 50.00 -9.52 50.20
CA PRO A 717 49.28 -10.73 50.56
C PRO A 717 50.22 -11.85 50.95
N THR A 718 49.71 -12.74 51.81
CA THR A 718 50.47 -13.88 52.30
C THR A 718 49.77 -15.18 51.94
N ASN A 719 48.69 -15.09 51.18
CA ASN A 719 47.91 -16.25 50.78
C ASN A 719 47.13 -15.88 49.54
N PHE A 720 46.60 -16.90 48.89
CA PHE A 720 45.90 -16.75 47.63
C PHE A 720 44.65 -17.61 47.63
N THR A 721 43.78 -17.33 46.67
CA THR A 721 42.57 -18.10 46.49
C THR A 721 42.41 -18.39 45.00
N ILE A 722 41.95 -19.59 44.70
CA ILE A 722 41.71 -20.02 43.34
C ILE A 722 40.23 -19.90 43.06
N SER A 723 39.90 -19.15 42.02
CA SER A 723 38.51 -18.85 41.68
C SER A 723 38.21 -19.35 40.29
N VAL A 724 37.02 -19.92 40.13
CA VAL A 724 36.56 -20.42 38.85
C VAL A 724 35.25 -19.71 38.54
N THR A 725 35.19 -19.09 37.37
CA THR A 725 34.00 -18.34 36.94
C THR A 725 33.61 -18.80 35.55
N THR A 726 32.34 -18.58 35.23
CA THR A 726 31.78 -19.01 33.97
C THR A 726 31.53 -17.80 33.08
N GLU A 727 31.33 -18.09 31.79
CA GLU A 727 31.04 -17.04 30.81
C GLU A 727 30.31 -17.68 29.64
N ILE A 728 29.20 -17.07 29.23
CA ILE A 728 28.34 -17.63 28.20
C ILE A 728 28.32 -16.69 27.01
N LEU A 729 28.53 -17.24 25.82
CA LEU A 729 28.55 -16.47 24.59
C LEU A 729 27.74 -17.19 23.52
N PRO A 730 26.79 -16.53 22.87
CA PRO A 730 26.09 -17.15 21.75
C PRO A 730 27.05 -17.35 20.57
N VAL A 731 26.75 -18.37 19.78
CA VAL A 731 27.63 -18.73 18.66
C VAL A 731 26.87 -18.70 17.34
N SER A 732 25.78 -19.45 17.26
CA SER A 732 25.01 -19.55 16.03
C SER A 732 23.53 -19.50 16.35
N MET A 733 22.70 -19.47 15.32
CA MET A 733 21.26 -19.42 15.52
C MET A 733 20.63 -20.43 14.56
N THR A 734 19.31 -20.43 14.45
CA THR A 734 18.60 -21.41 13.65
C THR A 734 18.61 -21.02 12.17
N LYS A 735 18.80 -21.99 11.30
CA LYS A 735 18.73 -21.72 9.87
C LYS A 735 17.30 -21.95 9.41
N THR A 736 16.73 -20.96 8.74
CA THR A 736 15.33 -21.03 8.33
C THR A 736 15.17 -20.75 6.84
N SER A 737 14.11 -21.30 6.26
CA SER A 737 13.80 -21.03 4.85
C SER A 737 12.31 -20.79 4.73
N VAL A 738 11.94 -19.81 3.90
CA VAL A 738 10.55 -19.41 3.72
C VAL A 738 10.20 -19.45 2.25
N ASP A 739 9.08 -20.08 1.91
CA ASP A 739 8.60 -20.08 0.54
C ASP A 739 7.50 -19.03 0.43
N CYS A 740 7.75 -18.01 -0.39
CA CYS A 740 6.78 -16.92 -0.50
C CYS A 740 5.50 -17.39 -1.15
N THR A 741 5.59 -18.16 -2.24
CA THR A 741 4.39 -18.47 -3.00
C THR A 741 3.41 -19.26 -2.15
N MET A 742 3.91 -20.26 -1.42
CA MET A 742 3.05 -21.10 -0.60
C MET A 742 2.63 -20.37 0.67
N TYR A 743 3.53 -19.55 1.23
CA TYR A 743 3.18 -18.85 2.47
C TYR A 743 2.09 -17.83 2.19
N ILE A 744 2.22 -17.03 1.12
CA ILE A 744 1.27 -15.97 0.87
C ILE A 744 -0.01 -16.56 0.30
N CYS A 745 0.13 -17.31 -0.80
CA CYS A 745 -0.99 -17.94 -1.50
C CYS A 745 -0.81 -19.45 -1.58
N GLY A 746 -1.27 -20.12 -0.55
CA GLY A 746 -1.21 -21.55 -0.39
C GLY A 746 -2.22 -22.23 -1.29
N ASP A 747 -1.74 -22.94 -2.31
CA ASP A 747 -2.60 -23.65 -3.26
C ASP A 747 -3.55 -22.72 -3.99
N SER A 748 -2.95 -21.83 -4.81
CA SER A 748 -3.72 -20.90 -5.62
C SER A 748 -2.89 -20.53 -6.86
N THR A 749 -3.27 -21.15 -7.97
CA THR A 749 -2.62 -20.94 -9.27
C THR A 749 -2.82 -19.53 -9.76
N GLU A 750 -4.01 -18.97 -9.55
CA GLU A 750 -4.27 -17.60 -9.97
C GLU A 750 -3.34 -16.67 -9.23
N CYS A 751 -3.11 -16.95 -7.95
CA CYS A 751 -2.15 -16.17 -7.18
C CYS A 751 -0.75 -16.31 -7.72
N SER A 752 -0.35 -17.51 -8.14
CA SER A 752 0.98 -17.63 -8.73
C SER A 752 1.09 -16.80 -10.00
N ASN A 753 0.07 -16.82 -10.86
CA ASN A 753 0.14 -16.01 -12.07
C ASN A 753 0.18 -14.52 -11.76
N LEU A 754 -0.63 -14.07 -10.81
CA LEU A 754 -0.58 -12.67 -10.42
C LEU A 754 0.72 -12.27 -9.76
N LEU A 755 1.29 -13.12 -8.90
CA LEU A 755 2.58 -12.78 -8.30
C LEU A 755 3.68 -12.72 -9.35
N LEU A 756 3.54 -13.51 -10.43
CA LEU A 756 4.56 -13.49 -11.47
C LEU A 756 4.72 -12.12 -12.14
N GLN A 757 3.71 -11.26 -12.09
CA GLN A 757 3.89 -9.95 -12.75
C GLN A 757 4.77 -9.02 -11.94
N TYR A 758 5.13 -9.37 -10.71
CA TYR A 758 5.97 -8.52 -9.88
C TYR A 758 7.46 -8.71 -10.14
N GLY A 759 7.85 -9.62 -11.03
CA GLY A 759 9.26 -9.86 -11.30
C GLY A 759 9.85 -10.90 -10.37
N SER A 760 10.97 -10.55 -9.73
CA SER A 760 11.70 -11.41 -8.81
C SER A 760 11.79 -10.63 -7.51
N PHE A 761 10.74 -10.77 -6.71
CA PHE A 761 10.63 -10.17 -5.38
C PHE A 761 11.04 -11.11 -4.27
N CYS A 762 11.46 -12.34 -4.59
CA CYS A 762 11.76 -13.37 -3.61
C CYS A 762 13.19 -13.87 -3.67
N THR A 763 13.90 -13.61 -4.76
CA THR A 763 15.31 -13.96 -4.83
C THR A 763 16.15 -13.23 -3.79
N GLN A 764 15.87 -11.96 -3.52
CA GLN A 764 16.66 -11.28 -2.49
C GLN A 764 16.49 -11.92 -1.12
N LEU A 765 15.26 -12.27 -0.74
CA LEU A 765 15.06 -12.90 0.55
C LEU A 765 15.72 -14.27 0.61
N LYS A 766 15.57 -15.07 -0.44
CA LYS A 766 16.19 -16.39 -0.44
C LYS A 766 17.70 -16.28 -0.39
N ARG A 767 18.28 -15.35 -1.15
CA ARG A 767 19.72 -15.15 -1.14
C ARG A 767 20.20 -14.70 0.24
N ALA A 768 19.46 -13.78 0.87
CA ALA A 768 19.85 -13.30 2.19
C ALA A 768 19.79 -14.41 3.21
N LEU A 769 18.74 -15.24 3.16
CA LEU A 769 18.62 -16.33 4.11
C LEU A 769 19.71 -17.37 3.90
N THR A 770 20.04 -17.67 2.65
CA THR A 770 21.13 -18.61 2.38
C THR A 770 22.45 -18.04 2.89
N GLY A 771 22.68 -16.75 2.68
CA GLY A 771 23.87 -16.13 3.22
C GLY A 771 23.92 -16.18 4.73
N ILE A 772 22.78 -15.96 5.38
CA ILE A 772 22.72 -16.03 6.84
C ILE A 772 23.03 -17.44 7.32
N ALA A 773 22.48 -18.45 6.65
CA ALA A 773 22.75 -19.83 7.03
C ALA A 773 24.23 -20.17 6.86
N VAL A 774 24.80 -19.75 5.74
CA VAL A 774 26.22 -20.00 5.49
C VAL A 774 27.06 -19.27 6.53
N GLU A 775 26.65 -18.06 6.91
CA GLU A 775 27.37 -17.31 7.93
C GLU A 775 27.32 -18.02 9.27
N GLN A 776 26.17 -18.58 9.63
CA GLN A 776 26.07 -19.32 10.88
C GLN A 776 27.00 -20.53 10.88
N ASP A 777 26.99 -21.27 9.77
CA ASP A 777 27.86 -22.44 9.68
C ASP A 777 29.32 -22.03 9.73
N LYS A 778 29.68 -20.95 9.03
CA LYS A 778 31.05 -20.46 9.05
C LYS A 778 31.45 -20.01 10.44
N ASN A 779 30.53 -19.37 11.17
CA ASN A 779 30.80 -18.93 12.53
C ASN A 779 31.10 -20.13 13.42
N THR A 780 30.28 -21.17 13.32
CA THR A 780 30.51 -22.36 14.12
C THR A 780 31.87 -22.98 13.77
N GLN A 781 32.18 -23.09 12.48
CA GLN A 781 33.44 -23.68 12.08
C GLN A 781 34.63 -22.87 12.58
N GLU A 782 34.58 -21.54 12.47
CA GLU A 782 35.71 -20.74 12.92
C GLU A 782 35.88 -20.84 14.43
N VAL A 783 34.77 -20.85 15.18
CA VAL A 783 34.89 -20.88 16.63
C VAL A 783 35.42 -22.24 17.09
N PHE A 784 34.89 -23.33 16.54
CA PHE A 784 35.20 -24.62 17.13
C PHE A 784 36.34 -25.35 16.44
N ALA A 785 36.44 -25.27 15.10
CA ALA A 785 37.45 -26.01 14.37
C ALA A 785 38.72 -25.17 14.37
N GLN A 786 39.54 -25.36 15.39
CA GLN A 786 40.81 -24.64 15.48
C GLN A 786 42.01 -25.57 15.64
N VAL A 787 41.80 -26.88 15.73
CA VAL A 787 42.87 -27.86 15.88
C VAL A 787 42.83 -28.82 14.71
N LYS A 788 44.00 -29.11 14.15
CA LYS A 788 44.11 -30.00 13.01
C LYS A 788 44.29 -31.46 13.44
N GLN A 789 44.37 -31.71 14.74
CA GLN A 789 44.53 -33.07 15.25
C GLN A 789 43.49 -33.32 16.33
N ILE A 790 43.13 -34.59 16.50
CA ILE A 790 42.17 -34.97 17.52
C ILE A 790 42.95 -35.65 18.63
N TYR A 791 43.35 -34.89 19.64
CA TYR A 791 44.13 -35.42 20.74
C TYR A 791 43.24 -36.22 21.69
N LYS A 792 43.88 -37.15 22.41
CA LYS A 792 43.22 -37.99 23.39
C LYS A 792 43.97 -37.97 24.71
N THR A 793 43.24 -38.14 25.76
CA THR A 793 43.80 -38.19 27.10
C THR A 793 44.25 -39.62 27.42
N PRO A 794 45.29 -39.77 28.23
CA PRO A 794 45.72 -41.12 28.62
C PRO A 794 44.67 -41.78 29.50
N PRO A 795 44.62 -43.11 29.54
CA PRO A 795 43.63 -43.78 30.39
C PRO A 795 43.76 -43.40 31.86
N ILE A 796 44.99 -43.21 32.34
CA ILE A 796 45.20 -42.77 33.71
C ILE A 796 44.80 -41.30 33.82
N LYS A 797 43.99 -40.98 34.83
CA LYS A 797 43.45 -39.64 34.99
C LYS A 797 44.00 -38.95 36.23
N TYR A 798 45.30 -39.13 36.48
CA TYR A 798 46.00 -38.46 37.55
C TYR A 798 46.86 -37.36 36.97
N PHE A 799 46.55 -36.11 37.29
CA PHE A 799 47.27 -34.94 36.80
C PHE A 799 47.68 -34.11 38.00
N GLY A 800 48.82 -34.48 38.61
CA GLY A 800 49.37 -33.71 39.71
C GLY A 800 48.42 -33.57 40.87
N GLY A 801 47.44 -34.46 40.98
CA GLY A 801 46.41 -34.41 41.99
C GLY A 801 45.18 -33.64 41.59
N PHE A 802 45.20 -32.93 40.47
CA PHE A 802 44.00 -32.23 40.03
C PHE A 802 43.02 -33.22 39.42
N ASN A 803 41.74 -32.86 39.46
CA ASN A 803 40.67 -33.75 38.98
C ASN A 803 39.88 -33.04 37.89
N PHE A 804 40.00 -33.53 36.66
CA PHE A 804 39.26 -32.98 35.54
C PHE A 804 38.18 -33.94 35.08
N SER A 805 37.79 -34.86 35.98
CA SER A 805 36.83 -35.90 35.66
C SER A 805 35.44 -35.33 35.39
N GLN A 806 35.19 -34.11 35.86
CA GLN A 806 33.89 -33.48 35.74
C GLN A 806 33.76 -32.67 34.47
N ILE A 807 34.81 -32.60 33.66
CA ILE A 807 34.76 -31.90 32.38
C ILE A 807 35.17 -32.76 31.21
N LEU A 808 35.89 -33.86 31.43
CA LEU A 808 36.24 -34.75 30.34
C LEU A 808 35.05 -35.64 29.98
N PRO A 809 34.92 -36.00 28.71
CA PRO A 809 33.80 -36.87 28.32
C PRO A 809 33.98 -38.27 28.89
N ASP A 810 32.85 -38.96 29.08
CA ASP A 810 32.87 -40.31 29.56
C ASP A 810 32.20 -41.24 28.55
N PRO A 811 32.78 -42.39 28.25
CA PRO A 811 32.18 -43.30 27.28
C PRO A 811 31.05 -44.16 27.82
N SER A 812 30.54 -43.86 29.02
CA SER A 812 29.49 -44.65 29.63
C SER A 812 28.11 -44.09 29.28
N LYS A 813 28.04 -43.23 28.27
CA LYS A 813 26.83 -42.60 27.78
C LYS A 813 26.84 -42.61 26.26
N PRO A 814 25.67 -42.66 25.63
CA PRO A 814 25.66 -42.54 24.16
C PRO A 814 26.25 -41.23 23.67
N SER A 815 26.07 -40.16 24.42
CA SER A 815 26.72 -38.88 24.13
C SER A 815 27.94 -38.73 25.03
N LYS A 816 29.12 -38.59 24.41
CA LYS A 816 30.38 -38.52 25.15
C LYS A 816 30.51 -37.09 25.66
N ARG A 817 29.77 -36.81 26.73
CA ARG A 817 29.64 -35.47 27.28
C ARG A 817 29.99 -35.47 28.75
N SER A 818 30.52 -34.34 29.21
CA SER A 818 30.86 -34.20 30.61
C SER A 818 29.59 -33.99 31.43
N PRO A 819 29.65 -34.25 32.75
CA PRO A 819 28.46 -34.01 33.57
C PRO A 819 27.96 -32.59 33.49
N ILE A 820 28.87 -31.62 33.45
CA ILE A 820 28.46 -30.22 33.34
C ILE A 820 27.81 -29.96 31.99
N GLU A 821 28.33 -30.58 30.94
CA GLU A 821 27.73 -30.45 29.63
C GLU A 821 26.32 -31.04 29.61
N ASP A 822 26.13 -32.18 30.27
CA ASP A 822 24.80 -32.76 30.36
C ASP A 822 23.86 -31.84 31.12
N LEU A 823 24.33 -31.25 32.22
CA LEU A 823 23.50 -30.31 32.96
C LEU A 823 23.11 -29.11 32.10
N LEU A 824 24.06 -28.56 31.35
CA LEU A 824 23.75 -27.41 30.50
C LEU A 824 22.74 -27.76 29.42
N PHE A 825 22.92 -28.91 28.75
CA PHE A 825 21.97 -29.30 27.72
C PHE A 825 20.59 -29.57 28.30
N ASN A 826 20.52 -30.19 29.48
CA ASN A 826 19.22 -30.43 30.11
C ASN A 826 18.56 -29.10 30.47
N LYS A 827 19.35 -28.13 30.92
CA LYS A 827 18.80 -26.82 31.27
C LYS A 827 18.32 -26.07 30.02
N VAL A 828 19.04 -26.19 28.91
CA VAL A 828 18.68 -25.45 27.72
C VAL A 828 17.54 -26.10 26.93
N THR A 829 17.38 -27.42 27.04
CA THR A 829 16.38 -28.13 26.25
C THR A 829 14.90 -27.87 26.63
N LEU A 830 14.44 -26.95 27.48
CA LEU A 830 13.00 -26.75 27.60
C LEU A 830 12.35 -26.46 26.25
N ALA A 831 12.97 -25.60 25.44
CA ALA A 831 12.65 -25.48 24.03
C ALA A 831 13.90 -25.55 23.18
N ASP A 832 13.84 -26.34 22.11
CA ASP A 832 14.82 -26.30 21.04
C ASP A 832 14.07 -26.40 19.71
N ALA A 833 14.81 -26.68 18.63
CA ALA A 833 14.20 -26.82 17.32
C ALA A 833 13.32 -28.06 17.22
N GLY A 834 13.40 -28.97 18.19
CA GLY A 834 12.56 -30.14 18.23
C GLY A 834 13.37 -31.41 18.15
N PHE A 835 14.58 -31.30 17.58
CA PHE A 835 15.47 -32.41 17.25
C PHE A 835 14.93 -33.24 16.10
N ILE A 836 13.69 -32.99 15.70
CA ILE A 836 13.01 -33.81 14.70
C ILE A 836 13.04 -33.09 13.36
N LYS A 837 13.54 -33.79 12.33
CA LYS A 837 13.61 -33.21 10.99
C LYS A 837 13.26 -34.24 9.92
N GLN A 838 12.79 -35.43 10.32
CA GLN A 838 12.27 -36.40 9.36
C GLN A 838 10.88 -36.05 8.86
N TYR A 839 10.09 -35.33 9.65
CA TYR A 839 8.72 -34.90 9.33
C TYR A 839 7.73 -36.07 9.29
N GLY A 840 8.18 -37.32 9.38
CA GLY A 840 7.26 -38.43 9.38
C GLY A 840 6.40 -38.53 10.63
N ASP A 841 7.00 -38.29 11.80
CA ASP A 841 6.25 -38.34 13.05
C ASP A 841 5.28 -37.18 13.28
N CYS A 842 5.19 -36.16 12.43
CA CYS A 842 4.22 -35.08 12.67
C CYS A 842 2.83 -35.62 12.32
N LEU A 843 2.24 -36.32 13.28
CA LEU A 843 0.92 -36.91 13.13
C LEU A 843 0.84 -37.83 11.91
N ASP A 850 3.59 -29.69 18.61
CA ASP A 850 3.00 -29.40 17.31
C ASP A 850 3.12 -27.93 16.97
N LEU A 851 4.30 -27.36 17.21
CA LEU A 851 4.56 -25.96 16.93
C LEU A 851 5.41 -25.75 15.68
N ILE A 852 6.41 -26.59 15.46
CA ILE A 852 7.31 -26.41 14.32
C ILE A 852 6.70 -27.01 13.06
N CYS A 853 6.33 -28.29 13.11
CA CYS A 853 5.78 -28.95 11.93
C CYS A 853 4.45 -28.34 11.52
N ALA A 854 3.65 -27.87 12.49
CA ALA A 854 2.43 -27.17 12.10
C ALA A 854 2.75 -25.85 11.42
N GLN A 855 3.88 -25.23 11.77
CA GLN A 855 4.31 -24.02 11.09
C GLN A 855 5.01 -24.37 9.79
N LYS A 856 5.38 -25.65 9.64
CA LYS A 856 5.93 -26.17 8.41
C LYS A 856 4.94 -26.04 7.27
N PHE A 857 3.66 -26.27 7.54
CA PHE A 857 2.62 -26.01 6.56
C PHE A 857 2.46 -24.52 6.23
N LYS A 858 3.31 -23.66 6.77
CA LYS A 858 3.22 -22.21 6.61
C LYS A 858 4.56 -21.66 6.15
N GLY A 859 5.47 -22.53 5.72
CA GLY A 859 6.74 -22.18 5.13
C GLY A 859 7.72 -21.61 6.13
N LEU A 860 7.98 -22.39 7.17
CA LEU A 860 8.97 -22.09 8.21
C LEU A 860 9.68 -23.39 8.55
N THR A 861 10.81 -23.63 7.92
CA THR A 861 11.53 -24.88 8.12
C THR A 861 12.84 -24.55 8.82
N VAL A 862 13.52 -25.59 9.29
CA VAL A 862 14.77 -25.39 9.99
C VAL A 862 15.84 -26.25 9.35
N LEU A 863 16.96 -25.63 9.01
CA LEU A 863 17.98 -26.46 8.41
C LEU A 863 18.89 -27.00 9.50
N PRO A 864 19.39 -28.22 9.38
CA PRO A 864 20.21 -28.78 10.44
C PRO A 864 21.61 -28.19 10.42
N PRO A 865 22.25 -28.08 11.58
CA PRO A 865 23.62 -27.55 11.61
C PRO A 865 24.57 -28.51 10.93
N LEU A 866 25.66 -27.96 10.40
CA LEU A 866 26.64 -28.80 9.74
C LEU A 866 27.34 -29.73 10.73
N LEU A 867 27.66 -29.21 11.91
CA LEU A 867 28.34 -30.00 12.93
C LEU A 867 27.33 -30.45 13.97
N THR A 868 27.25 -31.74 14.21
CA THR A 868 26.32 -32.22 15.22
C THR A 868 26.89 -31.95 16.60
N ASP A 869 26.08 -32.24 17.62
CA ASP A 869 26.59 -31.96 18.95
C ASP A 869 27.62 -32.97 19.39
N GLU A 870 27.76 -34.10 18.71
CA GLU A 870 28.79 -35.03 19.15
C GLU A 870 30.11 -34.73 18.47
N MET A 871 30.08 -33.86 17.47
CA MET A 871 31.31 -33.43 16.84
C MET A 871 31.77 -32.16 17.51
N ILE A 872 30.82 -31.31 17.90
CA ILE A 872 31.20 -30.16 18.70
C ILE A 872 31.77 -30.64 20.03
N ALA A 873 31.17 -31.69 20.60
CA ALA A 873 31.69 -32.30 21.82
C ALA A 873 33.08 -32.90 21.60
N GLN A 874 33.29 -33.55 20.45
CA GLN A 874 34.61 -34.09 20.16
C GLN A 874 35.65 -32.98 20.03
N TYR A 875 35.29 -31.87 19.39
CA TYR A 875 36.20 -30.73 19.29
C TYR A 875 36.55 -30.20 20.66
N THR A 876 35.55 -30.03 21.53
CA THR A 876 35.82 -29.51 22.86
C THR A 876 36.68 -30.48 23.67
N SER A 877 36.42 -31.78 23.54
CA SER A 877 37.23 -32.77 24.24
C SER A 877 38.67 -32.77 23.75
N ALA A 878 38.87 -32.64 22.44
CA ALA A 878 40.22 -32.57 21.89
C ALA A 878 40.94 -31.34 22.39
N LEU A 879 40.26 -30.20 22.42
CA LEU A 879 40.86 -28.98 22.92
C LEU A 879 41.24 -29.11 24.38
N LEU A 880 40.35 -29.70 25.17
CA LEU A 880 40.63 -29.91 26.59
C LEU A 880 41.83 -30.83 26.78
N ALA A 881 41.89 -31.92 26.02
CA ALA A 881 43.01 -32.86 26.13
C ALA A 881 44.32 -32.18 25.76
N GLY A 882 44.30 -31.40 24.68
CA GLY A 882 45.51 -30.69 24.29
C GLY A 882 45.95 -29.71 25.36
N THR A 883 45.01 -28.97 25.94
CA THR A 883 45.37 -28.02 26.98
C THR A 883 45.95 -28.72 28.21
N ILE A 884 45.37 -29.85 28.62
CA ILE A 884 45.88 -30.48 29.84
C ILE A 884 47.26 -31.09 29.57
N THR A 885 47.45 -31.74 28.42
CA THR A 885 48.70 -32.45 28.20
C THR A 885 49.80 -31.53 27.70
N SER A 886 49.58 -30.88 26.57
CA SER A 886 50.65 -30.11 25.95
C SER A 886 50.74 -28.69 26.49
N GLY A 887 49.63 -28.12 26.95
CA GLY A 887 49.62 -26.75 27.42
C GLY A 887 49.29 -25.81 26.28
N TRP A 888 50.16 -24.82 26.06
CA TRP A 888 50.00 -23.87 24.98
C TRP A 888 50.86 -24.21 23.77
N THR A 889 51.60 -25.32 23.81
CA THR A 889 52.49 -25.65 22.71
C THR A 889 51.75 -26.16 21.50
N PHE A 890 50.64 -26.88 21.71
CA PHE A 890 49.90 -27.44 20.59
C PHE A 890 49.18 -26.38 19.78
N GLY A 891 49.04 -25.18 20.31
CA GLY A 891 48.40 -24.10 19.58
C GLY A 891 49.27 -23.32 18.64
N ALA A 892 50.56 -23.67 18.53
CA ALA A 892 51.45 -22.95 17.65
C ALA A 892 52.37 -23.88 16.86
N GLY A 893 52.02 -25.15 16.76
CA GLY A 893 52.83 -26.11 16.04
C GLY A 893 52.56 -27.52 16.50
N PRO A 894 53.63 -28.26 16.81
CA PRO A 894 53.46 -29.62 17.29
C PRO A 894 53.17 -29.65 18.78
N ALA A 895 52.28 -30.56 19.17
CA ALA A 895 52.00 -30.78 20.59
C ALA A 895 53.26 -31.26 21.29
N LEU A 896 53.57 -30.66 22.43
CA LEU A 896 54.76 -30.99 23.21
C LEU A 896 54.32 -31.38 24.62
N GLN A 897 54.67 -32.60 25.03
CA GLN A 897 54.22 -33.08 26.33
C GLN A 897 54.99 -32.39 27.45
N ILE A 898 54.36 -32.34 28.62
CA ILE A 898 54.94 -31.68 29.79
C ILE A 898 54.16 -32.11 31.02
N PRO A 899 54.84 -32.37 32.14
CA PRO A 899 54.13 -32.71 33.37
C PRO A 899 53.20 -31.58 33.81
N PHE A 900 52.09 -31.98 34.42
CA PHE A 900 51.07 -30.99 34.76
C PHE A 900 51.55 -30.03 35.85
N PRO A 901 52.18 -30.49 36.95
CA PRO A 901 52.78 -29.52 37.86
C PRO A 901 53.81 -28.63 37.19
N MET A 902 54.54 -29.13 36.20
CA MET A 902 55.56 -28.30 35.55
C MET A 902 54.91 -27.18 34.77
N GLN A 903 53.82 -27.48 34.05
CA GLN A 903 53.10 -26.45 33.31
C GLN A 903 52.49 -25.42 34.26
N MET A 904 51.93 -25.89 35.38
CA MET A 904 51.41 -24.94 36.37
C MET A 904 52.50 -24.06 36.96
N ALA A 905 53.68 -24.63 37.27
CA ALA A 905 54.76 -23.83 37.80
C ALA A 905 55.22 -22.77 36.80
N TYR A 906 55.33 -23.15 35.52
CA TYR A 906 55.76 -22.16 34.53
C TYR A 906 54.69 -21.10 34.29
N ARG A 907 53.42 -21.49 34.34
CA ARG A 907 52.32 -20.54 34.22
C ARG A 907 52.27 -19.58 35.40
N PHE A 908 52.54 -20.08 36.61
CA PHE A 908 52.68 -19.19 37.76
C PHE A 908 53.85 -18.25 37.57
N ASN A 909 54.98 -18.76 37.08
CA ASN A 909 56.13 -17.90 36.85
C ASN A 909 55.79 -16.84 35.80
N GLY A 910 54.84 -17.13 34.93
CA GLY A 910 54.43 -16.16 33.93
C GLY A 910 53.63 -14.99 34.46
N ILE A 911 53.17 -15.06 35.72
CA ILE A 911 52.39 -13.99 36.31
C ILE A 911 53.10 -13.34 37.47
N GLY A 912 54.38 -13.65 37.67
CA GLY A 912 55.17 -13.00 38.69
C GLY A 912 55.28 -13.74 40.00
N VAL A 913 54.86 -15.01 40.05
CA VAL A 913 54.95 -15.81 41.27
C VAL A 913 55.94 -16.94 41.02
N THR A 914 56.90 -17.10 41.93
CA THR A 914 57.93 -18.11 41.77
C THR A 914 57.33 -19.51 41.88
N GLN A 915 57.98 -20.48 41.23
CA GLN A 915 57.44 -21.82 41.14
C GLN A 915 57.52 -22.58 42.45
N ASN A 916 58.39 -22.16 43.36
CA ASN A 916 58.46 -22.81 44.67
C ASN A 916 57.15 -22.65 45.42
N VAL A 917 56.39 -21.60 45.12
CA VAL A 917 55.08 -21.43 45.74
C VAL A 917 54.18 -22.60 45.39
N LEU A 918 54.11 -22.95 44.11
CA LEU A 918 53.34 -24.12 43.72
C LEU A 918 53.94 -25.40 44.28
N TYR A 919 55.27 -25.55 44.17
CA TYR A 919 55.89 -26.78 44.65
C TYR A 919 55.73 -26.97 46.15
N GLU A 920 55.40 -25.92 46.89
CA GLU A 920 55.14 -26.04 48.31
C GLU A 920 53.66 -26.07 48.67
N ASN A 921 52.78 -25.54 47.82
CA ASN A 921 51.36 -25.51 48.13
C ASN A 921 50.53 -26.26 47.09
N GLN A 922 51.13 -27.28 46.47
CA GLN A 922 50.42 -28.06 45.46
C GLN A 922 49.15 -28.69 46.02
N LYS A 923 49.24 -29.28 47.21
CA LYS A 923 48.07 -29.95 47.78
C LYS A 923 46.96 -28.95 48.05
N LEU A 924 47.30 -27.80 48.63
CA LEU A 924 46.30 -26.78 48.90
C LEU A 924 45.68 -26.25 47.61
N ILE A 925 46.50 -26.05 46.58
CA ILE A 925 45.98 -25.54 45.32
C ILE A 925 45.06 -26.56 44.67
N ALA A 926 45.43 -27.84 44.71
CA ALA A 926 44.58 -28.89 44.16
C ALA A 926 43.27 -28.98 44.92
N ASN A 927 43.31 -28.87 46.24
CA ASN A 927 42.09 -28.91 47.04
C ASN A 927 41.19 -27.74 46.69
N GLN A 928 41.78 -26.55 46.56
CA GLN A 928 41.01 -25.37 46.20
C GLN A 928 40.36 -25.53 44.83
N PHE A 929 41.12 -26.05 43.86
CA PHE A 929 40.58 -26.25 42.52
C PHE A 929 39.44 -27.27 42.53
N ASN A 930 39.61 -28.35 43.29
CA ASN A 930 38.56 -29.37 43.36
C ASN A 930 37.29 -28.79 43.98
N SER A 931 37.45 -28.03 45.07
CA SER A 931 36.30 -27.41 45.71
C SER A 931 35.64 -26.40 44.79
N ALA A 932 36.43 -25.61 44.07
CA ALA A 932 35.88 -24.64 43.14
C ALA A 932 35.10 -25.31 42.02
N ILE A 933 35.62 -26.42 41.50
CA ILE A 933 34.90 -27.15 40.46
C ILE A 933 33.60 -27.70 41.01
N GLY A 934 33.63 -28.26 42.22
CA GLY A 934 32.40 -28.78 42.77
C GLY A 934 31.39 -27.66 42.97
N LYS A 935 31.88 -26.48 43.38
CA LYS A 935 30.95 -25.38 43.55
C LYS A 935 30.41 -24.94 42.20
N ILE A 936 31.17 -25.17 41.13
CA ILE A 936 30.68 -24.79 39.81
C ILE A 936 29.51 -25.69 39.46
N GLN A 937 29.65 -26.97 39.80
CA GLN A 937 28.57 -27.92 39.56
C GLN A 937 27.34 -27.55 40.36
N ASP A 938 27.53 -27.16 41.63
CA ASP A 938 26.41 -26.74 42.45
C ASP A 938 25.76 -25.47 41.90
N SER A 939 26.57 -24.53 41.41
CA SER A 939 26.02 -23.29 40.86
C SER A 939 25.19 -23.58 39.62
N LEU A 940 25.66 -24.47 38.75
CA LEU A 940 24.89 -24.72 37.54
C LEU A 940 23.67 -25.57 37.85
N SER A 941 23.83 -26.57 38.72
CA SER A 941 22.75 -27.48 39.05
C SER A 941 21.65 -26.77 39.82
N SER A 942 21.98 -25.65 40.45
CA SER A 942 21.00 -24.87 41.20
C SER A 942 20.02 -24.20 40.25
N THR A 943 18.94 -23.67 40.82
CA THR A 943 17.85 -23.02 40.11
C THR A 943 18.20 -21.71 39.41
N PRO A 944 18.95 -20.76 40.01
CA PRO A 944 19.12 -19.45 39.35
C PRO A 944 19.90 -19.58 38.06
N SER A 945 19.23 -20.08 37.03
CA SER A 945 19.78 -20.26 35.69
C SER A 945 20.33 -18.95 35.15
N ALA A 946 21.64 -18.89 34.94
CA ALA A 946 22.31 -17.71 34.40
C ALA A 946 22.42 -17.77 32.89
N LEU A 947 21.88 -18.81 32.27
CA LEU A 947 21.95 -18.99 30.81
C LEU A 947 20.80 -18.26 30.11
N GLY A 948 20.67 -16.97 30.44
CA GLY A 948 19.65 -16.16 29.79
C GLY A 948 20.06 -15.69 28.42
N LYS A 949 21.35 -15.52 28.18
CA LYS A 949 21.81 -15.03 26.88
C LYS A 949 21.47 -16.02 25.77
N LEU A 950 21.67 -17.31 26.01
CA LEU A 950 21.32 -18.30 25.00
C LEU A 950 19.82 -18.45 24.85
N GLN A 951 19.07 -18.28 25.94
CA GLN A 951 17.62 -18.43 25.87
C GLN A 951 16.98 -17.25 25.14
N ASP A 952 17.60 -16.08 25.23
CA ASP A 952 17.02 -14.88 24.59
C ASP A 952 16.95 -15.05 23.08
N VAL A 953 17.99 -15.62 22.47
CA VAL A 953 17.99 -15.80 21.02
C VAL A 953 16.87 -16.74 20.60
N VAL A 954 16.72 -17.86 21.32
CA VAL A 954 15.68 -18.81 21.00
C VAL A 954 14.30 -18.18 21.17
N ASN A 955 14.12 -17.44 22.26
CA ASN A 955 12.83 -16.79 22.51
C ASN A 955 12.53 -15.77 21.42
N HIS A 956 13.53 -14.99 21.02
CA HIS A 956 13.33 -13.99 19.98
C HIS A 956 12.95 -14.65 18.66
N ASN A 957 13.65 -15.72 18.29
CA ASN A 957 13.32 -16.40 17.05
C ASN A 957 11.92 -16.98 17.08
N ALA A 958 11.55 -17.61 18.20
CA ALA A 958 10.23 -18.21 18.30
C ALA A 958 9.15 -17.14 18.23
N GLN A 959 9.36 -16.02 18.93
CA GLN A 959 8.36 -14.96 18.94
C GLN A 959 8.24 -14.29 17.59
N ALA A 960 9.37 -14.12 16.89
CA ALA A 960 9.33 -13.55 15.55
C ALA A 960 8.56 -14.46 14.61
N LEU A 961 8.82 -15.76 14.67
CA LEU A 961 8.11 -16.68 13.80
C LEU A 961 6.63 -16.70 14.13
N ASN A 962 6.28 -16.64 15.41
CA ASN A 962 4.88 -16.62 15.79
C ASN A 962 4.18 -15.37 15.29
N THR A 963 4.83 -14.21 15.40
CA THR A 963 4.24 -12.99 14.85
C THR A 963 4.07 -13.08 13.35
N LEU A 964 5.07 -13.59 12.64
CA LEU A 964 4.95 -13.69 11.19
C LEU A 964 3.80 -14.62 10.81
N VAL A 965 3.65 -15.75 11.51
CA VAL A 965 2.58 -16.68 11.15
C VAL A 965 1.23 -16.10 11.55
N LYS A 966 1.18 -15.31 12.61
CA LYS A 966 -0.09 -14.70 12.98
C LYS A 966 -0.44 -13.56 12.05
N GLN A 967 0.56 -13.00 11.36
CA GLN A 967 0.30 -11.90 10.45
C GLN A 967 -0.52 -12.32 9.24
N LEU A 968 -0.68 -13.62 9.01
CA LEU A 968 -1.42 -14.07 7.84
C LEU A 968 -2.90 -13.79 7.96
N SER A 969 -3.38 -13.47 9.15
CA SER A 969 -4.79 -13.20 9.39
C SER A 969 -5.16 -11.75 9.14
N SER A 970 -4.18 -10.90 8.84
CA SER A 970 -4.46 -9.50 8.62
C SER A 970 -5.27 -9.30 7.34
N LYS A 971 -6.25 -8.41 7.43
CA LYS A 971 -7.08 -8.09 6.27
C LYS A 971 -6.37 -7.18 5.27
N PHE A 972 -5.51 -6.28 5.75
CA PHE A 972 -4.79 -5.34 4.90
C PHE A 972 -5.73 -4.47 4.08
N GLY A 973 -6.88 -4.12 4.64
CA GLY A 973 -7.83 -3.28 3.95
C GLY A 973 -8.78 -4.01 3.03
N ALA A 974 -8.57 -5.31 2.81
CA ALA A 974 -9.45 -6.08 1.96
C ALA A 974 -10.70 -6.48 2.72
N ILE A 975 -11.72 -6.94 1.99
CA ILE A 975 -12.95 -7.35 2.65
C ILE A 975 -12.72 -8.62 3.45
N SER A 976 -11.86 -9.52 2.96
CA SER A 976 -11.60 -10.79 3.62
C SER A 976 -10.13 -11.18 3.42
N SER A 977 -9.66 -12.06 4.30
CA SER A 977 -8.28 -12.54 4.30
C SER A 977 -8.10 -13.87 3.57
N VAL A 978 -9.13 -14.42 2.93
CA VAL A 978 -9.03 -15.69 2.24
C VAL A 978 -9.10 -15.48 0.73
N LEU A 979 -8.09 -15.99 0.02
CA LEU A 979 -8.04 -15.83 -1.43
C LEU A 979 -9.15 -16.61 -2.12
N ASN A 980 -9.43 -17.82 -1.64
CA ASN A 980 -10.46 -18.63 -2.29
C ASN A 980 -11.79 -17.94 -2.16
N ASP A 981 -12.04 -17.37 -0.98
CA ASP A 981 -13.26 -16.62 -0.72
C ASP A 981 -13.33 -15.40 -1.61
N ILE A 982 -12.21 -14.69 -1.79
CA ILE A 982 -12.22 -13.52 -2.66
C ILE A 982 -12.56 -13.90 -4.08
N PHE A 983 -11.98 -15.00 -4.59
CA PHE A 983 -12.29 -15.40 -5.96
C PHE A 983 -13.74 -15.85 -6.10
N SER A 984 -14.28 -16.55 -5.10
CA SER A 984 -15.64 -17.05 -5.25
C SER A 984 -16.66 -15.94 -5.10
N ARG A 985 -16.46 -15.03 -4.16
CA ARG A 985 -17.41 -13.97 -3.82
C ARG A 985 -17.22 -12.68 -4.59
N LEU A 986 -16.12 -12.52 -5.37
CA LEU A 986 -15.87 -11.26 -6.04
C LEU A 986 -15.51 -11.48 -7.50
N ASP A 987 -15.87 -10.50 -8.35
CA ASP A 987 -15.45 -10.59 -9.74
C ASP A 987 -13.99 -10.17 -9.92
N PRO A 988 -13.37 -10.60 -11.02
CA PRO A 988 -11.95 -10.29 -11.24
C PRO A 988 -11.64 -8.80 -11.25
N PRO A 989 -12.46 -7.94 -11.89
CA PRO A 989 -12.02 -6.55 -12.10
C PRO A 989 -11.52 -5.83 -10.86
N GLU A 990 -12.18 -6.03 -9.72
CA GLU A 990 -11.69 -5.52 -8.45
C GLU A 990 -11.00 -6.58 -7.60
N ALA A 991 -11.22 -7.87 -7.86
CA ALA A 991 -10.46 -8.89 -7.13
C ALA A 991 -8.98 -8.73 -7.39
N GLU A 992 -8.61 -8.21 -8.56
CA GLU A 992 -7.21 -7.98 -8.88
C GLU A 992 -6.57 -7.04 -7.88
N VAL A 993 -7.18 -5.86 -7.66
CA VAL A 993 -6.60 -4.92 -6.70
C VAL A 993 -6.75 -5.43 -5.28
N GLN A 994 -7.81 -6.17 -4.97
CA GLN A 994 -7.96 -6.70 -3.62
C GLN A 994 -6.81 -7.63 -3.27
N ILE A 995 -6.43 -8.48 -4.22
CA ILE A 995 -5.29 -9.34 -3.94
C ILE A 995 -4.00 -8.57 -4.10
N ASP A 996 -3.95 -7.52 -4.91
CA ASP A 996 -2.70 -6.79 -5.01
C ASP A 996 -2.39 -6.17 -3.66
N ARG A 997 -3.42 -5.63 -3.00
CA ARG A 997 -3.27 -5.08 -1.66
C ARG A 997 -2.83 -6.15 -0.68
N LEU A 998 -3.43 -7.34 -0.77
CA LEU A 998 -3.02 -8.42 0.12
C LEU A 998 -1.56 -8.82 -0.10
N ILE A 999 -1.14 -8.89 -1.37
CA ILE A 999 0.24 -9.22 -1.71
C ILE A 999 1.18 -8.18 -1.15
N THR A 1000 0.83 -6.89 -1.31
CA THR A 1000 1.69 -5.84 -0.80
C THR A 1000 1.84 -5.93 0.72
N GLY A 1001 0.72 -6.15 1.43
CA GLY A 1001 0.84 -6.25 2.88
C GLY A 1001 1.71 -7.41 3.31
N ARG A 1002 1.51 -8.58 2.71
CA ARG A 1002 2.30 -9.74 3.10
C ARG A 1002 3.75 -9.62 2.69
N LEU A 1003 4.03 -9.03 1.52
CA LEU A 1003 5.41 -8.80 1.11
C LEU A 1003 6.11 -7.84 2.07
N GLN A 1004 5.39 -6.81 2.51
CA GLN A 1004 5.96 -5.90 3.50
C GLN A 1004 6.30 -6.66 4.77
N SER A 1005 5.40 -7.57 5.18
CA SER A 1005 5.70 -8.36 6.37
C SER A 1005 6.94 -9.21 6.18
N LEU A 1006 7.08 -9.86 5.02
CA LEU A 1006 8.28 -10.67 4.78
C LEU A 1006 9.55 -9.82 4.77
N GLN A 1007 9.52 -8.65 4.13
CA GLN A 1007 10.72 -7.82 4.11
C GLN A 1007 11.07 -7.38 5.52
N THR A 1008 10.08 -7.00 6.33
CA THR A 1008 10.38 -6.62 7.71
C THR A 1008 11.01 -7.78 8.46
N TYR A 1009 10.46 -8.99 8.30
CA TYR A 1009 11.03 -10.14 8.97
C TYR A 1009 12.46 -10.42 8.52
N VAL A 1010 12.71 -10.32 7.21
CA VAL A 1010 14.05 -10.57 6.70
C VAL A 1010 15.02 -9.54 7.27
N THR A 1011 14.60 -8.27 7.34
CA THR A 1011 15.47 -7.24 7.88
C THR A 1011 15.77 -7.52 9.35
N GLN A 1012 14.77 -7.95 10.12
CA GLN A 1012 15.02 -8.28 11.51
C GLN A 1012 15.99 -9.45 11.63
N GLN A 1013 15.79 -10.47 10.79
CA GLN A 1013 16.71 -11.61 10.84
C GLN A 1013 18.14 -11.22 10.47
N LEU A 1014 18.31 -10.39 9.43
CA LEU A 1014 19.66 -9.96 9.08
C LEU A 1014 20.31 -9.15 10.20
N ILE A 1015 19.56 -8.26 10.85
CA ILE A 1015 20.16 -7.48 11.93
C ILE A 1015 20.54 -8.41 13.08
N ARG A 1016 19.66 -9.35 13.43
CA ARG A 1016 20.04 -10.24 14.52
C ARG A 1016 21.23 -11.08 14.09
N ALA A 1017 21.31 -11.43 12.81
CA ALA A 1017 22.43 -12.23 12.35
C ALA A 1017 23.72 -11.45 12.55
N ALA A 1018 23.67 -10.15 12.29
CA ALA A 1018 24.86 -9.32 12.45
C ALA A 1018 25.29 -9.25 13.90
N GLU A 1019 24.35 -9.03 14.82
CA GLU A 1019 24.72 -9.01 16.24
C GLU A 1019 25.26 -10.36 16.70
N ILE A 1020 24.61 -11.45 16.30
CA ILE A 1020 25.09 -12.78 16.68
C ILE A 1020 26.48 -13.03 16.13
N ARG A 1021 26.73 -12.59 14.88
CA ARG A 1021 28.05 -12.78 14.30
C ARG A 1021 29.09 -11.98 15.07
N ALA A 1022 28.73 -10.78 15.49
CA ALA A 1022 29.67 -10.00 16.29
C ALA A 1022 29.96 -10.71 17.60
N SER A 1023 28.93 -11.28 18.23
CA SER A 1023 29.13 -12.05 19.44
C SER A 1023 30.02 -13.25 19.19
N ALA A 1024 29.84 -13.90 18.03
CA ALA A 1024 30.67 -15.03 17.66
C ALA A 1024 32.12 -14.61 17.49
N ASN A 1025 32.34 -13.44 16.89
CA ASN A 1025 33.70 -12.95 16.74
C ASN A 1025 34.34 -12.70 18.10
N LEU A 1026 33.59 -12.13 19.03
CA LEU A 1026 34.13 -11.94 20.38
C LEU A 1026 34.43 -13.29 21.03
N ALA A 1027 33.55 -14.27 20.84
CA ALA A 1027 33.77 -15.60 21.40
C ALA A 1027 35.02 -16.23 20.80
N ALA A 1028 35.22 -16.07 19.51
CA ALA A 1028 36.41 -16.60 18.87
C ALA A 1028 37.65 -15.93 19.45
N THR A 1029 37.59 -14.62 19.65
CA THR A 1029 38.74 -13.97 20.25
C THR A 1029 39.01 -14.51 21.65
N LYS A 1030 37.95 -14.70 22.45
CA LYS A 1030 38.16 -15.23 23.79
C LYS A 1030 38.72 -16.65 23.79
N MET A 1031 38.22 -17.53 22.92
CA MET A 1031 38.79 -18.89 22.85
C MET A 1031 40.26 -18.80 22.51
N SER A 1032 40.60 -18.07 21.44
CA SER A 1032 41.98 -18.04 20.98
C SER A 1032 42.91 -17.41 22.02
N GLU A 1033 42.42 -16.44 22.80
CA GLU A 1033 43.32 -15.73 23.71
C GLU A 1033 43.34 -16.29 25.12
N CYS A 1034 42.31 -17.02 25.54
CA CYS A 1034 42.29 -17.60 26.88
C CYS A 1034 42.47 -19.10 26.90
N VAL A 1035 41.94 -19.80 25.90
CA VAL A 1035 42.04 -21.25 25.87
C VAL A 1035 43.37 -21.70 25.28
N LEU A 1036 43.79 -21.06 24.19
CA LEU A 1036 45.00 -21.47 23.50
C LEU A 1036 46.26 -20.89 24.12
N GLY A 1037 46.13 -20.06 25.14
CA GLY A 1037 47.29 -19.47 25.76
C GLY A 1037 46.90 -18.82 27.07
N GLN A 1038 47.82 -18.02 27.60
CA GLN A 1038 47.62 -17.28 28.84
C GLN A 1038 47.56 -15.80 28.50
N SER A 1039 46.57 -15.10 29.05
CA SER A 1039 46.30 -13.72 28.68
C SER A 1039 46.73 -12.78 29.80
N LYS A 1040 47.45 -11.72 29.44
CA LYS A 1040 47.85 -10.69 30.37
C LYS A 1040 46.84 -9.55 30.45
N ARG A 1041 45.83 -9.56 29.59
CA ARG A 1041 44.83 -8.50 29.59
C ARG A 1041 43.97 -8.57 30.85
N VAL A 1042 43.64 -7.40 31.39
CA VAL A 1042 42.93 -7.32 32.66
C VAL A 1042 41.44 -7.53 32.41
N ASP A 1043 40.83 -8.42 33.21
CA ASP A 1043 39.39 -8.66 33.18
C ASP A 1043 38.93 -9.11 31.80
N PHE A 1044 39.79 -9.82 31.08
CA PHE A 1044 39.44 -10.38 29.79
C PHE A 1044 39.04 -11.85 29.89
N CYS A 1045 39.88 -12.66 30.51
CA CYS A 1045 39.58 -14.07 30.77
C CYS A 1045 39.33 -14.21 32.27
N GLY A 1046 38.09 -13.98 32.69
CA GLY A 1046 37.76 -14.03 34.09
C GLY A 1046 38.13 -12.77 34.82
N LYS A 1047 37.91 -12.80 36.14
CA LYS A 1047 38.19 -11.69 37.03
C LYS A 1047 39.33 -12.06 37.95
N GLY A 1048 40.38 -11.24 37.97
CA GLY A 1048 41.58 -11.50 38.73
C GLY A 1048 42.78 -11.66 37.82
N TYR A 1049 43.71 -12.52 38.24
CA TYR A 1049 44.90 -12.82 37.44
C TYR A 1049 44.64 -14.14 36.71
N HIS A 1050 44.52 -14.05 35.39
CA HIS A 1050 44.14 -15.22 34.59
C HIS A 1050 45.25 -16.26 34.56
N LEU A 1051 44.83 -17.53 34.63
CA LEU A 1051 45.72 -18.68 34.48
C LEU A 1051 45.36 -19.50 33.25
N MET A 1052 44.12 -19.98 33.13
CA MET A 1052 43.71 -20.75 31.97
C MET A 1052 42.19 -20.71 31.93
N SER A 1053 41.65 -21.20 30.82
CA SER A 1053 40.22 -21.20 30.59
C SER A 1053 39.86 -22.57 30.03
N PHE A 1054 38.61 -22.97 30.20
CA PHE A 1054 38.19 -24.25 29.69
C PHE A 1054 36.90 -24.08 28.88
N PRO A 1055 36.85 -24.59 27.66
CA PRO A 1055 35.65 -24.48 26.85
C PRO A 1055 34.70 -25.65 27.05
N GLN A 1056 33.41 -25.32 26.99
CA GLN A 1056 32.34 -26.30 27.02
C GLN A 1056 31.32 -25.90 25.98
N SER A 1057 30.69 -26.90 25.36
CA SER A 1057 29.77 -26.64 24.28
C SER A 1057 28.36 -26.48 24.82
N ALA A 1058 27.63 -25.54 24.25
CA ALA A 1058 26.25 -25.23 24.61
C ALA A 1058 25.42 -25.09 23.35
N PRO A 1059 24.11 -25.30 23.45
CA PRO A 1059 23.25 -25.17 22.26
C PRO A 1059 23.30 -23.75 21.74
N HIS A 1060 23.81 -23.60 20.52
CA HIS A 1060 23.97 -22.30 19.88
C HIS A 1060 24.83 -21.37 20.74
N GLY A 1061 25.87 -21.91 21.34
CA GLY A 1061 26.72 -21.10 22.20
C GLY A 1061 27.88 -21.89 22.74
N VAL A 1062 28.62 -21.26 23.64
CA VAL A 1062 29.81 -21.84 24.25
C VAL A 1062 29.94 -21.33 25.67
N VAL A 1063 30.53 -22.14 26.55
CA VAL A 1063 30.69 -21.79 27.95
C VAL A 1063 32.16 -21.92 28.31
N PHE A 1064 32.69 -20.90 28.97
CA PHE A 1064 34.08 -20.88 29.41
C PHE A 1064 34.16 -20.94 30.93
N LEU A 1065 35.14 -21.68 31.43
CA LEU A 1065 35.43 -21.75 32.85
C LEU A 1065 36.79 -21.10 33.07
N HIS A 1066 36.80 -19.94 33.71
CA HIS A 1066 38.02 -19.17 33.91
C HIS A 1066 38.57 -19.42 35.31
N VAL A 1067 39.85 -19.80 35.37
CA VAL A 1067 40.55 -19.99 36.64
C VAL A 1067 41.43 -18.78 36.85
N THR A 1068 41.31 -18.16 38.02
CA THR A 1068 41.97 -16.90 38.30
C THR A 1068 42.70 -16.99 39.63
N TYR A 1069 43.57 -16.01 39.84
CA TYR A 1069 44.40 -15.92 41.05
C TYR A 1069 44.00 -14.68 41.82
N VAL A 1070 43.62 -14.88 43.09
CA VAL A 1070 43.12 -13.81 43.95
C VAL A 1070 44.01 -13.80 45.19
N PRO A 1071 44.68 -12.69 45.48
CA PRO A 1071 45.48 -12.61 46.70
C PRO A 1071 44.61 -12.48 47.94
N ALA A 1072 45.20 -12.81 49.09
CA ALA A 1072 44.49 -12.74 50.35
C ALA A 1072 45.50 -12.64 51.49
N GLN A 1073 44.98 -12.26 52.66
CA GLN A 1073 45.73 -12.19 53.90
C GLN A 1073 46.92 -11.23 53.81
N GLU A 1074 46.61 -9.95 53.61
CA GLU A 1074 47.63 -8.92 53.54
C GLU A 1074 48.10 -8.52 54.95
N LYS A 1075 49.23 -7.80 55.00
CA LYS A 1075 49.85 -7.37 56.25
C LYS A 1075 50.46 -5.98 56.06
N ASN A 1076 50.72 -5.30 57.18
CA ASN A 1076 51.26 -3.95 57.16
C ASN A 1076 52.78 -3.97 57.17
N PHE A 1077 53.39 -3.11 56.35
CA PHE A 1077 54.84 -3.00 56.30
C PHE A 1077 55.29 -1.58 56.00
N THR A 1078 56.53 -1.32 56.37
CA THR A 1078 57.23 -0.08 56.05
C THR A 1078 58.12 -0.31 54.85
N THR A 1079 58.12 0.63 53.91
CA THR A 1079 58.83 0.43 52.66
C THR A 1079 59.76 1.60 52.37
N ALA A 1080 60.77 1.33 51.55
CA ALA A 1080 61.73 2.33 51.13
C ALA A 1080 62.04 2.14 49.65
N PRO A 1081 62.38 3.22 48.95
CA PRO A 1081 62.67 3.10 47.51
C PRO A 1081 64.07 2.55 47.27
N ALA A 1082 65.01 2.89 48.14
CA ALA A 1082 66.41 2.50 47.99
C ALA A 1082 67.04 2.40 49.37
N ILE A 1083 68.20 1.77 49.41
CA ILE A 1083 68.93 1.54 50.64
C ILE A 1083 70.37 2.00 50.45
N CYS A 1084 70.88 2.79 51.39
CA CYS A 1084 72.23 3.32 51.34
C CYS A 1084 73.11 2.53 52.30
N HIS A 1085 74.24 2.04 51.81
CA HIS A 1085 75.14 1.22 52.59
C HIS A 1085 76.48 1.90 52.86
N ASP A 1086 77.20 2.29 51.81
CA ASP A 1086 78.54 2.86 51.92
C ASP A 1086 78.64 4.09 51.04
N GLY A 1087 77.66 4.98 51.14
CA GLY A 1087 77.58 6.12 50.25
C GLY A 1087 77.06 5.78 48.88
N LYS A 1088 76.42 4.62 48.75
CA LYS A 1088 75.88 4.16 47.48
C LYS A 1088 74.44 3.72 47.70
N ALA A 1089 73.61 3.90 46.67
CA ALA A 1089 72.20 3.55 46.74
C ALA A 1089 71.98 2.18 46.14
N HIS A 1090 71.26 1.33 46.87
CA HIS A 1090 70.96 -0.03 46.42
C HIS A 1090 69.47 -0.17 46.19
N PHE A 1091 69.11 -0.66 45.02
CA PHE A 1091 67.72 -0.89 44.62
C PHE A 1091 67.49 -2.38 44.43
N PRO A 1092 66.29 -2.89 44.73
CA PRO A 1092 66.03 -4.32 44.54
C PRO A 1092 66.02 -4.70 43.07
N ARG A 1093 66.31 -5.99 42.83
CA ARG A 1093 66.34 -6.51 41.47
C ARG A 1093 64.96 -6.92 40.98
N GLU A 1094 64.30 -7.84 41.68
CA GLU A 1094 62.97 -8.29 41.24
C GLU A 1094 62.04 -8.41 42.44
N GLY A 1095 62.08 -7.41 43.30
CA GLY A 1095 61.26 -7.42 44.49
C GLY A 1095 61.08 -6.02 45.03
N VAL A 1096 60.55 -5.94 46.25
CA VAL A 1096 60.33 -4.68 46.93
C VAL A 1096 60.95 -4.77 48.31
N PHE A 1097 61.21 -3.61 48.91
CA PHE A 1097 61.71 -3.57 50.28
C PHE A 1097 60.55 -3.25 51.22
N VAL A 1098 60.31 -4.12 52.18
CA VAL A 1098 59.23 -3.91 53.14
C VAL A 1098 59.80 -4.19 54.53
N SER A 1099 59.16 -3.62 55.54
CA SER A 1099 59.63 -3.89 56.89
C SER A 1099 58.51 -4.07 57.89
N ASN A 1100 58.66 -5.07 58.77
CA ASN A 1100 57.76 -5.33 59.89
C ASN A 1100 58.33 -4.66 61.13
N GLY A 1101 59.40 -3.88 60.96
CA GLY A 1101 60.10 -3.12 61.97
C GLY A 1101 61.62 -3.19 62.04
N THR A 1102 62.16 -3.72 63.14
CA THR A 1102 63.61 -3.82 63.38
C THR A 1102 64.53 -4.06 62.17
N HIS A 1103 64.23 -5.03 61.32
CA HIS A 1103 65.12 -5.43 60.23
C HIS A 1103 64.62 -4.96 58.87
N TRP A 1104 65.48 -5.11 57.86
CA TRP A 1104 65.08 -4.77 56.51
C TRP A 1104 65.23 -5.99 55.63
N PHE A 1105 64.24 -6.24 54.77
CA PHE A 1105 64.27 -7.38 53.87
C PHE A 1105 63.83 -7.00 52.47
N VAL A 1106 63.99 -7.95 51.56
CA VAL A 1106 63.53 -7.85 50.18
C VAL A 1106 62.69 -9.07 49.87
N THR A 1107 61.55 -8.84 49.22
CA THR A 1107 60.59 -9.89 48.94
C THR A 1107 59.89 -9.58 47.62
N GLN A 1108 59.31 -10.60 47.01
CA GLN A 1108 58.56 -10.38 45.80
C GLN A 1108 57.30 -9.58 46.10
N ARG A 1109 56.77 -8.92 45.08
CA ARG A 1109 55.71 -7.94 45.26
C ARG A 1109 54.33 -8.55 45.37
N ASN A 1110 54.16 -9.84 45.07
CA ASN A 1110 52.86 -10.46 45.07
C ASN A 1110 52.71 -11.55 46.11
N PHE A 1111 53.71 -11.77 46.95
CA PHE A 1111 53.66 -12.80 47.98
C PHE A 1111 54.73 -12.50 49.01
N TYR A 1112 54.36 -12.54 50.27
CA TYR A 1112 55.30 -12.21 51.34
C TYR A 1112 56.32 -13.31 51.51
N GLU A 1113 57.57 -13.02 51.19
CA GLU A 1113 58.68 -13.96 51.35
C GLU A 1113 59.93 -13.16 51.62
N PRO A 1114 60.14 -12.75 52.87
CA PRO A 1114 61.27 -11.88 53.18
C PRO A 1114 62.60 -12.61 52.99
N GLN A 1115 63.61 -11.84 52.63
CA GLN A 1115 64.94 -12.40 52.44
C GLN A 1115 65.96 -11.36 52.86
N ILE A 1116 67.16 -11.84 53.18
CA ILE A 1116 68.21 -10.95 53.63
C ILE A 1116 68.72 -10.13 52.45
N ILE A 1117 68.96 -8.85 52.69
CA ILE A 1117 69.46 -7.98 51.63
C ILE A 1117 70.91 -8.34 51.36
N THR A 1118 71.21 -8.73 50.13
CA THR A 1118 72.54 -9.20 49.77
C THR A 1118 72.94 -8.56 48.46
N THR A 1119 74.26 -8.49 48.25
CA THR A 1119 74.79 -7.81 47.07
C THR A 1119 74.33 -8.44 45.77
N ASP A 1120 73.92 -9.70 45.80
CA ASP A 1120 73.38 -10.35 44.60
C ASP A 1120 71.91 -10.03 44.39
N ASN A 1121 71.22 -9.47 45.39
CA ASN A 1121 69.83 -9.08 45.19
C ASN A 1121 69.67 -7.65 44.71
N THR A 1122 70.69 -6.82 44.85
CA THR A 1122 70.60 -5.41 44.50
C THR A 1122 71.76 -5.02 43.61
N PHE A 1123 71.57 -3.93 42.86
CA PHE A 1123 72.62 -3.34 42.05
C PHE A 1123 72.72 -1.87 42.39
N VAL A 1124 73.92 -1.32 42.24
CA VAL A 1124 74.24 0.02 42.68
C VAL A 1124 74.15 0.97 41.49
N SER A 1125 73.49 2.11 41.70
CA SER A 1125 73.34 3.13 40.67
C SER A 1125 73.14 4.46 41.39
N GLY A 1126 74.19 5.26 41.40
CA GLY A 1126 74.15 6.60 41.95
C GLY A 1126 74.62 6.67 43.39
N ASN A 1127 74.30 7.78 44.04
CA ASN A 1127 74.67 8.02 45.43
C ASN A 1127 73.43 8.16 46.29
N CYS A 1128 73.65 8.52 47.56
CA CYS A 1128 72.59 8.54 48.57
C CYS A 1128 72.05 9.93 48.82
N ASP A 1129 71.99 10.78 47.79
CA ASP A 1129 71.46 12.13 47.95
C ASP A 1129 70.62 12.55 46.74
N VAL A 1130 69.99 11.59 46.06
CA VAL A 1130 69.17 11.91 44.91
C VAL A 1130 67.82 11.21 45.02
N VAL A 1131 67.69 10.33 46.01
CA VAL A 1131 66.48 9.54 46.21
C VAL A 1131 65.73 10.09 47.40
N ILE A 1132 64.42 10.32 47.22
CA ILE A 1132 63.58 10.86 48.29
C ILE A 1132 63.02 9.67 49.06
N GLY A 1133 63.59 9.42 50.22
CA GLY A 1133 63.14 8.37 51.10
C GLY A 1133 64.14 7.24 51.31
N ILE A 1134 65.40 7.44 50.95
CA ILE A 1134 66.41 6.41 51.13
C ILE A 1134 66.61 6.13 52.62
N VAL A 1135 67.02 4.90 52.93
CA VAL A 1135 67.17 4.44 54.30
C VAL A 1135 68.56 3.85 54.44
N ASN A 1136 69.27 4.25 55.50
CA ASN A 1136 70.59 3.70 55.75
C ASN A 1136 70.44 2.25 56.18
N ASN A 1137 71.26 1.38 55.62
CA ASN A 1137 71.27 -0.02 56.03
C ASN A 1137 72.54 -0.66 55.51
N THR A 1138 72.62 -1.97 55.62
CA THR A 1138 73.76 -2.74 55.16
C THR A 1138 73.30 -3.81 54.20
N VAL A 1139 74.15 -4.12 53.23
CA VAL A 1139 73.85 -5.12 52.22
C VAL A 1139 74.88 -6.22 52.40
N TYR A 1140 74.42 -7.44 52.63
CA TYR A 1140 75.36 -8.52 52.89
C TYR A 1140 76.10 -8.95 51.63
N ASP A 1141 77.38 -9.27 51.82
CA ASP A 1141 78.28 -9.78 50.79
C ASP A 1141 78.53 -11.25 51.06
N PRO A 1142 78.13 -12.16 50.17
CA PRO A 1142 78.24 -13.59 50.44
C PRO A 1142 79.61 -14.21 50.17
N LEU A 1143 80.68 -13.43 50.01
CA LEU A 1143 81.95 -14.05 49.64
C LEU A 1143 83.17 -13.78 50.52
N GLN A 1144 83.30 -12.60 51.15
CA GLN A 1144 84.58 -12.30 51.81
C GLN A 1144 84.76 -13.11 53.10
N PRO A 1145 83.84 -13.06 54.09
CA PRO A 1145 84.18 -13.60 55.42
C PRO A 1145 84.36 -15.11 55.41
N GLU A 1146 83.45 -15.85 54.77
CA GLU A 1146 83.55 -17.30 54.86
C GLU A 1146 84.52 -17.84 53.81
N LEU A 1147 84.48 -17.30 52.60
CA LEU A 1147 85.47 -17.65 51.57
C LEU A 1147 86.61 -16.63 51.60
N ASP A 1148 87.29 -16.58 52.75
CA ASP A 1148 88.44 -15.69 52.95
C ASP A 1148 89.77 -16.38 52.67
N SER A 1149 89.77 -17.64 52.27
CA SER A 1149 91.00 -18.35 51.99
C SER A 1149 91.63 -17.86 50.69
N THR B 19 -2.98 67.10 -25.32
CA THR B 19 -2.06 67.74 -26.25
C THR B 19 -1.32 66.72 -27.11
N THR B 20 -0.69 67.22 -28.18
CA THR B 20 0.08 66.36 -29.09
C THR B 20 1.50 66.20 -28.55
N ARG B 21 1.59 65.56 -27.40
CA ARG B 21 2.88 65.36 -26.75
C ARG B 21 3.63 64.19 -27.39
N THR B 22 4.93 64.11 -27.07
CA THR B 22 5.80 63.07 -27.56
C THR B 22 5.75 61.81 -26.69
N GLN B 23 6.51 60.80 -27.11
CA GLN B 23 6.61 59.52 -26.43
C GLN B 23 7.72 59.57 -25.39
N LEU B 24 7.74 58.58 -24.50
CA LEU B 24 8.77 58.51 -23.47
C LEU B 24 9.43 57.14 -23.42
N PRO B 25 10.75 57.08 -23.35
CA PRO B 25 11.45 55.79 -23.29
C PRO B 25 11.52 55.27 -21.87
N PRO B 26 10.92 54.11 -21.59
CA PRO B 26 10.95 53.58 -20.22
C PRO B 26 12.29 52.92 -19.93
N ALA B 27 12.92 53.35 -18.83
CA ALA B 27 14.16 52.76 -18.36
C ALA B 27 13.87 51.71 -17.29
N TYR B 28 14.93 51.22 -16.64
CA TYR B 28 14.82 50.18 -15.64
C TYR B 28 15.67 50.53 -14.43
N THR B 29 15.31 49.97 -13.28
CA THR B 29 16.05 50.13 -12.05
C THR B 29 16.03 48.79 -11.32
N ASN B 30 16.98 48.60 -10.41
CA ASN B 30 17.11 47.33 -9.72
C ASN B 30 16.08 47.21 -8.60
N SER B 31 15.43 46.04 -8.53
CA SER B 31 14.40 45.82 -7.54
C SER B 31 14.98 45.57 -6.15
N PHE B 32 16.21 45.09 -6.08
CA PHE B 32 16.86 44.77 -4.80
C PHE B 32 16.03 43.68 -4.11
N THR B 33 16.03 43.66 -2.78
CA THR B 33 15.33 42.64 -2.02
C THR B 33 14.00 43.26 -1.58
N ARG B 34 13.06 43.31 -2.51
CA ARG B 34 11.73 43.85 -2.29
C ARG B 34 10.67 42.95 -2.91
N GLY B 35 9.46 43.08 -2.38
CA GLY B 35 8.30 42.35 -2.85
C GLY B 35 8.05 41.08 -2.08
N VAL B 36 8.02 41.21 -0.75
CA VAL B 36 7.77 40.10 0.17
C VAL B 36 6.48 40.39 0.92
N TYR B 37 5.56 39.45 0.88
CA TYR B 37 4.27 39.61 1.55
C TYR B 37 3.95 38.36 2.35
N TYR B 38 3.05 38.50 3.31
CA TYR B 38 2.67 37.36 4.12
C TYR B 38 1.87 36.40 3.26
N PRO B 39 2.33 35.17 3.06
CA PRO B 39 1.61 34.29 2.13
C PRO B 39 0.41 33.63 2.76
N ASP B 40 0.49 33.33 4.06
CA ASP B 40 -0.54 32.61 4.77
C ASP B 40 -1.11 33.43 5.91
N LYS B 41 -2.34 33.08 6.30
CA LYS B 41 -3.10 33.85 7.26
C LYS B 41 -2.68 33.53 8.70
N VAL B 42 -2.00 32.40 8.90
CA VAL B 42 -1.67 31.93 10.24
C VAL B 42 -0.49 32.73 10.78
N PHE B 43 -0.19 32.56 12.06
CA PHE B 43 0.92 33.20 12.74
C PHE B 43 2.01 32.19 13.06
N ARG B 44 3.25 32.55 12.74
CA ARG B 44 4.39 31.72 13.06
C ARG B 44 5.49 32.63 13.61
N SER B 45 6.24 32.11 14.58
CA SER B 45 7.29 32.87 15.23
C SER B 45 8.56 32.05 15.34
N SER B 46 9.69 32.68 15.02
CA SER B 46 11.04 32.11 15.17
C SER B 46 11.28 30.92 14.25
N VAL B 47 10.33 30.54 13.42
CA VAL B 47 10.49 29.40 12.52
C VAL B 47 11.04 29.90 11.20
N LEU B 48 11.59 28.98 10.41
CA LEU B 48 12.10 29.24 9.07
C LEU B 48 11.24 28.43 8.09
N HIS B 49 10.13 29.03 7.68
CA HIS B 49 9.16 28.37 6.81
C HIS B 49 9.52 28.59 5.34
N SER B 50 9.22 27.59 4.53
CA SER B 50 9.44 27.62 3.09
C SER B 50 8.12 27.44 2.36
N THR B 51 7.85 28.33 1.41
CA THR B 51 6.61 28.31 0.64
C THR B 51 6.90 28.47 -0.84
N GLN B 52 5.95 28.02 -1.65
CA GLN B 52 6.03 28.04 -3.11
C GLN B 52 4.84 28.84 -3.60
N ASP B 53 4.99 30.17 -3.61
CA ASP B 53 3.94 31.06 -4.10
C ASP B 53 4.46 31.98 -5.21
N LEU B 54 3.63 32.95 -5.58
CA LEU B 54 4.01 33.97 -6.54
C LEU B 54 4.93 34.99 -5.86
N PHE B 55 6.07 35.29 -6.48
CA PHE B 55 6.99 36.21 -5.83
C PHE B 55 7.79 37.01 -6.85
N LEU B 56 8.34 38.13 -6.37
CA LEU B 56 9.24 38.95 -7.16
C LEU B 56 10.69 38.53 -6.93
N PRO B 57 11.39 38.04 -7.95
CA PRO B 57 12.79 37.62 -7.74
C PRO B 57 13.66 38.80 -7.32
N PHE B 58 14.62 38.52 -6.46
CA PHE B 58 15.54 39.56 -5.99
C PHE B 58 16.45 40.03 -7.11
N PHE B 59 16.77 41.33 -7.08
CA PHE B 59 17.68 41.94 -8.04
C PHE B 59 17.19 41.75 -9.48
N SER B 60 16.02 42.34 -9.75
CA SER B 60 15.37 42.28 -11.04
C SER B 60 15.13 43.69 -11.55
N ASN B 61 14.92 43.80 -12.86
CA ASN B 61 14.70 45.10 -13.47
C ASN B 61 13.25 45.51 -13.30
N VAL B 62 13.05 46.75 -12.86
CA VAL B 62 11.72 47.34 -12.69
C VAL B 62 11.73 48.74 -13.29
N THR B 63 10.66 49.07 -14.01
CA THR B 63 10.54 50.41 -14.59
C THR B 63 10.30 51.44 -13.49
N TRP B 64 10.75 52.67 -13.72
CA TRP B 64 10.67 53.75 -12.76
C TRP B 64 10.03 54.98 -13.40
N PHE B 65 8.89 54.77 -14.05
CA PHE B 65 8.10 55.84 -14.66
C PHE B 65 7.98 57.06 -13.76
N HIS B 66 8.42 58.20 -14.28
CA HIS B 66 8.55 59.43 -13.50
C HIS B 66 7.31 60.28 -13.75
N VAL B 67 6.70 60.78 -12.68
CA VAL B 67 5.54 61.67 -12.79
C VAL B 67 6.04 63.10 -12.60
N ILE B 68 6.36 63.77 -13.72
CA ILE B 68 6.88 65.12 -13.69
C ILE B 68 6.10 65.98 -14.67
N SER B 71 6.11 67.30 -14.43
CA SER B 71 5.50 68.27 -15.32
C SER B 71 6.40 68.47 -16.53
N GLY B 72 6.15 67.71 -17.59
CA GLY B 72 7.03 67.77 -18.75
C GLY B 72 6.90 69.09 -19.49
N THR B 73 8.05 69.59 -19.97
CA THR B 73 8.12 70.80 -20.79
C THR B 73 7.52 72.00 -20.07
N ASN B 74 7.59 71.99 -18.73
CA ASN B 74 7.14 73.11 -17.89
C ASN B 74 5.71 73.53 -18.22
N GLY B 75 4.78 72.60 -18.00
CA GLY B 75 3.37 72.86 -18.20
C GLY B 75 2.72 72.11 -19.34
N THR B 76 3.40 71.13 -19.93
CA THR B 76 2.85 70.32 -21.00
C THR B 76 2.49 68.95 -20.46
N LYS B 77 1.32 68.45 -20.85
CA LYS B 77 0.82 67.19 -20.32
C LYS B 77 1.72 66.03 -20.74
N ARG B 78 1.84 65.07 -19.82
CA ARG B 78 2.57 63.82 -20.01
C ARG B 78 1.60 62.67 -19.79
N PHE B 79 1.33 61.91 -20.84
CA PHE B 79 0.45 60.74 -20.71
C PHE B 79 1.27 59.47 -20.46
N ASP B 80 2.09 59.52 -19.41
CA ASP B 80 2.95 58.37 -19.12
C ASP B 80 2.11 57.27 -18.46
N ASN B 81 1.15 56.79 -19.24
CA ASN B 81 0.20 55.75 -18.84
C ASN B 81 0.22 54.67 -19.91
N PRO B 82 1.29 53.88 -19.96
CA PRO B 82 1.33 52.81 -20.97
C PRO B 82 0.33 51.71 -20.62
N VAL B 83 -0.04 50.94 -21.63
CA VAL B 83 -0.98 49.83 -21.44
C VAL B 83 -0.14 48.63 -21.05
N LEU B 84 0.18 48.58 -19.76
CA LEU B 84 0.98 47.48 -19.25
C LEU B 84 0.15 46.22 -19.12
N PRO B 85 0.64 45.07 -19.57
CA PRO B 85 -0.11 43.83 -19.38
C PRO B 85 -0.24 43.53 -17.91
N PHE B 86 -1.38 42.98 -17.50
CA PHE B 86 -1.54 42.66 -16.08
C PHE B 86 -0.76 41.40 -15.73
N ASN B 87 -0.70 40.43 -16.64
CA ASN B 87 -0.05 39.14 -16.44
C ASN B 87 -0.58 38.41 -15.22
N ASP B 88 0.25 38.27 -14.19
CA ASP B 88 -0.12 37.55 -12.99
C ASP B 88 -0.08 38.37 -11.71
N GLY B 89 0.62 39.50 -11.71
CA GLY B 89 0.72 40.32 -10.51
C GLY B 89 1.48 41.59 -10.80
N VAL B 90 1.36 42.53 -9.88
CA VAL B 90 2.00 43.83 -10.00
C VAL B 90 2.60 44.21 -8.66
N TYR B 91 3.79 44.83 -8.70
CA TYR B 91 4.43 45.32 -7.49
C TYR B 91 4.48 46.83 -7.54
N PHE B 92 3.35 47.44 -7.87
CA PHE B 92 3.25 48.90 -7.95
C PHE B 92 3.69 49.53 -6.64
N ALA B 93 4.63 50.47 -6.74
CA ALA B 93 5.06 51.26 -5.61
C ALA B 93 5.25 52.71 -6.08
N SER B 94 5.54 53.59 -5.13
CA SER B 94 5.74 55.00 -5.47
C SER B 94 6.50 55.68 -4.34
N ILE B 95 7.05 56.85 -4.66
CA ILE B 95 7.84 57.63 -3.72
C ILE B 95 7.16 59.00 -3.58
N GLU B 96 5.83 59.00 -3.66
CA GLU B 96 5.06 60.25 -3.65
C GLU B 96 5.28 61.06 -2.38
N LYS B 97 5.55 62.35 -2.57
CA LYS B 97 5.50 63.31 -1.47
C LYS B 97 4.07 63.63 -1.08
N SER B 98 3.19 63.78 -2.07
CA SER B 98 1.77 64.03 -1.83
C SER B 98 0.91 63.06 -2.62
N ASN B 99 -0.39 63.31 -2.68
CA ASN B 99 -1.33 62.45 -3.38
C ASN B 99 -1.38 62.87 -4.84
N ILE B 100 -0.85 62.03 -5.73
CA ILE B 100 -0.86 62.27 -7.16
C ILE B 100 -1.57 61.15 -7.92
N ILE B 101 -1.21 59.90 -7.62
CA ILE B 101 -1.74 58.77 -8.37
C ILE B 101 -2.81 58.09 -7.53
N ARG B 102 -4.04 58.10 -8.06
CA ARG B 102 -5.17 57.43 -7.41
C ARG B 102 -6.04 56.89 -8.53
N GLY B 103 -6.20 55.57 -8.58
CA GLY B 103 -7.00 54.95 -9.62
C GLY B 103 -6.28 53.79 -10.26
N TRP B 104 -6.92 52.63 -10.30
CA TRP B 104 -6.30 51.41 -10.78
C TRP B 104 -7.25 50.67 -11.72
N ILE B 105 -7.78 51.38 -12.72
CA ILE B 105 -8.71 50.76 -13.64
C ILE B 105 -8.08 49.55 -14.32
N PHE B 106 -8.80 48.43 -14.29
CA PHE B 106 -8.39 47.19 -14.91
C PHE B 106 -9.46 46.74 -15.89
N GLY B 107 -9.05 46.26 -17.05
CA GLY B 107 -10.01 45.78 -18.02
C GLY B 107 -9.34 45.06 -19.16
N THR B 108 -10.13 44.21 -19.82
CA THR B 108 -9.61 43.47 -20.97
C THR B 108 -9.43 44.39 -22.16
N THR B 109 -10.43 45.24 -22.42
CA THR B 109 -10.39 46.20 -23.51
C THR B 109 -10.60 47.65 -23.06
N LEU B 110 -11.08 47.87 -21.84
CA LEU B 110 -11.28 49.21 -21.28
C LEU B 110 -12.25 50.03 -22.13
N ASP B 111 -13.47 49.52 -22.25
CA ASP B 111 -14.53 50.22 -22.97
C ASP B 111 -15.87 49.84 -22.35
N SER B 112 -16.95 50.16 -23.04
CA SER B 112 -18.28 49.86 -22.54
C SER B 112 -18.66 48.40 -22.71
N LYS B 113 -17.87 47.62 -23.43
CA LYS B 113 -18.16 46.21 -23.69
C LYS B 113 -17.32 45.29 -22.83
N THR B 114 -16.61 45.84 -21.84
CA THR B 114 -15.72 45.07 -20.98
C THR B 114 -15.98 45.46 -19.54
N GLN B 115 -16.06 44.47 -18.67
CA GLN B 115 -16.16 44.73 -17.25
C GLN B 115 -14.90 45.42 -16.73
N SER B 116 -15.09 46.43 -15.87
CA SER B 116 -14.00 47.26 -15.39
C SER B 116 -14.00 47.35 -13.87
N LEU B 117 -12.80 47.53 -13.33
CA LEU B 117 -12.58 47.74 -11.90
C LEU B 117 -11.99 49.11 -11.66
N LEU B 118 -12.57 49.85 -10.72
CA LEU B 118 -12.17 51.22 -10.43
C LEU B 118 -11.79 51.28 -8.96
N ILE B 119 -10.67 51.92 -8.66
CA ILE B 119 -10.25 52.12 -7.29
C ILE B 119 -10.07 53.62 -7.11
N VAL B 120 -11.13 54.28 -6.67
CA VAL B 120 -11.11 55.72 -6.46
C VAL B 120 -10.78 55.98 -4.99
N ASN B 121 -10.33 57.20 -4.70
CA ASN B 121 -10.09 57.65 -3.34
C ASN B 121 -10.80 58.97 -3.09
N ASN B 122 -12.06 59.03 -3.49
CA ASN B 122 -12.84 60.25 -3.30
C ASN B 122 -13.20 60.40 -1.83
N ALA B 123 -13.00 61.61 -1.31
CA ALA B 123 -13.34 61.93 0.08
C ALA B 123 -12.68 60.95 1.03
N THR B 124 -13.50 60.21 1.77
CA THR B 124 -13.06 59.21 2.74
C THR B 124 -13.73 57.87 2.47
N ASN B 125 -13.71 57.44 1.20
CA ASN B 125 -14.35 56.18 0.83
C ASN B 125 -13.63 55.56 -0.36
N VAL B 126 -13.49 54.23 -0.34
CA VAL B 126 -12.89 53.53 -1.47
C VAL B 126 -13.84 53.55 -2.66
N VAL B 127 -15.14 53.33 -2.41
CA VAL B 127 -16.16 53.26 -3.47
C VAL B 127 -15.70 52.25 -4.51
N ILE B 128 -15.58 50.99 -4.11
CA ILE B 128 -15.16 49.94 -5.04
C ILE B 128 -16.36 49.56 -5.89
N LYS B 129 -16.22 49.67 -7.21
CA LYS B 129 -17.29 49.39 -8.15
C LYS B 129 -16.81 48.44 -9.23
N VAL B 130 -17.65 47.50 -9.60
CA VAL B 130 -17.38 46.61 -10.73
C VAL B 130 -18.52 46.80 -11.73
N CYS B 131 -18.35 47.74 -12.66
CA CYS B 131 -19.37 48.05 -13.65
C CYS B 131 -18.70 48.33 -14.99
N GLU B 132 -19.48 48.17 -16.07
CA GLU B 132 -18.99 48.39 -17.42
C GLU B 132 -19.06 49.88 -17.74
N PHE B 133 -17.91 50.53 -17.89
CA PHE B 133 -17.87 51.96 -18.15
C PHE B 133 -17.19 52.25 -19.48
N GLN B 134 -17.56 53.39 -20.07
CA GLN B 134 -16.89 53.93 -21.25
C GLN B 134 -15.76 54.86 -20.81
N PHE B 135 -14.54 54.52 -21.19
CA PHE B 135 -13.36 55.25 -20.73
C PHE B 135 -12.83 56.16 -21.83
N CYS B 136 -12.59 57.42 -21.49
CA CYS B 136 -12.04 58.37 -22.43
C CYS B 136 -10.56 58.10 -22.68
N ASN B 137 -10.03 58.71 -23.75
CA ASN B 137 -8.64 58.50 -24.11
C ASN B 137 -7.68 59.02 -23.05
N ASP B 138 -7.96 60.20 -22.49
CA ASP B 138 -7.08 60.83 -21.50
C ASP B 138 -7.83 61.07 -20.19
N PRO B 139 -7.83 60.12 -19.27
CA PRO B 139 -8.44 60.33 -17.96
C PRO B 139 -7.46 60.86 -16.92
N PHE B 140 -7.98 61.66 -15.99
CA PHE B 140 -7.17 62.26 -14.94
C PHE B 140 -8.09 62.66 -13.80
N LEU B 141 -7.50 63.14 -12.71
CA LEU B 141 -8.24 63.59 -11.54
C LEU B 141 -7.70 64.92 -11.05
N ASP B 142 -8.54 65.64 -10.29
CA ASP B 142 -8.22 66.95 -9.75
C ASP B 142 -7.98 66.81 -8.25
N HIS B 145 -6.72 66.99 -7.82
CA HIS B 145 -6.43 66.93 -6.40
C HIS B 145 -7.08 68.11 -5.68
N LYS B 146 -7.07 69.29 -6.30
CA LYS B 146 -7.72 70.47 -5.77
C LYS B 146 -9.20 70.41 -6.15
N ASN B 147 -10.06 70.17 -5.16
CA ASN B 147 -11.48 70.01 -5.44
C ASN B 147 -12.08 71.31 -5.93
N ASN B 148 -13.11 71.17 -6.78
CA ASN B 148 -13.82 72.32 -7.33
C ASN B 148 -14.54 73.09 -6.24
N LYS B 149 -14.56 74.41 -6.38
CA LYS B 149 -15.16 75.30 -5.41
C LYS B 149 -16.69 75.17 -5.41
N SER B 150 -17.28 75.50 -4.25
CA SER B 150 -18.72 75.47 -4.01
C SER B 150 -19.36 74.10 -4.26
N TRP B 151 -19.69 73.78 -5.51
CA TRP B 151 -20.49 72.60 -5.80
C TRP B 151 -19.61 71.35 -5.71
N MET B 152 -20.11 70.22 -6.19
CA MET B 152 -19.36 68.97 -6.15
C MET B 152 -18.34 69.10 -7.28
N GLU B 153 -17.71 68.02 -7.74
CA GLU B 153 -16.73 68.22 -8.80
C GLU B 153 -17.01 67.33 -10.00
N SER B 154 -16.42 67.72 -11.13
CA SER B 154 -16.56 66.97 -12.38
C SER B 154 -15.38 66.04 -12.60
N GLU B 155 -14.82 65.51 -11.51
CA GLU B 155 -13.64 64.66 -11.61
C GLU B 155 -13.95 63.31 -12.27
N PHE B 156 -15.22 62.95 -12.40
CA PHE B 156 -15.59 61.66 -12.97
C PHE B 156 -15.58 61.73 -14.49
N ARG B 157 -14.41 62.08 -15.03
CA ARG B 157 -14.21 62.15 -16.47
C ARG B 157 -13.68 60.84 -17.02
N VAL B 158 -13.33 59.90 -16.14
CA VAL B 158 -12.79 58.62 -16.60
C VAL B 158 -13.88 57.85 -17.32
N TYR B 159 -15.12 57.95 -16.86
CA TYR B 159 -16.23 57.28 -17.50
C TYR B 159 -17.34 58.28 -17.77
N SER B 160 -18.13 57.98 -18.80
CA SER B 160 -19.26 58.80 -19.18
C SER B 160 -20.58 58.04 -19.13
N SER B 161 -20.54 56.71 -19.26
CA SER B 161 -21.72 55.87 -19.26
C SER B 161 -21.51 54.68 -18.34
N ALA B 162 -22.60 54.21 -17.76
CA ALA B 162 -22.60 53.03 -16.89
C ALA B 162 -23.53 52.00 -17.51
N ASN B 163 -23.06 50.76 -17.58
CA ASN B 163 -23.82 49.66 -18.20
C ASN B 163 -23.75 48.46 -17.27
N ASN B 164 -24.80 48.26 -16.48
CA ASN B 164 -24.93 47.13 -15.56
C ASN B 164 -23.92 47.24 -14.42
N CYS B 165 -24.28 46.71 -13.25
CA CYS B 165 -23.39 46.73 -12.11
C CYS B 165 -23.56 45.43 -11.33
N THR B 166 -22.44 44.88 -10.85
CA THR B 166 -22.43 43.60 -10.16
C THR B 166 -22.00 43.74 -8.71
N PHE B 167 -20.84 44.32 -8.45
CA PHE B 167 -20.25 44.40 -7.11
C PHE B 167 -20.01 45.84 -6.72
N GLU B 168 -20.36 46.17 -5.48
CA GLU B 168 -20.12 47.48 -4.90
C GLU B 168 -19.53 47.32 -3.50
N TYR B 169 -18.54 48.14 -3.18
CA TYR B 169 -17.89 48.08 -1.88
C TYR B 169 -17.46 49.48 -1.47
N VAL B 170 -18.10 50.02 -0.44
CA VAL B 170 -17.76 51.32 0.11
C VAL B 170 -17.24 51.11 1.53
N SER B 171 -16.04 51.62 1.80
CA SER B 171 -15.43 51.43 3.10
C SER B 171 -14.42 52.55 3.34
N GLN B 172 -13.59 52.38 4.36
CA GLN B 172 -12.58 53.37 4.68
C GLN B 172 -11.55 53.44 3.55
N PRO B 173 -11.08 54.63 3.20
CA PRO B 173 -10.14 54.76 2.09
C PRO B 173 -8.86 53.98 2.36
N PHE B 174 -8.27 53.47 1.27
CA PHE B 174 -7.05 52.67 1.38
C PHE B 174 -5.86 53.46 1.92
N LEU B 175 -5.68 54.70 1.49
CA LEU B 175 -4.52 55.53 1.83
C LEU B 175 -4.70 56.35 3.10
N MET B 176 -4.26 55.79 4.24
CA MET B 176 -4.34 56.52 5.51
C MET B 176 -3.12 57.38 5.76
N ASP B 177 -2.14 57.40 4.86
CA ASP B 177 -0.98 58.25 5.05
C ASP B 177 -1.38 59.72 5.01
N LEU B 178 -0.82 60.50 5.91
CA LEU B 178 -1.16 61.91 6.05
C LEU B 178 0.05 62.78 5.82
N GLU B 179 -0.14 63.87 5.07
CA GLU B 179 0.92 64.83 4.81
C GLU B 179 0.74 66.10 5.61
N GLY B 180 -0.19 66.09 6.57
CA GLY B 180 -0.52 67.29 7.31
C GLY B 180 0.57 67.74 8.28
N LYS B 181 1.40 66.82 8.73
CA LYS B 181 2.42 67.13 9.73
C LYS B 181 3.43 68.15 9.21
N GLN B 182 4.21 67.76 8.21
CA GLN B 182 5.21 68.64 7.61
C GLN B 182 5.77 67.93 6.38
N GLY B 183 6.77 68.55 5.76
CA GLY B 183 7.48 67.97 4.65
C GLY B 183 8.74 67.27 5.10
N ASN B 184 9.69 67.15 4.16
CA ASN B 184 11.01 66.56 4.36
C ASN B 184 10.95 65.04 4.50
N PHE B 185 9.75 64.46 4.55
CA PHE B 185 9.58 63.01 4.50
C PHE B 185 8.57 62.67 3.43
N LYS B 186 8.86 61.62 2.66
CA LYS B 186 8.07 61.25 1.50
C LYS B 186 7.51 59.86 1.72
N ASN B 187 6.41 59.57 1.04
CA ASN B 187 5.74 58.29 1.24
C ASN B 187 6.31 57.22 0.33
N LEU B 188 6.16 55.98 0.75
CA LEU B 188 6.69 54.82 0.03
C LEU B 188 5.61 53.76 -0.06
N ARG B 189 4.43 54.17 -0.54
CA ARG B 189 3.31 53.26 -0.70
C ARG B 189 3.70 52.09 -1.61
N GLU B 190 3.39 50.88 -1.17
CA GLU B 190 3.64 49.68 -1.95
C GLU B 190 2.34 48.91 -2.10
N PHE B 191 2.18 48.22 -3.22
CA PHE B 191 0.95 47.50 -3.46
C PHE B 191 1.22 46.24 -4.28
N VAL B 192 0.51 45.17 -3.97
CA VAL B 192 0.55 43.94 -4.73
C VAL B 192 -0.87 43.55 -5.09
N PHE B 193 -1.15 43.49 -6.39
CA PHE B 193 -2.49 43.20 -6.88
C PHE B 193 -2.45 41.80 -7.49
N LYS B 194 -3.11 40.85 -6.84
CA LYS B 194 -3.14 39.48 -7.32
C LYS B 194 -4.58 39.02 -7.49
N ASN B 195 -4.86 38.44 -8.66
CA ASN B 195 -6.17 37.92 -9.00
C ASN B 195 -6.00 36.46 -9.39
N ILE B 196 -6.72 35.57 -8.70
CA ILE B 196 -6.64 34.14 -8.98
C ILE B 196 -7.92 33.50 -8.47
N ASP B 197 -8.30 32.39 -9.11
CA ASP B 197 -9.42 31.52 -8.73
C ASP B 197 -10.60 32.29 -8.16
N GLY B 198 -10.97 33.36 -8.87
CA GLY B 198 -12.10 34.16 -8.44
C GLY B 198 -11.85 35.00 -7.22
N TYR B 199 -10.58 35.31 -6.93
CA TYR B 199 -10.25 36.10 -5.76
C TYR B 199 -9.30 37.21 -6.14
N PHE B 200 -9.28 38.26 -5.32
CA PHE B 200 -8.47 39.45 -5.58
C PHE B 200 -7.86 39.88 -4.26
N LYS B 201 -6.55 39.69 -4.12
CA LYS B 201 -5.84 40.00 -2.88
C LYS B 201 -5.08 41.31 -3.03
N ILE B 202 -5.05 42.09 -1.95
CA ILE B 202 -4.36 43.36 -1.92
C ILE B 202 -3.43 43.40 -0.71
N TYR B 203 -2.17 43.75 -0.94
CA TYR B 203 -1.20 43.94 0.12
C TYR B 203 -0.62 45.34 0.00
N SER B 204 -0.37 45.98 1.14
CA SER B 204 0.13 47.35 1.10
C SER B 204 0.90 47.66 2.37
N LYS B 205 1.78 48.65 2.26
CA LYS B 205 2.53 49.17 3.38
C LYS B 205 3.05 50.57 3.01
N HIS B 206 3.37 51.34 4.03
CA HIS B 206 3.87 52.70 3.86
C HIS B 206 5.04 52.88 4.81
N THR B 207 6.13 53.43 4.29
CA THR B 207 7.32 53.73 5.08
C THR B 207 7.86 55.10 4.71
N PRO B 208 8.46 55.79 5.68
CA PRO B 208 9.11 57.06 5.39
C PRO B 208 10.48 56.84 4.77
N ILE B 209 10.97 57.87 4.09
CA ILE B 209 12.27 57.82 3.42
C ILE B 209 13.07 59.05 3.84
N ILE B 211 14.34 58.81 4.15
CA ILE B 211 15.29 59.84 4.58
C ILE B 211 15.79 60.71 3.42
N VAL B 212 16.62 60.14 2.56
CA VAL B 212 17.15 60.91 1.43
C VAL B 212 16.12 61.02 0.33
N ARG B 213 16.03 62.23 -0.24
CA ARG B 213 15.11 62.58 -1.31
C ARG B 213 15.50 61.98 -2.66
N GLU B 214 16.64 61.31 -2.77
CA GLU B 214 17.17 60.75 -4.01
C GLU B 214 16.30 59.68 -4.67
N PRO B 215 15.54 60.03 -5.73
CA PRO B 215 14.64 59.06 -6.37
C PRO B 215 15.36 57.99 -7.18
N GLU B 216 16.69 57.97 -7.11
CA GLU B 216 17.50 57.02 -7.86
C GLU B 216 17.07 55.58 -7.69
N ASP B 217 16.88 55.13 -6.44
CA ASP B 217 16.51 53.74 -6.24
C ASP B 217 15.80 53.57 -4.91
N LEU B 218 15.16 52.42 -4.76
CA LEU B 218 14.48 52.06 -3.53
C LEU B 218 15.49 51.79 -2.42
N PRO B 219 15.15 52.13 -1.18
CA PRO B 219 16.09 51.92 -0.07
C PRO B 219 16.35 50.44 0.13
N GLN B 220 17.55 50.13 0.61
CA GLN B 220 17.91 48.75 0.90
C GLN B 220 17.43 48.45 2.32
N GLY B 221 16.24 47.87 2.41
CA GLY B 221 15.65 47.51 3.68
C GLY B 221 14.51 46.53 3.52
N PHE B 222 14.41 45.57 4.44
CA PHE B 222 13.37 44.56 4.37
C PHE B 222 12.05 45.09 4.89
N SER B 223 10.97 44.70 4.22
CA SER B 223 9.62 45.10 4.60
C SER B 223 8.67 43.96 4.24
N ALA B 224 7.64 43.81 5.07
CA ALA B 224 6.61 42.80 4.90
C ALA B 224 5.29 43.46 4.50
N LEU B 225 4.68 42.97 3.42
CA LEU B 225 3.47 43.56 2.87
C LEU B 225 2.29 42.76 3.42
N GLU B 226 1.57 43.35 4.36
CA GLU B 226 0.42 42.68 4.94
C GLU B 226 -0.80 42.79 4.04
N PRO B 227 -1.67 41.79 4.07
CA PRO B 227 -2.92 41.86 3.29
C PRO B 227 -3.84 42.93 3.84
N LEU B 228 -4.66 43.48 2.97
CA LEU B 228 -5.57 44.53 3.40
C LEU B 228 -7.03 44.21 3.09
N VAL B 229 -7.30 43.58 1.96
CA VAL B 229 -8.67 43.30 1.55
C VAL B 229 -8.64 42.13 0.57
N ASP B 230 -9.71 41.36 0.54
CA ASP B 230 -9.89 40.27 -0.41
C ASP B 230 -11.24 40.42 -1.10
N LEU B 231 -11.25 40.17 -2.40
CA LEU B 231 -12.45 40.34 -3.20
C LEU B 231 -12.79 39.05 -3.92
N PRO B 232 -14.07 38.67 -3.96
CA PRO B 232 -14.47 37.41 -4.60
C PRO B 232 -14.85 37.52 -6.07
N ILE B 233 -14.60 38.65 -6.73
CA ILE B 233 -14.94 38.80 -8.14
C ILE B 233 -14.02 37.92 -8.97
N GLY B 234 -14.61 37.16 -9.90
CA GLY B 234 -13.82 36.25 -10.71
C GLY B 234 -13.80 36.54 -12.19
N ILE B 235 -13.70 37.83 -12.54
CA ILE B 235 -13.65 38.24 -13.95
C ILE B 235 -12.23 38.09 -14.46
N ASN B 236 -12.07 38.20 -15.77
CA ASN B 236 -10.76 38.07 -16.40
C ASN B 236 -10.14 39.44 -16.57
N ILE B 237 -8.92 39.60 -16.07
CA ILE B 237 -8.17 40.84 -16.10
C ILE B 237 -6.87 40.58 -16.84
N THR B 238 -6.57 41.43 -17.83
CA THR B 238 -5.37 41.27 -18.63
C THR B 238 -4.52 42.52 -18.74
N ARG B 239 -5.02 43.69 -18.38
CA ARG B 239 -4.25 44.91 -18.53
C ARG B 239 -4.32 45.75 -17.26
N PHE B 240 -3.33 46.64 -17.12
CA PHE B 240 -3.16 47.46 -15.93
C PHE B 240 -3.10 48.92 -16.35
N GLN B 241 -3.89 49.76 -15.69
CA GLN B 241 -3.87 51.20 -15.95
C GLN B 241 -4.02 51.96 -14.64
N THR B 242 -3.51 53.20 -14.64
CA THR B 242 -3.50 54.05 -13.45
C THR B 242 -3.96 55.45 -13.83
N LEU B 243 -4.11 56.30 -12.80
CA LEU B 243 -4.58 57.66 -12.97
C LEU B 243 -3.60 58.64 -12.35
N LEU B 244 -3.84 59.93 -12.59
CA LEU B 244 -3.03 61.00 -12.01
C LEU B 244 -3.92 62.13 -11.53
N ALA B 245 -3.41 62.86 -10.53
CA ALA B 245 -4.08 64.01 -9.91
C ALA B 245 -3.61 65.31 -10.54
N LEU B 246 -4.40 65.88 -11.44
CA LEU B 246 -4.05 67.14 -12.08
C LEU B 246 -5.30 68.00 -12.12
N HIS B 247 -5.27 69.14 -11.41
CA HIS B 247 -6.42 70.02 -11.33
C HIS B 247 -6.34 71.22 -12.25
N ARG B 248 -5.19 71.92 -12.28
CA ARG B 248 -5.05 73.13 -13.09
C ARG B 248 -3.62 73.64 -12.93
N SER B 249 -3.25 74.55 -13.84
CA SER B 249 -1.97 75.24 -13.77
C SER B 249 -1.89 76.10 -12.52
N TYR B 250 -0.79 75.98 -11.78
CA TYR B 250 -0.62 76.69 -10.52
C TYR B 250 0.86 76.79 -10.14
N SER B 258 -2.48 76.74 -18.93
CA SER B 258 -2.50 75.89 -20.11
C SER B 258 -2.22 74.44 -19.74
N GLY B 259 -3.00 73.52 -20.31
CA GLY B 259 -2.80 72.12 -20.02
C GLY B 259 -3.26 71.78 -18.62
N TRP B 260 -2.82 70.61 -18.15
CA TRP B 260 -3.18 70.12 -16.83
C TRP B 260 -1.86 69.79 -16.13
N THR B 261 -1.52 70.54 -15.08
CA THR B 261 -0.26 70.34 -14.39
C THR B 261 -0.45 70.29 -12.87
N ALA B 262 0.40 69.53 -12.22
CA ALA B 262 0.39 69.38 -10.77
C ALA B 262 1.82 69.11 -10.31
N GLY B 263 1.97 68.62 -9.08
CA GLY B 263 3.26 68.33 -8.51
C GLY B 263 3.97 67.17 -9.21
N ALA B 264 5.12 66.82 -8.64
CA ALA B 264 6.00 65.79 -9.19
C ALA B 264 5.96 64.54 -8.32
N ALA B 265 6.10 63.38 -8.97
CA ALA B 265 6.09 62.09 -8.28
C ALA B 265 6.77 61.07 -9.18
N ALA B 266 6.78 59.81 -8.74
CA ALA B 266 7.36 58.72 -9.50
C ALA B 266 6.78 57.40 -9.01
N TYR B 267 6.45 56.52 -9.94
CA TYR B 267 5.86 55.22 -9.62
C TYR B 267 6.57 54.11 -10.37
N TYR B 268 6.60 52.94 -9.75
CA TYR B 268 7.28 51.77 -10.30
C TYR B 268 6.27 50.66 -10.56
N VAL B 269 6.56 49.83 -11.55
CA VAL B 269 5.71 48.69 -11.90
C VAL B 269 6.60 47.46 -12.00
N GLY B 270 6.12 46.33 -11.47
CA GLY B 270 6.86 45.09 -11.54
C GLY B 270 5.93 43.91 -11.73
N TYR B 271 6.52 42.82 -12.21
CA TYR B 271 5.77 41.61 -12.48
C TYR B 271 6.20 40.49 -11.56
N LEU B 272 5.33 39.50 -11.41
CA LEU B 272 5.54 38.39 -10.49
C LEU B 272 5.46 37.06 -11.24
N GLN B 273 6.37 36.16 -10.91
CA GLN B 273 6.33 34.80 -11.42
C GLN B 273 6.62 33.84 -10.27
N PRO B 274 6.11 32.61 -10.34
CA PRO B 274 6.27 31.67 -9.22
C PRO B 274 7.72 31.43 -8.88
N ARG B 275 7.99 31.34 -7.58
CA ARG B 275 9.35 31.12 -7.08
C ARG B 275 9.25 30.41 -5.73
N THR B 276 10.42 30.04 -5.21
CA THR B 276 10.52 29.41 -3.90
C THR B 276 11.23 30.36 -2.95
N PHE B 277 10.62 30.62 -1.81
CA PHE B 277 11.16 31.55 -0.84
C PHE B 277 11.25 30.87 0.52
N LEU B 278 12.22 31.32 1.31
CA LEU B 278 12.39 30.87 2.69
C LEU B 278 12.25 32.07 3.59
N LEU B 279 11.36 31.97 4.58
CA LEU B 279 11.03 33.09 5.43
C LEU B 279 11.44 32.79 6.87
N LYS B 280 11.99 33.80 7.54
CA LYS B 280 12.48 33.67 8.91
C LYS B 280 11.64 34.58 9.80
N TYR B 281 10.70 34.00 10.52
CA TYR B 281 9.89 34.77 11.45
C TYR B 281 10.70 35.13 12.69
N ASN B 282 10.30 36.21 13.34
CA ASN B 282 10.96 36.67 14.55
C ASN B 282 10.15 36.26 15.77
N GLU B 283 10.55 36.77 16.94
CA GLU B 283 9.84 36.45 18.17
C GLU B 283 8.41 36.96 18.11
N ASN B 284 8.22 38.19 17.60
CA ASN B 284 6.87 38.74 17.52
C ASN B 284 6.03 38.09 16.43
N GLY B 285 6.66 37.37 15.51
CA GLY B 285 5.94 36.77 14.41
C GLY B 285 5.91 37.60 13.16
N THR B 286 6.84 38.54 13.01
CA THR B 286 6.93 39.40 11.85
C THR B 286 8.12 38.98 11.00
N ILE B 287 7.91 38.93 9.68
CA ILE B 287 8.98 38.51 8.79
C ILE B 287 10.09 39.55 8.83
N THR B 288 11.32 39.09 9.06
CA THR B 288 12.48 39.96 9.11
C THR B 288 13.49 39.69 8.02
N ASP B 289 13.45 38.52 7.39
CA ASP B 289 14.38 38.21 6.31
C ASP B 289 13.76 37.14 5.43
N ALA B 290 14.29 37.02 4.22
CA ALA B 290 13.85 36.02 3.28
C ALA B 290 14.98 35.73 2.32
N VAL B 291 15.01 34.49 1.82
CA VAL B 291 16.06 34.04 0.90
C VAL B 291 15.41 33.32 -0.27
N ASP B 292 15.67 33.80 -1.48
CA ASP B 292 15.22 33.10 -2.67
C ASP B 292 15.94 31.78 -2.77
N CYS B 293 15.28 30.77 -3.33
CA CYS B 293 15.85 29.44 -3.36
C CYS B 293 16.43 29.06 -4.72
N ALA B 294 16.45 29.98 -5.68
CA ALA B 294 16.96 29.67 -7.00
C ALA B 294 17.76 30.85 -7.57
N LEU B 295 18.40 31.62 -6.71
CA LEU B 295 19.15 32.81 -7.13
C LEU B 295 20.63 32.53 -7.33
N ASP B 296 21.32 32.12 -6.28
CA ASP B 296 22.76 31.91 -6.30
C ASP B 296 23.12 30.69 -5.47
N PRO B 297 24.32 30.13 -5.65
CA PRO B 297 24.65 28.88 -4.94
C PRO B 297 24.49 28.99 -3.44
N LEU B 298 24.82 30.15 -2.87
CA LEU B 298 24.64 30.32 -1.44
C LEU B 298 23.17 30.23 -1.07
N SER B 299 22.30 30.81 -1.90
CA SER B 299 20.87 30.73 -1.66
C SER B 299 20.36 29.29 -1.77
N GLU B 300 20.84 28.55 -2.77
CA GLU B 300 20.45 27.15 -2.90
C GLU B 300 20.90 26.32 -1.70
N THR B 301 22.13 26.55 -1.25
CA THR B 301 22.63 25.83 -0.08
C THR B 301 21.81 26.17 1.15
N LYS B 302 21.49 27.45 1.34
CA LYS B 302 20.67 27.85 2.48
C LYS B 302 19.30 27.21 2.41
N CYS B 303 18.69 27.17 1.22
CA CYS B 303 17.37 26.60 1.08
C CYS B 303 17.38 25.10 1.34
N THR B 304 18.38 24.39 0.81
CA THR B 304 18.45 22.95 0.98
C THR B 304 18.93 22.54 2.37
N LEU B 305 19.55 23.44 3.12
CA LEU B 305 19.99 23.14 4.48
C LEU B 305 19.03 23.67 5.53
N LYS B 306 18.13 24.57 5.15
CA LYS B 306 17.09 25.12 6.03
C LYS B 306 17.74 25.90 7.17
N SER B 307 18.64 26.80 6.82
CA SER B 307 19.27 27.72 7.77
C SER B 307 19.82 28.91 7.01
N PHE B 308 20.07 29.99 7.74
CA PHE B 308 20.63 31.19 7.16
C PHE B 308 22.15 31.22 7.22
N THR B 309 22.77 30.22 7.85
CA THR B 309 24.21 30.12 7.92
C THR B 309 24.65 28.73 7.46
N VAL B 310 25.79 28.68 6.78
CA VAL B 310 26.34 27.46 6.22
C VAL B 310 27.79 27.32 6.64
N GLU B 311 28.14 26.17 7.21
CA GLU B 311 29.51 25.88 7.57
C GLU B 311 30.31 25.43 6.35
N LYS B 312 31.63 25.48 6.48
CA LYS B 312 32.49 25.12 5.36
C LYS B 312 32.33 23.64 5.02
N GLY B 313 32.42 23.34 3.73
CA GLY B 313 32.26 21.99 3.25
C GLY B 313 31.69 22.00 1.86
N ILE B 314 31.33 20.79 1.39
CA ILE B 314 30.72 20.60 0.09
C ILE B 314 29.33 20.01 0.31
N TYR B 315 28.35 20.55 -0.42
CA TYR B 315 26.98 20.12 -0.26
C TYR B 315 26.36 19.83 -1.61
N GLN B 316 25.36 18.96 -1.61
CA GLN B 316 24.59 18.62 -2.79
C GLN B 316 23.23 19.30 -2.72
N THR B 317 22.87 20.00 -3.79
CA THR B 317 21.65 20.80 -3.82
C THR B 317 20.60 20.19 -4.74
N SER B 318 20.93 19.98 -6.01
CA SER B 318 19.95 19.49 -6.98
C SER B 318 20.72 18.83 -8.13
N ASN B 319 20.01 18.57 -9.22
CA ASN B 319 20.60 17.93 -10.39
C ASN B 319 20.31 18.77 -11.63
N PHE B 320 21.19 18.64 -12.62
CA PHE B 320 21.04 19.32 -13.90
C PHE B 320 20.75 18.32 -15.01
N ARG B 321 19.93 18.75 -15.97
CA ARG B 321 19.60 17.92 -17.12
C ARG B 321 19.41 18.81 -18.34
N VAL B 322 19.66 18.24 -19.51
CA VAL B 322 19.54 18.97 -20.76
C VAL B 322 18.16 18.75 -21.35
N GLN B 323 17.46 19.84 -21.65
CA GLN B 323 16.13 19.66 -22.21
C GLN B 323 16.24 19.53 -23.73
N PRO B 324 15.30 18.82 -24.37
CA PRO B 324 15.35 18.74 -25.84
C PRO B 324 15.09 20.08 -26.49
N THR B 325 15.63 20.23 -27.71
CA THR B 325 15.50 21.47 -28.46
C THR B 325 14.55 21.37 -29.64
N GLU B 326 14.26 20.17 -30.12
CA GLU B 326 13.41 19.97 -31.28
C GLU B 326 12.88 18.54 -31.24
N SER B 327 12.12 18.17 -32.27
CA SER B 327 11.53 16.85 -32.38
C SER B 327 11.76 16.33 -33.78
N ILE B 328 12.05 15.03 -33.87
CA ILE B 328 12.28 14.32 -35.12
C ILE B 328 11.04 14.32 -36.01
N VAL B 329 9.93 14.87 -35.49
CA VAL B 329 8.60 14.98 -36.10
C VAL B 329 8.02 13.57 -36.13
N ARG B 330 8.86 12.58 -36.44
CA ARG B 330 8.50 11.16 -36.44
C ARG B 330 7.37 10.68 -37.35
N PHE B 331 7.72 9.93 -38.39
CA PHE B 331 6.73 9.47 -39.36
C PHE B 331 6.93 7.97 -39.47
N PRO B 332 5.86 7.20 -39.72
CA PRO B 332 6.02 5.74 -39.94
C PRO B 332 6.73 5.36 -41.21
N ASN B 333 6.84 6.28 -42.18
CA ASN B 333 7.43 6.05 -43.50
C ASN B 333 6.49 5.26 -44.40
N ILE B 334 5.21 5.18 -44.05
CA ILE B 334 4.25 4.49 -44.90
C ILE B 334 4.09 5.28 -46.19
N THR B 335 4.12 4.58 -47.31
CA THR B 335 4.05 5.20 -48.63
C THR B 335 2.98 4.48 -49.44
N ASN B 336 1.73 4.88 -49.28
CA ASN B 336 0.64 4.17 -49.92
C ASN B 336 -0.35 5.17 -50.52
N LEU B 337 -0.93 4.78 -51.65
CA LEU B 337 -2.00 5.50 -52.35
C LEU B 337 -3.09 4.49 -52.72
N CYS B 338 -3.67 3.84 -51.73
CA CYS B 338 -4.57 2.73 -52.01
C CYS B 338 -5.89 3.24 -52.59
N PRO B 339 -6.33 2.66 -53.72
CA PRO B 339 -7.56 3.04 -54.43
C PRO B 339 -8.86 2.55 -53.80
N PHE B 340 -9.74 3.49 -53.46
CA PHE B 340 -11.09 3.19 -52.98
C PHE B 340 -12.08 3.79 -53.96
N ASP B 341 -11.58 4.21 -55.11
CA ASP B 341 -12.33 4.83 -56.20
C ASP B 341 -13.21 3.83 -56.94
N GLU B 342 -12.68 2.63 -57.19
CA GLU B 342 -13.33 1.59 -57.99
C GLU B 342 -14.54 0.93 -57.33
N VAL B 343 -14.78 1.15 -56.04
CA VAL B 343 -15.94 0.50 -55.44
C VAL B 343 -17.18 1.39 -55.48
N PHE B 344 -17.01 2.71 -55.52
CA PHE B 344 -18.18 3.57 -55.62
C PHE B 344 -18.17 4.38 -56.92
N ASN B 345 -17.08 5.10 -57.18
CA ASN B 345 -16.91 5.88 -58.39
C ASN B 345 -16.62 5.00 -59.60
N ALA B 346 -17.64 4.61 -60.38
CA ALA B 346 -17.37 3.61 -61.41
C ALA B 346 -18.41 3.74 -62.52
N THR B 347 -18.54 2.69 -63.33
CA THR B 347 -19.47 2.70 -64.46
C THR B 347 -20.92 2.59 -64.03
N ARG B 348 -21.31 1.45 -63.46
CA ARG B 348 -22.71 1.20 -63.12
C ARG B 348 -22.75 0.67 -61.71
N PHE B 349 -23.62 1.23 -60.87
CA PHE B 349 -23.56 0.86 -59.47
C PHE B 349 -24.18 -0.52 -59.26
N ALA B 350 -24.26 -0.97 -58.01
CA ALA B 350 -24.88 -2.26 -57.73
C ALA B 350 -26.40 -2.18 -57.81
N SER B 351 -27.03 -3.36 -57.85
CA SER B 351 -28.48 -3.43 -57.89
C SER B 351 -28.99 -2.97 -56.53
N VAL B 352 -30.21 -2.42 -56.49
CA VAL B 352 -30.71 -2.05 -55.16
C VAL B 352 -30.93 -3.30 -54.33
N TYR B 353 -31.45 -4.35 -54.95
CA TYR B 353 -31.74 -5.64 -54.31
C TYR B 353 -30.49 -6.47 -54.05
N ALA B 354 -29.50 -6.40 -54.93
CA ALA B 354 -28.25 -7.16 -54.83
C ALA B 354 -27.07 -6.20 -54.76
N TRP B 355 -26.72 -5.83 -53.53
CA TRP B 355 -25.60 -4.92 -53.30
C TRP B 355 -24.28 -5.69 -53.32
N ASN B 356 -23.30 -5.13 -54.01
CA ASN B 356 -21.99 -5.77 -54.14
C ASN B 356 -21.14 -5.42 -52.92
N ARG B 357 -20.29 -6.35 -52.51
CA ARG B 357 -19.42 -6.14 -51.38
C ARG B 357 -17.96 -6.11 -51.83
N LYS B 358 -17.26 -5.05 -51.43
CA LYS B 358 -15.85 -4.85 -51.72
C LYS B 358 -15.06 -4.86 -50.42
N ARG B 359 -14.00 -5.65 -50.39
CA ARG B 359 -13.16 -5.75 -49.21
C ARG B 359 -12.07 -4.69 -49.28
N ILE B 360 -11.82 -4.02 -48.15
CA ILE B 360 -10.80 -3.00 -48.07
C ILE B 360 -9.81 -3.42 -46.99
N SER B 361 -8.53 -3.46 -47.37
CA SER B 361 -7.46 -3.91 -46.49
C SER B 361 -6.14 -3.37 -47.03
N ASN B 362 -5.18 -3.18 -46.12
CA ASN B 362 -3.81 -2.79 -46.50
C ASN B 362 -3.79 -1.49 -47.30
N CYS B 363 -4.18 -0.42 -46.63
CA CYS B 363 -4.22 0.89 -47.28
C CYS B 363 -4.13 1.98 -46.22
N VAL B 364 -3.76 3.17 -46.68
CA VAL B 364 -3.70 4.37 -45.85
C VAL B 364 -4.89 5.28 -46.07
N ALA B 365 -6.06 4.72 -46.39
CA ALA B 365 -7.24 5.50 -46.76
C ALA B 365 -7.34 6.78 -45.92
N ASP B 366 -7.51 7.89 -46.63
CA ASP B 366 -7.74 9.19 -46.01
C ASP B 366 -9.11 9.72 -46.41
N TYR B 367 -9.95 10.00 -45.41
CA TYR B 367 -11.31 10.41 -45.65
C TYR B 367 -11.48 11.92 -45.60
N SER B 368 -10.39 12.67 -45.37
CA SER B 368 -10.52 14.13 -45.38
C SER B 368 -10.76 14.63 -46.79
N VAL B 369 -10.31 13.89 -47.82
CA VAL B 369 -10.54 14.35 -49.19
C VAL B 369 -12.03 14.35 -49.47
N LEU B 370 -12.71 13.29 -49.04
CA LEU B 370 -14.15 13.21 -49.18
C LEU B 370 -14.82 14.25 -48.32
N TYR B 371 -14.22 14.56 -47.18
CA TYR B 371 -14.76 15.61 -46.33
C TYR B 371 -14.73 16.96 -47.07
N ASN B 372 -13.63 17.24 -47.78
CA ASN B 372 -13.55 18.53 -48.46
C ASN B 372 -14.26 18.55 -49.81
N LEU B 373 -14.71 17.40 -50.33
CA LEU B 373 -15.28 17.26 -51.69
C LEU B 373 -16.77 17.56 -51.60
N ALA B 374 -17.11 18.82 -51.86
CA ALA B 374 -18.42 19.32 -52.31
C ALA B 374 -19.40 18.30 -52.90
N PRO B 375 -18.97 17.23 -53.58
CA PRO B 375 -19.93 16.14 -53.78
C PRO B 375 -20.23 15.52 -52.42
N PHE B 376 -19.24 15.19 -51.60
CA PHE B 376 -19.41 14.21 -50.52
C PHE B 376 -19.71 14.97 -49.24
N PHE B 377 -20.81 15.73 -49.28
CA PHE B 377 -21.26 16.55 -48.15
C PHE B 377 -21.97 15.77 -47.05
N THR B 378 -22.62 14.66 -47.36
CA THR B 378 -23.31 13.89 -46.33
C THR B 378 -22.28 13.10 -45.52
N PHE B 379 -21.90 13.61 -44.36
CA PHE B 379 -20.96 12.91 -43.48
C PHE B 379 -21.38 13.05 -42.01
N LYS B 380 -22.55 12.49 -41.66
CA LYS B 380 -22.99 12.56 -40.27
C LYS B 380 -22.69 11.22 -39.58
N CYS B 381 -21.53 11.18 -38.92
CA CYS B 381 -21.13 10.01 -38.15
C CYS B 381 -21.91 9.90 -36.85
N TYR B 382 -22.43 8.71 -36.55
CA TYR B 382 -23.28 8.56 -35.36
C TYR B 382 -22.49 8.49 -34.07
N GLY B 383 -21.30 7.87 -34.04
CA GLY B 383 -20.59 7.74 -32.79
C GLY B 383 -19.09 7.91 -32.87
N VAL B 384 -18.63 8.44 -33.99
CA VAL B 384 -17.23 8.69 -34.28
C VAL B 384 -17.14 10.16 -34.68
N SER B 385 -16.11 10.85 -34.23
CA SER B 385 -15.97 12.23 -34.66
C SER B 385 -15.72 12.27 -36.16
N PRO B 386 -16.53 13.03 -36.92
CA PRO B 386 -16.43 12.96 -38.38
C PRO B 386 -15.09 13.43 -38.91
N THR B 387 -14.42 14.37 -38.26
CA THR B 387 -13.16 14.78 -38.83
C THR B 387 -12.02 13.96 -38.23
N LYS B 388 -12.35 13.09 -37.29
CA LYS B 388 -11.38 12.26 -36.60
C LYS B 388 -11.50 10.81 -37.01
N LEU B 389 -12.30 10.51 -38.03
CA LEU B 389 -12.40 9.12 -38.49
C LEU B 389 -11.07 8.65 -39.07
N ASN B 390 -10.33 9.56 -39.71
CA ASN B 390 -9.04 9.20 -40.28
C ASN B 390 -8.03 8.78 -39.21
N ASP B 391 -8.04 9.48 -38.07
CA ASP B 391 -7.06 9.16 -37.02
C ASP B 391 -7.30 7.78 -36.43
N LEU B 392 -8.55 7.43 -36.16
CA LEU B 392 -8.84 6.14 -35.55
C LEU B 392 -8.61 5.06 -36.60
N CYS B 393 -8.23 3.86 -36.16
CA CYS B 393 -8.05 2.77 -37.09
C CYS B 393 -9.08 1.66 -36.91
N PHE B 394 -9.72 1.30 -38.03
CA PHE B 394 -10.93 0.51 -38.06
C PHE B 394 -10.53 -0.93 -38.36
N THR B 395 -11.49 -1.84 -38.35
CA THR B 395 -11.17 -3.23 -38.67
C THR B 395 -12.27 -3.86 -39.52
N ASN B 396 -11.89 -4.31 -40.72
CA ASN B 396 -12.77 -5.08 -41.59
C ASN B 396 -14.07 -4.32 -41.87
N VAL B 397 -13.89 -3.18 -42.53
CA VAL B 397 -14.98 -2.32 -42.95
C VAL B 397 -15.63 -2.93 -44.18
N TYR B 398 -16.95 -3.09 -44.15
CA TYR B 398 -17.64 -3.70 -45.27
C TYR B 398 -18.52 -2.66 -45.93
N ALA B 399 -18.35 -2.51 -47.23
CA ALA B 399 -19.08 -1.55 -48.03
C ALA B 399 -20.08 -2.27 -48.92
N ASP B 400 -21.17 -1.57 -49.22
CA ASP B 400 -22.22 -2.13 -50.06
C ASP B 400 -22.63 -1.00 -51.00
N SER B 401 -23.25 -1.36 -52.12
CA SER B 401 -23.69 -0.34 -53.04
C SER B 401 -25.19 -0.45 -53.25
N PHE B 402 -25.89 0.64 -52.97
CA PHE B 402 -27.34 0.75 -53.09
C PHE B 402 -27.68 1.94 -53.99
N VAL B 403 -28.78 1.83 -54.71
CA VAL B 403 -29.33 2.91 -55.50
C VAL B 403 -30.67 3.23 -54.88
N ILE B 404 -30.93 4.52 -54.67
CA ILE B 404 -32.14 4.96 -53.98
C ILE B 404 -32.64 6.24 -54.63
N ARG B 405 -33.87 6.61 -54.27
CA ARG B 405 -34.52 7.85 -54.66
C ARG B 405 -33.71 9.05 -54.17
N GLY B 406 -33.64 9.20 -52.86
CA GLY B 406 -32.95 10.30 -52.21
C GLY B 406 -33.84 11.04 -51.25
N ASP B 407 -35.15 10.93 -51.45
CA ASP B 407 -36.13 11.59 -50.59
C ASP B 407 -36.20 10.92 -49.22
N GLU B 408 -35.77 9.66 -49.11
CA GLU B 408 -35.89 8.94 -47.85
C GLU B 408 -34.54 8.51 -47.30
N VAL B 409 -33.45 9.17 -47.70
CA VAL B 409 -32.13 8.78 -47.18
C VAL B 409 -32.11 9.03 -45.68
N ARG B 410 -32.87 10.03 -45.24
CA ARG B 410 -32.97 10.37 -43.83
C ARG B 410 -33.62 9.25 -43.04
N GLN B 411 -34.66 8.63 -43.62
CA GLN B 411 -35.40 7.55 -42.98
C GLN B 411 -34.65 6.23 -42.93
N ILE B 412 -33.40 6.14 -43.38
CA ILE B 412 -32.78 4.82 -43.39
C ILE B 412 -32.19 4.63 -41.99
N ALA B 413 -32.51 5.57 -41.10
CA ALA B 413 -32.07 5.53 -39.72
C ALA B 413 -32.69 4.33 -38.99
N PRO B 414 -32.00 3.78 -38.00
CA PRO B 414 -32.57 2.66 -37.25
C PRO B 414 -33.87 3.02 -36.54
N GLY B 415 -34.78 2.04 -36.48
CA GLY B 415 -36.10 2.15 -35.89
C GLY B 415 -37.24 2.72 -36.73
N GLN B 416 -36.99 3.20 -37.94
CA GLN B 416 -38.07 3.70 -38.78
C GLN B 416 -37.78 3.23 -40.20
N THR B 417 -38.83 3.10 -41.01
CA THR B 417 -38.67 2.61 -42.38
C THR B 417 -39.21 3.57 -43.42
N GLY B 418 -38.47 3.67 -44.52
CA GLY B 418 -38.79 4.50 -45.66
C GLY B 418 -39.29 3.57 -46.75
N ASN B 419 -39.61 4.16 -47.91
CA ASN B 419 -40.12 3.30 -48.97
C ASN B 419 -39.08 2.26 -49.36
N ILE B 420 -37.95 2.72 -49.90
CA ILE B 420 -36.86 1.80 -50.25
C ILE B 420 -36.27 1.13 -49.02
N ALA B 421 -36.19 1.84 -47.89
CA ALA B 421 -35.66 1.21 -46.69
C ALA B 421 -36.47 -0.01 -46.26
N ASP B 422 -37.79 0.05 -46.32
CA ASP B 422 -38.54 -1.16 -46.05
C ASP B 422 -38.59 -2.10 -47.23
N TYR B 423 -38.26 -1.63 -48.43
CA TYR B 423 -38.32 -2.47 -49.62
C TYR B 423 -37.10 -3.37 -49.74
N ASN B 424 -35.92 -2.77 -49.93
CA ASN B 424 -34.69 -3.46 -50.29
C ASN B 424 -33.62 -3.33 -49.22
N TYR B 425 -33.27 -2.12 -48.79
CA TYR B 425 -32.09 -1.92 -47.96
C TYR B 425 -32.54 -1.76 -46.52
N LYS B 426 -31.87 -2.47 -45.63
CA LYS B 426 -32.11 -2.43 -44.20
C LYS B 426 -30.84 -2.12 -43.43
N LEU B 427 -31.00 -1.44 -42.30
CA LEU B 427 -29.83 -1.13 -41.51
C LEU B 427 -30.03 -1.69 -40.10
N PRO B 428 -28.94 -2.04 -39.40
CA PRO B 428 -29.08 -2.59 -38.05
C PRO B 428 -29.63 -1.65 -37.00
N ASP B 429 -29.83 -2.21 -35.80
CA ASP B 429 -30.39 -1.46 -34.69
C ASP B 429 -29.48 -0.29 -34.31
N ASP B 430 -28.18 -0.56 -34.25
CA ASP B 430 -27.16 0.46 -33.97
C ASP B 430 -25.96 0.08 -34.84
N PHE B 431 -25.91 0.67 -36.04
CA PHE B 431 -24.81 0.45 -36.95
C PHE B 431 -23.64 1.36 -36.62
N THR B 432 -22.43 0.82 -36.77
CA THR B 432 -21.20 1.49 -36.35
C THR B 432 -20.51 2.01 -37.61
N GLY B 433 -20.94 3.17 -38.08
CA GLY B 433 -20.43 3.69 -39.33
C GLY B 433 -20.98 5.06 -39.64
N CYS B 434 -20.46 5.62 -40.73
CA CYS B 434 -20.88 6.91 -41.25
C CYS B 434 -21.54 6.74 -42.62
N VAL B 435 -22.43 7.68 -42.96
CA VAL B 435 -23.14 7.68 -44.22
C VAL B 435 -22.54 8.77 -45.09
N ILE B 436 -22.22 8.44 -46.35
CA ILE B 436 -21.64 9.36 -47.31
C ILE B 436 -22.43 9.29 -48.61
N ALA B 437 -22.84 10.44 -49.13
CA ALA B 437 -23.58 10.41 -50.39
C ALA B 437 -23.40 11.70 -51.18
N TRP B 438 -23.00 11.56 -52.44
CA TRP B 438 -22.78 12.65 -53.37
C TRP B 438 -24.02 12.80 -54.25
N ASN B 439 -24.03 13.83 -55.09
CA ASN B 439 -25.21 14.06 -55.92
C ASN B 439 -25.09 13.22 -57.18
N SER B 440 -25.61 12.00 -57.09
CA SER B 440 -25.73 11.01 -58.18
C SER B 440 -26.77 11.37 -59.24
N ASN B 441 -27.11 12.64 -59.43
CA ASN B 441 -28.24 12.96 -60.31
C ASN B 441 -27.82 13.24 -61.75
N LYS B 442 -27.05 14.31 -61.98
CA LYS B 442 -26.70 14.69 -63.35
C LYS B 442 -26.09 13.51 -64.11
N LEU B 443 -25.06 12.90 -63.54
CA LEU B 443 -24.22 11.97 -64.31
C LEU B 443 -24.91 10.62 -64.51
N ASP B 444 -25.63 10.13 -63.50
CA ASP B 444 -26.23 8.81 -63.60
C ASP B 444 -27.50 8.77 -64.45
N SER B 445 -28.06 9.93 -64.79
CA SER B 445 -29.25 9.97 -65.64
C SER B 445 -28.83 9.84 -67.10
N LYS B 446 -29.40 8.86 -67.80
CA LYS B 446 -29.08 8.67 -69.20
C LYS B 446 -29.63 9.81 -70.06
N GLY B 449 -36.76 5.65 -67.26
CA GLY B 449 -36.66 4.73 -68.37
C GLY B 449 -35.65 3.62 -68.13
N ASN B 450 -34.73 3.85 -67.20
CA ASN B 450 -33.73 2.85 -66.83
C ASN B 450 -34.26 2.04 -65.66
N TYR B 451 -34.45 0.74 -65.88
CA TYR B 451 -34.97 -0.16 -64.87
C TYR B 451 -33.96 -1.20 -64.37
N ASN B 452 -32.70 -1.14 -64.83
CA ASN B 452 -31.73 -2.13 -64.41
C ASN B 452 -31.42 -2.07 -62.92
N TYR B 453 -31.84 -1.01 -62.24
CA TYR B 453 -31.72 -0.89 -60.79
C TYR B 453 -33.09 -0.88 -60.11
N LEU B 454 -34.01 -1.72 -60.57
CA LEU B 454 -35.39 -1.58 -60.13
C LEU B 454 -35.46 -1.97 -58.65
N TYR B 455 -36.63 -1.82 -58.03
CA TYR B 455 -36.79 -2.09 -56.61
C TYR B 455 -37.82 -3.17 -56.35
N ARG B 456 -37.58 -3.93 -55.29
CA ARG B 456 -38.42 -5.03 -54.82
C ARG B 456 -39.67 -4.50 -54.13
N LEU B 457 -40.66 -4.15 -54.96
CA LEU B 457 -41.90 -3.55 -54.46
C LEU B 457 -42.71 -4.57 -53.67
N PHE B 458 -42.83 -5.80 -54.15
CA PHE B 458 -43.67 -6.81 -53.50
C PHE B 458 -42.71 -7.82 -52.90
N ARG B 459 -42.25 -7.53 -51.68
CA ARG B 459 -41.53 -8.48 -50.85
C ARG B 459 -42.51 -9.13 -49.88
N LYS B 460 -42.34 -10.45 -49.69
CA LYS B 460 -43.31 -11.23 -48.94
C LYS B 460 -43.44 -10.75 -47.50
N SER B 461 -42.32 -10.42 -46.87
CA SER B 461 -42.35 -10.02 -45.46
C SER B 461 -41.11 -9.20 -45.13
N ASN B 462 -41.16 -8.56 -43.96
CA ASN B 462 -40.04 -7.76 -43.47
C ASN B 462 -38.83 -8.67 -43.24
N LEU B 463 -37.66 -8.17 -43.61
CA LEU B 463 -36.44 -8.96 -43.54
C LEU B 463 -35.94 -9.08 -42.11
N LYS B 464 -34.85 -9.83 -41.96
CA LYS B 464 -34.15 -10.05 -40.72
C LYS B 464 -32.77 -9.38 -40.75
N PRO B 465 -32.18 -9.11 -39.59
CA PRO B 465 -30.88 -8.41 -39.53
C PRO B 465 -29.77 -9.09 -40.32
N PHE B 466 -29.08 -8.28 -41.13
CA PHE B 466 -27.93 -8.69 -41.93
C PHE B 466 -28.22 -9.84 -42.90
N GLU B 467 -29.15 -9.59 -43.83
CA GLU B 467 -29.43 -10.54 -44.89
C GLU B 467 -29.62 -9.76 -46.18
N ARG B 468 -29.39 -10.43 -47.31
CA ARG B 468 -29.55 -9.81 -48.62
C ARG B 468 -30.99 -9.97 -49.09
N ASP B 469 -31.24 -9.67 -50.35
CA ASP B 469 -32.58 -9.71 -50.94
C ASP B 469 -32.56 -10.51 -52.22
N ILE B 470 -31.98 -11.71 -52.16
CA ILE B 470 -31.85 -12.57 -53.33
C ILE B 470 -33.20 -13.06 -53.84
N SER B 471 -34.29 -12.77 -53.13
CA SER B 471 -35.61 -13.21 -53.58
C SER B 471 -35.91 -12.72 -54.98
N THR B 472 -36.49 -13.61 -55.79
CA THR B 472 -36.69 -13.37 -57.21
C THR B 472 -38.04 -13.90 -57.69
N GLU B 473 -38.95 -14.22 -56.78
CA GLU B 473 -40.27 -14.70 -57.18
C GLU B 473 -41.35 -13.74 -56.70
N ILE B 474 -42.59 -14.21 -56.63
CA ILE B 474 -43.72 -13.31 -56.50
C ILE B 474 -44.26 -13.33 -55.07
N TYR B 475 -45.00 -12.28 -54.74
CA TYR B 475 -45.66 -12.16 -53.44
C TYR B 475 -46.81 -13.15 -53.31
N GLN B 476 -47.05 -13.62 -52.09
CA GLN B 476 -48.14 -14.53 -51.81
C GLN B 476 -49.25 -13.74 -51.13
N ALA B 477 -50.43 -13.68 -51.74
CA ALA B 477 -51.55 -12.93 -51.17
C ALA B 477 -52.88 -13.68 -51.15
N GLY B 478 -53.16 -14.53 -52.14
CA GLY B 478 -54.39 -15.28 -52.18
C GLY B 478 -54.24 -16.69 -51.65
N ASN B 479 -55.17 -17.55 -52.08
CA ASN B 479 -55.14 -18.95 -51.70
C ASN B 479 -54.53 -19.84 -52.77
N LYS B 480 -54.50 -19.40 -54.04
CA LYS B 480 -53.94 -20.24 -55.08
C LYS B 480 -52.56 -19.74 -55.47
N PRO B 481 -51.69 -20.64 -55.94
CA PRO B 481 -50.36 -20.21 -56.38
C PRO B 481 -50.44 -19.22 -57.54
N CYS B 482 -49.54 -18.25 -57.54
CA CYS B 482 -49.52 -17.22 -58.59
C CYS B 482 -48.90 -17.75 -59.89
N ASN B 483 -48.73 -19.06 -60.02
CA ASN B 483 -48.13 -19.67 -61.19
C ASN B 483 -48.90 -19.28 -62.46
N GLY B 484 -48.20 -18.68 -63.42
CA GLY B 484 -48.82 -18.37 -64.69
C GLY B 484 -48.92 -16.88 -64.92
N VAL B 485 -47.87 -16.15 -64.51
CA VAL B 485 -47.67 -14.72 -64.71
C VAL B 485 -48.79 -13.95 -64.02
N ALA B 486 -48.92 -12.66 -64.33
CA ALA B 486 -49.90 -11.83 -63.65
C ALA B 486 -51.33 -12.27 -63.96
N GLY B 487 -52.14 -12.38 -62.92
CA GLY B 487 -53.51 -12.80 -63.03
C GLY B 487 -54.37 -12.08 -62.01
N PHE B 488 -55.22 -12.80 -61.29
CA PHE B 488 -56.06 -12.18 -60.27
C PHE B 488 -55.32 -12.21 -58.93
N ASN B 489 -55.22 -11.04 -58.30
CA ASN B 489 -54.65 -10.89 -56.96
C ASN B 489 -53.20 -11.37 -56.93
N CYS B 490 -52.35 -10.67 -57.66
CA CYS B 490 -50.90 -10.84 -57.63
C CYS B 490 -50.34 -9.69 -58.44
N TYR B 491 -49.33 -8.99 -57.91
CA TYR B 491 -48.64 -7.94 -58.64
C TYR B 491 -47.16 -8.22 -58.77
N PHE B 492 -46.64 -8.13 -59.99
CA PHE B 492 -45.22 -8.33 -60.24
C PHE B 492 -44.43 -7.12 -59.73
N PRO B 493 -43.38 -7.31 -58.93
CA PRO B 493 -42.71 -6.16 -58.30
C PRO B 493 -41.90 -5.32 -59.27
N LEU B 494 -42.01 -5.62 -60.57
CA LEU B 494 -41.22 -4.94 -61.60
C LEU B 494 -42.01 -3.72 -62.07
N LYS B 495 -41.77 -2.58 -61.41
CA LYS B 495 -42.51 -1.36 -61.71
C LYS B 495 -41.54 -0.19 -61.85
N SER B 496 -41.97 0.81 -62.62
CA SER B 496 -41.14 1.96 -62.92
C SER B 496 -40.83 2.74 -61.65
N TYR B 497 -39.56 2.77 -61.27
CA TYR B 497 -39.09 3.60 -60.16
C TYR B 497 -38.59 4.95 -60.65
N SER B 498 -39.43 5.57 -61.47
CA SER B 498 -39.39 6.99 -61.86
C SER B 498 -38.00 7.49 -62.26
N PHE B 499 -37.48 6.92 -63.35
CA PHE B 499 -36.25 7.34 -64.01
C PHE B 499 -36.50 8.02 -65.36
N ARG B 500 -37.57 8.79 -65.51
CA ARG B 500 -37.70 9.39 -66.82
C ARG B 500 -36.89 10.67 -66.92
N PRO B 501 -36.54 11.09 -68.15
CA PRO B 501 -35.87 12.38 -68.33
C PRO B 501 -36.64 13.61 -67.89
N THR B 502 -37.98 13.58 -67.90
CA THR B 502 -38.73 14.74 -67.41
C THR B 502 -38.64 14.96 -65.91
N TYR B 503 -38.22 13.97 -65.12
CA TYR B 503 -38.05 14.23 -63.68
C TYR B 503 -36.70 14.89 -63.40
N GLY B 504 -36.55 16.15 -63.84
CA GLY B 504 -35.22 16.60 -63.46
C GLY B 504 -35.15 17.06 -62.03
N VAL B 505 -36.30 17.14 -61.36
CA VAL B 505 -36.41 17.53 -59.97
C VAL B 505 -37.05 16.44 -59.12
N GLY B 506 -37.51 15.36 -59.76
CA GLY B 506 -38.21 14.30 -59.05
C GLY B 506 -37.37 13.11 -58.68
N HIS B 507 -36.90 13.08 -57.43
CA HIS B 507 -36.22 11.94 -56.86
C HIS B 507 -35.16 11.39 -57.81
N GLN B 508 -34.39 12.30 -58.43
CA GLN B 508 -33.29 11.90 -59.31
C GLN B 508 -32.43 10.91 -58.55
N PRO B 509 -31.69 10.04 -59.24
CA PRO B 509 -30.82 9.11 -58.49
C PRO B 509 -29.87 9.86 -57.57
N TYR B 510 -29.87 9.41 -56.32
CA TYR B 510 -29.17 9.96 -55.16
C TYR B 510 -28.39 8.85 -54.51
N ARG B 511 -27.57 8.16 -55.31
CA ARG B 511 -26.80 7.03 -54.82
C ARG B 511 -26.00 7.39 -53.57
N VAL B 512 -26.13 6.51 -52.58
CA VAL B 512 -25.64 6.67 -51.22
C VAL B 512 -24.70 5.50 -50.94
N VAL B 513 -23.58 5.77 -50.30
CA VAL B 513 -22.69 4.69 -49.87
C VAL B 513 -22.55 4.78 -48.36
N VAL B 514 -22.61 3.63 -47.71
CA VAL B 514 -22.56 3.54 -46.26
C VAL B 514 -21.59 2.45 -45.86
N LEU B 515 -20.73 2.74 -44.89
CA LEU B 515 -19.74 1.82 -44.40
C LEU B 515 -20.12 1.36 -43.01
N SER B 516 -19.41 0.33 -42.55
CA SER B 516 -19.60 -0.22 -41.22
C SER B 516 -18.23 -0.67 -40.74
N PHE B 517 -17.84 -0.23 -39.55
CA PHE B 517 -16.46 -0.42 -39.12
C PHE B 517 -16.41 -1.40 -37.95
N GLU B 518 -15.25 -1.42 -37.31
CA GLU B 518 -14.97 -2.24 -36.13
C GLU B 518 -13.70 -1.66 -35.53
N LEU B 519 -13.78 -1.13 -34.31
CA LEU B 519 -12.59 -0.82 -33.55
C LEU B 519 -12.39 -1.86 -32.45
N LEU B 520 -11.14 -2.25 -32.23
CA LEU B 520 -10.76 -3.10 -31.09
C LEU B 520 -11.33 -4.52 -31.22
N HIS B 521 -12.16 -4.76 -32.25
CA HIS B 521 -12.69 -6.10 -32.45
C HIS B 521 -11.63 -7.03 -33.03
N ALA B 522 -10.86 -6.55 -34.00
CA ALA B 522 -9.73 -7.25 -34.57
C ALA B 522 -8.65 -6.23 -34.88
N PRO B 523 -7.40 -6.67 -35.03
CA PRO B 523 -6.33 -5.74 -35.40
C PRO B 523 -6.61 -5.03 -36.72
N ALA B 524 -6.29 -3.73 -36.74
CA ALA B 524 -6.57 -2.89 -37.90
C ALA B 524 -5.66 -3.21 -39.07
N THR B 525 -6.17 -2.97 -40.27
CA THR B 525 -5.43 -3.14 -41.52
C THR B 525 -5.20 -1.82 -42.25
N VAL B 526 -6.28 -1.08 -42.50
CA VAL B 526 -6.22 0.23 -43.13
C VAL B 526 -6.14 1.29 -42.05
N CYS B 527 -5.02 2.01 -42.01
CA CYS B 527 -4.74 2.99 -40.96
C CYS B 527 -4.36 4.33 -41.57
N GLY B 528 -4.70 5.40 -40.85
CA GLY B 528 -4.54 6.73 -41.34
C GLY B 528 -3.09 7.14 -41.44
N PRO B 529 -2.81 8.19 -42.22
CA PRO B 529 -1.44 8.64 -42.41
C PRO B 529 -0.97 9.64 -41.36
N LYS B 530 0.35 9.76 -41.27
CA LYS B 530 1.01 10.68 -40.35
C LYS B 530 1.89 11.69 -41.07
N LYS B 531 2.48 11.30 -42.21
CA LYS B 531 3.41 12.11 -42.98
C LYS B 531 4.52 12.77 -42.16
N SER B 532 5.01 13.90 -42.66
CA SER B 532 6.06 14.79 -42.14
C SER B 532 7.48 14.32 -42.44
N THR B 533 7.71 13.10 -42.97
CA THR B 533 9.06 12.59 -43.27
C THR B 533 9.97 12.56 -42.04
N ASN B 534 11.13 11.89 -42.13
CA ASN B 534 12.01 11.86 -40.97
C ASN B 534 13.48 12.04 -41.35
N LEU B 535 14.22 12.59 -40.39
CA LEU B 535 15.65 12.84 -40.43
C LEU B 535 15.97 13.47 -39.07
N VAL B 536 17.16 13.24 -38.52
CA VAL B 536 17.52 13.84 -37.23
C VAL B 536 18.91 13.47 -36.75
N LYS B 537 19.72 14.43 -36.33
CA LYS B 537 21.05 14.01 -35.93
C LYS B 537 21.68 15.03 -34.97
N ASN B 538 22.48 14.49 -34.06
CA ASN B 538 23.28 15.22 -33.08
C ASN B 538 22.45 16.08 -32.13
N LYS B 539 21.36 15.51 -31.59
CA LYS B 539 20.58 16.27 -30.61
C LYS B 539 19.77 15.34 -29.73
N CYS B 540 19.67 15.70 -28.45
CA CYS B 540 18.84 14.96 -27.48
C CYS B 540 17.39 15.34 -27.74
N VAL B 541 16.72 14.61 -28.63
CA VAL B 541 15.39 15.00 -29.06
C VAL B 541 14.37 13.95 -28.66
N ASN B 542 13.11 14.39 -28.58
CA ASN B 542 12.00 13.51 -28.24
C ASN B 542 11.48 12.83 -29.50
N PHE B 543 11.66 11.51 -29.54
CA PHE B 543 11.24 10.65 -30.63
C PHE B 543 9.96 9.93 -30.23
N ASN B 544 9.12 9.62 -31.22
CA ASN B 544 7.87 8.94 -30.94
C ASN B 544 7.65 7.81 -31.94
N PHE B 545 8.68 6.99 -32.14
CA PHE B 545 8.60 5.91 -33.12
C PHE B 545 7.55 4.88 -32.77
N ASN B 546 6.42 4.90 -33.49
CA ASN B 546 5.36 3.92 -33.34
C ASN B 546 4.87 3.82 -31.90
N GLY B 547 4.99 4.92 -31.15
CA GLY B 547 4.54 4.99 -29.78
C GLY B 547 5.61 4.94 -28.71
N LEU B 548 6.85 4.59 -29.04
CA LEU B 548 7.90 4.56 -28.00
C LEU B 548 8.45 5.98 -27.83
N LYS B 549 7.65 6.82 -27.18
CA LYS B 549 8.02 8.21 -26.99
C LYS B 549 9.13 8.32 -25.94
N GLY B 550 10.16 9.10 -26.26
CA GLY B 550 11.26 9.28 -25.34
C GLY B 550 12.22 10.32 -25.89
N THR B 551 13.16 10.72 -25.02
CA THR B 551 14.16 11.73 -25.34
C THR B 551 15.55 11.11 -25.35
N GLY B 552 16.36 11.50 -26.34
CA GLY B 552 17.71 10.99 -26.42
C GLY B 552 18.43 11.58 -27.62
N VAL B 553 19.68 11.15 -27.79
CA VAL B 553 20.54 11.58 -28.88
C VAL B 553 20.68 10.47 -29.91
N LEU B 554 20.09 10.66 -31.09
CA LEU B 554 20.14 9.65 -32.13
C LEU B 554 21.45 9.82 -32.92
N THR B 555 22.20 8.73 -33.03
CA THR B 555 23.47 8.73 -33.74
C THR B 555 23.57 7.45 -34.56
N GLU B 556 24.54 7.42 -35.47
CA GLU B 556 24.74 6.25 -36.30
C GLU B 556 25.14 5.04 -35.45
N SER B 557 24.71 3.86 -35.89
CA SER B 557 24.92 2.62 -35.18
C SER B 557 25.55 1.60 -36.12
N ASN B 558 26.34 0.69 -35.54
CA ASN B 558 26.95 -0.39 -36.29
C ASN B 558 26.39 -1.76 -35.89
N LYS B 559 25.17 -1.77 -35.35
CA LYS B 559 24.51 -3.00 -34.97
C LYS B 559 24.19 -3.84 -36.21
N LYS B 560 24.45 -5.14 -36.11
CA LYS B 560 24.22 -6.06 -37.23
C LYS B 560 22.77 -6.55 -37.14
N PHE B 561 21.87 -5.61 -37.38
CA PHE B 561 20.44 -5.88 -37.35
C PHE B 561 20.02 -6.85 -38.44
N LEU B 562 19.20 -7.83 -38.07
CA LEU B 562 18.60 -8.67 -39.08
C LEU B 562 17.40 -7.93 -39.68
N PRO B 563 17.01 -8.29 -40.91
CA PRO B 563 15.95 -7.51 -41.57
C PRO B 563 14.65 -7.42 -40.80
N PHE B 564 14.25 -8.49 -40.09
CA PHE B 564 13.01 -8.43 -39.34
C PHE B 564 13.13 -7.62 -38.06
N GLN B 565 14.34 -7.51 -37.50
CA GLN B 565 14.50 -6.82 -36.24
C GLN B 565 14.28 -5.32 -36.44
N GLN B 566 13.53 -4.71 -35.51
CA GLN B 566 13.22 -3.29 -35.58
C GLN B 566 13.77 -2.51 -34.39
N PHE B 567 13.49 -2.95 -33.17
CA PHE B 567 13.84 -2.20 -31.96
C PHE B 567 15.00 -2.87 -31.27
N GLY B 568 16.02 -2.09 -30.93
CA GLY B 568 17.12 -2.56 -30.12
C GLY B 568 16.84 -2.53 -28.63
N ARG B 569 17.73 -3.19 -27.89
CA ARG B 569 17.66 -3.26 -26.44
C ARG B 569 19.07 -3.54 -25.92
N ASP B 570 19.18 -3.60 -24.60
CA ASP B 570 20.47 -3.74 -23.93
C ASP B 570 20.31 -4.77 -22.82
N ILE B 571 21.28 -4.81 -21.92
CA ILE B 571 21.28 -5.79 -20.83
C ILE B 571 20.05 -5.63 -19.96
N ALA B 572 19.70 -4.39 -19.60
CA ALA B 572 18.59 -4.16 -18.67
C ALA B 572 17.50 -3.30 -19.30
N ASP B 573 16.68 -3.94 -20.13
CA ASP B 573 15.39 -3.44 -20.64
C ASP B 573 15.37 -1.95 -20.98
N THR B 574 16.38 -1.49 -21.73
CA THR B 574 16.42 -0.12 -22.20
C THR B 574 16.67 -0.19 -23.71
N THR B 575 15.85 0.51 -24.48
CA THR B 575 15.96 0.45 -25.94
C THR B 575 17.12 1.33 -26.33
N ASP B 576 18.26 0.69 -26.60
CA ASP B 576 19.50 1.33 -27.04
C ASP B 576 19.68 1.33 -28.55
N ALA B 577 18.71 0.84 -29.32
CA ALA B 577 18.82 0.84 -30.77
C ALA B 577 17.42 0.92 -31.38
N VAL B 578 17.39 1.35 -32.64
CA VAL B 578 16.15 1.55 -33.37
C VAL B 578 16.46 1.44 -34.85
N ARG B 579 15.45 1.07 -35.64
CA ARG B 579 15.60 0.94 -37.09
C ARG B 579 14.92 2.11 -37.78
N ASP B 580 15.62 2.68 -38.76
CA ASP B 580 15.09 3.85 -39.45
C ASP B 580 13.87 3.43 -40.26
N PRO B 581 12.77 4.16 -40.20
CA PRO B 581 11.66 3.86 -41.10
C PRO B 581 11.87 4.33 -42.54
N GLN B 582 12.41 5.53 -42.73
CA GLN B 582 12.71 6.03 -44.06
C GLN B 582 13.73 5.20 -44.84
N THR B 583 14.96 5.15 -44.36
CA THR B 583 15.99 4.37 -44.99
C THR B 583 16.45 3.24 -44.07
N LEU B 584 17.49 2.53 -44.49
CA LEU B 584 17.83 1.23 -43.92
C LEU B 584 18.94 1.34 -42.88
N GLU B 585 19.77 2.38 -42.95
CA GLU B 585 20.81 2.57 -41.96
C GLU B 585 20.15 2.81 -40.60
N ILE B 586 20.52 2.00 -39.63
CA ILE B 586 19.98 2.12 -38.27
C ILE B 586 20.67 3.21 -37.47
N LEU B 587 20.04 3.61 -36.37
CA LEU B 587 20.43 4.74 -35.55
C LEU B 587 20.42 4.36 -34.09
N ASP B 588 21.39 4.86 -33.34
CA ASP B 588 21.48 4.56 -31.92
C ASP B 588 20.71 5.61 -31.13
N ILE B 589 20.36 5.27 -29.89
CA ILE B 589 19.69 6.18 -28.97
C ILE B 589 20.38 6.22 -27.62
N THR B 590 20.72 7.43 -27.17
CA THR B 590 21.39 7.70 -25.89
C THR B 590 20.85 9.02 -25.35
N PRO B 591 20.37 9.03 -24.10
CA PRO B 591 19.85 10.27 -23.52
C PRO B 591 20.95 11.31 -23.34
N CYS B 592 20.56 12.58 -23.44
CA CYS B 592 21.56 13.62 -23.30
C CYS B 592 21.99 13.78 -21.85
N SER B 593 23.04 14.59 -21.67
CA SER B 593 23.78 14.60 -20.43
C SER B 593 22.94 15.11 -19.27
N PHE B 594 23.28 14.61 -18.09
CA PHE B 594 22.66 15.02 -16.85
C PHE B 594 23.62 14.68 -15.73
N GLY B 595 23.37 15.25 -14.56
CA GLY B 595 24.23 14.96 -13.43
C GLY B 595 23.75 15.71 -12.20
N GLY B 596 24.58 15.65 -11.17
CA GLY B 596 24.28 16.33 -9.93
C GLY B 596 25.18 17.54 -9.78
N VAL B 597 24.81 18.46 -8.89
CA VAL B 597 25.54 19.70 -8.69
C VAL B 597 25.93 19.77 -7.22
N SER B 598 27.19 20.11 -6.97
CA SER B 598 27.67 20.30 -5.62
C SER B 598 28.29 21.67 -5.50
N VAL B 599 28.08 22.30 -4.35
CA VAL B 599 28.53 23.64 -4.06
C VAL B 599 29.58 23.56 -2.97
N ILE B 600 30.72 24.20 -3.20
CA ILE B 600 31.82 24.22 -2.25
C ILE B 600 31.87 25.61 -1.66
N THR B 601 31.78 25.69 -0.34
CA THR B 601 31.80 26.96 0.37
C THR B 601 32.75 26.88 1.56
N PRO B 602 33.45 27.96 1.85
CA PRO B 602 34.34 27.99 3.03
C PRO B 602 33.65 28.42 4.32
N GLY B 603 32.34 28.67 4.28
CA GLY B 603 31.65 29.16 5.45
C GLY B 603 31.03 30.50 5.14
N THR B 604 29.78 30.72 5.57
CA THR B 604 29.13 31.98 5.23
C THR B 604 29.88 33.16 5.83
N ASN B 605 30.35 33.06 7.07
CA ASN B 605 31.04 34.21 7.62
C ASN B 605 32.33 34.42 6.85
N THR B 606 33.02 33.33 6.51
CA THR B 606 34.30 33.31 5.83
C THR B 606 34.05 33.75 4.38
N SER B 607 33.66 35.00 4.17
CA SER B 607 33.34 35.51 2.84
C SER B 607 32.12 34.81 2.23
N ASN B 608 31.59 35.40 1.16
CA ASN B 608 30.46 34.86 0.41
C ASN B 608 30.86 34.09 -0.85
N GLN B 609 32.14 34.03 -1.20
CA GLN B 609 32.55 33.32 -2.40
C GLN B 609 32.38 31.82 -2.24
N VAL B 610 31.86 31.19 -3.31
CA VAL B 610 31.59 29.76 -3.33
C VAL B 610 32.11 29.18 -4.64
N ALA B 611 32.17 27.85 -4.70
CA ALA B 611 32.56 27.13 -5.90
C ALA B 611 31.54 26.04 -6.20
N VAL B 612 31.38 25.72 -7.48
CA VAL B 612 30.37 24.79 -7.95
C VAL B 612 31.07 23.65 -8.69
N LEU B 613 30.71 22.41 -8.33
CA LEU B 613 31.24 21.21 -8.96
C LEU B 613 30.13 20.46 -9.67
N TYR B 614 30.33 20.19 -10.96
CA TYR B 614 29.38 19.43 -11.76
C TYR B 614 29.85 17.98 -11.81
N GLN B 615 28.99 17.06 -11.40
CA GLN B 615 29.37 15.69 -11.15
C GLN B 615 29.35 14.85 -12.42
N GLY B 616 30.48 14.21 -12.73
CA GLY B 616 30.52 13.21 -13.79
C GLY B 616 30.19 13.73 -15.17
N VAL B 617 30.69 14.91 -15.53
CA VAL B 617 30.47 15.48 -16.85
C VAL B 617 31.77 16.09 -17.38
N ASN B 618 31.98 15.96 -18.68
CA ASN B 618 33.11 16.58 -19.33
C ASN B 618 32.88 18.07 -19.46
N CYS B 619 33.96 18.85 -19.29
CA CYS B 619 33.83 20.30 -19.20
C CYS B 619 33.31 20.89 -20.49
N THR B 620 33.81 20.41 -21.63
CA THR B 620 33.55 21.06 -22.91
C THR B 620 32.07 21.00 -23.24
N GLU B 621 31.44 19.84 -23.04
CA GLU B 621 30.04 19.67 -23.42
C GLU B 621 29.11 20.51 -22.54
N VAL B 622 29.49 20.74 -21.29
CA VAL B 622 28.67 21.51 -20.36
C VAL B 622 29.50 22.68 -19.81
N PRO B 623 29.66 23.75 -20.58
CA PRO B 623 30.26 24.97 -20.03
C PRO B 623 29.23 25.84 -19.34
N VAL B 624 29.64 27.06 -18.93
CA VAL B 624 28.68 28.01 -18.36
C VAL B 624 27.94 28.78 -19.43
N ALA B 625 28.38 28.71 -20.68
CA ALA B 625 27.78 29.45 -21.79
C ALA B 625 26.61 28.71 -22.42
N ILE B 626 26.04 27.72 -21.74
CA ILE B 626 24.92 26.97 -22.29
C ILE B 626 23.69 27.17 -21.42
N HIS B 627 23.57 28.36 -20.84
CA HIS B 627 22.48 28.66 -19.91
C HIS B 627 21.19 29.03 -20.63
N ALA B 628 21.07 28.70 -21.91
CA ALA B 628 19.85 28.91 -22.67
C ALA B 628 19.04 27.63 -22.87
N ASP B 629 19.70 26.48 -22.93
CA ASP B 629 19.02 25.18 -23.05
C ASP B 629 19.76 24.21 -22.13
N GLN B 630 19.31 24.17 -20.89
CA GLN B 630 19.85 23.35 -19.80
C GLN B 630 18.94 23.57 -18.62
N LEU B 631 18.90 22.60 -17.71
CA LEU B 631 18.06 22.81 -16.54
C LEU B 631 18.62 23.98 -15.74
N THR B 632 17.78 24.56 -14.88
CA THR B 632 18.15 25.73 -14.09
C THR B 632 18.60 26.85 -15.03
N PRO B 633 17.65 27.49 -15.75
CA PRO B 633 18.01 28.44 -16.83
C PRO B 633 19.02 29.51 -16.44
N THR B 634 18.70 30.27 -15.40
CA THR B 634 19.50 31.41 -14.95
C THR B 634 20.73 30.99 -14.17
N TRP B 635 20.87 29.69 -13.90
CA TRP B 635 22.02 29.13 -13.22
C TRP B 635 23.17 28.97 -14.21
N ARG B 636 24.07 29.94 -14.23
CA ARG B 636 25.22 29.93 -15.12
C ARG B 636 26.54 30.16 -14.38
N VAL B 637 26.50 30.71 -13.16
CA VAL B 637 27.68 31.06 -12.38
C VAL B 637 28.59 32.01 -13.14
N TYR B 638 28.11 33.23 -13.39
CA TYR B 638 28.86 34.31 -14.05
C TYR B 638 29.34 33.82 -15.43
N SER B 639 30.48 34.30 -15.91
CA SER B 639 31.06 33.86 -17.16
C SER B 639 32.20 32.89 -16.89
N THR B 640 32.94 32.52 -17.95
CA THR B 640 34.13 31.70 -17.78
C THR B 640 35.31 32.57 -17.34
N GLY B 641 35.11 33.35 -16.27
CA GLY B 641 36.18 34.20 -15.78
C GLY B 641 37.35 33.37 -15.30
N SER B 642 37.06 32.30 -14.58
CA SER B 642 38.07 31.38 -14.07
C SER B 642 38.25 30.25 -15.08
N ASN B 643 39.47 29.72 -15.16
CA ASN B 643 39.73 28.60 -16.03
C ASN B 643 39.03 27.34 -15.51
N VAL B 644 38.09 26.82 -16.31
CA VAL B 644 37.33 25.66 -15.90
C VAL B 644 38.28 24.46 -15.78
N PHE B 645 38.16 23.72 -14.70
CA PHE B 645 39.05 22.59 -14.45
C PHE B 645 38.30 21.27 -14.66
N GLN B 646 38.93 20.37 -15.42
CA GLN B 646 38.40 19.04 -15.68
C GLN B 646 39.01 18.06 -14.69
N THR B 647 38.16 17.37 -13.93
CA THR B 647 38.59 16.42 -12.93
C THR B 647 37.97 15.06 -13.21
N ARG B 648 38.54 14.03 -12.58
CA ARG B 648 37.99 12.69 -12.75
C ARG B 648 36.58 12.59 -12.20
N ALA B 649 36.23 13.44 -11.23
CA ALA B 649 34.89 13.44 -10.66
C ALA B 649 33.93 14.32 -11.43
N GLY B 650 34.41 15.12 -12.36
CA GLY B 650 33.56 15.98 -13.17
C GLY B 650 34.27 17.28 -13.49
N CYS B 651 33.47 18.29 -13.75
CA CYS B 651 33.94 19.62 -14.11
C CYS B 651 33.80 20.56 -12.93
N LEU B 652 34.88 21.25 -12.59
CA LEU B 652 34.91 22.17 -11.46
C LEU B 652 34.99 23.60 -11.98
N ILE B 653 34.01 24.42 -11.59
CA ILE B 653 33.90 25.81 -12.01
C ILE B 653 33.87 26.69 -10.77
N GLY B 654 34.72 27.72 -10.75
CA GLY B 654 34.78 28.65 -9.64
C GLY B 654 36.03 28.55 -8.79
N ALA B 655 36.95 27.67 -9.14
CA ALA B 655 38.20 27.51 -8.41
C ALA B 655 39.33 27.41 -9.40
N GLU B 656 40.53 27.81 -8.97
CA GLU B 656 41.71 27.76 -9.82
C GLU B 656 42.66 26.69 -9.33
N TYR B 657 43.28 25.98 -10.26
CA TYR B 657 44.16 24.88 -9.91
C TYR B 657 45.58 25.42 -9.71
N VAL B 658 46.15 25.13 -8.54
CA VAL B 658 47.51 25.52 -8.24
C VAL B 658 48.39 24.27 -8.27
N ASN B 659 49.70 24.48 -8.17
CA ASN B 659 50.65 23.38 -8.19
C ASN B 659 51.38 23.27 -6.85
N ASN B 660 50.71 23.65 -5.77
CA ASN B 660 51.24 23.54 -4.42
C ASN B 660 50.43 22.50 -3.65
N SER B 661 51.11 21.54 -3.05
CA SER B 661 50.42 20.47 -2.34
C SER B 661 50.29 20.87 -0.88
N TYR B 662 49.19 21.54 -0.56
CA TYR B 662 48.91 21.94 0.80
C TYR B 662 48.13 20.84 1.52
N GLU B 663 47.86 21.06 2.81
CA GLU B 663 47.00 20.16 3.55
C GLU B 663 45.57 20.24 3.03
N CYS B 664 44.82 19.15 3.19
CA CYS B 664 43.50 19.09 2.61
C CYS B 664 42.54 19.98 3.38
N ASP B 665 41.47 20.41 2.71
CA ASP B 665 40.54 21.33 3.35
C ASP B 665 39.08 21.06 3.03
N ILE B 666 38.77 20.81 1.77
CA ILE B 666 37.42 20.44 1.34
C ILE B 666 37.48 19.49 0.15
N PRO B 667 37.07 18.24 0.30
CA PRO B 667 37.42 17.21 -0.68
C PRO B 667 36.34 17.09 -1.75
N ILE B 668 36.78 16.75 -2.95
CA ILE B 668 35.86 16.39 -4.03
C ILE B 668 36.10 14.94 -4.43
N GLY B 669 37.33 14.47 -4.20
CA GLY B 669 37.74 13.14 -4.58
C GLY B 669 39.00 13.13 -5.42
N ALA B 670 39.66 11.98 -5.46
CA ALA B 670 40.83 11.73 -6.28
C ALA B 670 41.97 12.65 -5.90
N GLY B 671 42.02 13.00 -4.61
CA GLY B 671 43.14 13.68 -4.01
C GLY B 671 43.14 15.18 -4.21
N ILE B 672 42.01 15.77 -4.57
CA ILE B 672 41.89 17.21 -4.70
C ILE B 672 41.07 17.78 -3.56
N CYS B 673 41.62 18.78 -2.87
CA CYS B 673 40.94 19.49 -1.81
C CYS B 673 40.89 20.97 -2.13
N ALA B 674 39.69 21.55 -2.08
CA ALA B 674 39.56 22.97 -2.38
C ALA B 674 39.67 23.77 -1.08
N SER B 675 40.22 24.98 -1.21
CA SER B 675 40.47 25.82 -0.04
C SER B 675 40.28 27.28 -0.40
N TYR B 676 40.13 28.11 0.63
CA TYR B 676 40.06 29.56 0.46
C TYR B 676 41.36 30.14 1.00
N GLN B 677 42.15 30.74 0.12
CA GLN B 677 43.47 31.24 0.48
C GLN B 677 43.67 32.59 -0.19
N THR B 678 44.90 33.09 -0.11
CA THR B 678 45.25 34.37 -0.71
C THR B 678 45.86 34.17 -2.09
N SER B 691 42.50 39.35 -3.91
CA SER B 691 43.48 38.88 -2.93
C SER B 691 43.15 37.46 -2.49
N GLN B 692 41.92 37.26 -2.00
CA GLN B 692 41.47 35.96 -1.52
C GLN B 692 40.59 35.29 -2.57
N SER B 693 40.88 34.03 -2.85
CA SER B 693 40.16 33.29 -3.87
C SER B 693 40.12 31.82 -3.48
N ILE B 694 39.22 31.09 -4.11
CA ILE B 694 39.08 29.65 -3.88
C ILE B 694 39.99 28.93 -4.86
N ILE B 695 40.82 28.03 -4.34
CA ILE B 695 41.80 27.33 -5.15
C ILE B 695 41.62 25.82 -4.99
N ALA B 696 42.11 25.10 -5.99
CA ALA B 696 42.12 23.65 -6.00
C ALA B 696 43.54 23.17 -6.21
N TYR B 697 43.87 22.04 -5.59
CA TYR B 697 45.23 21.52 -5.65
C TYR B 697 45.19 20.01 -5.43
N THR B 698 46.37 19.42 -5.25
CA THR B 698 46.52 18.02 -4.94
C THR B 698 47.00 17.88 -3.50
N MET B 699 46.32 17.05 -2.72
CA MET B 699 46.64 16.89 -1.32
C MET B 699 48.03 16.29 -1.16
N SER B 700 48.72 16.67 -0.10
CA SER B 700 50.07 16.20 0.18
C SER B 700 50.01 15.15 1.27
N LEU B 701 50.63 14.00 1.00
CA LEU B 701 50.62 12.90 1.95
C LEU B 701 51.35 13.25 3.25
N GLY B 702 52.50 13.91 3.15
CA GLY B 702 53.21 14.25 4.36
C GLY B 702 54.60 14.78 4.06
N ALA B 703 55.30 15.09 5.14
CA ALA B 703 56.66 15.62 5.05
C ALA B 703 57.64 14.52 4.64
N GLU B 704 58.56 14.89 3.75
CA GLU B 704 59.56 13.94 3.28
C GLU B 704 60.52 13.59 4.42
N ASN B 705 60.96 12.33 4.42
CA ASN B 705 61.87 11.83 5.45
C ASN B 705 62.84 10.83 4.83
N SER B 706 63.99 10.69 5.48
CA SER B 706 65.04 9.79 5.02
C SER B 706 65.81 9.31 6.25
N VAL B 707 65.61 8.05 6.62
CA VAL B 707 66.25 7.46 7.77
C VAL B 707 67.72 7.15 7.47
N ALA B 708 68.60 7.57 8.38
CA ALA B 708 70.04 7.40 8.23
C ALA B 708 70.42 5.95 8.56
N TYR B 709 70.09 5.06 7.63
CA TYR B 709 70.37 3.65 7.81
C TYR B 709 71.85 3.36 7.62
N SER B 710 72.39 2.47 8.46
CA SER B 710 73.76 2.02 8.41
C SER B 710 73.93 0.84 9.34
N ASN B 711 74.77 -0.11 8.93
CA ASN B 711 75.03 -1.28 9.77
C ASN B 711 75.76 -0.91 11.05
N ASN B 712 76.57 0.16 11.03
CA ASN B 712 77.37 0.52 12.18
C ASN B 712 77.00 1.91 12.71
N SER B 713 75.76 2.33 12.48
CA SER B 713 75.26 3.58 13.03
C SER B 713 73.90 3.36 13.68
N ILE B 714 73.73 3.95 14.87
CA ILE B 714 72.51 3.83 15.65
C ILE B 714 72.26 5.16 16.35
N ALA B 715 71.01 5.37 16.75
CA ALA B 715 70.63 6.57 17.47
C ALA B 715 69.93 6.18 18.76
N ILE B 716 70.34 6.80 19.86
CA ILE B 716 69.82 6.51 21.20
C ILE B 716 69.33 7.83 21.78
N PRO B 717 68.09 7.90 22.24
CA PRO B 717 67.61 9.14 22.85
C PRO B 717 68.30 9.47 24.17
N THR B 718 68.35 10.78 24.44
CA THR B 718 68.95 11.37 25.62
C THR B 718 67.92 12.16 26.39
N ASN B 719 66.68 12.14 25.95
CA ASN B 719 65.60 12.88 26.57
C ASN B 719 64.28 12.21 26.26
N PHE B 720 63.27 12.59 27.03
CA PHE B 720 61.95 12.03 26.94
C PHE B 720 60.95 13.16 26.93
N THR B 721 59.70 12.82 26.66
CA THR B 721 58.63 13.80 26.69
C THR B 721 57.38 13.12 27.22
N ILE B 722 56.63 13.84 28.05
CA ILE B 722 55.39 13.34 28.60
C ILE B 722 54.26 13.95 27.80
N SER B 723 53.39 13.12 27.25
CA SER B 723 52.31 13.59 26.40
C SER B 723 50.98 13.15 26.97
N VAL B 724 50.02 14.05 26.93
CA VAL B 724 48.66 13.79 27.39
C VAL B 724 47.74 14.05 26.21
N THR B 725 46.94 13.06 25.87
CA THR B 725 46.03 13.18 24.74
C THR B 725 44.64 12.80 25.18
N THR B 726 43.65 13.32 24.46
CA THR B 726 42.26 13.09 24.81
C THR B 726 41.64 12.15 23.79
N GLU B 727 40.48 11.60 24.16
CA GLU B 727 39.77 10.68 23.30
C GLU B 727 38.32 10.65 23.75
N ILE B 728 37.40 10.74 22.81
CA ILE B 728 35.98 10.85 23.10
C ILE B 728 35.29 9.65 22.48
N LEU B 729 34.47 8.96 23.27
CA LEU B 729 33.76 7.80 22.79
C LEU B 729 32.30 7.85 23.24
N PRO B 730 31.35 7.68 22.34
CA PRO B 730 29.95 7.60 22.77
C PRO B 730 29.70 6.33 23.57
N VAL B 731 28.71 6.40 24.45
CA VAL B 731 28.40 5.27 25.32
C VAL B 731 26.96 4.82 25.11
N SER B 732 26.02 5.74 25.23
CA SER B 732 24.61 5.42 25.09
C SER B 732 23.92 6.54 24.34
N MET B 733 22.66 6.31 23.98
CA MET B 733 21.88 7.31 23.25
C MET B 733 20.52 7.45 23.95
N THR B 734 19.64 8.26 23.38
CA THR B 734 18.37 8.59 24.03
C THR B 734 17.37 7.43 24.03
N LYS B 735 16.71 7.22 25.17
CA LYS B 735 15.66 6.21 25.23
C LYS B 735 14.32 6.86 24.89
N THR B 736 13.64 6.33 23.87
CA THR B 736 12.39 6.89 23.40
C THR B 736 11.31 5.82 23.34
N SER B 737 10.04 6.26 23.34
CA SER B 737 8.93 5.33 23.19
C SER B 737 7.87 5.98 22.31
N VAL B 738 7.07 5.14 21.65
CA VAL B 738 6.03 5.63 20.74
C VAL B 738 4.71 4.91 20.98
N ASP B 739 3.61 5.61 20.71
CA ASP B 739 2.27 5.03 20.70
C ASP B 739 1.80 5.00 19.25
N CYS B 740 1.64 3.79 18.69
CA CYS B 740 1.33 3.68 17.26
C CYS B 740 -0.03 4.27 16.93
N THR B 741 -1.04 4.00 17.75
CA THR B 741 -2.40 4.42 17.42
C THR B 741 -2.58 5.91 17.66
N MET B 742 -1.92 6.43 18.69
CA MET B 742 -2.10 7.83 19.00
C MET B 742 -1.32 8.65 18.00
N TYR B 743 -0.14 8.16 17.62
CA TYR B 743 0.69 8.88 16.69
C TYR B 743 0.03 8.96 15.31
N ILE B 744 -0.58 7.88 14.84
CA ILE B 744 -1.14 7.99 13.50
C ILE B 744 -2.52 8.66 13.56
N CYS B 745 -3.39 8.17 14.42
CA CYS B 745 -4.77 8.63 14.56
C CYS B 745 -5.02 9.16 15.98
N GLY B 746 -4.78 10.45 16.12
CA GLY B 746 -4.92 11.22 17.34
C GLY B 746 -6.36 11.55 17.65
N ASP B 747 -6.90 10.95 18.71
CA ASP B 747 -8.27 11.21 19.16
C ASP B 747 -9.32 10.85 18.10
N SER B 748 -9.26 9.59 17.68
CA SER B 748 -10.18 9.04 16.69
C SER B 748 -10.30 7.55 16.96
N THR B 749 -11.46 7.16 17.52
CA THR B 749 -11.80 5.77 17.83
C THR B 749 -12.13 4.95 16.59
N GLU B 750 -12.68 5.59 15.56
CA GLU B 750 -12.95 4.89 14.32
C GLU B 750 -11.66 4.40 13.70
N CYS B 751 -10.59 5.16 13.84
CA CYS B 751 -9.29 4.68 13.42
C CYS B 751 -8.84 3.46 14.21
N SER B 752 -9.12 3.42 15.51
CA SER B 752 -8.78 2.20 16.26
C SER B 752 -9.57 1.00 15.75
N ASN B 753 -10.85 1.19 15.44
CA ASN B 753 -11.62 0.07 14.90
C ASN B 753 -11.08 -0.39 13.55
N LEU B 754 -10.79 0.54 12.64
CA LEU B 754 -10.21 0.12 11.36
C LEU B 754 -8.75 -0.30 11.42
N LEU B 755 -8.03 -0.05 12.52
CA LEU B 755 -6.68 -0.60 12.62
C LEU B 755 -6.64 -1.98 13.27
N LEU B 756 -7.60 -2.29 14.14
CA LEU B 756 -7.48 -3.51 14.93
C LEU B 756 -7.37 -4.76 14.06
N GLN B 757 -7.94 -4.73 12.85
CA GLN B 757 -7.89 -5.93 12.01
C GLN B 757 -6.57 -6.06 11.27
N TYR B 758 -5.64 -5.12 11.47
CA TYR B 758 -4.31 -5.19 10.87
C TYR B 758 -3.33 -5.98 11.73
N GLY B 759 -3.83 -6.86 12.59
CA GLY B 759 -3.00 -7.64 13.47
C GLY B 759 -2.36 -6.78 14.57
N SER B 760 -1.18 -7.20 15.01
CA SER B 760 -0.41 -6.53 16.04
C SER B 760 0.87 -6.01 15.40
N PHE B 761 0.80 -4.81 14.82
CA PHE B 761 1.98 -4.16 14.28
C PHE B 761 2.64 -3.21 15.27
N CYS B 762 2.09 -3.09 16.48
CA CYS B 762 2.58 -2.19 17.52
C CYS B 762 3.40 -2.89 18.59
N THR B 763 3.06 -4.13 18.93
CA THR B 763 3.83 -4.84 19.94
C THR B 763 5.27 -5.08 19.53
N GLN B 764 5.52 -5.43 18.27
CA GLN B 764 6.90 -5.66 17.87
C GLN B 764 7.74 -4.38 17.98
N LEU B 765 7.21 -3.25 17.52
CA LEU B 765 7.96 -2.00 17.63
C LEU B 765 8.15 -1.60 19.09
N LYS B 766 7.12 -1.78 19.92
CA LYS B 766 7.25 -1.46 21.33
C LYS B 766 8.32 -2.32 21.99
N ARG B 767 8.34 -3.62 21.66
CA ARG B 767 9.36 -4.51 22.19
C ARG B 767 10.73 -4.11 21.71
N ALA B 768 10.85 -3.73 20.44
CA ALA B 768 12.14 -3.33 19.89
C ALA B 768 12.67 -2.09 20.59
N LEU B 769 11.79 -1.13 20.88
CA LEU B 769 12.25 0.07 21.56
C LEU B 769 12.58 -0.22 23.02
N THR B 770 11.79 -1.07 23.68
CA THR B 770 12.16 -1.42 25.05
C THR B 770 13.48 -2.17 25.07
N GLY B 771 13.72 -2.97 24.03
CA GLY B 771 14.99 -3.64 23.88
C GLY B 771 16.15 -2.67 23.78
N ILE B 772 15.99 -1.63 22.95
CA ILE B 772 17.04 -0.64 22.83
C ILE B 772 17.25 0.10 24.15
N ALA B 773 16.15 0.46 24.82
CA ALA B 773 16.27 1.16 26.09
C ALA B 773 17.02 0.32 27.13
N VAL B 774 16.71 -0.98 27.16
CA VAL B 774 17.41 -1.86 28.08
C VAL B 774 18.86 -2.00 27.67
N GLU B 775 19.13 -2.11 26.37
CA GLU B 775 20.52 -2.31 26.01
C GLU B 775 21.32 -1.07 26.34
N GLN B 776 20.68 0.12 26.26
CA GLN B 776 21.39 1.34 26.60
C GLN B 776 21.76 1.33 28.07
N ASP B 777 20.81 0.92 28.91
CA ASP B 777 21.07 0.86 30.35
C ASP B 777 22.14 -0.16 30.66
N LYS B 778 22.10 -1.32 29.99
CA LYS B 778 23.13 -2.33 30.18
C LYS B 778 24.49 -1.83 29.73
N ASN B 779 24.53 -1.07 28.63
CA ASN B 779 25.79 -0.49 28.16
C ASN B 779 26.37 0.44 29.20
N THR B 780 25.52 1.27 29.80
CA THR B 780 26.01 2.17 30.82
C THR B 780 26.51 1.40 32.02
N GLN B 781 25.77 0.37 32.45
CA GLN B 781 26.19 -0.32 33.67
C GLN B 781 27.46 -1.12 33.42
N GLU B 782 27.59 -1.72 32.24
CA GLU B 782 28.80 -2.48 31.92
C GLU B 782 30.02 -1.58 31.89
N VAL B 783 29.84 -0.34 31.41
CA VAL B 783 31.00 0.53 31.32
C VAL B 783 31.34 1.12 32.68
N PHE B 784 30.35 1.70 33.37
CA PHE B 784 30.69 2.47 34.55
C PHE B 784 30.72 1.64 35.83
N ALA B 785 29.84 0.65 35.96
CA ALA B 785 29.78 -0.14 37.18
C ALA B 785 30.77 -1.30 37.04
N GLN B 786 32.03 -0.99 37.31
CA GLN B 786 33.09 -1.99 37.22
C GLN B 786 33.83 -2.20 38.53
N VAL B 787 33.40 -1.55 39.61
CA VAL B 787 34.06 -1.68 40.91
C VAL B 787 33.04 -2.07 41.96
N LYS B 788 33.55 -2.71 43.02
CA LYS B 788 32.71 -3.20 44.09
C LYS B 788 32.59 -2.20 45.24
N GLN B 789 33.59 -1.36 45.45
CA GLN B 789 33.59 -0.42 46.56
C GLN B 789 33.83 0.98 46.03
N ILE B 790 33.36 1.97 46.78
CA ILE B 790 33.52 3.37 46.42
C ILE B 790 34.72 3.89 47.20
N TYR B 791 35.87 3.92 46.55
CA TYR B 791 37.09 4.40 47.20
C TYR B 791 37.08 5.92 47.30
N LYS B 792 37.86 6.42 48.26
CA LYS B 792 38.01 7.85 48.48
C LYS B 792 39.49 8.21 48.59
N THR B 793 39.80 9.44 48.27
CA THR B 793 41.17 9.93 48.32
C THR B 793 41.42 10.62 49.66
N PRO B 794 42.65 10.56 50.18
CA PRO B 794 42.93 11.23 51.44
C PRO B 794 42.81 12.74 51.27
N PRO B 795 42.51 13.47 52.35
CA PRO B 795 42.40 14.93 52.23
C PRO B 795 43.67 15.59 51.73
N ILE B 796 44.83 15.07 52.12
CA ILE B 796 46.10 15.59 51.63
C ILE B 796 46.27 15.20 50.17
N LYS B 797 46.66 16.15 49.34
CA LYS B 797 46.74 15.95 47.89
C LYS B 797 48.18 16.07 47.42
N TYR B 798 49.11 15.47 48.16
CA TYR B 798 50.52 15.41 47.78
C TYR B 798 50.84 13.98 47.39
N PHE B 799 51.12 13.78 46.10
CA PHE B 799 51.46 12.48 45.52
C PHE B 799 52.79 12.67 44.81
N GLY B 800 53.89 12.55 45.56
CA GLY B 800 55.21 12.66 44.97
C GLY B 800 55.40 14.01 44.32
N GLY B 801 54.58 14.97 44.73
CA GLY B 801 54.50 16.31 44.21
C GLY B 801 53.55 16.50 43.06
N PHE B 802 53.03 15.44 42.46
CA PHE B 802 52.07 15.63 41.39
C PHE B 802 50.72 16.00 41.99
N ASN B 803 49.98 16.89 41.34
CA ASN B 803 48.69 17.29 41.89
C ASN B 803 47.58 16.78 40.97
N PHE B 804 46.43 16.50 41.56
CA PHE B 804 45.26 16.01 40.83
C PHE B 804 44.06 16.93 40.95
N SER B 805 44.28 18.19 41.33
CA SER B 805 43.14 19.07 41.61
C SER B 805 42.32 19.39 40.38
N GLN B 806 42.84 19.20 39.17
CA GLN B 806 42.05 19.55 37.99
C GLN B 806 41.24 18.37 37.49
N ILE B 807 41.41 17.19 38.09
CA ILE B 807 40.61 16.03 37.72
C ILE B 807 39.86 15.43 38.91
N LEU B 808 40.26 15.73 40.15
CA LEU B 808 39.50 15.23 41.28
C LEU B 808 38.24 16.09 41.49
N PRO B 809 37.15 15.48 41.93
CA PRO B 809 35.93 16.26 42.17
C PRO B 809 36.13 17.20 43.35
N ASP B 810 35.41 18.32 43.31
CA ASP B 810 35.48 19.29 44.38
C ASP B 810 34.10 19.45 45.00
N PRO B 811 33.97 19.33 46.32
CA PRO B 811 32.65 19.42 46.97
C PRO B 811 32.13 20.83 47.13
N SER B 812 32.78 21.83 46.54
CA SER B 812 32.35 23.22 46.65
C SER B 812 31.40 23.59 45.52
N LYS B 813 30.74 22.61 44.93
CA LYS B 813 29.80 22.79 43.83
C LYS B 813 28.61 21.86 44.07
N PRO B 814 27.43 22.21 43.55
CA PRO B 814 26.29 21.29 43.66
C PRO B 814 26.55 19.94 43.01
N SER B 815 27.31 19.91 41.91
CA SER B 815 27.69 18.68 41.25
C SER B 815 29.15 18.38 41.54
N LYS B 816 29.43 17.17 42.01
CA LYS B 816 30.80 16.77 42.36
C LYS B 816 31.51 16.36 41.07
N ARG B 817 31.84 17.38 40.28
CA ARG B 817 32.53 17.20 39.01
C ARG B 817 33.79 18.04 38.99
N SER B 818 34.79 17.55 38.28
CA SER B 818 36.07 18.24 38.17
C SER B 818 35.94 19.37 37.16
N PRO B 819 36.84 20.35 37.21
CA PRO B 819 36.70 21.50 36.30
C PRO B 819 36.61 21.12 34.84
N ILE B 820 37.40 20.14 34.40
CA ILE B 820 37.31 19.69 33.02
C ILE B 820 35.95 19.06 32.75
N GLU B 821 35.42 18.31 33.71
CA GLU B 821 34.09 17.75 33.55
C GLU B 821 33.03 18.83 33.42
N ASP B 822 33.16 19.90 34.20
CA ASP B 822 32.21 21.01 34.08
C ASP B 822 32.33 21.68 32.72
N LEU B 823 33.56 21.87 32.23
CA LEU B 823 33.75 22.46 30.91
C LEU B 823 33.10 21.59 29.82
N LEU B 824 33.33 20.29 29.89
CA LEU B 824 32.74 19.39 28.90
C LEU B 824 31.22 19.42 28.98
N PHE B 825 30.66 19.42 30.20
CA PHE B 825 29.21 19.42 30.35
C PHE B 825 28.62 20.70 29.78
N ASN B 826 29.27 21.84 30.03
CA ASN B 826 28.80 23.09 29.47
C ASN B 826 28.90 23.09 27.95
N LYS B 827 29.96 22.48 27.42
CA LYS B 827 30.13 22.40 25.97
C LYS B 827 29.05 21.54 25.33
N VAL B 828 28.69 20.42 25.95
CA VAL B 828 27.74 19.48 25.36
C VAL B 828 26.28 19.83 25.66
N THR B 829 26.02 20.61 26.70
CA THR B 829 24.66 20.95 27.08
C THR B 829 23.95 21.84 26.08
N LEU B 830 24.65 22.37 25.07
CA LEU B 830 23.99 23.18 24.04
C LEU B 830 22.94 22.37 23.28
N ALA B 831 23.12 21.05 23.19
CA ALA B 831 22.17 20.15 22.53
C ALA B 831 21.94 18.97 23.46
N ASP B 832 20.93 19.08 24.31
CA ASP B 832 20.59 18.04 25.27
C ASP B 832 19.07 17.86 25.28
N ALA B 833 18.62 16.82 25.98
CA ALA B 833 17.19 16.55 26.09
C ALA B 833 16.46 17.69 26.79
N GLY B 834 17.03 18.21 27.86
CA GLY B 834 16.43 19.32 28.57
C GLY B 834 16.54 19.23 30.07
N PHE B 835 16.90 18.04 30.57
CA PHE B 835 16.98 17.75 32.01
C PHE B 835 15.66 18.08 32.73
N ILE B 836 14.55 18.12 32.02
CA ILE B 836 13.23 18.29 32.63
C ILE B 836 12.29 17.24 32.05
N LYS B 837 11.70 16.43 32.93
CA LYS B 837 10.75 15.41 32.53
C LYS B 837 9.48 15.42 33.37
N GLN B 838 9.39 16.28 34.39
CA GLN B 838 8.20 16.39 35.22
C GLN B 838 7.00 16.98 34.50
N TYR B 839 7.17 17.54 33.30
CA TYR B 839 6.10 18.12 32.49
C TYR B 839 5.48 19.35 33.11
N GLY B 840 6.04 19.88 34.21
CA GLY B 840 5.52 21.12 34.78
C GLY B 840 5.69 22.33 33.88
N ASP B 841 6.90 22.54 33.37
CA ASP B 841 7.12 23.66 32.45
C ASP B 841 6.46 23.45 31.09
N CYS B 842 6.17 22.20 30.72
CA CYS B 842 5.55 21.92 29.43
C CYS B 842 4.12 22.47 29.38
N LEU B 843 3.99 23.79 29.32
CA LEU B 843 2.69 24.46 29.26
C LEU B 843 1.82 24.09 30.46
N ASP B 850 10.60 24.35 23.44
CA ASP B 850 9.31 23.84 23.00
C ASP B 850 9.49 22.65 22.05
N LEU B 851 10.75 22.31 21.77
CA LEU B 851 11.03 21.18 20.89
C LEU B 851 10.58 19.86 21.52
N ILE B 852 10.94 19.65 22.79
CA ILE B 852 10.50 18.44 23.48
C ILE B 852 9.00 18.48 23.73
N CYS B 853 8.46 19.66 24.06
CA CYS B 853 7.04 19.78 24.35
C CYS B 853 6.20 19.42 23.12
N ALA B 854 6.56 19.96 21.96
CA ALA B 854 5.78 19.69 20.75
C ALA B 854 5.81 18.21 20.42
N GLN B 855 6.99 17.59 20.53
CA GLN B 855 7.12 16.19 20.16
C GLN B 855 6.41 15.29 21.17
N LYS B 856 6.34 15.71 22.42
CA LYS B 856 5.68 14.93 23.45
C LYS B 856 4.19 14.79 23.17
N PHE B 857 3.56 15.82 22.60
CA PHE B 857 2.15 15.72 22.26
C PHE B 857 1.89 14.58 21.28
N LYS B 858 2.82 14.37 20.34
CA LYS B 858 2.69 13.28 19.39
C LYS B 858 3.20 11.97 19.96
N GLY B 859 3.28 11.86 21.28
CA GLY B 859 3.73 10.65 21.94
C GLY B 859 5.17 10.26 21.67
N LEU B 860 6.06 11.25 21.76
CA LEU B 860 7.50 11.06 21.62
C LEU B 860 8.10 11.64 22.88
N THR B 861 8.56 10.75 23.75
CA THR B 861 9.09 11.08 25.05
C THR B 861 10.50 10.54 25.18
N VAL B 862 11.15 10.93 26.27
CA VAL B 862 12.51 10.50 26.55
C VAL B 862 12.52 9.94 27.97
N LEU B 863 13.02 8.72 28.10
CA LEU B 863 13.06 8.12 29.42
C LEU B 863 14.38 8.45 30.08
N PRO B 864 14.36 8.78 31.37
CA PRO B 864 15.61 9.15 32.02
C PRO B 864 16.50 7.94 32.17
N PRO B 865 17.82 8.12 32.18
CA PRO B 865 18.71 6.99 32.38
C PRO B 865 18.59 6.45 33.79
N LEU B 866 18.91 5.17 33.95
CA LEU B 866 18.84 4.58 35.28
C LEU B 866 19.90 5.17 36.19
N LEU B 867 21.11 5.34 35.67
CA LEU B 867 22.21 5.87 36.45
C LEU B 867 22.29 7.37 36.16
N THR B 868 22.18 8.20 37.19
CA THR B 868 22.26 9.64 36.96
C THR B 868 23.69 10.10 36.73
N ASP B 869 23.82 11.39 36.40
CA ASP B 869 25.14 11.93 36.13
C ASP B 869 25.94 12.17 37.41
N GLU B 870 25.28 12.11 38.57
CA GLU B 870 26.04 12.33 39.79
C GLU B 870 26.59 11.01 40.26
N MET B 871 25.81 9.96 40.10
CA MET B 871 26.32 8.63 40.45
C MET B 871 27.43 8.27 39.47
N ILE B 872 27.30 8.68 38.20
CA ILE B 872 28.36 8.47 37.23
C ILE B 872 29.62 9.22 37.65
N ALA B 873 29.46 10.46 38.10
CA ALA B 873 30.61 11.22 38.58
C ALA B 873 31.24 10.54 39.79
N GLN B 874 30.41 10.00 40.67
CA GLN B 874 30.92 9.27 41.83
C GLN B 874 31.70 8.04 41.39
N TYR B 875 31.20 7.33 40.38
CA TYR B 875 31.90 6.17 39.86
C TYR B 875 33.26 6.57 39.31
N THR B 876 33.31 7.65 38.54
CA THR B 876 34.58 8.09 37.98
C THR B 876 35.54 8.53 39.07
N SER B 877 35.04 9.23 40.09
CA SER B 877 35.88 9.64 41.20
C SER B 877 36.41 8.44 41.97
N ALA B 878 35.57 7.43 42.19
CA ALA B 878 36.02 6.22 42.86
C ALA B 878 37.10 5.53 42.06
N LEU B 879 36.91 5.45 40.74
CA LEU B 879 37.91 4.82 39.89
C LEU B 879 39.23 5.59 39.94
N LEU B 880 39.16 6.91 39.90
CA LEU B 880 40.38 7.72 39.98
C LEU B 880 41.09 7.52 41.31
N ALA B 881 40.32 7.54 42.41
CA ALA B 881 40.92 7.35 43.72
C ALA B 881 41.56 5.98 43.85
N GLY B 882 40.88 4.95 43.37
CA GLY B 882 41.45 3.62 43.41
C GLY B 882 42.71 3.51 42.59
N THR B 883 42.71 4.09 41.39
CA THR B 883 43.90 4.04 40.56
C THR B 883 45.05 4.79 41.22
N ILE B 884 44.76 5.91 41.85
CA ILE B 884 45.81 6.74 42.46
C ILE B 884 46.40 6.03 43.65
N THR B 885 45.57 5.44 44.50
CA THR B 885 46.04 4.93 45.78
C THR B 885 46.39 3.44 45.71
N SER B 886 46.15 2.77 44.57
CA SER B 886 46.42 1.35 44.51
C SER B 886 47.25 0.93 43.31
N GLY B 887 47.15 1.64 42.19
CA GLY B 887 47.83 1.21 40.97
C GLY B 887 46.92 0.35 40.10
N TRP B 888 47.27 -0.92 39.93
CA TRP B 888 46.42 -1.86 39.23
C TRP B 888 45.95 -3.01 40.11
N THR B 889 46.31 -3.03 41.39
CA THR B 889 45.89 -4.14 42.24
C THR B 889 44.43 -4.06 42.62
N PHE B 890 43.82 -2.88 42.53
CA PHE B 890 42.41 -2.73 42.86
C PHE B 890 41.49 -3.21 41.76
N GLY B 891 42.02 -3.52 40.58
CA GLY B 891 41.21 -4.05 39.51
C GLY B 891 41.17 -5.56 39.44
N ALA B 892 41.91 -6.25 40.31
CA ALA B 892 41.92 -7.70 40.32
C ALA B 892 41.60 -8.29 41.68
N GLY B 893 41.32 -7.46 42.68
CA GLY B 893 41.02 -7.94 44.01
C GLY B 893 41.00 -6.81 45.01
N PRO B 894 41.55 -7.07 46.20
CA PRO B 894 41.61 -6.03 47.22
C PRO B 894 42.55 -4.90 46.81
N ALA B 895 42.22 -3.70 47.26
CA ALA B 895 43.04 -2.53 47.00
C ALA B 895 44.25 -2.54 47.92
N LEU B 896 45.43 -2.36 47.33
CA LEU B 896 46.69 -2.35 48.07
C LEU B 896 47.33 -0.99 47.88
N GLN B 897 47.61 -0.31 48.99
CA GLN B 897 48.14 1.04 48.91
C GLN B 897 49.59 1.02 48.47
N ILE B 898 50.01 2.11 47.83
CA ILE B 898 51.37 2.27 47.36
C ILE B 898 51.61 3.74 47.08
N PRO B 899 52.79 4.27 47.44
CA PRO B 899 53.08 5.66 47.12
C PRO B 899 53.12 5.92 45.63
N PHE B 900 52.74 7.15 45.28
CA PHE B 900 52.65 7.51 43.87
C PHE B 900 54.01 7.49 43.19
N PRO B 901 55.08 8.07 43.75
CA PRO B 901 56.37 8.01 43.04
C PRO B 901 56.82 6.60 42.75
N MET B 902 56.72 5.70 43.73
CA MET B 902 57.20 4.35 43.46
C MET B 902 56.24 3.56 42.57
N GLN B 903 54.94 3.89 42.58
CA GLN B 903 54.04 3.28 41.61
C GLN B 903 54.44 3.66 40.18
N MET B 904 54.71 4.95 39.95
CA MET B 904 55.19 5.36 38.63
C MET B 904 56.55 4.77 38.32
N ALA B 905 57.41 4.60 39.33
CA ALA B 905 58.70 3.98 39.10
C ALA B 905 58.54 2.54 38.63
N TYR B 906 57.62 1.80 39.25
CA TYR B 906 57.36 0.44 38.81
C TYR B 906 56.74 0.43 37.41
N ARG B 907 55.89 1.41 37.12
CA ARG B 907 55.28 1.53 35.80
C ARG B 907 56.34 1.83 34.73
N PHE B 908 57.30 2.69 35.06
CA PHE B 908 58.43 2.92 34.16
C PHE B 908 59.24 1.65 33.98
N ASN B 909 59.45 0.91 35.08
CA ASN B 909 60.18 -0.35 34.98
C ASN B 909 59.43 -1.33 34.09
N GLY B 910 58.12 -1.16 33.96
CA GLY B 910 57.36 -2.04 33.11
C GLY B 910 57.53 -1.77 31.63
N ILE B 911 58.19 -0.67 31.25
CA ILE B 911 58.42 -0.34 29.86
C ILE B 911 59.90 -0.33 29.52
N GLY B 912 60.73 -0.85 30.41
CA GLY B 912 62.15 -1.00 30.16
C GLY B 912 63.07 0.10 30.66
N VAL B 913 62.59 1.01 31.50
CA VAL B 913 63.43 2.07 32.04
C VAL B 913 63.58 1.89 33.54
N THR B 914 64.81 1.96 34.02
CA THR B 914 65.07 1.82 35.45
C THR B 914 64.48 2.99 36.22
N GLN B 915 64.14 2.73 37.50
CA GLN B 915 63.39 3.72 38.25
C GLN B 915 64.27 4.88 38.72
N ASN B 916 65.59 4.71 38.69
CA ASN B 916 66.44 5.80 39.14
C ASN B 916 66.34 7.00 38.22
N VAL B 917 65.91 6.79 36.97
CA VAL B 917 65.75 7.93 36.09
C VAL B 917 64.70 8.85 36.68
N LEU B 918 63.59 8.26 37.14
CA LEU B 918 62.54 9.01 37.81
C LEU B 918 63.03 9.58 39.12
N TYR B 919 63.74 8.78 39.91
CA TYR B 919 64.20 9.29 41.19
C TYR B 919 65.17 10.44 41.03
N GLU B 920 65.77 10.61 39.85
CA GLU B 920 66.64 11.75 39.61
C GLU B 920 65.96 12.91 38.88
N ASN B 921 64.85 12.67 38.18
CA ASN B 921 64.18 13.75 37.45
C ASN B 921 62.71 13.87 37.82
N GLN B 922 62.36 13.52 39.06
CA GLN B 922 60.98 13.57 39.50
C GLN B 922 60.40 14.97 39.40
N LYS B 923 61.18 15.98 39.80
CA LYS B 923 60.69 17.35 39.76
C LYS B 923 60.37 17.76 38.32
N LEU B 924 61.28 17.45 37.41
CA LEU B 924 61.07 17.79 36.01
C LEU B 924 59.86 17.06 35.44
N ILE B 925 59.70 15.78 35.79
CA ILE B 925 58.55 15.03 35.28
C ILE B 925 57.24 15.61 35.82
N ALA B 926 57.22 15.96 37.11
CA ALA B 926 56.03 16.54 37.69
C ALA B 926 55.70 17.88 37.03
N ASN B 927 56.72 18.70 36.77
CA ASN B 927 56.48 19.96 36.09
C ASN B 927 55.92 19.73 34.69
N GLN B 928 56.48 18.77 33.96
CA GLN B 928 56.00 18.47 32.63
C GLN B 928 54.56 17.97 32.66
N PHE B 929 54.24 17.09 33.61
CA PHE B 929 52.87 16.59 33.73
C PHE B 929 51.90 17.71 34.06
N ASN B 930 52.29 18.60 34.97
CA ASN B 930 51.41 19.71 35.34
C ASN B 930 51.17 20.61 34.14
N SER B 931 52.22 20.92 33.39
CA SER B 931 52.08 21.75 32.19
C SER B 931 51.21 21.07 31.16
N ALA B 932 51.39 19.77 30.96
CA ALA B 932 50.59 19.03 29.99
C ALA B 932 49.12 19.03 30.39
N ILE B 933 48.83 18.86 31.68
CA ILE B 933 47.43 18.91 32.13
C ILE B 933 46.85 20.29 31.90
N GLY B 934 47.63 21.34 32.21
CA GLY B 934 47.09 22.67 32.01
C GLY B 934 46.83 22.91 30.54
N LYS B 935 47.71 22.39 29.67
CA LYS B 935 47.47 22.60 28.26
C LYS B 935 46.24 21.81 27.84
N ILE B 936 45.93 20.72 28.56
CA ILE B 936 44.75 19.95 28.21
C ILE B 936 43.52 20.77 28.50
N GLN B 937 43.56 21.47 29.63
CA GLN B 937 42.46 22.34 30.03
C GLN B 937 42.26 23.44 28.99
N ASP B 938 43.36 24.05 28.55
CA ASP B 938 43.26 25.10 27.54
C ASP B 938 42.76 24.54 26.21
N SER B 939 43.21 23.34 25.85
CA SER B 939 42.78 22.72 24.59
C SER B 939 41.28 22.47 24.60
N LEU B 940 40.74 21.99 25.73
CA LEU B 940 39.32 21.71 25.74
C LEU B 940 38.55 23.02 25.83
N SER B 941 39.05 23.97 26.62
CA SER B 941 38.37 25.24 26.83
C SER B 941 38.39 26.09 25.57
N SER B 942 39.22 25.73 24.59
CA SER B 942 39.31 26.44 23.33
C SER B 942 38.06 26.20 22.50
N THR B 943 37.85 27.08 21.52
CA THR B 943 36.67 27.01 20.64
C THR B 943 36.58 25.74 19.79
N PRO B 944 37.64 25.26 19.11
CA PRO B 944 37.42 24.11 18.20
C PRO B 944 37.09 22.85 18.96
N SER B 945 35.82 22.74 19.35
CA SER B 945 35.34 21.59 20.10
C SER B 945 35.56 20.30 19.32
N ALA B 946 36.19 19.33 19.98
CA ALA B 946 36.45 18.02 19.40
C ALA B 946 35.35 17.02 19.70
N LEU B 947 34.28 17.43 20.36
CA LEU B 947 33.20 16.50 20.71
C LEU B 947 32.21 16.33 19.56
N GLY B 948 32.74 16.02 18.38
CA GLY B 948 31.86 15.80 17.26
C GLY B 948 31.28 14.41 17.30
N LYS B 949 31.98 13.47 17.92
CA LYS B 949 31.44 12.12 18.00
C LYS B 949 30.18 12.12 18.86
N LEU B 950 30.22 12.84 19.97
CA LEU B 950 29.02 12.96 20.81
C LEU B 950 27.96 13.83 20.16
N GLN B 951 28.37 14.86 19.42
CA GLN B 951 27.37 15.71 18.79
C GLN B 951 26.65 15.05 17.63
N ASP B 952 27.33 14.15 16.91
CA ASP B 952 26.69 13.51 15.75
C ASP B 952 25.49 12.68 16.17
N VAL B 953 25.61 11.92 17.25
CA VAL B 953 24.50 11.09 17.72
C VAL B 953 23.31 11.95 18.13
N VAL B 954 23.57 13.02 18.87
CA VAL B 954 22.49 13.90 19.30
C VAL B 954 21.80 14.52 18.09
N ASN B 955 22.60 15.00 17.13
CA ASN B 955 22.04 15.60 15.93
C ASN B 955 21.22 14.60 15.14
N HIS B 956 21.74 13.37 15.01
CA HIS B 956 21.04 12.34 14.25
C HIS B 956 19.71 12.00 14.91
N ASN B 957 19.71 11.81 16.23
CA ASN B 957 18.45 11.49 16.90
C ASN B 957 17.45 12.63 16.79
N ALA B 958 17.91 13.88 16.98
CA ALA B 958 17.01 15.01 16.90
C ALA B 958 16.42 15.15 15.50
N GLN B 959 17.26 15.01 14.48
CA GLN B 959 16.78 15.15 13.11
C GLN B 959 15.90 13.99 12.69
N ALA B 960 16.19 12.78 13.17
CA ALA B 960 15.31 11.65 12.89
C ALA B 960 13.94 11.88 13.50
N LEU B 961 13.90 12.35 14.74
CA LEU B 961 12.62 12.64 15.37
C LEU B 961 11.89 13.76 14.65
N ASN B 962 12.60 14.78 14.20
CA ASN B 962 11.94 15.86 13.46
C ASN B 962 11.34 15.36 12.15
N THR B 963 12.07 14.53 11.41
CA THR B 963 11.50 13.97 10.19
C THR B 963 10.29 13.10 10.49
N LEU B 964 10.38 12.27 11.53
CA LEU B 964 9.26 11.40 11.87
C LEU B 964 8.03 12.21 12.25
N VAL B 965 8.21 13.27 13.04
CA VAL B 965 7.06 14.06 13.47
C VAL B 965 6.50 14.87 12.30
N LYS B 966 7.36 15.31 11.39
CA LYS B 966 6.90 16.05 10.23
C LYS B 966 6.24 15.14 9.19
N GLN B 967 6.54 13.84 9.23
CA GLN B 967 5.98 12.89 8.29
C GLN B 967 4.47 12.79 8.41
N LEU B 968 3.90 13.26 9.52
CA LEU B 968 2.45 13.17 9.71
C LEU B 968 1.71 14.08 8.74
N SER B 969 2.39 15.11 8.22
CA SER B 969 1.75 16.02 7.28
C SER B 969 1.75 15.47 5.86
N SER B 970 2.39 14.33 5.63
CA SER B 970 2.43 13.72 4.32
C SER B 970 1.05 13.21 3.94
N LYS B 971 0.63 13.51 2.71
CA LYS B 971 -0.71 13.13 2.26
C LYS B 971 -0.83 11.65 1.94
N PHE B 972 0.25 11.02 1.44
CA PHE B 972 0.20 9.64 0.98
C PHE B 972 -0.82 9.43 -0.14
N GLY B 973 -1.08 10.49 -0.91
CA GLY B 973 -2.01 10.41 -2.01
C GLY B 973 -3.48 10.47 -1.62
N ALA B 974 -3.79 10.74 -0.36
CA ALA B 974 -5.16 10.77 0.10
C ALA B 974 -5.79 12.12 -0.26
N ILE B 975 -7.09 12.25 0.01
CA ILE B 975 -7.76 13.53 -0.26
C ILE B 975 -7.21 14.62 0.66
N SER B 976 -7.04 14.31 1.94
CA SER B 976 -6.54 15.27 2.92
C SER B 976 -5.80 14.52 4.02
N SER B 977 -4.96 15.26 4.74
CA SER B 977 -4.17 14.71 5.84
C SER B 977 -4.87 14.84 7.19
N VAL B 978 -6.10 15.34 7.21
CA VAL B 978 -6.85 15.51 8.46
C VAL B 978 -7.93 14.44 8.51
N LEU B 979 -7.93 13.65 9.60
CA LEU B 979 -8.91 12.58 9.73
C LEU B 979 -10.32 13.16 9.87
N ASN B 980 -10.45 14.24 10.62
CA ASN B 980 -11.78 14.79 10.84
C ASN B 980 -12.37 15.26 9.52
N ASP B 981 -11.57 15.95 8.71
CA ASP B 981 -12.03 16.43 7.41
C ASP B 981 -12.34 15.29 6.46
N ILE B 982 -11.49 14.25 6.44
CA ILE B 982 -11.75 13.11 5.56
C ILE B 982 -13.06 12.43 5.96
N PHE B 983 -13.29 12.24 7.25
CA PHE B 983 -14.51 11.59 7.71
C PHE B 983 -15.73 12.46 7.46
N SER B 984 -15.58 13.79 7.56
CA SER B 984 -16.72 14.67 7.40
C SER B 984 -17.12 14.78 5.93
N ARG B 985 -16.15 14.89 5.04
CA ARG B 985 -16.41 15.19 3.63
C ARG B 985 -16.20 13.98 2.73
N LEU B 986 -16.58 12.79 3.21
CA LEU B 986 -16.43 11.57 2.44
C LEU B 986 -17.22 10.46 3.11
N ASP B 987 -17.86 9.62 2.28
CA ASP B 987 -18.62 8.51 2.82
C ASP B 987 -17.72 7.35 3.21
N PRO B 988 -18.19 6.48 4.10
CA PRO B 988 -17.36 5.37 4.59
C PRO B 988 -16.88 4.46 3.47
N PRO B 989 -17.72 4.12 2.46
CA PRO B 989 -17.35 3.04 1.52
C PRO B 989 -15.93 3.10 1.00
N GLU B 990 -15.42 4.29 0.70
CA GLU B 990 -14.03 4.45 0.32
C GLU B 990 -13.25 5.40 1.21
N ALA B 991 -13.90 6.11 2.14
CA ALA B 991 -13.13 6.71 3.22
C ALA B 991 -12.33 5.65 3.96
N GLU B 992 -12.89 4.45 4.07
CA GLU B 992 -12.20 3.34 4.73
C GLU B 992 -10.88 3.05 4.03
N VAL B 993 -10.88 2.98 2.69
CA VAL B 993 -9.63 2.68 2.00
C VAL B 993 -8.70 3.89 2.00
N GLN B 994 -9.25 5.10 2.08
CA GLN B 994 -8.41 6.28 2.19
C GLN B 994 -7.61 6.24 3.48
N ILE B 995 -8.30 6.04 4.61
CA ILE B 995 -7.60 5.90 5.89
C ILE B 995 -6.74 4.64 5.91
N ASP B 996 -7.12 3.61 5.17
CA ASP B 996 -6.29 2.42 5.05
C ASP B 996 -4.94 2.78 4.45
N ARG B 997 -4.96 3.54 3.35
CA ARG B 997 -3.72 3.94 2.69
C ARG B 997 -2.90 4.87 3.58
N LEU B 998 -3.57 5.78 4.29
CA LEU B 998 -2.86 6.64 5.22
C LEU B 998 -2.17 5.81 6.31
N ILE B 999 -2.87 4.81 6.83
CA ILE B 999 -2.32 3.94 7.86
C ILE B 999 -1.14 3.16 7.32
N THR B 1000 -1.24 2.64 6.10
CA THR B 1000 -0.13 1.91 5.52
C THR B 1000 1.09 2.80 5.37
N GLY B 1001 0.90 4.03 4.89
CA GLY B 1001 2.03 4.93 4.75
C GLY B 1001 2.68 5.27 6.08
N ARG B 1002 1.85 5.58 7.09
CA ARG B 1002 2.39 5.92 8.39
C ARG B 1002 3.09 4.74 9.06
N LEU B 1003 2.53 3.54 8.93
CA LEU B 1003 3.18 2.36 9.49
C LEU B 1003 4.52 2.12 8.81
N GLN B 1004 4.57 2.35 7.49
CA GLN B 1004 5.84 2.22 6.79
C GLN B 1004 6.85 3.21 7.34
N SER B 1005 6.42 4.45 7.58
CA SER B 1005 7.37 5.41 8.13
C SER B 1005 7.87 4.99 9.50
N LEU B 1006 6.98 4.51 10.38
CA LEU B 1006 7.45 4.08 11.70
C LEU B 1006 8.39 2.89 11.59
N GLN B 1007 8.09 1.91 10.73
CA GLN B 1007 9.01 0.79 10.63
C GLN B 1007 10.37 1.24 10.13
N THR B 1008 10.40 2.16 9.15
CA THR B 1008 11.69 2.67 8.69
C THR B 1008 12.44 3.36 9.82
N TYR B 1009 11.73 4.19 10.60
CA TYR B 1009 12.35 4.88 11.72
C TYR B 1009 12.88 3.89 12.75
N VAL B 1010 12.11 2.85 13.04
CA VAL B 1010 12.52 1.83 14.00
C VAL B 1010 13.77 1.12 13.51
N THR B 1011 13.82 0.82 12.22
CA THR B 1011 15.01 0.16 11.69
C THR B 1011 16.24 1.06 11.82
N GLN B 1012 16.08 2.34 11.52
CA GLN B 1012 17.22 3.25 11.69
C GLN B 1012 17.65 3.33 13.16
N GLN B 1013 16.68 3.40 14.06
CA GLN B 1013 17.03 3.44 15.48
C GLN B 1013 17.75 2.18 15.92
N LEU B 1014 17.27 1.00 15.51
CA LEU B 1014 17.96 -0.24 15.90
C LEU B 1014 19.38 -0.30 15.33
N ILE B 1015 19.57 0.13 14.08
CA ILE B 1015 20.93 0.08 13.53
C ILE B 1015 21.83 1.03 14.31
N ARG B 1016 21.34 2.24 14.61
CA ARG B 1016 22.24 3.13 15.33
C ARG B 1016 22.47 2.60 16.74
N ALA B 1017 21.46 1.91 17.30
CA ALA B 1017 21.64 1.33 18.63
C ALA B 1017 22.75 0.29 18.59
N ALA B 1018 22.84 -0.44 17.49
CA ALA B 1018 23.88 -1.44 17.33
C ALA B 1018 25.25 -0.78 17.27
N GLU B 1019 25.34 0.33 16.53
CA GLU B 1019 26.59 1.06 16.48
C GLU B 1019 26.99 1.58 17.85
N ILE B 1020 26.01 2.11 18.59
CA ILE B 1020 26.27 2.60 19.94
C ILE B 1020 26.72 1.46 20.84
N ARG B 1021 26.12 0.29 20.69
CA ARG B 1021 26.53 -0.87 21.49
C ARG B 1021 27.97 -1.25 21.19
N ALA B 1022 28.34 -1.27 19.91
CA ALA B 1022 29.72 -1.60 19.55
C ALA B 1022 30.69 -0.58 20.13
N SER B 1023 30.33 0.70 20.03
CA SER B 1023 31.19 1.74 20.59
C SER B 1023 31.32 1.59 22.09
N ALA B 1024 30.21 1.29 22.77
CA ALA B 1024 30.26 1.10 24.21
C ALA B 1024 31.13 -0.09 24.59
N ASN B 1025 31.02 -1.19 23.84
CA ASN B 1025 31.85 -2.35 24.13
C ASN B 1025 33.33 -2.04 23.94
N LEU B 1026 33.67 -1.34 22.86
CA LEU B 1026 35.07 -0.96 22.66
C LEU B 1026 35.55 -0.05 23.78
N ALA B 1027 34.69 0.90 24.20
CA ALA B 1027 35.04 1.80 25.28
C ALA B 1027 35.27 1.04 26.58
N ALA B 1028 34.41 0.07 26.87
CA ALA B 1028 34.58 -0.74 28.07
C ALA B 1028 35.89 -1.50 28.02
N THR B 1029 36.21 -2.07 26.87
CA THR B 1029 37.48 -2.78 26.75
C THR B 1029 38.65 -1.84 26.97
N LYS B 1030 38.59 -0.64 26.37
CA LYS B 1030 39.69 0.31 26.55
C LYS B 1030 39.80 0.79 27.99
N MET B 1031 38.68 1.03 28.67
CA MET B 1031 38.74 1.39 30.07
C MET B 1031 39.41 0.27 30.87
N SER B 1032 38.95 -0.97 30.68
CA SER B 1032 39.49 -2.07 31.46
C SER B 1032 40.96 -2.32 31.17
N GLU B 1033 41.43 -1.99 29.96
CA GLU B 1033 42.80 -2.28 29.60
C GLU B 1033 43.76 -1.11 29.75
N CYS B 1034 43.27 0.12 29.87
CA CYS B 1034 44.13 1.27 30.08
C CYS B 1034 44.02 1.84 31.49
N VAL B 1035 42.82 1.89 32.05
CA VAL B 1035 42.63 2.52 33.35
C VAL B 1035 43.00 1.56 34.48
N LEU B 1036 42.59 0.29 34.36
CA LEU B 1036 42.81 -0.69 35.41
C LEU B 1036 44.18 -1.36 35.34
N GLY B 1037 44.99 -0.99 34.37
CA GLY B 1037 46.31 -1.59 34.25
C GLY B 1037 47.13 -0.86 33.22
N GLN B 1038 48.29 -1.40 32.93
CA GLN B 1038 49.20 -0.83 31.95
C GLN B 1038 49.17 -1.73 30.72
N SER B 1039 48.97 -1.13 29.55
CA SER B 1039 48.77 -1.87 28.32
C SER B 1039 50.02 -1.80 27.46
N LYS B 1040 50.44 -2.94 26.94
CA LYS B 1040 51.59 -3.01 26.05
C LYS B 1040 51.18 -2.93 24.58
N ARG B 1041 49.89 -2.84 24.29
CA ARG B 1041 49.45 -2.78 22.90
C ARG B 1041 49.77 -1.42 22.31
N VAL B 1042 50.35 -1.42 21.12
CA VAL B 1042 50.78 -0.18 20.48
C VAL B 1042 49.57 0.59 19.96
N ASP B 1043 49.53 1.90 20.25
CA ASP B 1043 48.50 2.80 19.73
C ASP B 1043 47.11 2.35 20.15
N PHE B 1044 47.00 1.72 21.31
CA PHE B 1044 45.72 1.34 21.90
C PHE B 1044 45.29 2.34 22.96
N CYS B 1045 46.13 2.53 23.97
CA CYS B 1045 45.89 3.50 25.03
C CYS B 1045 46.74 4.72 24.69
N GLY B 1046 46.21 5.55 23.81
CA GLY B 1046 46.92 6.72 23.37
C GLY B 1046 47.96 6.41 22.30
N LYS B 1047 48.72 7.44 21.95
CA LYS B 1047 49.76 7.36 20.93
C LYS B 1047 51.13 7.52 21.57
N GLY B 1048 52.02 6.56 21.31
CA GLY B 1048 53.33 6.53 21.92
C GLY B 1048 53.52 5.29 22.76
N TYR B 1049 54.28 5.44 23.85
CA TYR B 1049 54.49 4.37 24.82
C TYR B 1049 53.57 4.65 26.00
N HIS B 1050 52.59 3.78 26.21
CA HIS B 1050 51.57 4.02 27.22
C HIS B 1050 52.14 3.94 28.62
N LEU B 1051 51.69 4.88 29.46
CA LEU B 1051 52.04 4.90 30.87
C LEU B 1051 50.81 4.69 31.74
N MET B 1052 49.78 5.51 31.57
CA MET B 1052 48.53 5.44 32.31
C MET B 1052 47.45 6.21 31.56
N SER B 1053 46.21 5.97 31.97
CA SER B 1053 45.07 6.62 31.37
C SER B 1053 44.12 7.05 32.48
N PHE B 1054 43.36 8.11 32.22
CA PHE B 1054 42.40 8.60 33.20
C PHE B 1054 41.05 8.79 32.52
N PRO B 1055 39.98 8.21 33.06
CA PRO B 1055 38.66 8.36 32.47
C PRO B 1055 37.92 9.57 33.01
N GLN B 1056 37.12 10.17 32.15
CA GLN B 1056 36.25 11.27 32.52
C GLN B 1056 34.87 11.04 31.94
N SER B 1057 33.85 11.44 32.68
CA SER B 1057 32.47 11.22 32.26
C SER B 1057 31.98 12.38 31.40
N ALA B 1058 31.27 12.03 30.34
CA ALA B 1058 30.70 12.99 29.42
C ALA B 1058 29.25 12.63 29.15
N PRO B 1059 28.42 13.59 28.73
CA PRO B 1059 27.02 13.27 28.43
C PRO B 1059 26.96 12.26 27.30
N HIS B 1060 26.44 11.07 27.63
CA HIS B 1060 26.33 9.97 26.69
C HIS B 1060 27.70 9.60 26.10
N GLY B 1061 28.72 9.61 26.94
CA GLY B 1061 30.05 9.29 26.46
C GLY B 1061 31.05 9.25 27.59
N VAL B 1062 32.32 9.10 27.21
CA VAL B 1062 33.43 9.05 28.16
C VAL B 1062 34.67 9.64 27.50
N VAL B 1063 35.51 10.29 28.31
CA VAL B 1063 36.72 10.93 27.82
C VAL B 1063 37.91 10.34 28.54
N PHE B 1064 38.91 9.90 27.78
CA PHE B 1064 40.13 9.33 28.32
C PHE B 1064 41.31 10.27 28.12
N LEU B 1065 42.12 10.41 29.15
CA LEU B 1065 43.37 11.19 29.07
C LEU B 1065 44.53 10.20 29.20
N HIS B 1066 45.27 10.03 28.12
CA HIS B 1066 46.36 9.06 28.07
C HIS B 1066 47.70 9.75 28.27
N VAL B 1067 48.46 9.30 29.25
CA VAL B 1067 49.81 9.81 29.49
C VAL B 1067 50.79 8.82 28.88
N THR B 1068 51.69 9.33 28.03
CA THR B 1068 52.59 8.48 27.28
C THR B 1068 54.02 8.97 27.42
N TYR B 1069 54.95 8.15 26.95
CA TYR B 1069 56.38 8.41 27.03
C TYR B 1069 56.94 8.50 25.62
N VAL B 1070 57.58 9.62 25.30
CA VAL B 1070 58.11 9.88 23.97
C VAL B 1070 59.58 10.21 24.10
N PRO B 1071 60.48 9.43 23.52
CA PRO B 1071 61.91 9.76 23.58
C PRO B 1071 62.25 10.96 22.69
N ALA B 1072 63.40 11.56 22.99
CA ALA B 1072 63.84 12.72 22.21
C ALA B 1072 65.33 12.91 22.36
N GLN B 1073 65.87 13.74 21.45
CA GLN B 1073 67.26 14.19 21.46
C GLN B 1073 68.25 13.01 21.39
N GLU B 1074 68.19 12.29 20.28
CA GLU B 1074 69.09 11.18 20.01
C GLU B 1074 70.43 11.67 19.47
N LYS B 1075 71.40 10.76 19.42
CA LYS B 1075 72.74 11.08 18.91
C LYS B 1075 73.28 9.81 18.28
N ASN B 1076 74.08 10.00 17.23
CA ASN B 1076 74.65 8.86 16.51
C ASN B 1076 75.74 8.16 17.31
N PHE B 1077 75.87 6.86 17.07
CA PHE B 1077 76.85 6.01 17.72
C PHE B 1077 77.20 4.86 16.80
N THR B 1078 78.29 4.18 17.13
CA THR B 1078 78.75 2.99 16.44
C THR B 1078 78.48 1.79 17.34
N THR B 1079 77.91 0.74 16.75
CA THR B 1079 77.44 -0.41 17.49
C THR B 1079 78.05 -1.68 16.93
N ALA B 1080 78.08 -2.70 17.78
CA ALA B 1080 78.55 -4.02 17.45
C ALA B 1080 77.61 -5.05 18.05
N PRO B 1081 77.49 -6.23 17.43
CA PRO B 1081 76.57 -7.23 17.95
C PRO B 1081 77.14 -7.90 19.19
N ALA B 1082 78.46 -8.05 19.19
CA ALA B 1082 79.16 -8.73 20.26
C ALA B 1082 80.59 -8.20 20.30
N ILE B 1083 81.28 -8.53 21.39
CA ILE B 1083 82.64 -8.10 21.63
C ILE B 1083 83.44 -9.34 21.97
N CYS B 1084 84.56 -9.51 21.29
CA CYS B 1084 85.46 -10.61 21.58
C CYS B 1084 86.59 -10.08 22.45
N HIS B 1085 86.86 -10.77 23.57
CA HIS B 1085 87.84 -10.34 24.54
C HIS B 1085 89.07 -11.25 24.63
N ASP B 1086 88.88 -12.54 24.87
CA ASP B 1086 90.00 -13.48 25.02
C ASP B 1086 89.78 -14.70 24.16
N GLY B 1087 89.44 -14.47 22.89
CA GLY B 1087 89.13 -15.57 22.00
C GLY B 1087 87.73 -16.09 22.15
N LYS B 1088 86.93 -15.43 22.98
CA LYS B 1088 85.54 -15.80 23.22
C LYS B 1088 84.68 -14.55 23.08
N ALA B 1089 83.47 -14.74 22.55
CA ALA B 1089 82.61 -13.60 22.27
C ALA B 1089 81.78 -13.25 23.49
N HIS B 1090 81.52 -11.96 23.66
CA HIS B 1090 80.70 -11.45 24.75
C HIS B 1090 79.50 -10.73 24.15
N PHE B 1091 78.30 -11.09 24.61
CA PHE B 1091 77.07 -10.49 24.14
C PHE B 1091 76.40 -9.74 25.28
N PRO B 1092 75.72 -8.62 25.00
CA PRO B 1092 75.08 -7.87 26.10
C PRO B 1092 73.92 -8.64 26.71
N ARG B 1093 73.63 -8.30 27.96
CA ARG B 1093 72.56 -8.97 28.70
C ARG B 1093 71.21 -8.32 28.45
N GLU B 1094 71.08 -7.03 28.79
CA GLU B 1094 69.88 -6.26 28.51
C GLU B 1094 70.26 -4.89 27.98
N GLY B 1095 71.23 -4.86 27.07
CA GLY B 1095 71.69 -3.59 26.53
C GLY B 1095 72.25 -3.70 25.12
N VAL B 1096 72.89 -2.62 24.67
CA VAL B 1096 73.52 -2.55 23.37
C VAL B 1096 74.96 -2.07 23.54
N PHE B 1097 75.78 -2.34 22.54
CA PHE B 1097 77.17 -1.94 22.55
C PHE B 1097 77.31 -0.64 21.78
N VAL B 1098 77.85 0.39 22.44
CA VAL B 1098 78.01 1.71 21.85
C VAL B 1098 79.44 2.18 22.05
N SER B 1099 79.82 3.17 21.26
CA SER B 1099 81.15 3.73 21.29
C SER B 1099 81.04 5.23 21.06
N ASN B 1100 81.71 6.01 21.88
CA ASN B 1100 81.72 7.46 21.72
C ASN B 1100 82.78 7.91 20.73
N GLY B 1101 83.56 6.99 20.18
CA GLY B 1101 84.57 7.29 19.18
C GLY B 1101 85.89 6.59 19.42
N THR B 1102 86.23 6.41 20.70
CA THR B 1102 87.44 5.74 21.15
C THR B 1102 87.14 4.54 22.03
N HIS B 1103 86.26 4.71 23.01
CA HIS B 1103 85.95 3.66 23.97
C HIS B 1103 84.60 3.06 23.66
N TRP B 1104 84.34 1.92 24.30
CA TRP B 1104 83.12 1.15 24.14
C TRP B 1104 82.40 1.08 25.47
N PHE B 1105 81.08 1.28 25.42
CA PHE B 1105 80.26 1.27 26.62
C PHE B 1105 79.03 0.41 26.39
N VAL B 1106 78.38 0.06 27.50
CA VAL B 1106 77.14 -0.68 27.49
C VAL B 1106 76.09 0.18 28.17
N THR B 1107 74.92 0.26 27.56
CA THR B 1107 73.86 1.15 28.03
C THR B 1107 72.52 0.51 27.71
N GLN B 1108 71.49 0.97 28.42
CA GLN B 1108 70.15 0.51 28.09
C GLN B 1108 69.74 1.05 26.73
N ARG B 1109 68.74 0.41 26.13
CA ARG B 1109 68.36 0.72 24.76
C ARG B 1109 67.52 1.98 24.66
N ASN B 1110 66.69 2.27 25.66
CA ASN B 1110 65.68 3.32 25.55
C ASN B 1110 66.13 4.63 26.17
N PHE B 1111 67.36 4.71 26.66
CA PHE B 1111 67.87 5.93 27.27
C PHE B 1111 69.39 5.84 27.31
N TYR B 1112 70.07 6.91 26.92
CA TYR B 1112 71.52 6.90 26.89
C TYR B 1112 72.08 6.95 28.31
N GLU B 1113 72.78 5.88 28.68
CA GLU B 1113 73.39 5.78 30.00
C GLU B 1113 74.58 4.84 29.86
N PRO B 1114 75.71 5.36 29.37
CA PRO B 1114 76.86 4.49 29.12
C PRO B 1114 77.44 3.93 30.41
N GLN B 1115 77.99 2.73 30.30
CA GLN B 1115 78.59 2.06 31.44
C GLN B 1115 79.77 1.25 30.97
N ILE B 1116 80.67 0.94 31.91
CA ILE B 1116 81.85 0.16 31.57
C ILE B 1116 81.41 -1.27 31.30
N ILE B 1117 82.12 -1.93 30.38
CA ILE B 1117 81.82 -3.30 30.01
C ILE B 1117 82.57 -4.21 30.98
N THR B 1118 81.82 -4.97 31.77
CA THR B 1118 82.43 -5.88 32.73
C THR B 1118 81.91 -7.30 32.53
N THR B 1119 82.32 -8.21 33.41
CA THR B 1119 81.94 -9.61 33.28
C THR B 1119 80.55 -9.90 33.81
N ASP B 1120 79.97 -8.98 34.59
CA ASP B 1120 78.62 -9.14 35.08
C ASP B 1120 77.59 -8.44 34.19
N ASN B 1121 78.04 -7.77 33.12
CA ASN B 1121 77.10 -7.19 32.16
C ASN B 1121 76.87 -8.09 30.96
N THR B 1122 77.81 -9.00 30.68
CA THR B 1122 77.76 -9.85 29.51
C THR B 1122 78.03 -11.29 29.93
N PHE B 1123 77.65 -12.22 29.05
CA PHE B 1123 77.95 -13.63 29.24
C PHE B 1123 78.61 -14.14 27.96
N VAL B 1124 79.45 -15.14 28.10
CA VAL B 1124 80.24 -15.67 27.01
C VAL B 1124 79.52 -16.85 26.36
N SER B 1125 79.59 -16.88 25.03
CA SER B 1125 78.97 -17.94 24.23
C SER B 1125 79.82 -18.17 22.99
N GLY B 1126 80.69 -19.19 23.05
CA GLY B 1126 81.50 -19.61 21.92
C GLY B 1126 82.71 -18.76 21.58
N ASN B 1127 83.23 -19.04 20.37
CA ASN B 1127 84.40 -18.43 19.79
C ASN B 1127 84.03 -17.21 18.94
N CYS B 1128 85.03 -16.57 18.34
CA CYS B 1128 84.83 -15.26 17.72
C CYS B 1128 85.05 -15.31 16.22
N ASP B 1129 84.53 -16.34 15.54
CA ASP B 1129 84.54 -16.35 14.09
C ASP B 1129 83.18 -16.67 13.47
N VAL B 1130 82.09 -16.59 14.23
CA VAL B 1130 80.77 -16.82 13.65
C VAL B 1130 79.85 -15.60 13.72
N VAL B 1131 80.14 -14.59 14.53
CA VAL B 1131 79.30 -13.41 14.61
C VAL B 1131 79.81 -12.40 13.59
N ILE B 1132 78.90 -11.80 12.83
CA ILE B 1132 79.28 -10.84 11.81
C ILE B 1132 79.32 -9.47 12.46
N GLY B 1133 80.45 -8.80 12.35
CA GLY B 1133 80.61 -7.46 12.90
C GLY B 1133 81.19 -7.42 14.29
N ILE B 1134 81.75 -8.52 14.80
CA ILE B 1134 82.29 -8.51 16.16
C ILE B 1134 83.53 -7.63 16.21
N VAL B 1135 83.77 -7.03 17.37
CA VAL B 1135 84.83 -6.05 17.54
C VAL B 1135 85.72 -6.49 18.70
N ASN B 1136 87.03 -6.50 18.47
CA ASN B 1136 87.95 -6.83 19.54
C ASN B 1136 87.93 -5.71 20.58
N ASN B 1137 87.88 -6.11 21.85
CA ASN B 1137 87.91 -5.16 22.95
C ASN B 1137 88.28 -5.93 24.21
N THR B 1138 88.14 -5.27 25.36
CA THR B 1138 88.45 -5.89 26.63
C THR B 1138 87.27 -5.77 27.57
N VAL B 1139 87.14 -6.76 28.45
CA VAL B 1139 86.07 -6.85 29.43
C VAL B 1139 86.71 -6.80 30.80
N TYR B 1140 86.30 -5.83 31.61
CA TYR B 1140 86.89 -5.65 32.93
C TYR B 1140 86.37 -6.70 33.92
N ASP B 1141 87.28 -7.19 34.76
CA ASP B 1141 86.93 -8.14 35.80
C ASP B 1141 86.86 -7.42 37.13
N PRO B 1142 85.70 -7.36 37.79
CA PRO B 1142 85.61 -6.59 39.03
C PRO B 1142 86.03 -7.37 40.27
N LEU B 1143 86.72 -8.49 40.09
CA LEU B 1143 87.06 -9.36 41.22
C LEU B 1143 88.55 -9.52 41.45
N GLN B 1144 89.31 -9.83 40.39
CA GLN B 1144 90.73 -10.17 40.52
C GLN B 1144 91.69 -9.02 40.81
N PRO B 1145 91.53 -7.81 40.25
CA PRO B 1145 92.60 -6.81 40.42
C PRO B 1145 92.67 -6.21 41.82
N GLU B 1146 91.55 -6.06 42.51
CA GLU B 1146 91.55 -5.46 43.85
C GLU B 1146 91.52 -6.49 44.97
N LEU B 1147 90.67 -7.52 44.87
CA LEU B 1147 90.56 -8.53 45.92
C LEU B 1147 91.46 -9.73 45.60
N ASP B 1148 92.75 -9.43 45.46
CA ASP B 1148 93.76 -10.42 45.13
C ASP B 1148 94.55 -10.86 46.36
N SER B 1149 94.16 -10.42 47.55
CA SER B 1149 94.85 -10.77 48.77
C SER B 1149 94.57 -12.22 49.15
N THR C 19 -7.17 -45.20 -54.62
CA THR C 19 -6.87 -46.61 -54.83
C THR C 19 -7.08 -47.42 -53.55
N THR C 20 -6.95 -48.74 -53.68
CA THR C 20 -7.12 -49.66 -52.54
C THR C 20 -5.83 -49.82 -51.74
N ARG C 21 -5.24 -48.68 -51.37
CA ARG C 21 -4.01 -48.70 -50.59
C ARG C 21 -4.27 -49.17 -49.17
N THR C 22 -3.21 -49.62 -48.51
CA THR C 22 -3.28 -50.12 -47.15
C THR C 22 -2.71 -49.11 -46.17
N GLN C 23 -2.96 -49.36 -44.89
CA GLN C 23 -2.50 -48.46 -43.84
C GLN C 23 -0.99 -48.62 -43.61
N LEU C 24 -0.41 -47.60 -42.98
CA LEU C 24 1.00 -47.60 -42.65
C LEU C 24 1.17 -47.26 -41.18
N PRO C 25 2.18 -47.84 -40.52
CA PRO C 25 2.37 -47.59 -39.10
C PRO C 25 3.21 -46.34 -38.87
N PRO C 26 2.65 -45.34 -38.19
CA PRO C 26 3.42 -44.13 -37.90
C PRO C 26 4.45 -44.40 -36.81
N ALA C 27 5.67 -43.93 -37.03
CA ALA C 27 6.77 -44.08 -36.09
C ALA C 27 7.14 -42.74 -35.48
N TYR C 28 8.17 -42.75 -34.65
CA TYR C 28 8.61 -41.55 -33.94
C TYR C 28 10.12 -41.47 -33.98
N THR C 29 10.63 -40.27 -33.78
CA THR C 29 12.07 -40.05 -33.75
C THR C 29 12.37 -38.91 -32.78
N ASN C 30 13.63 -38.83 -32.37
CA ASN C 30 14.07 -37.83 -31.40
C ASN C 30 14.26 -36.49 -32.09
N SER C 31 13.65 -35.45 -31.52
CA SER C 31 13.72 -34.12 -32.12
C SER C 31 15.00 -33.37 -31.80
N PHE C 32 15.76 -33.83 -30.80
CA PHE C 32 17.00 -33.18 -30.36
C PHE C 32 16.66 -31.75 -29.96
N THR C 33 17.54 -30.79 -30.22
CA THR C 33 17.30 -29.38 -29.88
C THR C 33 16.75 -28.74 -31.14
N ARG C 34 15.42 -28.64 -31.21
CA ARG C 34 14.75 -28.08 -32.37
C ARG C 34 13.51 -27.34 -31.92
N GLY C 35 13.06 -26.41 -32.76
CA GLY C 35 11.83 -25.69 -32.47
C GLY C 35 12.06 -24.43 -31.68
N VAL C 36 12.97 -23.58 -32.15
CA VAL C 36 13.28 -22.32 -31.50
C VAL C 36 12.99 -21.21 -32.50
N TYR C 37 12.20 -20.23 -32.08
CA TYR C 37 11.81 -19.12 -32.92
C TYR C 37 11.95 -17.82 -32.15
N TYR C 38 12.08 -16.73 -32.89
CA TYR C 38 12.18 -15.42 -32.28
C TYR C 38 10.82 -15.13 -31.66
N PRO C 39 10.72 -14.92 -30.36
CA PRO C 39 9.39 -14.74 -29.76
C PRO C 39 8.89 -13.32 -29.97
N ASP C 40 9.80 -12.36 -29.98
CA ASP C 40 9.46 -10.96 -30.01
C ASP C 40 10.22 -10.27 -31.14
N LYS C 41 9.67 -9.17 -31.62
CA LYS C 41 10.27 -8.45 -32.74
C LYS C 41 11.49 -7.67 -32.28
N VAL C 42 11.52 -7.29 -31.00
CA VAL C 42 12.56 -6.42 -30.48
C VAL C 42 13.91 -7.12 -30.52
N PHE C 43 14.92 -6.40 -30.96
CA PHE C 43 16.29 -6.88 -31.06
C PHE C 43 17.07 -6.68 -29.76
N ARG C 44 17.68 -7.74 -29.27
CA ARG C 44 18.55 -7.65 -28.09
C ARG C 44 19.79 -8.50 -28.38
N SER C 45 20.92 -8.08 -27.82
CA SER C 45 22.18 -8.76 -28.05
C SER C 45 22.94 -8.97 -26.75
N SER C 46 23.67 -10.08 -26.67
CA SER C 46 24.55 -10.40 -25.56
C SER C 46 23.82 -10.53 -24.23
N VAL C 47 22.50 -10.65 -24.26
CA VAL C 47 21.70 -10.76 -23.06
C VAL C 47 21.12 -12.17 -22.98
N LEU C 48 20.89 -12.63 -21.77
CA LEU C 48 20.32 -13.95 -21.51
C LEU C 48 18.89 -13.73 -21.01
N HIS C 49 17.96 -13.65 -21.95
CA HIS C 49 16.56 -13.40 -21.65
C HIS C 49 15.79 -14.70 -21.46
N SER C 50 14.81 -14.66 -20.56
CA SER C 50 13.93 -15.79 -20.29
C SER C 50 12.52 -15.43 -20.73
N THR C 51 11.93 -16.27 -21.56
CA THR C 51 10.60 -16.03 -22.12
C THR C 51 9.65 -17.16 -21.78
N GLN C 52 8.38 -16.80 -21.56
CA GLN C 52 7.32 -17.77 -21.30
C GLN C 52 6.43 -17.81 -22.53
N ASP C 53 6.52 -18.89 -23.28
CA ASP C 53 5.74 -19.06 -24.50
C ASP C 53 5.71 -20.53 -24.88
N LEU C 54 4.91 -20.84 -25.89
CA LEU C 54 4.82 -22.19 -26.39
C LEU C 54 6.10 -22.56 -27.14
N PHE C 55 6.67 -23.71 -26.82
CA PHE C 55 7.89 -24.13 -27.48
C PHE C 55 7.92 -25.65 -27.57
N LEU C 56 8.72 -26.15 -28.50
CA LEU C 56 8.90 -27.58 -28.65
C LEU C 56 9.85 -28.08 -27.57
N PRO C 57 9.43 -28.99 -26.70
CA PRO C 57 10.34 -29.49 -25.66
C PRO C 57 11.54 -30.18 -26.28
N PHE C 58 12.69 -30.00 -25.64
CA PHE C 58 13.91 -30.63 -26.13
C PHE C 58 13.82 -32.14 -26.00
N PHE C 59 14.31 -32.84 -27.02
CA PHE C 59 14.35 -34.30 -27.05
C PHE C 59 12.96 -34.90 -26.87
N SER C 60 12.08 -34.58 -27.80
CA SER C 60 10.71 -35.06 -27.77
C SER C 60 10.42 -35.88 -29.03
N ASN C 61 9.45 -36.79 -28.92
CA ASN C 61 9.08 -37.62 -30.05
C ASN C 61 8.42 -36.78 -31.12
N VAL C 62 8.89 -36.92 -32.36
CA VAL C 62 8.31 -36.25 -33.51
C VAL C 62 8.10 -37.27 -34.61
N THR C 63 6.91 -37.28 -35.21
CA THR C 63 6.59 -38.28 -36.20
C THR C 63 7.17 -37.87 -37.55
N TRP C 64 7.61 -38.86 -38.32
CA TRP C 64 8.41 -38.66 -39.53
C TRP C 64 7.89 -39.50 -40.68
N PHE C 65 6.59 -39.37 -40.98
CA PHE C 65 6.02 -39.91 -42.21
C PHE C 65 6.97 -39.78 -43.38
N HIS C 66 7.17 -40.88 -44.10
CA HIS C 66 8.04 -40.94 -45.26
C HIS C 66 7.18 -40.94 -46.53
N VAL C 67 7.26 -39.88 -47.30
CA VAL C 67 6.49 -39.77 -48.56
C VAL C 67 7.36 -40.37 -49.66
N ILE C 68 7.28 -41.68 -49.79
CA ILE C 68 7.98 -42.41 -50.84
C ILE C 68 6.94 -42.92 -51.83
N SER C 71 7.42 -43.41 -52.97
CA SER C 71 6.53 -44.05 -53.94
C SER C 71 5.81 -45.23 -53.30
N GLY C 72 4.51 -45.09 -53.09
CA GLY C 72 3.76 -46.10 -52.37
C GLY C 72 3.62 -47.37 -53.19
N THR C 73 4.07 -48.49 -52.64
CA THR C 73 3.94 -49.81 -53.28
C THR C 73 4.46 -49.75 -54.73
N ASN C 74 5.57 -49.05 -54.90
CA ASN C 74 6.21 -48.88 -56.21
C ASN C 74 5.24 -48.32 -57.26
N GLY C 75 4.41 -47.37 -56.85
CA GLY C 75 3.55 -46.69 -57.80
C GLY C 75 2.08 -46.63 -57.46
N THR C 76 1.72 -46.98 -56.23
CA THR C 76 0.34 -46.94 -55.76
C THR C 76 0.17 -45.78 -54.78
N LYS C 77 -0.84 -44.96 -55.01
CA LYS C 77 -1.05 -43.79 -54.17
C LYS C 77 -1.41 -44.20 -52.74
N ARG C 78 -0.74 -43.58 -51.78
CA ARG C 78 -1.00 -43.81 -50.36
C ARG C 78 -1.75 -42.63 -49.78
N PHE C 79 -2.38 -42.85 -48.63
CA PHE C 79 -3.14 -41.78 -47.98
C PHE C 79 -2.27 -41.01 -46.99
N ASP C 80 -1.08 -40.61 -47.43
CA ASP C 80 -0.15 -39.91 -46.55
C ASP C 80 -0.50 -38.44 -46.45
N ASN C 81 -1.78 -38.15 -46.18
CA ASN C 81 -2.26 -36.81 -45.84
C ASN C 81 -3.19 -36.94 -44.65
N PRO C 82 -2.65 -37.33 -43.50
CA PRO C 82 -3.52 -37.59 -42.35
C PRO C 82 -4.19 -36.33 -41.85
N VAL C 83 -5.37 -36.52 -41.26
CA VAL C 83 -6.14 -35.41 -40.67
C VAL C 83 -5.63 -35.23 -39.24
N LEU C 84 -4.55 -34.50 -39.12
CA LEU C 84 -3.91 -34.30 -37.83
C LEU C 84 -4.53 -33.10 -37.12
N PRO C 85 -4.92 -33.25 -35.87
CA PRO C 85 -5.48 -32.10 -35.12
C PRO C 85 -4.44 -31.00 -34.98
N PHE C 86 -4.91 -29.76 -35.06
CA PHE C 86 -3.99 -28.63 -34.95
C PHE C 86 -3.55 -28.39 -33.51
N ASN C 87 -4.46 -28.59 -32.56
CA ASN C 87 -4.22 -28.31 -31.15
C ASN C 87 -3.79 -26.86 -30.94
N ASP C 88 -2.50 -26.65 -30.67
CA ASP C 88 -1.99 -25.32 -30.36
C ASP C 88 -0.78 -24.93 -31.19
N GLY C 89 -0.32 -25.78 -32.09
CA GLY C 89 0.82 -25.46 -32.93
C GLY C 89 1.40 -26.70 -33.55
N VAL C 90 2.26 -26.48 -34.54
CA VAL C 90 2.88 -27.57 -35.28
C VAL C 90 4.32 -27.19 -35.57
N TYR C 91 5.16 -28.22 -35.73
CA TYR C 91 6.57 -28.02 -36.08
C TYR C 91 6.85 -28.71 -37.40
N PHE C 92 6.01 -28.45 -38.40
CA PHE C 92 6.18 -29.07 -39.70
C PHE C 92 7.57 -28.79 -40.26
N ALA C 93 8.22 -29.85 -40.73
CA ALA C 93 9.57 -29.75 -41.30
C ALA C 93 9.63 -30.54 -42.59
N SER C 94 10.81 -30.56 -43.20
CA SER C 94 10.99 -31.24 -44.47
C SER C 94 12.48 -31.49 -44.71
N ILE C 95 12.81 -32.66 -45.23
CA ILE C 95 14.18 -32.97 -45.64
C ILE C 95 14.13 -33.40 -47.10
N GLU C 96 13.20 -32.82 -47.84
CA GLU C 96 13.00 -33.18 -49.25
C GLU C 96 14.21 -32.78 -50.08
N LYS C 97 14.51 -33.62 -51.08
CA LYS C 97 15.52 -33.25 -52.07
C LYS C 97 14.99 -32.19 -53.02
N SER C 98 13.73 -32.33 -53.43
CA SER C 98 13.10 -31.35 -54.32
C SER C 98 11.81 -30.84 -53.72
N ASN C 99 11.02 -30.11 -54.50
CA ASN C 99 9.76 -29.52 -54.04
C ASN C 99 8.63 -30.47 -54.39
N ILE C 100 8.04 -31.10 -53.37
CA ILE C 100 6.96 -32.05 -53.60
C ILE C 100 5.73 -31.67 -52.78
N ILE C 101 5.94 -30.98 -51.66
CA ILE C 101 4.88 -30.71 -50.71
C ILE C 101 4.52 -29.23 -50.79
N ARG C 102 3.28 -28.96 -51.18
CA ARG C 102 2.67 -27.64 -51.02
C ARG C 102 1.23 -27.84 -50.59
N GLY C 103 0.81 -27.06 -49.59
CA GLY C 103 -0.56 -27.15 -49.11
C GLY C 103 -0.62 -27.45 -47.63
N TRP C 104 -1.26 -26.57 -46.88
CA TRP C 104 -1.40 -26.70 -45.43
C TRP C 104 -2.84 -26.40 -45.03
N ILE C 105 -3.78 -27.07 -45.70
CA ILE C 105 -5.19 -26.79 -45.48
C ILE C 105 -5.58 -27.08 -44.05
N PHE C 106 -6.20 -26.10 -43.41
CA PHE C 106 -6.77 -26.24 -42.07
C PHE C 106 -8.29 -26.22 -42.17
N GLY C 107 -8.94 -26.88 -41.21
CA GLY C 107 -10.38 -26.89 -41.18
C GLY C 107 -10.97 -27.56 -39.97
N THR C 108 -12.14 -27.09 -39.54
CA THR C 108 -12.83 -27.73 -38.41
C THR C 108 -13.29 -29.13 -38.78
N THR C 109 -13.88 -29.29 -39.97
CA THR C 109 -14.31 -30.60 -40.45
C THR C 109 -13.99 -30.83 -41.92
N LEU C 110 -13.30 -29.91 -42.58
CA LEU C 110 -12.81 -30.07 -43.95
C LEU C 110 -13.97 -30.35 -44.92
N ASP C 111 -14.85 -29.36 -45.04
CA ASP C 111 -15.97 -29.45 -45.97
C ASP C 111 -16.27 -28.06 -46.51
N SER C 112 -17.34 -27.97 -47.31
CA SER C 112 -17.74 -26.70 -47.89
C SER C 112 -18.46 -25.80 -46.89
N LYS C 113 -18.93 -26.35 -45.78
CA LYS C 113 -19.66 -25.59 -44.78
C LYS C 113 -18.74 -24.93 -43.75
N THR C 114 -17.43 -25.16 -43.85
CA THR C 114 -16.47 -24.65 -42.88
C THR C 114 -15.44 -23.79 -43.59
N GLN C 115 -15.17 -22.61 -43.04
CA GLN C 115 -14.10 -21.76 -43.55
C GLN C 115 -12.76 -22.48 -43.43
N SER C 116 -11.99 -22.47 -44.52
CA SER C 116 -10.75 -23.21 -44.58
C SER C 116 -9.65 -22.36 -45.21
N LEU C 117 -8.41 -22.70 -44.86
CA LEU C 117 -7.24 -22.02 -45.39
C LEU C 117 -6.47 -22.97 -46.31
N LEU C 118 -5.53 -22.39 -47.07
CA LEU C 118 -4.67 -23.19 -47.93
C LEU C 118 -3.48 -22.36 -48.41
N ILE C 119 -2.28 -22.91 -48.32
CA ILE C 119 -1.08 -22.22 -48.78
C ILE C 119 -0.56 -22.94 -50.00
N VAL C 120 -1.02 -22.51 -51.18
CA VAL C 120 -0.59 -23.09 -52.44
C VAL C 120 0.62 -22.32 -52.95
N ASN C 121 1.33 -22.92 -53.91
CA ASN C 121 2.49 -22.31 -54.56
C ASN C 121 2.33 -22.34 -56.06
N ASN C 122 1.14 -21.96 -56.54
CA ASN C 122 0.91 -21.84 -57.98
C ASN C 122 1.71 -20.67 -58.54
N ALA C 123 2.46 -20.92 -59.61
CA ALA C 123 3.34 -19.93 -60.20
C ALA C 123 4.29 -19.36 -59.15
N THR C 124 4.19 -18.05 -58.91
CA THR C 124 5.00 -17.35 -57.92
C THR C 124 4.11 -16.55 -56.97
N ASN C 125 3.05 -17.18 -56.46
CA ASN C 125 2.14 -16.53 -55.55
C ASN C 125 1.70 -17.50 -54.46
N VAL C 126 1.62 -17.00 -53.22
CA VAL C 126 1.12 -17.82 -52.12
C VAL C 126 -0.37 -18.08 -52.30
N VAL C 127 -1.11 -17.07 -52.75
CA VAL C 127 -2.55 -17.14 -52.97
C VAL C 127 -3.19 -17.56 -51.65
N ILE C 128 -3.25 -16.63 -50.70
CA ILE C 128 -3.91 -16.88 -49.42
C ILE C 128 -5.40 -16.67 -49.65
N LYS C 129 -6.14 -17.76 -49.77
CA LYS C 129 -7.55 -17.74 -50.17
C LYS C 129 -8.37 -18.17 -48.96
N VAL C 130 -9.13 -17.24 -48.40
CA VAL C 130 -9.87 -17.52 -47.17
C VAL C 130 -11.35 -17.62 -47.52
N CYS C 131 -11.79 -18.84 -47.83
CA CYS C 131 -13.17 -19.08 -48.23
C CYS C 131 -13.56 -20.50 -47.83
N GLU C 132 -14.80 -20.85 -48.15
CA GLU C 132 -15.32 -22.20 -47.92
C GLU C 132 -15.23 -23.00 -49.22
N PHE C 133 -14.66 -24.19 -49.15
CA PHE C 133 -14.48 -25.02 -50.33
C PHE C 133 -14.93 -26.44 -50.04
N GLN C 134 -15.42 -27.10 -51.09
CA GLN C 134 -15.71 -28.53 -51.03
C GLN C 134 -14.45 -29.30 -51.41
N PHE C 135 -14.00 -30.17 -50.53
CA PHE C 135 -12.72 -30.84 -50.68
C PHE C 135 -12.95 -32.30 -51.09
N CYS C 136 -12.15 -32.76 -52.05
CA CYS C 136 -12.25 -34.14 -52.51
C CYS C 136 -11.68 -35.10 -51.46
N ASN C 137 -11.97 -36.38 -51.67
CA ASN C 137 -11.54 -37.42 -50.74
C ASN C 137 -10.01 -37.49 -50.66
N ASP C 138 -9.33 -37.39 -51.81
CA ASP C 138 -7.88 -37.49 -51.87
C ASP C 138 -7.36 -36.28 -52.65
N PRO C 139 -7.17 -35.16 -51.99
CA PRO C 139 -6.63 -33.98 -52.68
C PRO C 139 -5.15 -34.18 -52.99
N PHE C 140 -4.76 -33.79 -54.20
CA PHE C 140 -3.38 -33.90 -54.63
C PHE C 140 -3.16 -32.95 -55.80
N LEU C 141 -1.88 -32.68 -56.08
CA LEU C 141 -1.48 -31.71 -57.08
C LEU C 141 -0.52 -32.34 -58.07
N ASP C 142 -0.10 -31.57 -59.07
CA ASP C 142 0.86 -32.03 -60.06
C ASP C 142 2.14 -31.22 -59.95
N HIS C 145 3.27 -31.90 -59.78
CA HIS C 145 4.54 -31.19 -59.71
C HIS C 145 4.92 -30.59 -61.06
N LYS C 146 4.66 -31.34 -62.14
CA LYS C 146 4.86 -30.85 -63.49
C LYS C 146 3.60 -30.17 -64.00
N ASN C 147 3.78 -29.03 -64.65
CA ASN C 147 2.65 -28.29 -65.20
C ASN C 147 2.03 -29.05 -66.35
N ASN C 148 0.70 -28.97 -66.46
CA ASN C 148 -0.01 -29.64 -67.54
C ASN C 148 0.34 -29.01 -68.88
N LYS C 149 0.29 -29.84 -69.92
CA LYS C 149 0.63 -29.40 -71.26
C LYS C 149 -0.41 -28.44 -71.81
N SER C 150 0.02 -27.62 -72.77
CA SER C 150 -0.79 -26.61 -73.43
C SER C 150 -1.40 -25.62 -72.44
N TRP C 151 -2.64 -25.85 -72.03
CA TRP C 151 -3.36 -24.82 -71.31
C TRP C 151 -3.07 -24.86 -69.81
N MET C 152 -3.66 -23.90 -69.11
CA MET C 152 -3.70 -23.79 -67.65
C MET C 152 -3.90 -25.18 -67.05
N GLU C 153 -3.06 -25.55 -66.08
CA GLU C 153 -3.16 -26.89 -65.52
C GLU C 153 -4.41 -27.07 -64.66
N SER C 154 -4.79 -28.34 -64.51
CA SER C 154 -5.91 -28.79 -63.71
C SER C 154 -5.52 -29.15 -62.29
N GLU C 155 -4.46 -28.51 -61.76
CA GLU C 155 -4.01 -28.87 -60.41
C GLU C 155 -5.03 -28.51 -59.34
N PHE C 156 -5.93 -27.55 -59.62
CA PHE C 156 -6.90 -27.12 -58.61
C PHE C 156 -8.07 -28.09 -58.55
N ARG C 157 -7.74 -29.36 -58.34
CA ARG C 157 -8.71 -30.41 -58.13
C ARG C 157 -8.89 -30.73 -56.66
N VAL C 158 -8.18 -30.02 -55.78
CA VAL C 158 -8.35 -30.20 -54.34
C VAL C 158 -9.73 -29.72 -53.93
N TYR C 159 -10.23 -28.67 -54.57
CA TYR C 159 -11.57 -28.16 -54.34
C TYR C 159 -12.21 -27.89 -55.69
N SER C 160 -13.54 -27.91 -55.70
CA SER C 160 -14.31 -27.66 -56.92
C SER C 160 -15.25 -26.48 -56.82
N SER C 161 -15.76 -26.16 -55.63
CA SER C 161 -16.70 -25.08 -55.44
C SER C 161 -16.24 -24.20 -54.28
N ALA C 162 -16.42 -22.89 -54.43
CA ALA C 162 -16.10 -21.93 -53.39
C ALA C 162 -17.34 -21.08 -53.12
N ASN C 163 -17.77 -21.06 -51.87
CA ASN C 163 -18.96 -20.34 -51.43
C ASN C 163 -18.56 -19.30 -50.39
N ASN C 164 -18.77 -18.03 -50.71
CA ASN C 164 -18.46 -16.91 -49.81
C ASN C 164 -16.96 -16.75 -49.62
N CYS C 165 -16.50 -15.50 -49.50
CA CYS C 165 -15.08 -15.24 -49.33
C CYS C 165 -14.91 -13.99 -48.48
N THR C 166 -13.89 -14.02 -47.61
CA THR C 166 -13.66 -12.94 -46.66
C THR C 166 -12.34 -12.23 -46.87
N PHE C 167 -11.23 -12.98 -46.94
CA PHE C 167 -9.91 -12.38 -47.01
C PHE C 167 -9.11 -12.99 -48.15
N GLU C 168 -8.28 -12.15 -48.77
CA GLU C 168 -7.39 -12.60 -49.83
C GLU C 168 -6.02 -11.96 -49.63
N TYR C 169 -4.97 -12.71 -49.94
CA TYR C 169 -3.59 -12.23 -49.81
C TYR C 169 -2.75 -12.86 -50.89
N VAL C 170 -2.24 -12.05 -51.81
CA VAL C 170 -1.38 -12.51 -52.89
C VAL C 170 -0.04 -11.79 -52.74
N SER C 171 1.05 -12.56 -52.79
CA SER C 171 2.39 -12.03 -52.62
C SER C 171 3.37 -13.02 -53.25
N GLN C 172 4.66 -12.83 -52.94
CA GLN C 172 5.68 -13.74 -53.43
C GLN C 172 5.48 -15.13 -52.81
N PRO C 173 5.93 -16.18 -53.50
CA PRO C 173 5.74 -17.53 -52.96
C PRO C 173 6.45 -17.71 -51.63
N PHE C 174 5.85 -18.52 -50.77
CA PHE C 174 6.42 -18.80 -49.46
C PHE C 174 7.74 -19.54 -49.56
N LEU C 175 7.97 -20.27 -50.65
CA LEU C 175 9.16 -21.11 -50.81
C LEU C 175 10.20 -20.37 -51.65
N MET C 176 11.28 -19.95 -51.00
CA MET C 176 12.38 -19.32 -51.74
C MET C 176 13.46 -20.32 -52.11
N ASP C 177 13.32 -21.58 -51.69
CA ASP C 177 14.34 -22.57 -52.03
C ASP C 177 14.26 -22.94 -53.51
N LEU C 178 15.42 -23.15 -54.11
CA LEU C 178 15.53 -23.50 -55.52
C LEU C 178 16.44 -24.70 -55.67
N GLU C 179 16.10 -25.57 -56.62
CA GLU C 179 16.90 -26.75 -56.91
C GLU C 179 17.66 -26.63 -58.22
N GLY C 180 17.68 -25.45 -58.82
CA GLY C 180 18.31 -25.24 -60.12
C GLY C 180 19.81 -25.26 -60.08
N LYS C 181 20.41 -25.04 -58.91
CA LYS C 181 21.87 -24.99 -58.78
C LYS C 181 22.48 -26.34 -59.15
N GLN C 182 22.21 -27.36 -58.36
CA GLN C 182 22.74 -28.70 -58.59
C GLN C 182 22.02 -29.66 -57.64
N GLY C 183 22.40 -30.93 -57.71
CA GLY C 183 21.88 -31.95 -56.83
C GLY C 183 22.78 -32.19 -55.64
N ASN C 184 22.71 -33.41 -55.11
CA ASN C 184 23.54 -33.85 -53.98
C ASN C 184 23.23 -33.08 -52.70
N PHE C 185 22.26 -32.16 -52.75
CA PHE C 185 21.87 -31.40 -51.58
C PHE C 185 20.35 -31.36 -51.49
N LYS C 186 19.83 -31.63 -50.29
CA LYS C 186 18.40 -31.66 -50.05
C LYS C 186 18.01 -30.43 -49.23
N ASN C 187 16.70 -30.22 -49.12
CA ASN C 187 16.20 -29.08 -48.38
C ASN C 187 16.04 -29.45 -46.91
N LEU C 188 15.97 -28.42 -46.07
CA LEU C 188 15.71 -28.58 -44.64
C LEU C 188 14.66 -27.59 -44.19
N ARG C 189 13.57 -27.54 -44.95
CA ARG C 189 12.48 -26.61 -44.67
C ARG C 189 11.88 -26.89 -43.29
N GLU C 190 11.68 -25.83 -42.51
CA GLU C 190 11.09 -25.92 -41.19
C GLU C 190 10.01 -24.87 -41.06
N PHE C 191 8.88 -25.24 -40.44
CA PHE C 191 7.77 -24.31 -40.32
C PHE C 191 7.06 -24.52 -39.00
N VAL C 192 6.54 -23.44 -38.45
CA VAL C 192 5.71 -23.47 -37.25
C VAL C 192 4.49 -22.63 -37.54
N PHE C 193 3.31 -23.23 -37.40
CA PHE C 193 2.04 -22.55 -37.68
C PHE C 193 1.35 -22.34 -36.34
N LYS C 194 1.35 -21.10 -35.86
CA LYS C 194 0.76 -20.75 -34.58
C LYS C 194 -0.40 -19.80 -34.81
N ASN C 195 -1.58 -20.17 -34.33
CA ASN C 195 -2.77 -19.33 -34.41
C ASN C 195 -3.28 -19.09 -33.00
N ILE C 196 -3.44 -17.82 -32.63
CA ILE C 196 -3.89 -17.47 -31.29
C ILE C 196 -4.50 -16.08 -31.33
N ASP C 197 -5.52 -15.87 -30.50
CA ASP C 197 -6.17 -14.57 -30.27
C ASP C 197 -6.29 -13.74 -31.55
N GLY C 198 -6.81 -14.37 -32.59
CA GLY C 198 -7.07 -13.67 -33.83
C GLY C 198 -5.83 -13.34 -34.63
N TYR C 199 -4.76 -14.12 -34.44
CA TYR C 199 -3.53 -13.94 -35.19
C TYR C 199 -3.02 -15.28 -35.70
N PHE C 200 -2.29 -15.21 -36.80
CA PHE C 200 -1.73 -16.38 -37.45
C PHE C 200 -0.29 -16.03 -37.79
N LYS C 201 0.65 -16.60 -37.07
CA LYS C 201 2.06 -16.32 -37.30
C LYS C 201 2.71 -17.48 -38.03
N ILE C 202 3.65 -17.16 -38.91
CA ILE C 202 4.36 -18.14 -39.70
C ILE C 202 5.85 -17.92 -39.48
N TYR C 203 6.56 -19.01 -39.17
CA TYR C 203 8.00 -18.95 -39.01
C TYR C 203 8.63 -19.99 -39.92
N SER C 204 9.79 -19.66 -40.48
CA SER C 204 10.43 -20.55 -41.42
C SER C 204 11.92 -20.30 -41.43
N LYS C 205 12.66 -21.29 -41.94
CA LYS C 205 14.11 -21.19 -42.07
C LYS C 205 14.57 -22.36 -42.93
N HIS C 206 15.58 -22.11 -43.75
CA HIS C 206 16.14 -23.13 -44.61
C HIS C 206 17.65 -23.21 -44.42
N THR C 207 18.16 -24.43 -44.35
CA THR C 207 19.57 -24.70 -44.19
C THR C 207 19.94 -25.85 -45.11
N PRO C 208 21.19 -25.92 -45.55
CA PRO C 208 21.63 -27.05 -46.38
C PRO C 208 21.93 -28.27 -45.50
N ILE C 209 21.87 -29.43 -46.13
CA ILE C 209 22.11 -30.69 -45.45
C ILE C 209 23.29 -31.40 -46.12
N ILE C 211 24.13 -32.00 -45.29
CA ILE C 211 25.32 -32.70 -45.76
C ILE C 211 25.09 -34.20 -45.85
N VAL C 212 24.58 -34.81 -44.78
CA VAL C 212 24.35 -36.25 -44.75
C VAL C 212 23.04 -36.55 -45.45
N ARG C 213 23.04 -37.62 -46.25
CA ARG C 213 21.83 -38.01 -46.97
C ARG C 213 20.85 -38.80 -46.13
N GLU C 214 21.20 -39.16 -44.90
CA GLU C 214 20.30 -39.94 -44.06
C GLU C 214 19.14 -39.10 -43.55
N PRO C 215 17.88 -39.47 -43.86
CA PRO C 215 16.73 -38.73 -43.33
C PRO C 215 16.16 -39.30 -42.03
N GLU C 216 16.86 -40.24 -41.39
CA GLU C 216 16.32 -40.89 -40.21
C GLU C 216 16.13 -39.91 -39.06
N ASP C 217 17.10 -39.03 -38.83
CA ASP C 217 17.06 -38.10 -37.72
C ASP C 217 17.54 -36.73 -38.18
N LEU C 218 17.03 -35.69 -37.53
CA LEU C 218 17.48 -34.34 -37.84
C LEU C 218 18.89 -34.13 -37.30
N PRO C 219 19.73 -33.40 -38.03
CA PRO C 219 21.08 -33.10 -37.53
C PRO C 219 21.02 -32.26 -36.27
N GLN C 220 21.98 -32.50 -35.37
CA GLN C 220 22.04 -31.78 -34.11
C GLN C 220 22.67 -30.42 -34.35
N GLY C 221 21.85 -29.38 -34.34
CA GLY C 221 22.33 -28.02 -34.56
C GLY C 221 21.25 -26.99 -34.29
N PHE C 222 21.63 -25.87 -33.69
CA PHE C 222 20.64 -24.85 -33.34
C PHE C 222 20.18 -24.12 -34.59
N SER C 223 18.89 -23.84 -34.65
CA SER C 223 18.31 -23.09 -35.76
C SER C 223 17.28 -22.10 -35.24
N ALA C 224 17.21 -20.93 -35.87
CA ALA C 224 16.26 -19.89 -35.49
C ALA C 224 15.16 -19.82 -36.53
N LEU C 225 13.90 -19.82 -36.06
CA LEU C 225 12.73 -19.79 -36.94
C LEU C 225 12.28 -18.33 -36.99
N GLU C 226 12.79 -17.60 -37.96
CA GLU C 226 12.45 -16.20 -38.10
C GLU C 226 11.00 -16.05 -38.58
N PRO C 227 10.24 -15.14 -38.00
CA PRO C 227 8.87 -14.93 -38.44
C PRO C 227 8.83 -14.38 -39.86
N LEU C 228 7.78 -14.73 -40.60
CA LEU C 228 7.67 -14.28 -41.98
C LEU C 228 6.47 -13.39 -42.22
N VAL C 229 5.29 -13.77 -41.73
CA VAL C 229 4.06 -13.02 -42.00
C VAL C 229 3.11 -13.26 -40.84
N ASP C 230 2.24 -12.27 -40.58
CA ASP C 230 1.21 -12.35 -39.56
C ASP C 230 -0.14 -12.12 -40.20
N LEU C 231 -1.14 -12.87 -39.75
CA LEU C 231 -2.49 -12.76 -40.29
C LEU C 231 -3.46 -12.35 -39.19
N PRO C 232 -4.38 -11.44 -39.47
CA PRO C 232 -5.34 -10.99 -38.45
C PRO C 232 -6.65 -11.76 -38.42
N ILE C 233 -6.76 -12.87 -39.15
CA ILE C 233 -8.00 -13.62 -39.20
C ILE C 233 -8.23 -14.31 -37.86
N GLY C 234 -9.49 -14.59 -37.56
CA GLY C 234 -9.85 -15.22 -36.31
C GLY C 234 -10.60 -16.53 -36.50
N ILE C 235 -10.18 -17.31 -37.49
CA ILE C 235 -10.88 -18.55 -37.80
C ILE C 235 -10.55 -19.59 -36.73
N ASN C 236 -11.51 -20.49 -36.48
CA ASN C 236 -11.31 -21.58 -35.55
C ASN C 236 -10.78 -22.79 -36.30
N ILE C 237 -9.59 -23.24 -35.93
CA ILE C 237 -8.93 -24.38 -36.55
C ILE C 237 -8.76 -25.46 -35.51
N THR C 238 -9.17 -26.69 -35.85
CA THR C 238 -8.99 -27.84 -34.98
C THR C 238 -8.29 -29.00 -35.66
N ARG C 239 -7.88 -28.85 -36.91
CA ARG C 239 -7.24 -29.94 -37.63
C ARG C 239 -6.26 -29.39 -38.66
N PHE C 240 -5.33 -30.24 -39.05
CA PHE C 240 -4.28 -29.90 -40.01
C PHE C 240 -4.23 -30.94 -41.11
N GLN C 241 -4.11 -30.48 -42.35
CA GLN C 241 -4.02 -31.37 -43.49
C GLN C 241 -2.94 -30.84 -44.44
N THR C 242 -2.23 -31.77 -45.07
CA THR C 242 -1.17 -31.43 -46.01
C THR C 242 -1.50 -31.99 -47.39
N LEU C 243 -0.89 -31.39 -48.40
CA LEU C 243 -1.13 -31.78 -49.79
C LEU C 243 0.19 -32.14 -50.46
N LEU C 244 0.07 -32.91 -51.54
CA LEU C 244 1.22 -33.38 -52.30
C LEU C 244 1.03 -33.07 -53.77
N ALA C 245 2.15 -33.02 -54.49
CA ALA C 245 2.17 -32.75 -55.91
C ALA C 245 2.65 -34.00 -56.63
N LEU C 246 1.73 -34.71 -57.29
CA LEU C 246 2.04 -35.90 -58.07
C LEU C 246 1.49 -35.67 -59.47
N HIS C 247 2.38 -35.40 -60.43
CA HIS C 247 1.93 -35.10 -61.78
C HIS C 247 1.59 -36.36 -62.56
N ARG C 248 2.56 -37.28 -62.68
CA ARG C 248 2.32 -38.53 -63.38
C ARG C 248 3.44 -39.50 -63.04
N SER C 249 3.13 -40.79 -63.16
CA SER C 249 4.15 -41.83 -63.06
C SER C 249 5.02 -41.76 -64.32
N TYR C 250 6.21 -41.19 -64.18
CA TYR C 250 7.09 -41.00 -65.32
C TYR C 250 8.56 -41.16 -64.92
N SER C 258 0.32 -46.08 -63.95
CA SER C 258 -0.71 -46.50 -63.01
C SER C 258 -0.65 -45.66 -61.73
N GLY C 259 -1.81 -45.11 -61.35
CA GLY C 259 -1.84 -44.26 -60.18
C GLY C 259 -1.21 -42.90 -60.44
N TRP C 260 -0.95 -42.20 -59.34
CA TRP C 260 -0.37 -40.87 -59.37
C TRP C 260 0.82 -40.89 -58.42
N THR C 261 2.01 -40.62 -58.94
CA THR C 261 3.21 -40.81 -58.11
C THR C 261 4.32 -39.88 -58.55
N ALA C 262 5.29 -39.73 -57.67
CA ALA C 262 6.49 -38.92 -57.88
C ALA C 262 7.63 -39.56 -57.08
N GLY C 263 8.68 -38.81 -56.82
CA GLY C 263 9.86 -39.34 -56.15
C GLY C 263 9.66 -39.53 -54.66
N ALA C 264 10.76 -39.45 -53.93
CA ALA C 264 10.78 -39.69 -52.48
C ALA C 264 10.74 -38.37 -51.71
N ALA C 265 10.15 -38.42 -50.51
CA ALA C 265 10.03 -37.25 -49.66
C ALA C 265 9.82 -37.72 -48.22
N ALA C 266 9.88 -36.76 -47.30
CA ALA C 266 9.68 -37.03 -45.88
C ALA C 266 9.42 -35.71 -45.17
N TYR C 267 8.45 -35.70 -44.26
CA TYR C 267 8.15 -34.53 -43.46
C TYR C 267 7.91 -34.93 -42.02
N TYR C 268 8.12 -33.99 -41.11
CA TYR C 268 8.01 -34.23 -39.67
C TYR C 268 6.90 -33.36 -39.11
N VAL C 269 6.17 -33.90 -38.15
CA VAL C 269 5.08 -33.18 -37.50
C VAL C 269 5.33 -33.21 -35.99
N GLY C 270 5.38 -32.04 -35.38
CA GLY C 270 5.57 -31.96 -33.94
C GLY C 270 4.70 -30.88 -33.31
N TYR C 271 4.12 -31.18 -32.16
CA TYR C 271 3.20 -30.27 -31.49
C TYR C 271 3.96 -29.37 -30.51
N LEU C 272 3.25 -28.37 -30.02
CA LEU C 272 3.83 -27.38 -29.12
C LEU C 272 2.96 -27.22 -27.90
N GLN C 273 3.60 -26.97 -26.75
CA GLN C 273 2.92 -26.68 -25.50
C GLN C 273 3.70 -25.60 -24.78
N PRO C 274 3.04 -24.81 -23.93
CA PRO C 274 3.73 -23.72 -23.24
C PRO C 274 4.86 -24.27 -22.36
N ARG C 275 5.96 -23.53 -22.32
CA ARG C 275 7.12 -23.91 -21.54
C ARG C 275 7.85 -22.65 -21.14
N THR C 276 8.92 -22.81 -20.36
CA THR C 276 9.76 -21.69 -19.97
C THR C 276 11.17 -21.94 -20.51
N PHE C 277 11.69 -20.96 -21.22
CA PHE C 277 12.96 -21.09 -21.91
C PHE C 277 13.87 -19.93 -21.53
N LEU C 278 15.17 -20.15 -21.67
CA LEU C 278 16.17 -19.11 -21.48
C LEU C 278 16.97 -19.03 -22.77
N LEU C 279 17.12 -17.82 -23.31
CA LEU C 279 17.77 -17.61 -24.58
C LEU C 279 19.02 -16.77 -24.38
N LYS C 280 20.08 -17.15 -25.09
CA LYS C 280 21.37 -16.49 -25.00
C LYS C 280 21.69 -15.83 -26.33
N TYR C 281 21.47 -14.51 -26.40
CA TYR C 281 21.78 -13.77 -27.60
C TYR C 281 23.28 -13.57 -27.69
N ASN C 282 23.77 -13.42 -28.92
CA ASN C 282 25.20 -13.22 -29.13
C ASN C 282 25.51 -11.76 -29.40
N GLU C 283 26.76 -11.47 -29.73
CA GLU C 283 27.15 -10.11 -30.06
C GLU C 283 26.50 -9.66 -31.36
N ASN C 284 26.37 -10.57 -32.33
CA ASN C 284 25.66 -10.23 -33.56
C ASN C 284 24.22 -9.86 -33.28
N GLY C 285 23.64 -10.41 -32.22
CA GLY C 285 22.24 -10.24 -31.93
C GLY C 285 21.38 -11.42 -32.32
N THR C 286 21.97 -12.52 -32.71
CA THR C 286 21.24 -13.71 -33.12
C THR C 286 21.26 -14.75 -32.00
N ILE C 287 20.17 -15.49 -31.89
CA ILE C 287 20.08 -16.51 -30.86
C ILE C 287 20.98 -17.67 -31.26
N THR C 288 21.97 -17.97 -30.43
CA THR C 288 22.91 -19.05 -30.70
C THR C 288 22.66 -20.30 -29.87
N ASP C 289 22.06 -20.15 -28.69
CA ASP C 289 21.75 -21.29 -27.85
C ASP C 289 20.59 -20.91 -26.95
N ALA C 290 19.85 -21.94 -26.52
CA ALA C 290 18.71 -21.73 -25.64
C ALA C 290 18.65 -22.89 -24.65
N VAL C 291 18.25 -22.58 -23.42
CA VAL C 291 18.11 -23.58 -22.37
C VAL C 291 16.72 -23.45 -21.77
N ASP C 292 16.00 -24.55 -21.71
CA ASP C 292 14.66 -24.55 -21.13
C ASP C 292 14.79 -24.57 -19.62
N CYS C 293 13.67 -24.72 -18.91
CA CYS C 293 13.72 -24.70 -17.45
C CYS C 293 12.90 -25.83 -16.84
N ALA C 294 12.66 -26.90 -17.59
CA ALA C 294 11.94 -28.05 -17.06
C ALA C 294 12.51 -29.39 -17.52
N LEU C 295 13.56 -29.39 -18.34
CA LEU C 295 14.03 -30.65 -18.92
C LEU C 295 14.77 -31.50 -17.89
N ASP C 296 15.65 -30.90 -17.11
CA ASP C 296 16.50 -31.66 -16.20
C ASP C 296 16.98 -30.75 -15.09
N PRO C 297 17.48 -31.32 -13.98
CA PRO C 297 17.94 -30.47 -12.88
C PRO C 297 19.00 -29.48 -13.29
N LEU C 298 19.90 -29.85 -14.21
CA LEU C 298 20.89 -28.89 -14.68
C LEU C 298 20.21 -27.74 -15.40
N SER C 299 19.15 -28.04 -16.16
CA SER C 299 18.42 -26.98 -16.84
C SER C 299 17.77 -26.03 -15.86
N GLU C 300 17.16 -26.57 -14.79
CA GLU C 300 16.54 -25.69 -13.81
C GLU C 300 17.58 -24.91 -13.02
N THR C 301 18.74 -25.52 -12.74
CA THR C 301 19.81 -24.80 -12.08
C THR C 301 20.30 -23.64 -12.94
N LYS C 302 20.49 -23.87 -14.23
CA LYS C 302 20.88 -22.79 -15.13
C LYS C 302 19.80 -21.72 -15.20
N CYS C 303 18.54 -22.13 -15.24
CA CYS C 303 17.45 -21.15 -15.32
C CYS C 303 17.41 -20.27 -14.09
N THR C 304 17.59 -20.86 -12.90
CA THR C 304 17.56 -20.07 -11.67
C THR C 304 18.80 -19.20 -11.55
N LEU C 305 19.97 -19.71 -11.95
CA LEU C 305 21.20 -18.93 -11.88
C LEU C 305 21.31 -17.89 -13.00
N LYS C 306 20.46 -17.98 -14.02
CA LYS C 306 20.50 -17.06 -15.16
C LYS C 306 21.89 -17.06 -15.80
N SER C 307 22.47 -18.24 -15.92
CA SER C 307 23.79 -18.39 -16.52
C SER C 307 23.88 -19.76 -17.18
N PHE C 308 24.83 -19.88 -18.11
CA PHE C 308 25.09 -21.13 -18.81
C PHE C 308 26.17 -21.97 -18.13
N THR C 309 26.80 -21.45 -17.08
CA THR C 309 27.83 -22.17 -16.37
C THR C 309 27.52 -22.17 -14.89
N VAL C 310 27.73 -23.30 -14.24
CA VAL C 310 27.46 -23.47 -12.81
C VAL C 310 28.71 -24.02 -12.15
N GLU C 311 29.09 -23.42 -11.03
CA GLU C 311 30.25 -23.87 -10.26
C GLU C 311 29.82 -24.91 -9.22
N LYS C 312 30.81 -25.46 -8.53
CA LYS C 312 30.55 -26.47 -7.52
C LYS C 312 29.76 -25.87 -6.36
N GLY C 313 28.76 -26.59 -5.91
CA GLY C 313 27.96 -26.14 -4.78
C GLY C 313 26.59 -26.78 -4.79
N ILE C 314 25.78 -26.33 -3.85
CA ILE C 314 24.39 -26.78 -3.70
C ILE C 314 23.50 -25.56 -3.90
N TYR C 315 22.44 -25.73 -4.68
CA TYR C 315 21.55 -24.64 -5.00
C TYR C 315 20.11 -25.08 -4.81
N GLN C 316 19.26 -24.12 -4.45
CA GLN C 316 17.84 -24.37 -4.30
C GLN C 316 17.14 -23.79 -5.53
N THR C 317 16.33 -24.60 -6.19
CA THR C 317 15.71 -24.22 -7.45
C THR C 317 14.21 -23.99 -7.30
N SER C 318 13.47 -24.98 -6.81
CA SER C 318 12.03 -24.88 -6.73
C SER C 318 11.55 -25.74 -5.57
N ASN C 319 10.24 -25.95 -5.51
CA ASN C 319 9.62 -26.76 -4.47
C ASN C 319 8.74 -27.83 -5.12
N PHE C 320 8.33 -28.80 -4.30
CA PHE C 320 7.45 -29.87 -4.72
C PHE C 320 6.27 -29.93 -3.76
N ARG C 321 5.10 -30.23 -4.30
CA ARG C 321 3.88 -30.35 -3.51
C ARG C 321 3.03 -31.48 -4.04
N VAL C 322 2.51 -32.31 -3.15
CA VAL C 322 1.66 -33.41 -3.56
C VAL C 322 0.29 -32.85 -3.91
N GLN C 323 -0.19 -33.14 -5.11
CA GLN C 323 -1.45 -32.61 -5.57
C GLN C 323 -2.59 -33.48 -5.04
N PRO C 324 -3.78 -32.91 -4.83
CA PRO C 324 -4.91 -33.73 -4.42
C PRO C 324 -5.28 -34.72 -5.52
N THR C 325 -5.81 -35.87 -5.10
CA THR C 325 -6.15 -36.94 -6.00
C THR C 325 -7.61 -36.94 -6.43
N GLU C 326 -8.53 -36.78 -5.48
CA GLU C 326 -9.96 -36.85 -5.75
C GLU C 326 -10.68 -35.82 -4.88
N SER C 327 -12.00 -35.94 -4.84
CA SER C 327 -12.85 -35.10 -4.02
C SER C 327 -13.64 -35.97 -3.05
N ILE C 328 -13.81 -35.48 -1.83
CA ILE C 328 -14.46 -36.24 -0.77
C ILE C 328 -15.94 -35.89 -0.75
N VAL C 329 -16.43 -35.46 -1.91
CA VAL C 329 -17.84 -35.21 -2.26
C VAL C 329 -18.49 -34.13 -1.39
N ARG C 330 -18.33 -34.18 -0.07
CA ARG C 330 -19.03 -33.28 0.86
C ARG C 330 -20.55 -33.32 0.96
N PHE C 331 -21.07 -33.44 2.21
CA PHE C 331 -22.48 -33.51 2.57
C PHE C 331 -22.70 -33.18 4.05
N PRO C 332 -23.64 -32.29 4.38
CA PRO C 332 -23.94 -32.00 5.79
C PRO C 332 -24.63 -33.15 6.49
N ASN C 333 -24.95 -34.21 5.74
CA ASN C 333 -25.65 -35.40 6.23
C ASN C 333 -27.00 -35.06 6.84
N ILE C 334 -27.74 -34.19 6.15
CA ILE C 334 -29.08 -33.84 6.59
C ILE C 334 -29.98 -35.05 6.36
N THR C 335 -30.79 -35.39 7.37
CA THR C 335 -31.69 -36.53 7.27
C THR C 335 -33.10 -36.06 7.55
N ASN C 336 -33.78 -35.54 6.52
CA ASN C 336 -35.12 -35.00 6.64
C ASN C 336 -35.61 -34.58 5.26
N LEU C 337 -36.93 -34.54 5.11
CA LEU C 337 -37.58 -34.03 3.91
C LEU C 337 -38.82 -33.30 4.38
N CYS C 338 -39.07 -32.12 3.83
CA CYS C 338 -40.17 -31.30 4.32
C CYS C 338 -41.52 -31.92 4.02
N PRO C 339 -42.44 -31.99 5.00
CA PRO C 339 -43.82 -32.44 4.76
C PRO C 339 -44.68 -31.30 4.19
N PHE C 340 -44.18 -30.65 3.14
CA PHE C 340 -44.85 -29.51 2.55
C PHE C 340 -45.97 -29.84 1.58
N ASP C 341 -46.16 -31.09 1.19
CA ASP C 341 -47.21 -31.39 0.22
C ASP C 341 -48.61 -31.40 0.83
N GLU C 342 -48.73 -31.34 2.16
CA GLU C 342 -50.05 -31.35 2.78
C GLU C 342 -50.83 -30.10 2.43
N VAL C 343 -50.18 -28.93 2.47
CA VAL C 343 -50.87 -27.68 2.17
C VAL C 343 -51.19 -27.59 0.68
N PHE C 344 -50.27 -28.06 -0.18
CA PHE C 344 -50.49 -27.95 -1.62
C PHE C 344 -51.59 -28.90 -2.09
N ASN C 345 -51.62 -30.13 -1.58
CA ASN C 345 -52.63 -31.09 -1.96
C ASN C 345 -53.34 -31.61 -0.72
N ALA C 346 -54.66 -31.42 -0.65
CA ALA C 346 -55.44 -31.85 0.48
C ALA C 346 -56.88 -32.09 0.03
N THR C 347 -57.77 -32.35 0.99
CA THR C 347 -59.17 -32.59 0.66
C THR C 347 -59.84 -31.35 0.09
N ARG C 348 -59.56 -30.18 0.67
CA ARG C 348 -60.19 -28.94 0.27
C ARG C 348 -59.13 -27.89 -0.07
N PHE C 349 -59.52 -26.92 -0.87
CA PHE C 349 -58.67 -25.79 -1.22
C PHE C 349 -59.25 -24.51 -0.63
N ALA C 350 -58.39 -23.71 0.00
CA ALA C 350 -58.85 -22.49 0.65
C ALA C 350 -59.41 -21.52 -0.37
N SER C 351 -60.47 -20.81 0.03
CA SER C 351 -61.14 -19.87 -0.85
C SER C 351 -60.28 -18.63 -1.09
N VAL C 352 -60.64 -17.88 -2.13
CA VAL C 352 -59.90 -16.68 -2.50
C VAL C 352 -60.04 -15.60 -1.43
N TYR C 353 -61.23 -15.49 -0.83
CA TYR C 353 -61.45 -14.47 0.20
C TYR C 353 -60.88 -14.87 1.55
N ALA C 354 -60.50 -16.13 1.74
CA ALA C 354 -59.93 -16.60 3.01
C ALA C 354 -58.82 -17.59 2.68
N TRP C 355 -57.60 -17.09 2.60
CA TRP C 355 -56.44 -17.94 2.34
C TRP C 355 -56.04 -18.68 3.60
N ASN C 356 -55.55 -19.91 3.42
CA ASN C 356 -55.03 -20.67 4.54
C ASN C 356 -53.66 -20.13 4.92
N ARG C 357 -53.37 -20.15 6.23
CA ARG C 357 -52.11 -19.64 6.76
C ARG C 357 -51.21 -20.83 7.03
N LYS C 358 -50.15 -20.96 6.23
CA LYS C 358 -49.18 -22.03 6.39
C LYS C 358 -47.87 -21.58 5.75
N ARG C 359 -46.77 -21.93 6.40
CA ARG C 359 -45.45 -21.53 5.93
C ARG C 359 -44.50 -22.72 5.99
N ILE C 360 -43.47 -22.67 5.15
CA ILE C 360 -42.45 -23.71 5.09
C ILE C 360 -41.25 -23.24 5.90
N SER C 361 -40.97 -23.95 6.99
CA SER C 361 -39.86 -23.63 7.88
C SER C 361 -39.09 -24.91 8.19
N ASN C 362 -37.79 -24.75 8.45
CA ASN C 362 -36.89 -25.87 8.75
C ASN C 362 -37.18 -27.08 7.84
N CYS C 363 -37.08 -26.83 6.54
CA CYS C 363 -37.35 -27.83 5.53
C CYS C 363 -36.25 -27.85 4.49
N VAL C 364 -36.19 -28.95 3.75
CA VAL C 364 -35.27 -29.11 2.62
C VAL C 364 -36.09 -29.52 1.40
N ALA C 365 -37.34 -29.08 1.34
CA ALA C 365 -38.25 -29.49 0.27
C ALA C 365 -37.68 -29.19 -1.10
N ASP C 366 -37.57 -30.24 -1.92
CA ASP C 366 -37.05 -30.12 -3.26
C ASP C 366 -38.12 -29.53 -4.17
N TYR C 367 -37.74 -28.55 -4.99
CA TYR C 367 -38.66 -27.99 -5.96
C TYR C 367 -38.40 -28.51 -7.36
N SER C 368 -37.30 -29.22 -7.57
CA SER C 368 -37.04 -29.79 -8.89
C SER C 368 -38.00 -30.94 -9.19
N VAL C 369 -38.43 -31.69 -8.18
CA VAL C 369 -39.43 -32.73 -8.42
C VAL C 369 -40.74 -32.09 -8.85
N LEU C 370 -41.07 -30.93 -8.29
CA LEU C 370 -42.24 -30.19 -8.73
C LEU C 370 -42.07 -29.71 -10.17
N TYR C 371 -40.88 -29.24 -10.51
CA TYR C 371 -40.63 -28.81 -11.87
C TYR C 371 -40.78 -29.97 -12.85
N ASN C 372 -40.30 -31.15 -12.45
CA ASN C 372 -40.45 -32.36 -13.26
C ASN C 372 -41.91 -32.78 -13.39
N LEU C 373 -42.72 -32.55 -12.37
CA LEU C 373 -44.12 -32.97 -12.44
C LEU C 373 -44.84 -32.23 -13.56
N ALA C 374 -45.59 -32.99 -14.35
CA ALA C 374 -46.36 -32.39 -15.45
C ALA C 374 -47.41 -31.38 -14.98
N PRO C 375 -48.21 -31.64 -13.94
CA PRO C 375 -49.22 -30.65 -13.55
C PRO C 375 -48.62 -29.31 -13.21
N PHE C 376 -47.46 -29.31 -12.55
CA PHE C 376 -46.81 -28.07 -12.15
C PHE C 376 -46.18 -27.41 -13.37
N PHE C 377 -46.93 -26.55 -14.05
CA PHE C 377 -46.46 -25.95 -15.30
C PHE C 377 -45.85 -24.58 -15.10
N THR C 378 -46.16 -23.89 -14.01
CA THR C 378 -45.59 -22.59 -13.69
C THR C 378 -44.42 -22.80 -12.73
N PHE C 379 -43.21 -22.54 -13.21
CA PHE C 379 -42.00 -22.57 -12.41
C PHE C 379 -41.13 -21.36 -12.66
N LYS C 380 -41.44 -20.56 -13.67
CA LYS C 380 -40.68 -19.35 -13.97
C LYS C 380 -40.78 -18.35 -12.83
N CYS C 381 -39.69 -17.62 -12.61
CA CYS C 381 -39.57 -16.69 -11.50
C CYS C 381 -39.17 -15.33 -12.03
N TYR C 382 -39.88 -14.30 -11.57
CA TYR C 382 -39.63 -12.94 -12.05
C TYR C 382 -38.31 -12.41 -11.55
N GLY C 383 -38.03 -12.57 -10.26
CA GLY C 383 -36.87 -11.95 -9.65
C GLY C 383 -35.77 -12.88 -9.19
N VAL C 384 -36.03 -14.18 -9.19
CA VAL C 384 -35.08 -15.17 -8.72
C VAL C 384 -34.93 -16.26 -9.78
N SER C 385 -34.12 -17.26 -9.46
CA SER C 385 -33.81 -18.34 -10.40
C SER C 385 -35.04 -19.21 -10.61
N PRO C 386 -35.46 -19.44 -11.86
CA PRO C 386 -36.65 -20.27 -12.10
C PRO C 386 -36.44 -21.73 -11.72
N THR C 387 -35.35 -22.33 -12.20
CA THR C 387 -35.13 -23.76 -12.00
C THR C 387 -34.29 -24.06 -10.76
N LYS C 388 -33.42 -23.13 -10.35
CA LYS C 388 -32.57 -23.34 -9.18
C LYS C 388 -33.09 -22.60 -7.95
N LEU C 389 -34.40 -22.39 -7.86
CA LEU C 389 -34.96 -21.72 -6.70
C LEU C 389 -34.75 -22.52 -5.43
N ASN C 390 -34.93 -23.84 -5.50
CA ASN C 390 -34.79 -24.67 -4.31
C ASN C 390 -33.35 -24.68 -3.80
N ASP C 391 -32.38 -24.75 -4.71
CA ASP C 391 -30.98 -24.88 -4.31
C ASP C 391 -30.52 -23.64 -3.54
N LEU C 392 -30.90 -22.46 -4.01
CA LEU C 392 -30.58 -21.24 -3.28
C LEU C 392 -31.34 -21.20 -1.96
N CYS C 393 -30.67 -20.70 -0.93
CA CYS C 393 -31.25 -20.66 0.40
C CYS C 393 -32.23 -19.51 0.55
N PHE C 394 -33.25 -19.72 1.39
CA PHE C 394 -34.26 -18.69 1.64
C PHE C 394 -34.88 -18.95 3.01
N THR C 395 -35.61 -17.96 3.50
CA THR C 395 -36.24 -18.06 4.81
C THR C 395 -37.62 -17.42 4.77
N ASN C 396 -38.49 -17.89 5.66
CA ASN C 396 -39.85 -17.35 5.85
C ASN C 396 -40.65 -17.41 4.54
N VAL C 397 -40.88 -18.63 4.07
CA VAL C 397 -41.67 -18.86 2.88
C VAL C 397 -43.12 -19.08 3.31
N TYR C 398 -44.02 -18.24 2.81
CA TYR C 398 -45.43 -18.32 3.16
C TYR C 398 -46.22 -18.92 2.01
N ALA C 399 -47.27 -19.67 2.35
CA ALA C 399 -48.10 -20.37 1.38
C ALA C 399 -49.52 -19.84 1.40
N ASP C 400 -50.16 -19.87 0.23
CA ASP C 400 -51.54 -19.41 0.08
C ASP C 400 -52.29 -20.41 -0.80
N SER C 401 -53.62 -20.42 -0.64
CA SER C 401 -54.49 -21.29 -1.41
C SER C 401 -55.69 -20.48 -1.88
N PHE C 402 -55.91 -20.44 -3.19
CA PHE C 402 -56.98 -19.65 -3.78
C PHE C 402 -57.43 -20.31 -5.08
N VAL C 403 -58.74 -20.36 -5.28
CA VAL C 403 -59.32 -20.98 -6.47
C VAL C 403 -59.21 -20.00 -7.64
N ILE C 404 -58.72 -20.50 -8.76
CA ILE C 404 -58.44 -19.67 -9.94
C ILE C 404 -59.20 -20.24 -11.13
N ARG C 405 -59.89 -19.36 -11.87
CA ARG C 405 -60.59 -19.79 -13.08
C ARG C 405 -59.63 -20.37 -14.10
N GLY C 406 -58.49 -19.71 -14.29
CA GLY C 406 -57.48 -20.21 -15.21
C GLY C 406 -56.91 -19.11 -16.08
N ASP C 407 -57.74 -18.13 -16.43
CA ASP C 407 -57.32 -17.04 -17.29
C ASP C 407 -56.85 -15.81 -16.53
N GLU C 408 -56.98 -15.79 -15.20
CA GLU C 408 -56.55 -14.67 -14.38
C GLU C 408 -55.17 -14.86 -13.77
N VAL C 409 -54.47 -15.95 -14.10
CA VAL C 409 -53.13 -16.15 -13.55
C VAL C 409 -52.20 -15.06 -14.05
N ARG C 410 -52.39 -14.64 -15.31
CA ARG C 410 -51.59 -13.55 -15.87
C ARG C 410 -51.91 -12.22 -15.21
N GLN C 411 -53.06 -12.12 -14.52
CA GLN C 411 -53.49 -10.86 -13.93
C GLN C 411 -53.35 -10.78 -12.43
N ILE C 412 -53.15 -11.91 -11.74
CA ILE C 412 -52.91 -11.87 -10.30
C ILE C 412 -51.61 -11.14 -9.99
N ALA C 413 -50.67 -11.10 -10.93
CA ALA C 413 -49.45 -10.36 -10.73
C ALA C 413 -49.71 -8.85 -10.68
N PRO C 414 -48.86 -8.10 -9.97
CA PRO C 414 -49.04 -6.64 -9.88
C PRO C 414 -48.96 -5.93 -11.22
N GLY C 415 -49.77 -4.88 -11.35
CA GLY C 415 -49.86 -4.08 -12.56
C GLY C 415 -51.15 -4.22 -13.33
N GLN C 416 -51.97 -5.22 -13.01
CA GLN C 416 -53.24 -5.42 -13.70
C GLN C 416 -54.23 -6.04 -12.73
N THR C 417 -55.52 -5.94 -13.08
CA THR C 417 -56.59 -6.50 -12.27
C THR C 417 -57.34 -7.57 -13.06
N GLY C 418 -57.44 -8.75 -12.45
CA GLY C 418 -58.11 -9.88 -13.06
C GLY C 418 -59.58 -9.94 -12.68
N ASN C 419 -60.27 -10.92 -13.27
CA ASN C 419 -61.68 -11.11 -12.95
C ASN C 419 -61.87 -11.48 -11.49
N ILE C 420 -61.02 -12.36 -10.95
CA ILE C 420 -61.08 -12.71 -9.53
C ILE C 420 -60.00 -12.00 -8.73
N ALA C 421 -58.98 -11.43 -9.37
CA ALA C 421 -57.93 -10.69 -8.70
C ALA C 421 -58.28 -9.22 -8.49
N ASP C 422 -59.42 -8.76 -8.99
CA ASP C 422 -59.82 -7.38 -8.77
C ASP C 422 -60.34 -7.15 -7.35
N TYR C 423 -60.98 -8.17 -6.77
CA TYR C 423 -61.65 -8.01 -5.49
C TYR C 423 -61.24 -9.00 -4.42
N ASN C 424 -60.65 -10.15 -4.79
CA ASN C 424 -60.31 -11.17 -3.82
C ASN C 424 -58.81 -11.39 -3.69
N TYR C 425 -58.11 -11.69 -4.78
CA TYR C 425 -56.70 -12.00 -4.72
C TYR C 425 -55.86 -10.80 -5.14
N LYS C 426 -54.62 -10.77 -4.65
CA LYS C 426 -53.72 -9.65 -4.91
C LYS C 426 -52.29 -10.11 -4.75
N LEU C 427 -51.37 -9.29 -5.25
CA LEU C 427 -49.95 -9.44 -5.02
C LEU C 427 -49.37 -8.06 -4.73
N PRO C 428 -48.29 -7.98 -3.94
CA PRO C 428 -47.71 -6.67 -3.64
C PRO C 428 -47.12 -6.01 -4.88
N ASP C 429 -46.59 -4.79 -4.72
CA ASP C 429 -46.05 -4.06 -5.86
C ASP C 429 -44.90 -4.83 -6.51
N ASP C 430 -44.01 -5.39 -5.70
CA ASP C 430 -42.93 -6.25 -6.18
C ASP C 430 -43.08 -7.59 -5.47
N PHE C 431 -43.86 -8.49 -6.06
CA PHE C 431 -44.17 -9.75 -5.42
C PHE C 431 -42.92 -10.61 -5.32
N THR C 432 -42.80 -11.31 -4.20
CA THR C 432 -41.68 -12.19 -3.94
C THR C 432 -42.03 -13.62 -4.31
N GLY C 433 -41.04 -14.50 -4.26
CA GLY C 433 -41.32 -15.87 -4.61
C GLY C 433 -41.52 -16.06 -6.10
N CYS C 434 -42.24 -17.13 -6.43
CA CYS C 434 -42.47 -17.51 -7.81
C CYS C 434 -43.91 -17.96 -7.98
N VAL C 435 -44.39 -17.90 -9.23
CA VAL C 435 -45.76 -18.28 -9.52
C VAL C 435 -45.81 -19.79 -9.67
N ILE C 436 -46.71 -20.44 -8.93
CA ILE C 436 -46.88 -21.88 -8.97
C ILE C 436 -48.33 -22.20 -9.27
N ALA C 437 -48.57 -23.11 -10.20
CA ALA C 437 -49.94 -23.45 -10.56
C ALA C 437 -49.96 -24.86 -11.14
N TRP C 438 -51.14 -25.46 -11.11
CA TRP C 438 -51.36 -26.75 -11.72
C TRP C 438 -52.86 -26.88 -12.00
N ASN C 439 -53.25 -28.06 -12.48
CA ASN C 439 -54.63 -28.31 -12.90
C ASN C 439 -55.35 -29.08 -11.81
N SER C 440 -56.48 -28.55 -11.35
CA SER C 440 -57.31 -29.23 -10.37
C SER C 440 -58.77 -29.26 -10.75
N ASN C 441 -59.11 -28.91 -12.00
CA ASN C 441 -60.50 -28.89 -12.41
C ASN C 441 -61.13 -30.27 -12.44
N LYS C 442 -60.33 -31.29 -12.75
CA LYS C 442 -60.86 -32.65 -12.89
C LYS C 442 -61.33 -33.20 -11.57
N LEU C 443 -60.68 -32.83 -10.48
CA LEU C 443 -61.02 -33.40 -9.18
C LEU C 443 -61.83 -32.43 -8.34
N ASP C 444 -61.56 -31.13 -8.47
CA ASP C 444 -62.29 -30.14 -7.69
C ASP C 444 -63.71 -29.98 -8.23
N SER C 445 -63.84 -29.88 -9.56
CA SER C 445 -65.16 -29.68 -10.15
C SER C 445 -65.97 -30.97 -10.08
N LYS C 446 -67.28 -30.81 -9.92
CA LYS C 446 -68.17 -31.97 -9.86
C LYS C 446 -69.25 -31.86 -10.94
N GLY C 449 -71.31 -25.95 -9.97
CA GLY C 449 -71.00 -27.13 -9.19
C GLY C 449 -70.87 -26.84 -7.72
N ASN C 450 -69.64 -26.84 -7.19
CA ASN C 450 -69.41 -26.57 -5.77
C ASN C 450 -69.23 -25.07 -5.57
N TYR C 451 -70.29 -24.39 -5.15
CA TYR C 451 -70.25 -22.96 -4.91
C TYR C 451 -69.80 -22.61 -3.48
N ASN C 452 -69.13 -23.55 -2.82
CA ASN C 452 -68.62 -23.31 -1.47
C ASN C 452 -67.54 -22.24 -1.45
N TYR C 453 -66.63 -22.27 -2.44
CA TYR C 453 -65.54 -21.30 -2.52
C TYR C 453 -65.97 -20.06 -3.31
N LEU C 454 -67.04 -19.43 -2.84
CA LEU C 454 -67.58 -18.29 -3.56
C LEU C 454 -66.66 -17.09 -3.43
N TYR C 455 -66.57 -16.32 -4.51
CA TYR C 455 -65.70 -15.16 -4.59
C TYR C 455 -66.49 -13.86 -4.44
N ARG C 456 -65.91 -12.92 -3.69
CA ARG C 456 -66.56 -11.65 -3.42
C ARG C 456 -66.56 -10.78 -4.67
N LEU C 457 -67.72 -10.20 -5.00
CA LEU C 457 -67.85 -9.31 -6.14
C LEU C 457 -68.22 -7.88 -5.76
N PHE C 458 -68.97 -7.68 -4.68
CA PHE C 458 -69.36 -6.35 -4.23
C PHE C 458 -68.63 -6.06 -2.92
N ARG C 459 -67.91 -4.94 -2.90
CA ARG C 459 -67.16 -4.53 -1.73
C ARG C 459 -66.82 -3.06 -1.85
N LYS C 460 -66.22 -2.51 -0.80
CA LYS C 460 -66.06 -1.07 -0.69
C LYS C 460 -65.15 -0.51 -1.79
N SER C 461 -63.97 -1.07 -1.94
CA SER C 461 -62.98 -0.50 -2.85
C SER C 461 -62.02 -1.61 -3.30
N ASN C 462 -60.90 -1.19 -3.90
CA ASN C 462 -59.93 -2.12 -4.44
C ASN C 462 -59.02 -2.64 -3.32
N LEU C 463 -58.13 -3.57 -3.68
CA LEU C 463 -57.27 -4.22 -2.71
C LEU C 463 -56.03 -3.38 -2.42
N LYS C 464 -55.61 -3.40 -1.17
CA LYS C 464 -54.35 -2.85 -0.71
C LYS C 464 -53.41 -3.98 -0.29
N PRO C 465 -52.09 -3.77 -0.38
CA PRO C 465 -51.15 -4.85 -0.05
C PRO C 465 -51.34 -5.35 1.38
N PHE C 466 -51.24 -6.67 1.55
CA PHE C 466 -51.32 -7.33 2.85
C PHE C 466 -52.65 -7.00 3.53
N GLU C 467 -53.73 -7.44 2.90
CA GLU C 467 -55.08 -7.28 3.43
C GLU C 467 -55.86 -8.58 3.22
N ARG C 468 -56.86 -8.80 4.06
CA ARG C 468 -57.72 -9.97 3.98
C ARG C 468 -59.13 -9.52 3.67
N ASP C 469 -59.78 -10.20 2.73
CA ASP C 469 -61.16 -9.87 2.33
C ASP C 469 -62.06 -10.89 3.00
N ILE C 470 -62.43 -10.60 4.25
CA ILE C 470 -63.31 -11.47 5.02
C ILE C 470 -64.61 -10.79 5.42
N SER C 471 -64.72 -9.48 5.25
CA SER C 471 -65.93 -8.74 5.64
C SER C 471 -67.02 -9.05 4.63
N THR C 472 -67.97 -9.89 5.04
CA THR C 472 -69.12 -10.25 4.20
C THR C 472 -70.19 -9.17 4.39
N GLU C 473 -69.89 -7.99 3.90
CA GLU C 473 -70.76 -6.83 4.01
C GLU C 473 -71.29 -6.45 2.64
N ILE C 474 -72.59 -6.17 2.57
CA ILE C 474 -73.23 -5.87 1.30
C ILE C 474 -72.84 -4.46 0.86
N TYR C 475 -72.51 -4.33 -0.43
CA TYR C 475 -72.06 -3.05 -0.97
C TYR C 475 -73.17 -2.01 -0.85
N GLN C 476 -72.81 -0.82 -0.39
CA GLN C 476 -73.74 0.30 -0.23
C GLN C 476 -73.56 1.22 -1.42
N ALA C 477 -74.48 1.13 -2.38
CA ALA C 477 -74.44 1.96 -3.58
C ALA C 477 -75.49 3.07 -3.55
N GLY C 478 -76.18 3.27 -2.43
CA GLY C 478 -77.20 4.28 -2.34
C GLY C 478 -77.20 4.93 -0.96
N ASN C 479 -77.95 6.03 -0.87
CA ASN C 479 -78.06 6.74 0.41
C ASN C 479 -78.79 5.90 1.45
N LYS C 480 -79.82 5.17 1.04
CA LYS C 480 -80.56 4.32 1.97
C LYS C 480 -79.68 3.19 2.48
N PRO C 481 -79.65 2.97 3.80
CA PRO C 481 -78.83 1.87 4.33
C PRO C 481 -79.32 0.52 3.82
N CYS C 482 -78.38 -0.40 3.66
CA CYS C 482 -78.64 -1.73 3.13
C CYS C 482 -79.05 -2.73 4.19
N ASN C 483 -79.20 -2.32 5.45
CA ASN C 483 -79.74 -3.22 6.46
C ASN C 483 -81.17 -3.61 6.10
N GLY C 484 -81.49 -4.89 6.29
CA GLY C 484 -82.75 -5.42 5.82
C GLY C 484 -82.60 -6.23 4.55
N VAL C 485 -81.59 -7.10 4.54
CA VAL C 485 -81.25 -8.04 3.46
C VAL C 485 -81.29 -7.32 2.10
N ALA C 486 -81.77 -8.02 1.07
CA ALA C 486 -81.65 -7.51 -0.28
C ALA C 486 -82.49 -6.26 -0.48
N GLY C 487 -82.07 -5.42 -1.41
CA GLY C 487 -82.79 -4.20 -1.74
C GLY C 487 -82.38 -3.70 -3.10
N PHE C 488 -83.12 -2.71 -3.58
CA PHE C 488 -82.84 -2.13 -4.88
C PHE C 488 -81.51 -1.39 -4.86
N ASN C 489 -80.74 -1.55 -5.93
CA ASN C 489 -79.43 -0.92 -6.08
C ASN C 489 -78.46 -1.30 -4.98
N CYS C 490 -78.70 -2.43 -4.33
CA CYS C 490 -77.86 -2.90 -3.23
C CYS C 490 -77.98 -4.43 -3.23
N TYR C 491 -76.99 -5.09 -3.81
CA TYR C 491 -77.01 -6.53 -4.00
C TYR C 491 -75.90 -7.17 -3.19
N PHE C 492 -76.18 -8.39 -2.73
CA PHE C 492 -75.17 -9.14 -2.00
C PHE C 492 -74.00 -9.48 -2.90
N PRO C 493 -72.76 -9.42 -2.39
CA PRO C 493 -71.60 -9.72 -3.24
C PRO C 493 -71.56 -11.14 -3.74
N LEU C 494 -72.32 -12.06 -3.15
CA LEU C 494 -72.23 -13.46 -3.56
C LEU C 494 -72.80 -13.65 -4.96
N LYS C 495 -72.04 -14.35 -5.80
CA LYS C 495 -72.46 -14.66 -7.16
C LYS C 495 -71.93 -16.04 -7.52
N SER C 496 -72.62 -16.70 -8.44
CA SER C 496 -72.15 -17.99 -8.95
C SER C 496 -70.87 -17.80 -9.76
N TYR C 497 -69.92 -18.71 -9.57
CA TYR C 497 -68.65 -18.62 -10.27
C TYR C 497 -68.38 -19.83 -11.16
N SER C 498 -69.42 -20.48 -11.67
CA SER C 498 -69.32 -21.42 -12.79
C SER C 498 -68.41 -22.61 -12.46
N PHE C 499 -68.87 -23.44 -11.52
CA PHE C 499 -68.36 -24.80 -11.44
C PHE C 499 -69.27 -25.85 -12.07
N ARG C 500 -70.26 -25.43 -12.87
CA ARG C 500 -71.12 -26.41 -13.50
C ARG C 500 -70.33 -27.24 -14.51
N PRO C 501 -70.70 -28.51 -14.70
CA PRO C 501 -69.97 -29.35 -15.66
C PRO C 501 -70.09 -28.86 -17.09
N THR C 502 -71.07 -28.02 -17.39
CA THR C 502 -71.20 -27.50 -18.75
C THR C 502 -69.98 -26.66 -19.11
N TYR C 503 -69.51 -25.84 -18.18
CA TYR C 503 -68.32 -25.02 -18.41
C TYR C 503 -67.10 -25.88 -18.08
N GLY C 504 -66.77 -26.75 -19.02
CA GLY C 504 -65.66 -27.67 -18.85
C GLY C 504 -64.30 -27.07 -19.09
N VAL C 505 -64.05 -26.61 -20.32
CA VAL C 505 -62.74 -26.06 -20.64
C VAL C 505 -62.53 -24.73 -19.93
N GLY C 506 -63.56 -23.91 -19.81
CA GLY C 506 -63.47 -22.60 -19.19
C GLY C 506 -64.17 -22.57 -17.85
N HIS C 507 -63.71 -21.66 -16.99
CA HIS C 507 -64.25 -21.37 -15.66
C HIS C 507 -64.09 -22.55 -14.70
N GLN C 508 -63.49 -23.65 -15.12
CA GLN C 508 -63.23 -24.75 -14.20
C GLN C 508 -62.02 -24.42 -13.32
N PRO C 509 -61.99 -24.91 -12.09
CA PRO C 509 -60.98 -24.43 -11.14
C PRO C 509 -59.58 -24.92 -11.52
N TYR C 510 -58.64 -23.99 -11.54
CA TYR C 510 -57.23 -24.29 -11.74
C TYR C 510 -56.50 -23.95 -10.45
N ARG C 511 -55.75 -24.91 -9.92
CA ARG C 511 -55.11 -24.72 -8.63
C ARG C 511 -53.86 -23.89 -8.83
N VAL C 512 -53.85 -22.71 -8.23
CA VAL C 512 -52.72 -21.79 -8.31
C VAL C 512 -52.36 -21.37 -6.89
N VAL C 513 -51.07 -21.45 -6.55
CA VAL C 513 -50.57 -21.04 -5.26
C VAL C 513 -49.33 -20.18 -5.48
N VAL C 514 -49.18 -19.15 -4.65
CA VAL C 514 -48.04 -18.26 -4.73
C VAL C 514 -47.33 -18.31 -3.38
N LEU C 515 -46.03 -18.58 -3.41
CA LEU C 515 -45.22 -18.68 -2.21
C LEU C 515 -44.33 -17.46 -2.13
N SER C 516 -44.41 -16.74 -1.02
CA SER C 516 -43.54 -15.59 -0.82
C SER C 516 -42.17 -16.05 -0.37
N PHE C 517 -41.12 -15.46 -0.93
CA PHE C 517 -39.76 -15.87 -0.65
C PHE C 517 -38.96 -14.65 -0.21
N GLU C 518 -38.24 -14.77 0.90
CA GLU C 518 -37.37 -13.72 1.38
C GLU C 518 -35.93 -14.22 1.35
N LEU C 519 -35.05 -13.44 0.74
CA LEU C 519 -33.67 -13.85 0.54
C LEU C 519 -32.81 -12.87 1.31
N LEU C 520 -31.98 -13.39 2.21
CA LEU C 520 -30.97 -12.63 2.93
C LEU C 520 -31.64 -11.48 3.70
N HIS C 521 -32.57 -11.84 4.56
CA HIS C 521 -33.26 -10.93 5.47
C HIS C 521 -33.21 -11.46 6.90
N ALA C 522 -33.30 -12.77 7.06
CA ALA C 522 -33.28 -13.45 8.34
C ALA C 522 -32.40 -14.69 8.18
N PRO C 523 -31.91 -15.25 9.28
CA PRO C 523 -31.18 -16.53 9.19
C PRO C 523 -31.97 -17.58 8.44
N ALA C 524 -31.44 -18.05 7.30
CA ALA C 524 -32.20 -18.94 6.44
C ALA C 524 -32.52 -20.24 7.16
N THR C 525 -33.78 -20.67 7.05
CA THR C 525 -34.24 -21.91 7.65
C THR C 525 -34.59 -23.01 6.65
N VAL C 526 -34.80 -22.68 5.38
CA VAL C 526 -35.14 -23.67 4.36
C VAL C 526 -34.07 -23.59 3.27
N CYS C 527 -33.14 -24.53 3.29
CA CYS C 527 -32.06 -24.61 2.32
C CYS C 527 -32.21 -25.91 1.54
N GLY C 528 -31.68 -25.94 0.33
CA GLY C 528 -31.92 -27.10 -0.52
C GLY C 528 -31.02 -28.28 -0.22
N PRO C 529 -31.34 -29.39 -0.88
CA PRO C 529 -30.56 -30.63 -0.71
C PRO C 529 -29.12 -30.53 -1.21
N LYS C 530 -28.23 -31.27 -0.55
CA LYS C 530 -26.81 -31.27 -0.89
C LYS C 530 -26.41 -32.61 -1.50
N LYS C 531 -26.63 -33.71 -0.76
CA LYS C 531 -26.19 -35.07 -1.10
C LYS C 531 -24.69 -35.32 -0.99
N SER C 532 -24.24 -36.39 -1.67
CA SER C 532 -22.88 -36.88 -1.85
C SER C 532 -22.30 -37.80 -0.75
N THR C 533 -22.82 -37.77 0.49
CA THR C 533 -22.09 -38.22 1.68
C THR C 533 -20.76 -37.51 1.94
N ASN C 534 -19.95 -38.03 2.88
CA ASN C 534 -18.65 -37.40 3.21
C ASN C 534 -17.63 -38.46 3.66
N LEU C 535 -16.90 -39.05 2.70
CA LEU C 535 -15.91 -40.02 3.18
C LEU C 535 -15.02 -40.54 2.08
N VAL C 536 -13.73 -40.66 2.43
CA VAL C 536 -12.56 -41.19 1.72
C VAL C 536 -11.44 -41.09 2.75
N LYS C 537 -10.39 -41.90 2.65
CA LYS C 537 -9.36 -41.84 3.66
C LYS C 537 -7.97 -41.93 3.01
N ASN C 538 -6.95 -41.55 3.80
CA ASN C 538 -5.53 -41.70 3.49
C ASN C 538 -5.01 -40.83 2.34
N LYS C 539 -5.85 -40.02 1.70
CA LYS C 539 -5.37 -39.14 0.63
C LYS C 539 -5.72 -37.69 0.86
N CYS C 540 -4.73 -36.82 0.73
CA CYS C 540 -4.95 -35.39 0.95
C CYS C 540 -5.75 -34.87 -0.25
N VAL C 541 -6.97 -34.43 0.01
CA VAL C 541 -7.85 -33.95 -1.05
C VAL C 541 -8.57 -32.69 -0.58
N ASN C 542 -9.02 -31.89 -1.55
CA ASN C 542 -9.82 -30.73 -1.22
C ASN C 542 -11.25 -31.15 -0.88
N PHE C 543 -11.90 -30.33 -0.05
CA PHE C 543 -13.25 -30.62 0.39
C PHE C 543 -14.05 -29.33 0.47
N ASN C 544 -15.30 -29.46 0.90
CA ASN C 544 -16.21 -28.34 1.11
C ASN C 544 -16.94 -28.52 2.44
N PHE C 545 -16.23 -28.96 3.48
CA PHE C 545 -16.87 -29.21 4.77
C PHE C 545 -17.35 -27.89 5.33
N ASN C 546 -18.67 -27.71 5.35
CA ASN C 546 -19.29 -26.50 5.91
C ASN C 546 -18.75 -25.25 5.22
N GLY C 547 -18.45 -25.38 3.93
CA GLY C 547 -17.94 -24.31 3.12
C GLY C 547 -16.43 -24.20 3.12
N LEU C 548 -15.75 -24.89 4.04
CA LEU C 548 -14.29 -24.83 4.10
C LEU C 548 -13.68 -25.58 2.92
N LYS C 549 -12.83 -24.89 2.17
CA LYS C 549 -12.14 -25.48 1.02
C LYS C 549 -10.65 -25.61 1.37
N GLY C 550 -10.24 -26.82 1.74
CA GLY C 550 -8.86 -27.05 2.10
C GLY C 550 -8.43 -28.46 1.75
N THR C 551 -7.12 -28.67 1.74
CA THR C 551 -6.54 -29.95 1.37
C THR C 551 -5.70 -30.48 2.53
N GLY C 552 -5.95 -31.73 2.90
CA GLY C 552 -5.20 -32.36 3.98
C GLY C 552 -5.51 -33.84 4.02
N VAL C 553 -4.67 -34.56 4.76
CA VAL C 553 -4.82 -36.01 4.89
C VAL C 553 -5.79 -36.28 6.03
N LEU C 554 -7.04 -36.53 5.68
CA LEU C 554 -8.02 -36.89 6.69
C LEU C 554 -7.73 -38.30 7.20
N THR C 555 -7.65 -38.43 8.51
CA THR C 555 -7.31 -39.70 9.13
C THR C 555 -8.01 -39.77 10.48
N GLU C 556 -7.81 -40.89 11.19
CA GLU C 556 -8.42 -41.05 12.49
C GLU C 556 -7.82 -40.07 13.48
N SER C 557 -8.65 -39.67 14.45
CA SER C 557 -8.32 -38.67 15.44
C SER C 557 -8.62 -39.20 16.82
N ASN C 558 -7.87 -38.73 17.81
CA ASN C 558 -8.08 -39.16 19.19
C ASN C 558 -8.68 -38.05 20.04
N LYS C 559 -9.06 -36.93 19.43
CA LYS C 559 -9.63 -35.81 20.18
C LYS C 559 -11.05 -36.12 20.62
N LYS C 560 -11.38 -35.71 21.84
CA LYS C 560 -12.71 -35.90 22.43
C LYS C 560 -13.48 -34.59 22.34
N PHE C 561 -14.04 -34.34 21.15
CA PHE C 561 -14.87 -33.16 20.96
C PHE C 561 -16.13 -33.23 21.83
N LEU C 562 -16.52 -32.08 22.36
CA LEU C 562 -17.79 -31.99 23.05
C LEU C 562 -18.94 -32.15 22.05
N PRO C 563 -20.12 -32.57 22.53
CA PRO C 563 -21.21 -32.88 21.60
C PRO C 563 -21.60 -31.73 20.68
N PHE C 564 -21.45 -30.48 21.12
CA PHE C 564 -21.78 -29.35 20.28
C PHE C 564 -20.64 -28.91 19.38
N GLN C 565 -19.40 -29.17 19.77
CA GLN C 565 -18.25 -28.65 19.04
C GLN C 565 -18.24 -29.20 17.61
N GLN C 566 -17.87 -28.34 16.66
CA GLN C 566 -17.86 -28.70 15.25
C GLN C 566 -16.48 -28.76 14.63
N PHE C 567 -15.69 -27.69 14.77
CA PHE C 567 -14.42 -27.52 14.09
C PHE C 567 -13.28 -27.68 15.08
N GLY C 568 -12.08 -27.92 14.55
CA GLY C 568 -10.88 -27.98 15.36
C GLY C 568 -9.86 -26.95 14.94
N ARG C 569 -9.03 -26.54 15.90
CA ARG C 569 -7.98 -25.56 15.69
C ARG C 569 -6.72 -25.99 16.42
N ASP C 570 -5.66 -25.22 16.22
CA ASP C 570 -4.37 -25.46 16.83
C ASP C 570 -3.82 -24.13 17.35
N ILE C 571 -2.54 -24.13 17.72
CA ILE C 571 -1.92 -22.93 18.25
C ILE C 571 -1.87 -21.84 17.18
N ALA C 572 -1.52 -22.22 15.95
CA ALA C 572 -1.40 -21.26 14.86
C ALA C 572 -2.75 -20.84 14.31
N ASP C 573 -3.85 -21.28 14.92
CA ASP C 573 -5.20 -20.94 14.51
C ASP C 573 -5.47 -21.41 13.07
N THR C 574 -5.35 -22.72 12.88
CA THR C 574 -5.63 -23.36 11.62
C THR C 574 -6.46 -24.61 11.90
N THR C 575 -7.23 -25.03 10.89
CA THR C 575 -8.08 -26.19 11.06
C THR C 575 -7.24 -27.44 11.33
N ASP C 576 -7.60 -28.17 12.36
CA ASP C 576 -6.87 -29.35 12.80
C ASP C 576 -7.73 -30.61 12.84
N ALA C 577 -9.02 -30.48 13.10
CA ALA C 577 -9.93 -31.62 13.14
C ALA C 577 -11.32 -31.13 12.77
N VAL C 578 -12.18 -32.06 12.37
CA VAL C 578 -13.52 -31.74 11.90
C VAL C 578 -14.50 -32.76 12.45
N ARG C 579 -15.76 -32.34 12.57
CA ARG C 579 -16.83 -33.22 13.00
C ARG C 579 -17.32 -34.05 11.82
N ASP C 580 -17.54 -35.32 12.06
CA ASP C 580 -18.09 -36.17 11.01
C ASP C 580 -19.58 -35.86 10.84
N PRO C 581 -20.02 -35.55 9.64
CA PRO C 581 -21.46 -35.35 9.42
C PRO C 581 -22.24 -36.65 9.60
N GLN C 582 -21.75 -37.72 8.97
CA GLN C 582 -22.48 -38.99 9.02
C GLN C 582 -22.40 -39.63 10.40
N THR C 583 -21.21 -39.72 10.97
CA THR C 583 -21.01 -40.44 12.22
C THR C 583 -20.61 -39.47 13.33
N LEU C 584 -20.29 -40.02 14.50
CA LEU C 584 -19.89 -39.22 15.64
C LEU C 584 -18.42 -39.33 15.94
N GLU C 585 -17.63 -39.91 15.03
CA GLU C 585 -16.20 -40.05 15.21
C GLU C 585 -15.52 -38.97 14.37
N ILE C 586 -14.79 -38.09 15.03
CA ILE C 586 -14.15 -36.97 14.35
C ILE C 586 -12.87 -37.44 13.68
N LEU C 587 -12.33 -36.62 12.79
CA LEU C 587 -11.15 -36.96 12.01
C LEU C 587 -10.14 -35.84 12.10
N ASP C 588 -8.88 -36.18 11.90
CA ASP C 588 -7.80 -35.21 11.90
C ASP C 588 -7.48 -34.78 10.47
N ILE C 589 -7.10 -33.51 10.32
CA ILE C 589 -6.66 -32.97 9.04
C ILE C 589 -5.20 -32.56 9.14
N THR C 590 -4.36 -33.17 8.31
CA THR C 590 -2.96 -32.81 8.19
C THR C 590 -2.66 -32.64 6.71
N PRO C 591 -2.12 -31.50 6.28
CA PRO C 591 -1.77 -31.35 4.86
C PRO C 591 -0.72 -32.39 4.49
N CYS C 592 -0.82 -32.89 3.25
CA CYS C 592 0.13 -33.91 2.83
C CYS C 592 1.47 -33.29 2.50
N SER C 593 2.44 -34.14 2.17
CA SER C 593 3.82 -33.72 2.15
C SER C 593 4.05 -32.66 1.09
N PHE C 594 4.90 -31.69 1.43
CA PHE C 594 5.33 -30.66 0.49
C PHE C 594 6.70 -30.21 0.97
N GLY C 595 7.47 -29.62 0.06
CA GLY C 595 8.79 -29.15 0.45
C GLY C 595 9.52 -28.58 -0.74
N GLY C 596 10.77 -28.22 -0.48
CA GLY C 596 11.60 -27.66 -1.52
C GLY C 596 12.70 -28.63 -1.93
N VAL C 597 13.28 -28.38 -3.09
CA VAL C 597 14.32 -29.24 -3.64
C VAL C 597 15.63 -28.47 -3.69
N SER C 598 16.71 -29.23 -3.76
CA SER C 598 18.04 -28.66 -3.90
C SER C 598 18.84 -29.52 -4.86
N VAL C 599 19.76 -28.87 -5.57
CA VAL C 599 20.58 -29.51 -6.58
C VAL C 599 22.03 -29.38 -6.17
N ILE C 600 22.73 -30.51 -6.12
CA ILE C 600 24.14 -30.55 -5.75
C ILE C 600 24.92 -30.88 -7.00
N THR C 601 25.81 -29.97 -7.40
CA THR C 601 26.59 -30.21 -8.61
C THR C 601 28.07 -29.92 -8.37
N PRO C 602 28.94 -30.73 -8.97
CA PRO C 602 30.38 -30.46 -8.87
C PRO C 602 30.83 -29.25 -9.66
N GLY C 603 30.03 -28.75 -10.59
CA GLY C 603 30.49 -27.68 -11.44
C GLY C 603 30.24 -28.24 -12.82
N THR C 604 29.73 -27.47 -13.81
CA THR C 604 29.47 -28.16 -15.07
C THR C 604 30.77 -28.65 -15.67
N ASN C 605 31.90 -28.07 -15.25
CA ASN C 605 33.19 -28.53 -15.72
C ASN C 605 33.36 -29.94 -15.14
N THR C 606 34.06 -30.82 -15.86
CA THR C 606 34.26 -32.15 -15.29
C THR C 606 32.93 -32.83 -14.97
N SER C 607 32.28 -33.42 -15.97
CA SER C 607 31.00 -34.11 -15.81
C SER C 607 29.84 -33.16 -15.49
N ASN C 608 28.64 -33.61 -15.84
CA ASN C 608 27.37 -32.94 -15.66
C ASN C 608 26.44 -33.72 -14.74
N GLN C 609 26.96 -34.76 -14.09
CA GLN C 609 26.12 -35.55 -13.20
C GLN C 609 25.75 -34.72 -11.98
N VAL C 610 24.52 -34.89 -11.51
CA VAL C 610 23.98 -34.16 -10.38
C VAL C 610 23.24 -35.09 -9.44
N ALA C 611 23.05 -34.63 -8.21
CA ALA C 611 22.29 -35.33 -7.20
C ALA C 611 21.18 -34.42 -6.69
N VAL C 612 20.07 -35.02 -6.30
CA VAL C 612 18.87 -34.30 -5.88
C VAL C 612 18.59 -34.58 -4.42
N LEU C 613 18.44 -33.51 -3.63
CA LEU C 613 18.12 -33.60 -2.22
C LEU C 613 16.73 -33.05 -1.98
N TYR C 614 15.87 -33.86 -1.39
CA TYR C 614 14.53 -33.47 -1.00
C TYR C 614 14.52 -33.17 0.49
N GLN C 615 14.22 -31.93 0.85
CA GLN C 615 14.43 -31.45 2.21
C GLN C 615 13.28 -31.87 3.12
N GLY C 616 13.63 -32.59 4.19
CA GLY C 616 12.70 -32.92 5.25
C GLY C 616 11.51 -33.77 4.86
N VAL C 617 11.75 -34.83 4.10
CA VAL C 617 10.68 -35.75 3.71
C VAL C 617 11.20 -37.18 3.82
N ASN C 618 10.31 -38.09 4.20
CA ASN C 618 10.65 -39.50 4.24
C ASN C 618 10.98 -40.00 2.84
N CYS C 619 12.04 -40.80 2.73
CA CYS C 619 12.41 -41.36 1.43
C CYS C 619 11.33 -42.29 0.91
N THR C 620 10.72 -43.08 1.80
CA THR C 620 9.65 -43.97 1.37
C THR C 620 8.45 -43.20 0.86
N GLU C 621 8.20 -42.01 1.40
CA GLU C 621 7.07 -41.22 0.97
C GLU C 621 7.29 -40.58 -0.40
N VAL C 622 8.54 -40.39 -0.81
CA VAL C 622 8.85 -39.81 -2.12
C VAL C 622 9.87 -40.67 -2.87
N PRO C 623 9.50 -41.87 -3.32
CA PRO C 623 10.43 -42.63 -4.16
C PRO C 623 10.57 -42.04 -5.55
N VAL C 624 11.32 -42.71 -6.44
CA VAL C 624 11.53 -42.18 -7.78
C VAL C 624 10.33 -42.37 -8.69
N ALA C 625 9.27 -43.00 -8.19
CA ALA C 625 8.07 -43.30 -8.98
C ALA C 625 6.93 -42.34 -8.68
N ILE C 626 7.19 -41.23 -7.98
CA ILE C 626 6.12 -40.28 -7.65
C ILE C 626 5.82 -39.33 -8.79
N HIS C 627 6.54 -39.41 -9.90
CA HIS C 627 6.37 -38.45 -10.99
C HIS C 627 4.97 -38.54 -11.61
N ALA C 628 4.23 -39.63 -11.37
CA ALA C 628 2.87 -39.71 -11.87
C ALA C 628 1.99 -38.64 -11.23
N ASP C 629 2.13 -38.43 -9.92
CA ASP C 629 1.35 -37.43 -9.19
C ASP C 629 2.32 -36.75 -8.22
N GLN C 630 2.94 -35.67 -8.68
CA GLN C 630 3.90 -34.89 -7.91
C GLN C 630 4.13 -33.60 -8.65
N LEU C 631 4.54 -32.57 -7.92
CA LEU C 631 4.93 -31.33 -8.56
C LEU C 631 6.19 -31.57 -9.38
N THR C 632 6.34 -30.80 -10.45
CA THR C 632 7.39 -31.02 -11.45
C THR C 632 7.31 -32.46 -11.95
N PRO C 633 6.28 -32.81 -12.72
CA PRO C 633 6.11 -34.22 -13.13
C PRO C 633 7.27 -34.76 -13.95
N THR C 634 7.95 -33.90 -14.71
CA THR C 634 9.08 -34.34 -15.54
C THR C 634 10.21 -34.89 -14.66
N TRP C 635 10.29 -34.45 -13.42
CA TRP C 635 11.31 -34.91 -12.49
C TRP C 635 11.04 -36.33 -12.01
N ARG C 636 11.18 -37.30 -12.91
CA ARG C 636 11.11 -38.70 -12.54
C ARG C 636 12.38 -39.14 -11.83
N VAL C 637 13.50 -38.48 -12.12
CA VAL C 637 14.82 -38.81 -11.58
C VAL C 637 15.09 -40.29 -11.85
N TYR C 638 15.00 -40.68 -13.13
CA TYR C 638 15.16 -42.05 -13.60
C TYR C 638 14.58 -43.06 -12.64
N SER C 639 15.38 -44.06 -12.25
CA SER C 639 14.91 -45.12 -11.37
C SER C 639 15.83 -45.23 -10.16
N THR C 640 15.69 -46.29 -9.37
CA THR C 640 16.54 -46.48 -8.21
C THR C 640 17.87 -47.09 -8.63
N GLY C 641 18.52 -46.47 -9.63
CA GLY C 641 19.85 -46.92 -10.01
C GLY C 641 20.87 -46.66 -8.92
N SER C 642 20.82 -45.48 -8.31
CA SER C 642 21.63 -45.16 -7.16
C SER C 642 20.75 -45.22 -5.93
N ASN C 643 21.22 -45.92 -4.89
CA ASN C 643 20.40 -46.11 -3.71
C ASN C 643 20.01 -44.79 -3.08
N VAL C 644 18.75 -44.68 -2.69
CA VAL C 644 18.27 -43.47 -2.03
C VAL C 644 18.77 -43.47 -0.60
N PHE C 645 19.41 -42.39 -0.20
CA PHE C 645 19.96 -42.27 1.15
C PHE C 645 19.11 -41.30 1.95
N GLN C 646 18.65 -41.75 3.11
CA GLN C 646 17.80 -40.95 3.98
C GLN C 646 18.65 -40.33 5.07
N THR C 647 18.59 -39.00 5.17
CA THR C 647 19.32 -38.24 6.16
C THR C 647 18.33 -37.45 7.02
N ARG C 648 18.85 -36.89 8.11
CA ARG C 648 18.02 -36.03 8.95
C ARG C 648 17.59 -34.77 8.22
N ALA C 649 18.44 -34.25 7.34
CA ALA C 649 18.03 -33.07 6.56
C ALA C 649 16.89 -33.42 5.61
N GLY C 650 16.94 -34.59 5.00
CA GLY C 650 15.88 -34.99 4.08
C GLY C 650 16.30 -36.22 3.29
N CYS C 651 15.66 -36.39 2.15
CA CYS C 651 15.93 -37.51 1.26
C CYS C 651 16.81 -37.07 0.09
N LEU C 652 17.93 -37.74 -0.10
CA LEU C 652 18.89 -37.41 -1.14
C LEU C 652 18.84 -38.50 -2.20
N ILE C 653 18.62 -38.10 -3.45
CA ILE C 653 18.53 -39.04 -4.56
C ILE C 653 19.59 -38.67 -5.58
N GLY C 654 20.37 -39.66 -6.00
CA GLY C 654 21.41 -39.47 -6.98
C GLY C 654 22.83 -39.56 -6.45
N ALA C 655 23.01 -39.91 -5.17
CA ALA C 655 24.33 -40.03 -4.57
C ALA C 655 24.40 -41.36 -3.83
N GLU C 656 25.60 -41.94 -3.80
CA GLU C 656 25.83 -43.21 -3.15
C GLU C 656 26.62 -43.00 -1.87
N TYR C 657 26.11 -43.56 -0.78
CA TYR C 657 26.77 -43.42 0.52
C TYR C 657 27.99 -44.32 0.60
N VAL C 658 29.04 -43.81 1.25
CA VAL C 658 30.26 -44.56 1.48
C VAL C 658 30.66 -44.40 2.93
N ASN C 659 31.34 -45.42 3.46
CA ASN C 659 31.76 -45.39 4.85
C ASN C 659 33.09 -44.67 5.03
N ASN C 660 33.82 -44.44 3.95
CA ASN C 660 35.08 -43.72 4.02
C ASN C 660 34.83 -42.26 4.35
N SER C 661 35.73 -41.67 5.12
CA SER C 661 35.61 -40.27 5.54
C SER C 661 36.62 -39.47 4.73
N TYR C 662 36.11 -38.47 4.01
CA TYR C 662 36.93 -37.60 3.19
C TYR C 662 36.69 -36.15 3.60
N GLU C 663 37.50 -35.25 3.07
CA GLU C 663 37.31 -33.82 3.31
C GLU C 663 36.04 -33.33 2.61
N CYS C 664 35.36 -32.39 3.27
CA CYS C 664 34.09 -31.90 2.77
C CYS C 664 34.28 -31.11 1.48
N ASP C 665 33.40 -31.37 0.51
CA ASP C 665 33.40 -30.65 -0.75
C ASP C 665 32.13 -29.83 -0.90
N ILE C 666 30.96 -30.48 -0.80
CA ILE C 666 29.68 -29.79 -0.83
C ILE C 666 28.93 -30.13 0.45
N PRO C 667 28.71 -29.17 1.35
CA PRO C 667 28.13 -29.49 2.66
C PRO C 667 26.62 -29.71 2.54
N ILE C 668 26.22 -30.98 2.64
CA ILE C 668 24.79 -31.29 2.68
C ILE C 668 24.17 -30.86 4.00
N GLY C 669 24.84 -31.15 5.11
CA GLY C 669 24.31 -30.80 6.41
C GLY C 669 24.39 -31.95 7.38
N ALA C 670 24.42 -31.64 8.67
CA ALA C 670 24.47 -32.67 9.73
C ALA C 670 25.69 -33.56 9.56
N GLY C 671 26.81 -32.96 9.15
CA GLY C 671 28.05 -33.70 9.05
C GLY C 671 28.24 -34.49 7.77
N ILE C 672 27.33 -34.38 6.81
CA ILE C 672 27.42 -35.14 5.57
C ILE C 672 27.76 -34.19 4.42
N CYS C 673 28.75 -34.59 3.63
CA CYS C 673 29.21 -33.85 2.46
C CYS C 673 29.25 -34.78 1.26
N ALA C 674 29.19 -34.19 0.08
CA ALA C 674 29.19 -34.92 -1.17
C ALA C 674 30.31 -34.41 -2.07
N SER C 675 30.84 -35.31 -2.89
CA SER C 675 31.94 -34.95 -3.78
C SER C 675 31.96 -35.90 -4.96
N TYR C 676 32.68 -35.48 -6.00
CA TYR C 676 32.82 -36.23 -7.24
C TYR C 676 34.17 -36.93 -7.21
N GLN C 677 34.15 -38.26 -7.17
CA GLN C 677 35.37 -39.04 -7.11
C GLN C 677 35.16 -40.35 -7.83
N THR C 678 36.10 -41.27 -7.66
CA THR C 678 36.02 -42.58 -8.27
C THR C 678 35.21 -43.55 -7.42
N SER C 691 32.94 -45.51 -13.14
CA SER C 691 34.26 -45.01 -12.78
C SER C 691 34.16 -43.82 -11.86
N GLN C 692 33.63 -42.71 -12.37
CA GLN C 692 33.46 -41.48 -11.63
C GLN C 692 31.98 -41.25 -11.35
N SER C 693 31.67 -40.94 -10.10
CA SER C 693 30.28 -40.73 -9.68
C SER C 693 30.27 -39.83 -8.45
N ILE C 694 29.08 -39.35 -8.11
CA ILE C 694 28.89 -38.49 -6.96
C ILE C 694 28.61 -39.36 -5.74
N ILE C 695 29.38 -39.13 -4.68
CA ILE C 695 29.29 -39.95 -3.47
C ILE C 695 29.00 -39.04 -2.28
N ALA C 696 28.37 -39.63 -1.27
CA ALA C 696 28.04 -38.97 -0.01
C ALA C 696 28.70 -39.73 1.13
N TYR C 697 29.19 -38.99 2.13
CA TYR C 697 29.94 -39.61 3.21
C TYR C 697 29.75 -38.82 4.50
N THR C 698 30.44 -39.26 5.54
CA THR C 698 30.48 -38.62 6.85
C THR C 698 31.79 -37.89 7.08
N MET C 699 31.71 -36.61 7.46
CA MET C 699 32.89 -35.77 7.60
C MET C 699 33.77 -36.24 8.75
N SER C 700 35.07 -36.04 8.56
CA SER C 700 36.09 -36.41 9.53
C SER C 700 36.56 -35.14 10.22
N LEU C 701 36.62 -35.19 11.54
CA LEU C 701 37.03 -34.00 12.28
C LEU C 701 38.49 -33.65 12.03
N GLY C 702 39.33 -34.66 11.90
CA GLY C 702 40.74 -34.41 11.66
C GLY C 702 41.54 -35.67 11.88
N ALA C 703 42.86 -35.51 11.78
CA ALA C 703 43.75 -36.64 11.95
C ALA C 703 43.89 -36.97 13.43
N GLU C 704 43.89 -38.26 13.73
CA GLU C 704 44.01 -38.71 15.10
C GLU C 704 45.40 -38.44 15.64
N ASN C 705 45.48 -38.22 16.95
CA ASN C 705 46.76 -37.96 17.59
C ASN C 705 46.70 -38.45 19.03
N SER C 706 47.88 -38.69 19.59
CA SER C 706 47.99 -39.15 20.97
C SER C 706 49.30 -38.63 21.53
N VAL C 707 49.22 -37.78 22.54
CA VAL C 707 50.43 -37.19 23.13
C VAL C 707 51.07 -38.21 24.07
N ALA C 708 52.37 -38.41 23.89
CA ALA C 708 53.13 -39.35 24.72
C ALA C 708 53.43 -38.67 26.05
N TYR C 709 52.45 -38.69 26.94
CA TYR C 709 52.60 -38.05 28.24
C TYR C 709 53.29 -38.98 29.23
N SER C 710 54.17 -38.40 30.05
CA SER C 710 54.87 -39.16 31.08
C SER C 710 55.23 -38.22 32.21
N ASN C 711 55.59 -38.79 33.36
CA ASN C 711 55.85 -38.00 34.54
C ASN C 711 57.28 -37.52 34.61
N ASN C 712 58.12 -37.89 33.64
CA ASN C 712 59.40 -37.24 33.44
C ASN C 712 59.74 -37.32 31.95
N SER C 713 59.33 -36.29 31.21
CA SER C 713 59.54 -36.27 29.78
C SER C 713 59.16 -34.89 29.26
N ILE C 714 59.93 -34.40 28.30
CA ILE C 714 59.72 -33.11 27.66
C ILE C 714 60.25 -33.21 26.25
N ALA C 715 59.69 -32.40 25.36
CA ALA C 715 60.13 -32.35 23.97
C ALA C 715 60.55 -30.92 23.69
N ILE C 716 61.76 -30.76 23.18
CA ILE C 716 62.35 -29.46 22.91
C ILE C 716 62.75 -29.44 21.43
N PRO C 717 62.33 -28.44 20.67
CA PRO C 717 62.75 -28.39 19.27
C PRO C 717 64.23 -28.14 19.13
N THR C 718 64.76 -28.63 18.02
CA THR C 718 66.16 -28.53 17.63
C THR C 718 66.27 -27.77 16.33
N ASN C 719 65.16 -27.30 15.80
CA ASN C 719 65.07 -26.58 14.55
C ASN C 719 63.86 -25.65 14.59
N PHE C 720 63.78 -24.81 13.58
CA PHE C 720 62.74 -23.80 13.49
C PHE C 720 62.35 -23.66 12.03
N THR C 721 61.18 -23.06 11.80
CA THR C 721 60.72 -22.79 10.45
C THR C 721 60.18 -21.38 10.40
N ILE C 722 60.47 -20.69 9.31
CA ILE C 722 59.98 -19.33 9.10
C ILE C 722 58.79 -19.44 8.17
N SER C 723 57.64 -18.94 8.61
CA SER C 723 56.41 -19.08 7.85
C SER C 723 55.85 -17.72 7.50
N VAL C 724 55.36 -17.60 6.27
CA VAL C 724 54.74 -16.39 5.78
C VAL C 724 53.33 -16.75 5.34
N THR C 725 52.35 -16.04 5.88
CA THR C 725 50.96 -16.30 5.57
C THR C 725 50.28 -15.01 5.17
N THR C 726 49.19 -15.14 4.41
CA THR C 726 48.46 -14.00 3.91
C THR C 726 47.16 -13.84 4.66
N GLU C 727 46.56 -12.66 4.51
CA GLU C 727 45.30 -12.34 5.15
C GLU C 727 44.66 -11.20 4.40
N ILE C 728 43.39 -11.35 4.03
CA ILE C 728 42.68 -10.37 3.22
C ILE C 728 41.54 -9.80 4.04
N LEU C 729 41.44 -8.48 4.09
CA LEU C 729 40.39 -7.81 4.82
C LEU C 729 39.77 -6.72 3.95
N PRO C 730 38.46 -6.72 3.77
CA PRO C 730 37.82 -5.59 3.08
C PRO C 730 37.94 -4.32 3.89
N VAL C 731 37.98 -3.19 3.19
CA VAL C 731 38.18 -1.90 3.85
C VAL C 731 37.01 -0.97 3.56
N SER C 732 36.73 -0.75 2.28
CA SER C 732 35.70 0.19 1.89
C SER C 732 34.95 -0.34 0.67
N MET C 733 33.81 0.27 0.39
CA MET C 733 32.99 -0.08 -0.76
C MET C 733 32.73 1.16 -1.62
N THR C 734 31.96 1.00 -2.69
CA THR C 734 31.76 2.08 -3.67
C THR C 734 30.79 3.15 -3.19
N LYS C 735 31.15 4.41 -3.42
CA LYS C 735 30.23 5.49 -3.08
C LYS C 735 29.32 5.75 -4.27
N THR C 736 28.02 5.71 -4.03
CA THR C 736 27.00 5.85 -5.06
C THR C 736 26.00 6.92 -4.68
N SER C 737 25.40 7.55 -5.70
CA SER C 737 24.37 8.55 -5.51
C SER C 737 23.20 8.24 -6.43
N VAL C 738 22.00 8.54 -5.96
CA VAL C 738 20.77 8.23 -6.67
C VAL C 738 19.93 9.49 -6.83
N ASP C 739 19.44 9.73 -8.04
CA ASP C 739 18.51 10.83 -8.29
C ASP C 739 17.11 10.25 -8.19
N CYS C 740 16.49 10.44 -7.03
CA CYS C 740 15.19 9.83 -6.76
C CYS C 740 14.11 10.36 -7.69
N THR C 741 14.07 11.67 -7.94
CA THR C 741 12.99 12.22 -8.73
C THR C 741 12.97 11.67 -10.15
N MET C 742 14.15 11.57 -10.78
CA MET C 742 14.18 11.06 -12.14
C MET C 742 13.98 9.56 -12.13
N TYR C 743 14.52 8.87 -11.12
CA TYR C 743 14.40 7.42 -11.11
C TYR C 743 12.93 7.05 -10.94
N ILE C 744 12.24 7.71 -10.01
CA ILE C 744 10.83 7.39 -9.76
C ILE C 744 10.01 7.71 -11.01
N CYS C 745 10.23 8.88 -11.58
CA CYS C 745 9.51 9.29 -12.78
C CYS C 745 10.31 10.39 -13.48
N GLY C 746 10.89 10.06 -14.63
CA GLY C 746 11.66 11.03 -15.39
C GLY C 746 10.81 11.66 -16.47
N ASP C 747 11.06 12.95 -16.70
CA ASP C 747 10.35 13.75 -17.70
C ASP C 747 8.84 13.76 -17.45
N SER C 748 8.45 14.15 -16.24
CA SER C 748 7.03 14.23 -15.90
C SER C 748 6.88 15.31 -14.82
N THR C 749 6.45 16.50 -15.25
CA THR C 749 6.32 17.59 -14.28
C THR C 749 5.15 17.34 -13.34
N GLU C 750 4.10 16.67 -13.82
CA GLU C 750 3.00 16.38 -12.94
C GLU C 750 3.44 15.36 -11.89
N CYS C 751 4.17 14.33 -12.32
CA CYS C 751 4.62 13.35 -11.35
C CYS C 751 5.55 13.99 -10.34
N SER C 752 6.32 14.99 -10.77
CA SER C 752 7.18 15.74 -9.85
C SER C 752 6.36 16.47 -8.81
N ASN C 753 5.21 17.03 -9.21
CA ASN C 753 4.37 17.71 -8.24
C ASN C 753 3.67 16.72 -7.33
N LEU C 754 3.21 15.60 -7.89
CA LEU C 754 2.56 14.62 -7.05
C LEU C 754 3.55 14.09 -6.02
N LEU C 755 4.78 13.81 -6.44
CA LEU C 755 5.70 13.32 -5.43
C LEU C 755 6.05 14.44 -4.47
N LEU C 756 5.93 15.70 -4.91
CA LEU C 756 6.20 16.80 -4.00
C LEU C 756 5.14 16.90 -2.92
N GLN C 757 3.97 16.29 -3.16
CA GLN C 757 2.96 16.36 -2.10
C GLN C 757 3.20 15.34 -1.00
N TYR C 758 4.21 14.47 -1.12
CA TYR C 758 4.51 13.46 -0.11
C TYR C 758 5.61 13.93 0.83
N GLY C 759 5.95 15.21 0.80
CA GLY C 759 6.96 15.73 1.69
C GLY C 759 8.37 15.34 1.28
N SER C 760 9.22 15.12 2.30
CA SER C 760 10.63 14.82 2.09
C SER C 760 10.89 13.33 2.28
N PHE C 761 10.71 12.57 1.22
CA PHE C 761 11.07 11.16 1.20
C PHE C 761 12.37 10.92 0.45
N CYS C 762 13.11 11.99 0.17
CA CYS C 762 14.38 11.92 -0.54
C CYS C 762 15.52 12.55 0.25
N THR C 763 15.22 13.41 1.21
CA THR C 763 16.29 14.07 1.96
C THR C 763 16.98 13.09 2.88
N GLN C 764 16.21 12.27 3.59
CA GLN C 764 16.84 11.33 4.52
C GLN C 764 17.62 10.28 3.74
N LEU C 765 17.11 9.87 2.58
CA LEU C 765 17.83 8.91 1.74
C LEU C 765 19.16 9.50 1.28
N LYS C 766 19.12 10.76 0.81
CA LYS C 766 20.35 11.41 0.38
C LYS C 766 21.32 11.57 1.53
N ARG C 767 20.80 11.95 2.71
CA ARG C 767 21.65 12.11 3.89
C ARG C 767 22.30 10.79 4.29
N ALA C 768 21.53 9.70 4.25
CA ALA C 768 22.08 8.41 4.59
C ALA C 768 23.17 8.00 3.62
N LEU C 769 22.94 8.21 2.32
CA LEU C 769 23.95 7.85 1.33
C LEU C 769 25.21 8.69 1.49
N THR C 770 25.03 9.99 1.76
CA THR C 770 26.19 10.85 1.99
C THR C 770 26.96 10.42 3.22
N GLY C 771 26.24 10.06 4.29
CA GLY C 771 26.90 9.56 5.48
C GLY C 771 27.65 8.28 5.21
N ILE C 772 27.07 7.38 4.39
CA ILE C 772 27.76 6.15 4.04
C ILE C 772 29.05 6.45 3.29
N ALA C 773 28.99 7.36 2.32
CA ALA C 773 30.19 7.71 1.56
C ALA C 773 31.25 8.34 2.47
N VAL C 774 30.82 9.23 3.36
CA VAL C 774 31.76 9.88 4.27
C VAL C 774 32.39 8.85 5.20
N GLU C 775 31.59 7.90 5.70
CA GLU C 775 32.13 6.84 6.53
C GLU C 775 33.11 5.98 5.76
N GLN C 776 32.84 5.71 4.48
CA GLN C 776 33.76 4.91 3.69
C GLN C 776 35.11 5.63 3.53
N ASP C 777 35.05 6.94 3.29
CA ASP C 777 36.29 7.70 3.22
C ASP C 777 36.99 7.72 4.57
N LYS C 778 36.24 7.90 5.65
CA LYS C 778 36.86 7.94 6.97
C LYS C 778 37.49 6.60 7.29
N ASN C 779 36.86 5.51 6.83
CA ASN C 779 37.39 4.17 7.03
C ASN C 779 38.75 4.03 6.36
N THR C 780 38.82 4.42 5.08
CA THR C 780 40.09 4.32 4.38
C THR C 780 41.15 5.22 5.01
N GLN C 781 40.75 6.45 5.39
CA GLN C 781 41.69 7.37 6.04
C GLN C 781 42.20 6.79 7.35
N GLU C 782 41.31 6.17 8.13
CA GLU C 782 41.69 5.57 9.39
C GLU C 782 42.65 4.41 9.17
N VAL C 783 42.36 3.57 8.18
CA VAL C 783 43.16 2.38 8.00
C VAL C 783 44.55 2.75 7.50
N PHE C 784 44.64 3.66 6.54
CA PHE C 784 45.92 3.87 5.89
C PHE C 784 46.68 5.08 6.42
N ALA C 785 46.01 6.22 6.62
CA ALA C 785 46.70 7.44 7.05
C ALA C 785 47.03 7.32 8.53
N GLN C 786 48.13 6.64 8.82
CA GLN C 786 48.58 6.46 10.19
C GLN C 786 49.94 7.06 10.50
N VAL C 787 50.65 7.59 9.50
CA VAL C 787 51.97 8.16 9.68
C VAL C 787 52.00 9.57 9.13
N LYS C 788 52.64 10.48 9.86
CA LYS C 788 52.76 11.87 9.47
C LYS C 788 54.03 12.15 8.68
N GLN C 789 54.86 11.14 8.43
CA GLN C 789 56.09 11.32 7.68
C GLN C 789 56.16 10.32 6.55
N ILE C 790 56.79 10.73 5.45
CA ILE C 790 56.98 9.87 4.29
C ILE C 790 58.46 9.49 4.26
N TYR C 791 58.75 8.28 4.72
CA TYR C 791 60.12 7.79 4.76
C TYR C 791 60.53 7.23 3.40
N LYS C 792 61.84 7.17 3.18
CA LYS C 792 62.38 6.64 1.94
C LYS C 792 63.39 5.54 2.23
N THR C 793 63.31 4.48 1.44
CA THR C 793 64.28 3.39 1.55
C THR C 793 65.64 3.85 1.02
N PRO C 794 66.73 3.35 1.59
CA PRO C 794 68.04 3.74 1.11
C PRO C 794 68.25 3.26 -0.31
N PRO C 795 69.10 3.93 -1.09
CA PRO C 795 69.36 3.47 -2.46
C PRO C 795 69.90 2.06 -2.52
N ILE C 796 70.70 1.66 -1.55
CA ILE C 796 71.22 0.30 -1.48
C ILE C 796 70.13 -0.58 -0.88
N LYS C 797 69.85 -1.71 -1.54
CA LYS C 797 68.75 -2.58 -1.16
C LYS C 797 69.28 -3.89 -0.55
N TYR C 798 70.34 -3.77 0.25
CA TYR C 798 70.91 -4.90 0.97
C TYR C 798 70.57 -4.75 2.44
N PHE C 799 69.74 -5.65 2.96
CA PHE C 799 69.33 -5.65 4.36
C PHE C 799 69.64 -7.03 4.93
N GLY C 800 70.88 -7.23 5.36
CA GLY C 800 71.27 -8.47 6.01
C GLY C 800 71.07 -9.71 5.16
N GLY C 801 71.02 -9.57 3.84
CA GLY C 801 70.79 -10.70 2.97
C GLY C 801 69.33 -10.97 2.66
N PHE C 802 68.41 -10.28 3.32
CA PHE C 802 66.99 -10.45 3.05
C PHE C 802 66.60 -9.71 1.79
N ASN C 803 65.70 -10.32 1.02
CA ASN C 803 65.25 -9.81 -0.27
C ASN C 803 63.85 -9.24 -0.16
N PHE C 804 63.73 -7.91 -0.32
CA PHE C 804 62.45 -7.23 -0.25
C PHE C 804 62.02 -6.70 -1.60
N SER C 805 62.58 -7.26 -2.68
CA SER C 805 62.30 -6.76 -4.02
C SER C 805 60.87 -7.05 -4.44
N GLN C 806 60.26 -8.07 -3.85
CA GLN C 806 58.92 -8.48 -4.23
C GLN C 806 57.82 -7.70 -3.54
N ILE C 807 58.18 -6.82 -2.61
CA ILE C 807 57.20 -5.97 -1.94
C ILE C 807 57.54 -4.49 -2.02
N LEU C 808 58.80 -4.12 -2.26
CA LEU C 808 59.13 -2.73 -2.43
C LEU C 808 58.67 -2.21 -3.78
N PRO C 809 58.25 -0.96 -3.87
CA PRO C 809 57.82 -0.41 -5.16
C PRO C 809 59.01 -0.26 -6.10
N ASP C 810 58.72 -0.32 -7.40
CA ASP C 810 59.75 -0.15 -8.40
C ASP C 810 59.39 1.00 -9.32
N PRO C 811 60.34 1.87 -9.66
CA PRO C 811 60.04 3.01 -10.51
C PRO C 811 59.98 2.70 -12.00
N SER C 812 60.02 1.42 -12.37
CA SER C 812 59.98 1.02 -13.76
C SER C 812 58.56 0.89 -14.27
N LYS C 813 57.60 1.49 -13.58
CA LYS C 813 56.19 1.47 -13.94
C LYS C 813 55.59 2.83 -13.62
N PRO C 814 54.54 3.23 -14.35
CA PRO C 814 53.88 4.50 -14.01
C PRO C 814 53.27 4.50 -12.61
N SER C 815 52.81 3.34 -12.14
CA SER C 815 52.31 3.19 -10.78
C SER C 815 53.36 2.49 -9.93
N LYS C 816 53.75 3.12 -8.82
CA LYS C 816 54.79 2.60 -7.94
C LYS C 816 54.19 1.49 -7.08
N ARG C 817 53.93 0.37 -7.73
CA ARG C 817 53.36 -0.81 -7.09
C ARG C 817 54.35 -1.96 -7.17
N SER C 818 54.33 -2.80 -6.13
CA SER C 818 55.23 -3.93 -6.07
C SER C 818 54.71 -5.05 -6.96
N PRO C 819 55.56 -6.01 -7.32
CA PRO C 819 55.08 -7.12 -8.16
C PRO C 819 53.88 -7.83 -7.58
N ILE C 820 53.87 -8.06 -6.27
CA ILE C 820 52.74 -8.74 -5.65
C ILE C 820 51.49 -7.87 -5.71
N GLU C 821 51.67 -6.55 -5.54
CA GLU C 821 50.55 -5.64 -5.66
C GLU C 821 49.97 -5.66 -7.07
N ASP C 822 50.84 -5.71 -8.08
CA ASP C 822 50.37 -5.81 -9.46
C ASP C 822 49.63 -7.11 -9.70
N LEU C 823 50.14 -8.23 -9.15
CA LEU C 823 49.45 -9.51 -9.32
C LEU C 823 48.07 -9.47 -8.67
N LEU C 824 47.97 -8.92 -7.47
CA LEU C 824 46.67 -8.83 -6.81
C LEU C 824 45.72 -7.92 -7.59
N PHE C 825 46.23 -6.79 -8.09
CA PHE C 825 45.39 -5.87 -8.85
C PHE C 825 44.88 -6.54 -10.12
N ASN C 826 45.73 -7.30 -10.80
CA ASN C 826 45.30 -8.02 -11.99
C ASN C 826 44.29 -9.10 -11.63
N LYS C 827 44.44 -9.70 -10.45
CA LYS C 827 43.49 -10.72 -10.02
C LYS C 827 42.12 -10.12 -9.76
N VAL C 828 42.07 -8.93 -9.13
CA VAL C 828 40.80 -8.33 -8.75
C VAL C 828 40.20 -7.45 -9.83
N THR C 829 40.96 -7.11 -10.88
CA THR C 829 40.47 -6.21 -11.92
C THR C 829 39.35 -6.81 -12.77
N LEU C 830 38.84 -8.00 -12.46
CA LEU C 830 37.73 -8.56 -13.21
C LEU C 830 36.49 -7.66 -13.10
N ALA C 831 36.21 -7.14 -11.92
CA ALA C 831 35.14 -6.20 -11.71
C ALA C 831 35.64 -5.04 -10.85
N ASP C 832 35.24 -3.82 -11.21
CA ASP C 832 35.66 -2.63 -10.47
C ASP C 832 34.65 -1.52 -10.73
N ALA C 833 35.00 -0.30 -10.31
CA ALA C 833 34.11 0.84 -10.50
C ALA C 833 33.95 1.19 -11.98
N GLY C 834 35.03 1.09 -12.75
CA GLY C 834 34.97 1.42 -14.17
C GLY C 834 36.20 2.15 -14.64
N PHE C 835 36.91 2.79 -13.70
CA PHE C 835 38.19 3.43 -13.96
C PHE C 835 38.02 4.72 -14.77
N ILE C 836 36.81 4.99 -15.23
CA ILE C 836 36.49 6.19 -15.98
C ILE C 836 35.14 6.71 -15.51
N LYS C 837 35.05 8.02 -15.25
CA LYS C 837 33.79 8.61 -14.82
C LYS C 837 33.53 9.96 -15.48
N GLN C 838 34.13 10.24 -16.63
CA GLN C 838 33.98 11.55 -17.24
C GLN C 838 32.82 11.61 -18.22
N TYR C 839 32.12 10.49 -18.42
CA TYR C 839 30.92 10.34 -19.23
C TYR C 839 31.26 10.52 -20.71
N GLY C 840 32.50 10.87 -21.05
CA GLY C 840 32.85 11.10 -22.44
C GLY C 840 32.77 9.85 -23.29
N ASP C 841 33.24 8.72 -22.76
CA ASP C 841 33.22 7.47 -23.50
C ASP C 841 31.86 6.78 -23.44
N CYS C 842 30.93 7.33 -22.66
CA CYS C 842 29.59 6.76 -22.51
C CYS C 842 28.69 7.17 -23.67
N LEU C 843 29.11 6.76 -24.87
CA LEU C 843 28.38 7.04 -26.10
C LEU C 843 28.15 8.54 -26.30
N ASP C 850 28.78 -2.32 -20.79
CA ASP C 850 27.84 -1.22 -20.94
C ASP C 850 26.90 -1.13 -19.74
N LEU C 851 27.18 -1.94 -18.72
CA LEU C 851 26.37 -1.94 -17.51
C LEU C 851 26.48 -0.62 -16.74
N ILE C 852 27.67 -0.01 -16.75
CA ILE C 852 27.87 1.24 -16.04
C ILE C 852 26.94 2.32 -16.57
N CYS C 853 26.92 2.51 -17.90
CA CYS C 853 26.03 3.51 -18.48
C CYS C 853 24.57 3.11 -18.35
N ALA C 854 24.28 1.81 -18.43
CA ALA C 854 22.90 1.36 -18.31
C ALA C 854 22.33 1.72 -16.95
N GLN C 855 23.13 1.54 -15.90
CA GLN C 855 22.71 1.93 -14.57
C GLN C 855 22.77 3.43 -14.37
N LYS C 856 23.72 4.12 -15.00
CA LYS C 856 23.86 5.56 -14.84
C LYS C 856 22.66 6.30 -15.43
N PHE C 857 22.10 5.79 -16.52
CA PHE C 857 20.95 6.41 -17.17
C PHE C 857 19.68 6.27 -16.38
N LYS C 858 19.75 5.67 -15.18
CA LYS C 858 18.61 5.55 -14.29
C LYS C 858 18.86 6.25 -12.96
N GLY C 859 19.71 7.27 -12.98
CA GLY C 859 19.99 7.98 -11.74
C GLY C 859 20.74 7.13 -10.75
N LEU C 860 21.75 6.40 -11.20
CA LEU C 860 22.56 5.56 -10.34
C LEU C 860 24.01 5.92 -10.67
N THR C 861 24.58 6.81 -9.89
CA THR C 861 25.93 7.30 -10.15
C THR C 861 26.91 6.63 -9.20
N VAL C 862 28.19 6.85 -9.46
CA VAL C 862 29.27 6.30 -8.65
C VAL C 862 30.23 7.42 -8.28
N LEU C 863 30.54 7.55 -7.00
CA LEU C 863 31.46 8.62 -6.67
C LEU C 863 32.88 8.07 -6.54
N PRO C 864 33.89 8.82 -6.96
CA PRO C 864 35.25 8.29 -6.88
C PRO C 864 35.75 8.34 -5.44
N PRO C 865 36.64 7.44 -5.05
CA PRO C 865 37.19 7.49 -3.70
C PRO C 865 38.06 8.72 -3.53
N LEU C 866 38.17 9.19 -2.29
CA LEU C 866 38.99 10.37 -2.05
C LEU C 866 40.45 10.07 -2.29
N LEU C 867 40.93 8.90 -1.86
CA LEU C 867 42.32 8.53 -2.01
C LEU C 867 42.45 7.63 -3.24
N THR C 868 43.35 7.98 -4.15
CA THR C 868 43.52 7.10 -5.28
C THR C 868 44.42 5.92 -4.90
N ASP C 869 44.52 4.98 -5.84
CA ASP C 869 45.33 3.80 -5.59
C ASP C 869 46.80 4.17 -5.46
N GLU C 870 47.26 5.16 -6.24
CA GLU C 870 48.66 5.53 -6.16
C GLU C 870 49.00 6.08 -4.78
N MET C 871 48.10 6.88 -4.21
CA MET C 871 48.33 7.44 -2.88
C MET C 871 48.29 6.33 -1.82
N ILE C 872 47.38 5.37 -1.97
CA ILE C 872 47.35 4.26 -1.03
C ILE C 872 48.64 3.44 -1.13
N ALA C 873 49.12 3.22 -2.35
CA ALA C 873 50.38 2.53 -2.55
C ALA C 873 51.53 3.29 -1.91
N GLN C 874 51.51 4.62 -2.03
CA GLN C 874 52.53 5.44 -1.41
C GLN C 874 52.51 5.28 0.10
N TYR C 875 51.31 5.26 0.69
CA TYR C 875 51.20 5.03 2.13
C TYR C 875 51.80 3.69 2.51
N THR C 876 51.48 2.64 1.76
CA THR C 876 52.00 1.32 2.07
C THR C 876 53.51 1.28 1.93
N SER C 877 54.05 1.92 0.88
CA SER C 877 55.49 1.94 0.70
C SER C 877 56.18 2.71 1.81
N ALA C 878 55.60 3.84 2.24
CA ALA C 878 56.18 4.59 3.35
C ALA C 878 56.16 3.76 4.62
N LEU C 879 55.07 3.06 4.88
CA LEU C 879 54.99 2.22 6.06
C LEU C 879 56.03 1.10 6.01
N LEU C 880 56.20 0.49 4.84
CA LEU C 880 57.20 -0.57 4.70
C LEU C 880 58.60 -0.02 4.94
N ALA C 881 58.92 1.13 4.36
CA ALA C 881 60.25 1.72 4.53
C ALA C 881 60.50 2.06 5.99
N GLY C 882 59.51 2.64 6.66
CA GLY C 882 59.66 2.96 8.07
C GLY C 882 59.87 1.71 8.91
N THR C 883 59.08 0.66 8.63
CA THR C 883 59.23 -0.58 9.38
C THR C 883 60.61 -1.18 9.17
N ILE C 884 61.10 -1.14 7.94
CA ILE C 884 62.38 -1.76 7.62
C ILE C 884 63.51 -1.01 8.28
N THR C 885 63.48 0.32 8.22
CA THR C 885 64.62 1.09 8.69
C THR C 885 64.54 1.44 10.16
N SER C 886 63.42 1.20 10.82
CA SER C 886 63.35 1.58 12.23
C SER C 886 62.90 0.46 13.16
N GLY C 887 61.98 -0.40 12.72
CA GLY C 887 61.45 -1.42 13.60
C GLY C 887 60.11 -0.94 14.13
N TRP C 888 60.04 -0.67 15.43
CA TRP C 888 58.83 -0.12 16.02
C TRP C 888 59.03 1.25 16.63
N THR C 889 60.24 1.82 16.55
CA THR C 889 60.47 3.12 17.17
C THR C 889 59.78 4.22 16.37
N PHE C 890 59.65 4.05 15.06
CA PHE C 890 59.04 5.07 14.23
C PHE C 890 57.54 5.19 14.49
N GLY C 891 56.93 4.17 15.08
CA GLY C 891 55.52 4.20 15.42
C GLY C 891 55.20 4.80 16.78
N ALA C 892 56.20 5.29 17.51
CA ALA C 892 55.96 5.86 18.83
C ALA C 892 56.68 7.21 19.00
N GLY C 893 57.09 7.84 17.90
CA GLY C 893 57.78 9.10 17.97
C GLY C 893 58.80 9.25 16.87
N PRO C 894 60.01 9.66 17.23
CA PRO C 894 61.06 9.82 16.22
C PRO C 894 61.61 8.47 15.79
N ALA C 895 61.72 8.31 14.47
CA ALA C 895 62.32 7.10 13.92
C ALA C 895 63.78 7.01 14.33
N LEU C 896 64.18 5.85 14.82
CA LEU C 896 65.56 5.60 15.23
C LEU C 896 66.13 4.49 14.36
N GLN C 897 67.27 4.77 13.74
CA GLN C 897 67.84 3.78 12.84
C GLN C 897 68.43 2.62 13.64
N ILE C 898 68.47 1.46 13.01
CA ILE C 898 68.99 0.24 13.62
C ILE C 898 69.31 -0.74 12.51
N PRO C 899 70.42 -1.46 12.58
CA PRO C 899 70.72 -2.45 11.55
C PRO C 899 69.65 -3.52 11.48
N PHE C 900 69.43 -4.02 10.27
CA PHE C 900 68.34 -4.97 10.05
C PHE C 900 68.56 -6.28 10.79
N PRO C 901 69.73 -6.92 10.72
CA PRO C 901 69.94 -8.07 11.61
C PRO C 901 69.79 -7.71 13.06
N MET C 902 70.09 -6.46 13.44
CA MET C 902 69.93 -6.09 14.84
C MET C 902 68.45 -6.08 15.24
N GLN C 903 67.58 -5.56 14.36
CA GLN C 903 66.15 -5.58 14.65
C GLN C 903 65.60 -7.00 14.73
N MET C 904 66.01 -7.89 13.80
CA MET C 904 65.57 -9.28 13.91
C MET C 904 66.13 -9.97 15.14
N ALA C 905 67.37 -9.65 15.51
CA ALA C 905 67.95 -10.22 16.72
C ALA C 905 67.16 -9.78 17.95
N TYR C 906 66.80 -8.50 18.01
CA TYR C 906 65.99 -8.03 19.13
C TYR C 906 64.60 -8.65 19.12
N ARG C 907 64.02 -8.85 17.94
CA ARG C 907 62.71 -9.49 17.87
C ARG C 907 62.77 -10.93 18.37
N PHE C 908 63.84 -11.66 18.03
CA PHE C 908 64.02 -12.98 18.60
C PHE C 908 64.21 -12.90 20.11
N ASN C 909 64.98 -11.91 20.58
CA ASN C 909 65.16 -11.76 22.01
C ASN C 909 63.84 -11.46 22.71
N GLY C 910 62.89 -10.87 21.99
CA GLY C 910 61.61 -10.56 22.59
C GLY C 910 60.70 -11.76 22.77
N ILE C 911 61.07 -12.91 22.21
CA ILE C 911 60.28 -14.12 22.33
C ILE C 911 61.03 -15.20 23.10
N GLY C 912 62.17 -14.86 23.69
CA GLY C 912 62.92 -15.78 24.52
C GLY C 912 64.08 -16.50 23.87
N VAL C 913 64.46 -16.12 22.65
CA VAL C 913 65.60 -16.73 21.97
C VAL C 913 66.71 -15.71 21.82
N THR C 914 67.93 -16.09 22.20
CA THR C 914 69.07 -15.19 22.17
C THR C 914 69.44 -14.85 20.72
N GLN C 915 70.14 -13.73 20.55
CA GLN C 915 70.43 -13.25 19.21
C GLN C 915 71.54 -14.03 18.53
N ASN C 916 72.36 -14.75 19.29
CA ASN C 916 73.42 -15.55 18.68
C ASN C 916 72.84 -16.63 17.78
N VAL C 917 71.61 -17.07 18.05
CA VAL C 917 70.97 -18.03 17.17
C VAL C 917 70.81 -17.44 15.78
N LEU C 918 70.33 -16.19 15.71
CA LEU C 918 70.25 -15.50 14.44
C LEU C 918 71.63 -15.23 13.86
N TYR C 919 72.56 -14.78 14.68
CA TYR C 919 73.90 -14.46 14.17
C TYR C 919 74.62 -15.69 13.66
N GLU C 920 74.15 -16.88 14.01
CA GLU C 920 74.73 -18.11 13.49
C GLU C 920 73.90 -18.75 12.38
N ASN C 921 72.61 -18.42 12.27
CA ASN C 921 71.77 -19.01 11.23
C ASN C 921 71.18 -17.93 10.33
N GLN C 922 71.89 -16.80 10.19
CA GLN C 922 71.41 -15.71 9.36
C GLN C 922 71.21 -16.15 7.91
N LYS C 923 72.17 -16.89 7.36
CA LYS C 923 72.06 -17.30 5.96
C LYS C 923 70.86 -18.20 5.76
N LEU C 924 70.68 -19.18 6.65
CA LEU C 924 69.55 -20.09 6.54
C LEU C 924 68.23 -19.35 6.71
N ILE C 925 68.17 -18.41 7.65
CA ILE C 925 66.95 -17.67 7.88
C ILE C 925 66.61 -16.80 6.67
N ALA C 926 67.61 -16.16 6.08
CA ALA C 926 67.39 -15.36 4.89
C ALA C 926 66.91 -16.23 3.73
N ASN C 927 67.51 -17.41 3.57
CA ASN C 927 67.09 -18.31 2.52
C ASN C 927 65.65 -18.75 2.73
N GLN C 928 65.28 -19.07 3.97
CA GLN C 928 63.91 -19.48 4.27
C GLN C 928 62.94 -18.34 3.98
N PHE C 929 63.30 -17.12 4.37
CA PHE C 929 62.42 -15.98 4.11
C PHE C 929 62.25 -15.75 2.62
N ASN C 930 63.33 -15.85 1.86
CA ASN C 930 63.25 -15.65 0.41
C ASN C 930 62.37 -16.72 -0.22
N SER C 931 62.54 -17.98 0.20
CA SER C 931 61.73 -19.07 -0.33
C SER C 931 60.27 -18.88 0.03
N ALA C 932 60.00 -18.44 1.26
CA ALA C 932 58.63 -18.22 1.69
C ALA C 932 57.97 -17.11 0.88
N ILE C 933 58.72 -16.03 0.61
CA ILE C 933 58.15 -14.96 -0.21
C ILE C 933 57.88 -15.45 -1.63
N GLY C 934 58.81 -16.21 -2.19
CA GLY C 934 58.57 -16.72 -3.53
C GLY C 934 57.36 -17.63 -3.55
N LYS C 935 57.19 -18.42 -2.48
CA LYS C 935 56.01 -19.27 -2.44
C LYS C 935 54.76 -18.42 -2.31
N ILE C 936 54.87 -17.24 -1.69
CA ILE C 936 53.70 -16.39 -1.57
C ILE C 936 53.31 -15.91 -2.95
N GLN C 937 54.31 -15.59 -3.77
CA GLN C 937 54.03 -15.16 -5.14
C GLN C 937 53.37 -16.29 -5.91
N ASP C 938 53.86 -17.52 -5.75
CA ASP C 938 53.26 -18.65 -6.44
C ASP C 938 51.83 -18.88 -5.96
N SER C 939 51.59 -18.74 -4.65
CA SER C 939 50.25 -18.92 -4.13
C SER C 939 49.28 -17.90 -4.69
N LEU C 940 49.71 -16.63 -4.79
CA LEU C 940 48.78 -15.63 -5.29
C LEU C 940 48.60 -15.78 -6.79
N SER C 941 49.70 -16.06 -7.51
CA SER C 941 49.68 -16.17 -8.95
C SER C 941 48.96 -17.43 -9.40
N SER C 942 48.68 -18.35 -8.47
CA SER C 942 48.00 -19.58 -8.81
C SER C 942 46.54 -19.30 -9.17
N THR C 943 45.93 -20.25 -9.88
CA THR C 943 44.54 -20.09 -10.29
C THR C 943 43.56 -20.07 -9.10
N PRO C 944 43.66 -20.95 -8.09
CA PRO C 944 42.71 -20.85 -6.98
C PRO C 944 42.94 -19.59 -6.16
N SER C 945 42.41 -18.48 -6.66
CA SER C 945 42.46 -17.23 -5.93
C SER C 945 41.76 -17.37 -4.58
N ALA C 946 42.45 -16.95 -3.53
CA ALA C 946 41.87 -16.96 -2.19
C ALA C 946 41.28 -15.61 -1.83
N LEU C 947 41.27 -14.68 -2.79
CA LEU C 947 40.76 -13.33 -2.57
C LEU C 947 39.27 -13.23 -2.86
N GLY C 948 38.52 -14.14 -2.23
CA GLY C 948 37.09 -14.16 -2.39
C GLY C 948 36.36 -13.14 -1.54
N LYS C 949 36.97 -12.71 -0.43
CA LYS C 949 36.30 -11.74 0.44
C LYS C 949 36.11 -10.41 -0.26
N LEU C 950 37.13 -9.95 -1.01
CA LEU C 950 36.98 -8.70 -1.74
C LEU C 950 36.02 -8.83 -2.90
N GLN C 951 35.98 -9.99 -3.55
CA GLN C 951 35.08 -10.16 -4.67
C GLN C 951 33.64 -10.32 -4.23
N ASP C 952 33.42 -10.87 -3.04
CA ASP C 952 32.05 -11.08 -2.57
C ASP C 952 31.32 -9.76 -2.38
N VAL C 953 32.02 -8.76 -1.84
CA VAL C 953 31.40 -7.46 -1.61
C VAL C 953 30.99 -6.82 -2.94
N VAL C 954 31.90 -6.86 -3.92
CA VAL C 954 31.62 -6.28 -5.23
C VAL C 954 30.46 -7.01 -5.90
N ASN C 955 30.47 -8.34 -5.82
CA ASN C 955 29.39 -9.12 -6.43
C ASN C 955 28.05 -8.81 -5.77
N HIS C 956 28.04 -8.70 -4.45
CA HIS C 956 26.80 -8.40 -3.74
C HIS C 956 26.28 -7.02 -4.12
N ASN C 957 27.17 -6.03 -4.16
CA ASN C 957 26.75 -4.68 -4.53
C ASN C 957 26.22 -4.63 -5.96
N ALA C 958 26.92 -5.28 -6.89
CA ALA C 958 26.47 -5.28 -8.27
C ALA C 958 25.12 -5.96 -8.42
N GLN C 959 24.92 -7.09 -7.74
CA GLN C 959 23.65 -7.80 -7.82
C GLN C 959 22.52 -6.98 -7.20
N ALA C 960 22.78 -6.35 -6.07
CA ALA C 960 21.76 -5.51 -5.43
C ALA C 960 21.40 -4.33 -6.32
N LEU C 961 22.40 -3.67 -6.89
CA LEU C 961 22.14 -2.54 -7.77
C LEU C 961 21.37 -2.99 -9.00
N ASN C 962 21.73 -4.16 -9.55
CA ASN C 962 21.06 -4.67 -10.73
C ASN C 962 19.59 -4.97 -10.44
N THR C 963 19.29 -5.57 -9.29
CA THR C 963 17.91 -5.86 -8.98
C THR C 963 17.15 -4.58 -8.68
N LEU C 964 17.81 -3.57 -8.10
CA LEU C 964 17.16 -2.29 -7.90
C LEU C 964 16.78 -1.66 -9.23
N VAL C 965 17.68 -1.75 -10.22
CA VAL C 965 17.37 -1.23 -11.55
C VAL C 965 16.24 -2.01 -12.18
N LYS C 966 16.28 -3.33 -12.08
CA LYS C 966 15.29 -4.20 -12.69
C LYS C 966 13.91 -4.03 -12.05
N GLN C 967 13.86 -3.58 -10.80
CA GLN C 967 12.59 -3.39 -10.13
C GLN C 967 11.71 -2.32 -10.77
N LEU C 968 12.26 -1.51 -11.67
CA LEU C 968 11.46 -0.46 -12.29
C LEU C 968 10.39 -1.04 -13.22
N SER C 969 10.64 -2.19 -13.82
CA SER C 969 9.72 -2.77 -14.78
C SER C 969 8.52 -3.44 -14.12
N SER C 970 8.51 -3.56 -12.80
CA SER C 970 7.39 -4.20 -12.12
C SER C 970 6.14 -3.33 -12.22
N LYS C 971 5.01 -3.98 -12.50
CA LYS C 971 3.75 -3.28 -12.67
C LYS C 971 3.16 -2.82 -11.35
N PHE C 972 3.51 -3.47 -10.24
CA PHE C 972 2.96 -3.16 -8.92
C PHE C 972 1.45 -3.26 -8.89
N GLY C 973 0.89 -4.13 -9.73
CA GLY C 973 -0.54 -4.30 -9.82
C GLY C 973 -1.25 -3.26 -10.65
N ALA C 974 -0.54 -2.31 -11.24
CA ALA C 974 -1.15 -1.28 -12.05
C ALA C 974 -1.48 -1.83 -13.43
N ILE C 975 -2.15 -1.00 -14.24
CA ILE C 975 -2.51 -1.43 -15.59
C ILE C 975 -1.28 -1.54 -16.47
N SER C 976 -0.39 -0.55 -16.41
CA SER C 976 0.81 -0.55 -17.24
C SER C 976 1.97 0.05 -16.45
N SER C 977 3.19 -0.31 -16.87
CA SER C 977 4.41 0.13 -16.23
C SER C 977 5.02 1.38 -16.87
N VAL C 978 4.41 1.93 -17.92
CA VAL C 978 4.94 3.08 -18.63
C VAL C 978 4.11 4.30 -18.25
N LEU C 979 4.80 5.37 -17.85
CA LEU C 979 4.10 6.58 -17.41
C LEU C 979 3.33 7.23 -18.56
N ASN C 980 3.94 7.31 -19.75
CA ASN C 980 3.26 7.94 -20.88
C ASN C 980 2.03 7.15 -21.28
N ASP C 981 2.13 5.82 -21.35
CA ASP C 981 1.00 5.00 -21.74
C ASP C 981 -0.10 5.07 -20.70
N ILE C 982 0.26 5.00 -19.41
CA ILE C 982 -0.76 5.05 -18.36
C ILE C 982 -1.41 6.43 -18.30
N PHE C 983 -0.68 7.47 -18.69
CA PHE C 983 -1.26 8.81 -18.71
C PHE C 983 -2.20 8.99 -19.88
N SER C 984 -1.81 8.53 -21.07
CA SER C 984 -2.64 8.75 -22.25
C SER C 984 -3.83 7.80 -22.31
N ARG C 985 -3.72 6.61 -21.73
CA ARG C 985 -4.76 5.60 -21.88
C ARG C 985 -5.66 5.48 -20.66
N LEU C 986 -5.62 6.44 -19.75
CA LEU C 986 -6.41 6.38 -18.54
C LEU C 986 -6.92 7.76 -18.18
N ASP C 987 -8.04 7.81 -17.48
CA ASP C 987 -8.50 9.12 -17.04
C ASP C 987 -7.82 9.52 -15.74
N PRO C 988 -7.76 10.82 -15.45
CA PRO C 988 -7.12 11.30 -14.22
C PRO C 988 -7.71 10.72 -12.95
N PRO C 989 -9.04 10.50 -12.85
CA PRO C 989 -9.60 10.04 -11.56
C PRO C 989 -8.94 8.79 -11.01
N GLU C 990 -8.61 7.83 -11.87
CA GLU C 990 -7.97 6.63 -11.36
C GLU C 990 -6.49 6.60 -11.73
N ALA C 991 -6.07 7.42 -12.71
CA ALA C 991 -4.65 7.50 -13.03
C ALA C 991 -3.86 8.00 -11.83
N GLU C 992 -4.47 8.86 -11.01
CA GLU C 992 -3.79 9.36 -9.81
C GLU C 992 -3.45 8.22 -8.87
N VAL C 993 -4.43 7.39 -8.53
CA VAL C 993 -4.17 6.29 -7.60
C VAL C 993 -3.26 5.26 -8.24
N GLN C 994 -3.37 5.04 -9.56
CA GLN C 994 -2.46 4.09 -10.20
C GLN C 994 -1.00 4.55 -10.08
N ILE C 995 -0.78 5.85 -10.29
CA ILE C 995 0.57 6.37 -10.13
C ILE C 995 0.98 6.34 -8.67
N ASP C 996 0.03 6.57 -7.75
CA ASP C 996 0.38 6.56 -6.34
C ASP C 996 0.83 5.16 -5.94
N ARG C 997 0.17 4.14 -6.48
CA ARG C 997 0.55 2.75 -6.22
C ARG C 997 1.96 2.48 -6.71
N LEU C 998 2.26 2.92 -7.94
CA LEU C 998 3.60 2.71 -8.46
C LEU C 998 4.64 3.46 -7.63
N ILE C 999 4.31 4.67 -7.22
CA ILE C 999 5.21 5.48 -6.40
C ILE C 999 5.49 4.79 -5.08
N THR C 1000 4.45 4.28 -4.44
CA THR C 1000 4.62 3.58 -3.16
C THR C 1000 5.48 2.34 -3.31
N GLY C 1001 5.25 1.56 -4.37
CA GLY C 1001 6.08 0.38 -4.57
C GLY C 1001 7.54 0.73 -4.77
N ARG C 1002 7.81 1.73 -5.60
CA ARG C 1002 9.20 2.09 -5.85
C ARG C 1002 9.85 2.71 -4.61
N LEU C 1003 9.10 3.51 -3.86
CA LEU C 1003 9.63 4.04 -2.60
C LEU C 1003 9.96 2.93 -1.62
N GLN C 1004 9.11 1.91 -1.56
CA GLN C 1004 9.42 0.78 -0.69
C GLN C 1004 10.71 0.12 -1.15
N SER C 1005 10.89 0.00 -2.47
CA SER C 1005 12.12 -0.59 -2.98
C SER C 1005 13.34 0.24 -2.58
N LEU C 1006 13.24 1.57 -2.72
CA LEU C 1006 14.38 2.41 -2.35
C LEU C 1006 14.68 2.33 -0.85
N GLN C 1007 13.65 2.35 -0.01
CA GLN C 1007 13.90 2.23 1.42
C GLN C 1007 14.57 0.92 1.75
N THR C 1008 14.11 -0.18 1.13
CA THR C 1008 14.76 -1.47 1.37
C THR C 1008 16.22 -1.40 0.95
N TYR C 1009 16.49 -0.93 -0.26
CA TYR C 1009 17.85 -0.84 -0.76
C TYR C 1009 18.73 -0.05 0.20
N VAL C 1010 18.21 1.07 0.70
CA VAL C 1010 18.95 1.88 1.66
C VAL C 1010 19.21 1.08 2.93
N THR C 1011 18.24 0.28 3.37
CA THR C 1011 18.43 -0.50 4.59
C THR C 1011 19.59 -1.47 4.44
N GLN C 1012 19.57 -2.26 3.36
CA GLN C 1012 20.69 -3.18 3.16
C GLN C 1012 21.99 -2.43 2.90
N GLN C 1013 21.92 -1.23 2.32
CA GLN C 1013 23.14 -0.45 2.16
C GLN C 1013 23.73 -0.10 3.52
N LEU C 1014 22.90 0.33 4.47
CA LEU C 1014 23.40 0.62 5.81
C LEU C 1014 23.94 -0.62 6.50
N ILE C 1015 23.24 -1.76 6.39
CA ILE C 1015 23.74 -2.96 7.05
C ILE C 1015 25.10 -3.36 6.50
N ARG C 1016 25.25 -3.30 5.17
CA ARG C 1016 26.54 -3.64 4.58
C ARG C 1016 27.60 -2.62 4.98
N ALA C 1017 27.23 -1.34 5.05
CA ALA C 1017 28.22 -0.35 5.46
C ALA C 1017 28.66 -0.62 6.89
N ALA C 1018 27.74 -1.08 7.73
CA ALA C 1018 28.07 -1.44 9.10
C ALA C 1018 29.09 -2.56 9.13
N GLU C 1019 28.85 -3.61 8.33
CA GLU C 1019 29.78 -4.72 8.30
C GLU C 1019 31.14 -4.29 7.75
N ILE C 1020 31.13 -3.43 6.73
CA ILE C 1020 32.36 -2.92 6.16
C ILE C 1020 33.13 -2.11 7.20
N ARG C 1021 32.42 -1.30 7.99
CA ARG C 1021 33.07 -0.54 9.04
C ARG C 1021 33.68 -1.44 10.09
N ALA C 1022 32.97 -2.50 10.47
CA ALA C 1022 33.52 -3.43 11.44
C ALA C 1022 34.79 -4.09 10.90
N SER C 1023 34.76 -4.52 9.64
CA SER C 1023 35.95 -5.12 9.05
C SER C 1023 37.09 -4.12 8.96
N ALA C 1024 36.78 -2.88 8.62
CA ALA C 1024 37.81 -1.84 8.55
C ALA C 1024 38.43 -1.57 9.91
N ASN C 1025 37.60 -1.53 10.96
CA ASN C 1025 38.14 -1.34 12.30
C ASN C 1025 39.04 -2.50 12.70
N LEU C 1026 38.62 -3.73 12.40
CA LEU C 1026 39.47 -4.87 12.71
C LEU C 1026 40.78 -4.80 11.94
N ALA C 1027 40.72 -4.44 10.66
CA ALA C 1027 41.93 -4.34 9.84
C ALA C 1027 42.86 -3.25 10.36
N ALA C 1028 42.31 -2.11 10.76
CA ALA C 1028 43.14 -1.03 11.31
C ALA C 1028 43.81 -1.47 12.59
N THR C 1029 43.07 -2.14 13.47
CA THR C 1029 43.69 -2.62 14.70
C THR C 1029 44.79 -3.63 14.39
N LYS C 1030 44.53 -4.56 13.47
CA LYS C 1030 45.53 -5.55 13.11
C LYS C 1030 46.77 -4.91 12.51
N MET C 1031 46.61 -3.96 11.59
CA MET C 1031 47.78 -3.28 11.04
C MET C 1031 48.57 -2.60 12.15
N SER C 1032 47.89 -1.81 12.99
CA SER C 1032 48.60 -1.05 14.00
C SER C 1032 49.27 -1.95 15.02
N GLU C 1033 48.75 -3.16 15.25
CA GLU C 1033 49.31 -4.02 16.28
C GLU C 1033 50.30 -5.04 15.76
N CYS C 1034 50.27 -5.37 14.47
CA CYS C 1034 51.22 -6.33 13.90
C CYS C 1034 52.33 -5.64 13.12
N VAL C 1035 52.01 -4.56 12.41
CA VAL C 1035 52.99 -3.90 11.56
C VAL C 1035 53.85 -2.94 12.36
N LEU C 1036 53.22 -2.15 13.23
CA LEU C 1036 53.94 -1.14 14.00
C LEU C 1036 54.59 -1.70 15.25
N GLY C 1037 54.43 -2.98 15.53
CA GLY C 1037 55.04 -3.56 16.71
C GLY C 1037 55.00 -5.07 16.64
N GLN C 1038 55.35 -5.69 17.76
CA GLN C 1038 55.33 -7.14 17.88
C GLN C 1038 54.24 -7.52 18.85
N SER C 1039 53.39 -8.47 18.45
CA SER C 1039 52.20 -8.84 19.21
C SER C 1039 52.40 -10.17 19.91
N LYS C 1040 52.04 -10.21 21.19
CA LYS C 1040 52.08 -11.43 21.98
C LYS C 1040 50.73 -12.15 22.00
N ARG C 1041 49.71 -11.59 21.36
CA ARG C 1041 48.41 -12.22 21.34
C ARG C 1041 48.43 -13.43 20.42
N VAL C 1042 47.86 -14.54 20.89
CA VAL C 1042 47.93 -15.79 20.15
C VAL C 1042 46.95 -15.75 19.00
N ASP C 1043 47.41 -16.19 17.81
CA ASP C 1043 46.57 -16.32 16.63
C ASP C 1043 45.96 -14.99 16.22
N PHE C 1044 46.63 -13.88 16.53
CA PHE C 1044 46.19 -12.56 16.10
C PHE C 1044 46.94 -12.09 14.87
N CYS C 1045 48.26 -12.02 14.95
CA CYS C 1045 49.10 -11.65 13.81
C CYS C 1045 49.71 -12.94 13.26
N GLY C 1046 48.93 -13.63 12.43
CA GLY C 1046 49.39 -14.86 11.85
C GLY C 1046 49.20 -16.03 12.79
N LYS C 1047 49.68 -17.19 12.35
CA LYS C 1047 49.58 -18.43 13.11
C LYS C 1047 50.97 -18.82 13.56
N GLY C 1048 51.15 -18.94 14.87
CA GLY C 1048 52.45 -19.23 15.46
C GLY C 1048 52.92 -18.10 16.35
N TYR C 1049 54.22 -17.90 16.38
CA TYR C 1049 54.84 -16.82 17.14
C TYR C 1049 55.11 -15.64 16.22
N HIS C 1050 54.45 -14.53 16.49
CA HIS C 1050 54.53 -13.39 15.58
C HIS C 1050 55.90 -12.74 15.64
N LEU C 1051 56.39 -12.35 14.47
CA LEU C 1051 57.63 -11.62 14.30
C LEU C 1051 57.41 -10.22 13.74
N MET C 1052 56.75 -10.11 12.59
CA MET C 1052 56.45 -8.84 11.94
C MET C 1052 55.38 -9.11 10.89
N SER C 1053 54.82 -8.04 10.36
CA SER C 1053 53.77 -8.16 9.37
C SER C 1053 54.04 -7.08 8.32
N PHE C 1054 53.53 -7.32 7.12
CA PHE C 1054 53.69 -6.36 6.04
C PHE C 1054 52.34 -6.06 5.41
N PRO C 1055 52.01 -4.80 5.19
CA PRO C 1055 50.75 -4.46 4.54
C PRO C 1055 50.93 -4.32 3.04
N GLN C 1056 49.87 -4.66 2.32
CA GLN C 1056 49.83 -4.49 0.88
C GLN C 1056 48.48 -3.90 0.51
N SER C 1057 48.48 -3.07 -0.52
CA SER C 1057 47.27 -2.40 -0.93
C SER C 1057 46.50 -3.26 -1.91
N ALA C 1058 45.19 -3.33 -1.72
CA ALA C 1058 44.31 -4.08 -2.58
C ALA C 1058 43.09 -3.24 -2.90
N PRO C 1059 42.43 -3.51 -4.03
CA PRO C 1059 41.23 -2.76 -4.36
C PRO C 1059 40.17 -2.96 -3.29
N HIS C 1060 39.81 -1.87 -2.61
CA HIS C 1060 38.83 -1.90 -1.53
C HIS C 1060 39.23 -2.89 -0.44
N GLY C 1061 40.52 -2.95 -0.12
CA GLY C 1061 40.95 -3.88 0.90
C GLY C 1061 42.43 -3.72 1.18
N VAL C 1062 42.94 -4.63 2.02
CA VAL C 1062 44.35 -4.65 2.40
C VAL C 1062 44.76 -6.09 2.62
N VAL C 1063 46.03 -6.39 2.31
CA VAL C 1063 46.57 -7.74 2.42
C VAL C 1063 47.77 -7.69 3.34
N PHE C 1064 47.79 -8.57 4.34
CA PHE C 1064 48.89 -8.66 5.29
C PHE C 1064 49.71 -9.92 5.06
N LEU C 1065 51.02 -9.78 5.16
CA LEU C 1065 51.94 -10.91 5.11
C LEU C 1065 52.59 -11.04 6.49
N HIS C 1066 52.23 -12.11 7.20
CA HIS C 1066 52.69 -12.33 8.56
C HIS C 1066 53.88 -13.28 8.56
N VAL C 1067 54.93 -12.93 9.29
CA VAL C 1067 56.11 -13.77 9.44
C VAL C 1067 56.08 -14.33 10.86
N THR C 1068 56.16 -15.65 10.97
CA THR C 1068 56.00 -16.33 12.24
C THR C 1068 57.16 -17.30 12.44
N TYR C 1069 57.27 -17.79 13.66
CA TYR C 1069 58.33 -18.69 14.08
C TYR C 1069 57.70 -20.00 14.52
N VAL C 1070 58.02 -21.08 13.81
CA VAL C 1070 57.43 -22.38 14.05
C VAL C 1070 58.56 -23.34 14.42
N PRO C 1071 58.56 -23.91 15.62
CA PRO C 1071 59.59 -24.88 15.98
C PRO C 1071 59.40 -26.19 15.23
N ALA C 1072 60.50 -26.94 15.13
CA ALA C 1072 60.50 -28.21 14.42
C ALA C 1072 61.64 -29.05 14.93
N GLN C 1073 61.58 -30.35 14.61
CA GLN C 1073 62.62 -31.31 14.94
C GLN C 1073 62.86 -31.38 16.45
N GLU C 1074 61.81 -31.81 17.16
CA GLU C 1074 61.88 -31.94 18.61
C GLU C 1074 62.60 -33.22 19.00
N LYS C 1075 63.14 -33.22 20.22
CA LYS C 1075 63.83 -34.38 20.78
C LYS C 1075 63.39 -34.62 22.22
N ASN C 1076 63.29 -35.89 22.60
CA ASN C 1076 62.86 -36.25 23.95
C ASN C 1076 64.05 -36.22 24.91
N PHE C 1077 63.75 -35.86 26.16
CA PHE C 1077 64.76 -35.72 27.19
C PHE C 1077 64.20 -36.15 28.53
N THR C 1078 65.09 -36.16 29.52
CA THR C 1078 64.74 -36.42 30.91
C THR C 1078 64.87 -35.13 31.70
N THR C 1079 63.88 -34.85 32.55
CA THR C 1079 63.77 -33.55 33.18
C THR C 1079 63.47 -33.69 34.67
N ALA C 1080 63.85 -32.66 35.42
CA ALA C 1080 63.62 -32.60 36.85
C ALA C 1080 63.20 -31.19 37.23
N PRO C 1081 62.40 -31.05 38.30
CA PRO C 1081 61.95 -29.71 38.70
C PRO C 1081 63.08 -28.95 39.36
N ALA C 1082 63.91 -29.68 40.11
CA ALA C 1082 64.99 -29.09 40.87
C ALA C 1082 66.09 -30.12 41.03
N ILE C 1083 67.27 -29.66 41.43
CA ILE C 1083 68.45 -30.49 41.58
C ILE C 1083 69.01 -30.27 42.98
N CYS C 1084 69.31 -31.36 43.67
CA CYS C 1084 69.86 -31.28 45.01
C CYS C 1084 71.35 -31.55 44.93
N HIS C 1085 72.14 -30.63 45.48
CA HIS C 1085 73.59 -30.71 45.42
C HIS C 1085 74.21 -30.92 46.79
N ASP C 1086 73.93 -30.03 47.74
CA ASP C 1086 74.49 -30.06 49.07
C ASP C 1086 73.40 -29.90 50.12
N GLY C 1087 72.32 -30.67 49.97
CA GLY C 1087 71.17 -30.47 50.81
C GLY C 1087 70.39 -29.23 50.48
N LYS C 1088 70.53 -28.72 49.27
CA LYS C 1088 69.87 -27.51 48.82
C LYS C 1088 69.20 -27.75 47.48
N ALA C 1089 68.08 -27.06 47.25
CA ALA C 1089 67.32 -27.20 46.02
C ALA C 1089 67.71 -26.06 45.08
N HIS C 1090 67.96 -26.41 43.82
CA HIS C 1090 68.35 -25.46 42.80
C HIS C 1090 67.28 -25.39 41.73
N PHE C 1091 66.91 -24.17 41.34
CA PHE C 1091 65.89 -23.94 40.34
C PHE C 1091 66.46 -23.13 39.19
N PRO C 1092 66.00 -23.39 37.96
CA PRO C 1092 66.54 -22.65 36.81
C PRO C 1092 66.15 -21.18 36.88
N ARG C 1093 67.00 -20.35 36.29
CA ARG C 1093 66.73 -18.91 36.25
C ARG C 1093 65.66 -18.59 35.21
N GLU C 1094 65.95 -18.85 33.94
CA GLU C 1094 65.00 -18.70 32.86
C GLU C 1094 65.11 -19.88 31.90
N GLY C 1095 65.27 -21.07 32.46
CA GLY C 1095 65.43 -22.26 31.63
C GLY C 1095 64.75 -23.49 32.18
N VAL C 1096 65.07 -24.64 31.60
CA VAL C 1096 64.54 -25.92 32.02
C VAL C 1096 65.70 -26.86 32.28
N PHE C 1097 65.44 -27.91 33.04
CA PHE C 1097 66.42 -28.94 33.30
C PHE C 1097 66.13 -30.13 32.40
N VAL C 1098 67.12 -30.52 31.60
CA VAL C 1098 66.94 -31.62 30.66
C VAL C 1098 68.12 -32.57 30.81
N SER C 1099 67.92 -33.80 30.36
CA SER C 1099 68.98 -34.79 30.45
C SER C 1099 68.94 -35.70 29.23
N ASN C 1100 70.11 -35.89 28.63
CA ASN C 1100 70.29 -36.80 27.51
C ASN C 1100 70.57 -38.21 28.01
N GLY C 1101 70.58 -38.39 29.32
CA GLY C 1101 70.77 -39.68 29.96
C GLY C 1101 71.74 -39.54 31.11
N THR C 1102 72.91 -40.17 30.99
CA THR C 1102 73.94 -40.10 32.03
C THR C 1102 74.10 -38.70 32.62
N HIS C 1103 74.20 -37.68 31.79
CA HIS C 1103 74.45 -36.33 32.26
C HIS C 1103 73.20 -35.47 32.25
N TRP C 1104 73.30 -34.34 32.94
CA TRP C 1104 72.24 -33.33 33.07
C TRP C 1104 72.73 -31.99 32.55
N PHE C 1105 71.88 -31.31 31.79
CA PHE C 1105 72.22 -30.02 31.23
C PHE C 1105 71.07 -29.04 31.45
N VAL C 1106 71.35 -27.77 31.19
CA VAL C 1106 70.36 -26.70 31.26
C VAL C 1106 70.29 -26.00 29.91
N THR C 1107 69.07 -25.78 29.44
CA THR C 1107 68.84 -25.18 28.12
C THR C 1107 67.59 -24.33 28.18
N GLN C 1108 67.48 -23.40 27.23
CA GLN C 1108 66.27 -22.60 27.12
C GLN C 1108 65.11 -23.47 26.64
N ARG C 1109 63.90 -23.05 27.00
CA ARG C 1109 62.73 -23.89 26.81
C ARG C 1109 62.15 -23.84 25.41
N ASN C 1110 62.68 -22.97 24.53
CA ASN C 1110 62.14 -22.86 23.18
C ASN C 1110 63.15 -23.30 22.12
N PHE C 1111 64.35 -23.69 22.50
CA PHE C 1111 65.36 -24.14 21.56
C PHE C 1111 66.38 -24.97 22.32
N TYR C 1112 66.84 -26.05 21.71
CA TYR C 1112 67.78 -26.94 22.39
C TYR C 1112 69.17 -26.35 22.35
N GLU C 1113 69.69 -26.01 23.53
CA GLU C 1113 71.04 -25.48 23.68
C GLU C 1113 71.52 -25.88 25.05
N PRO C 1114 71.98 -27.12 25.21
CA PRO C 1114 72.37 -27.60 26.54
C PRO C 1114 73.58 -26.86 27.08
N GLN C 1115 73.61 -26.75 28.41
CA GLN C 1115 74.69 -26.06 29.09
C GLN C 1115 74.92 -26.75 30.42
N ILE C 1116 76.12 -26.55 30.97
CA ILE C 1116 76.44 -27.14 32.25
C ILE C 1116 75.72 -26.38 33.35
N ILE C 1117 75.13 -27.12 34.28
CA ILE C 1117 74.37 -26.49 35.37
C ILE C 1117 75.38 -26.00 36.40
N THR C 1118 75.52 -24.67 36.49
CA THR C 1118 76.41 -24.02 37.44
C THR C 1118 75.59 -23.14 38.38
N THR C 1119 76.29 -22.42 39.26
CA THR C 1119 75.61 -21.53 40.19
C THR C 1119 75.09 -20.28 39.50
N ASP C 1120 75.58 -19.97 38.30
CA ASP C 1120 75.10 -18.82 37.55
C ASP C 1120 73.90 -19.15 36.67
N ASN C 1121 73.53 -20.43 36.58
CA ASN C 1121 72.38 -20.85 35.80
C ASN C 1121 71.18 -21.16 36.68
N THR C 1122 71.38 -21.26 37.99
CA THR C 1122 70.35 -21.63 38.93
C THR C 1122 70.38 -20.71 40.13
N PHE C 1123 69.30 -20.75 40.90
CA PHE C 1123 69.23 -20.03 42.16
C PHE C 1123 68.75 -21.00 43.25
N VAL C 1124 69.20 -20.75 44.47
CA VAL C 1124 68.98 -21.67 45.59
C VAL C 1124 67.83 -21.14 46.43
N SER C 1125 66.92 -22.03 46.80
CA SER C 1125 65.80 -21.68 47.67
C SER C 1125 65.29 -22.95 48.30
N GLY C 1126 65.45 -23.08 49.61
CA GLY C 1126 64.89 -24.20 50.34
C GLY C 1126 65.88 -25.35 50.51
N ASN C 1127 65.32 -26.51 50.83
CA ASN C 1127 66.05 -27.74 51.06
C ASN C 1127 65.55 -28.81 50.08
N CYS C 1128 66.02 -30.04 50.28
CA CYS C 1128 65.79 -31.12 49.33
C CYS C 1128 64.72 -32.10 49.83
N ASP C 1129 63.70 -31.63 50.54
CA ASP C 1129 62.64 -32.53 50.97
C ASP C 1129 61.25 -31.92 50.83
N VAL C 1130 61.08 -30.89 50.00
CA VAL C 1130 59.78 -30.29 49.78
C VAL C 1130 59.36 -30.30 48.31
N VAL C 1131 60.29 -30.46 47.38
CA VAL C 1131 59.99 -30.49 45.96
C VAL C 1131 59.85 -31.93 45.51
N ILE C 1132 58.78 -32.22 44.79
CA ILE C 1132 58.50 -33.58 44.32
C ILE C 1132 59.24 -33.79 43.00
N GLY C 1133 60.17 -34.73 43.00
CA GLY C 1133 60.92 -35.08 41.81
C GLY C 1133 62.33 -34.53 41.74
N ILE C 1134 62.88 -34.04 42.85
CA ILE C 1134 64.22 -33.48 42.82
C ILE C 1134 65.23 -34.60 42.58
N VAL C 1135 66.34 -34.26 41.95
CA VAL C 1135 67.33 -35.24 41.53
C VAL C 1135 68.68 -34.80 42.08
N ASN C 1136 69.40 -35.73 42.70
CA ASN C 1136 70.72 -35.42 43.21
C ASN C 1136 71.68 -35.21 42.04
N ASN C 1137 72.49 -34.17 42.14
CA ASN C 1137 73.51 -33.88 41.15
C ASN C 1137 74.53 -32.92 41.76
N THR C 1138 75.40 -32.39 40.92
CA THR C 1138 76.42 -31.46 41.37
C THR C 1138 76.32 -30.15 40.59
N VAL C 1139 76.65 -29.06 41.27
CA VAL C 1139 76.65 -27.72 40.68
C VAL C 1139 78.08 -27.20 40.75
N TYR C 1140 78.63 -26.83 39.60
CA TYR C 1140 80.01 -26.40 39.53
C TYR C 1140 80.17 -24.94 39.95
N ASP C 1141 81.20 -24.68 40.76
CA ASP C 1141 81.52 -23.33 41.21
C ASP C 1141 82.60 -22.76 40.31
N PRO C 1142 82.32 -21.68 39.57
CA PRO C 1142 83.31 -21.18 38.60
C PRO C 1142 84.35 -20.23 39.15
N LEU C 1143 84.51 -20.15 40.48
CA LEU C 1143 85.43 -19.19 41.07
C LEU C 1143 86.56 -19.84 41.85
N GLN C 1144 86.26 -20.80 42.71
CA GLN C 1144 87.23 -21.38 43.62
C GLN C 1144 88.32 -22.26 42.99
N PRO C 1145 88.02 -23.12 42.01
CA PRO C 1145 89.04 -24.12 41.63
C PRO C 1145 90.22 -23.54 40.88
N GLU C 1146 89.99 -22.62 39.94
CA GLU C 1146 91.07 -22.05 39.16
C GLU C 1146 91.62 -20.77 39.77
N LEU C 1147 90.76 -19.88 40.26
CA LEU C 1147 91.22 -18.61 40.86
C LEU C 1147 91.37 -18.78 42.37
N ASP C 1148 92.25 -19.72 42.74
CA ASP C 1148 92.53 -20.04 44.13
C ASP C 1148 93.77 -19.35 44.66
N SER C 1149 94.35 -18.44 43.90
CA SER C 1149 95.56 -17.72 44.33
C SER C 1149 95.27 -16.83 45.52
N GLN D 1 -77.60 10.85 -7.27
CA GLN D 1 -77.79 12.27 -7.58
C GLN D 1 -77.54 12.55 -9.06
N VAL D 2 -76.81 11.65 -9.72
CA VAL D 2 -76.48 11.82 -11.13
C VAL D 2 -77.73 11.63 -11.97
N GLN D 3 -77.87 12.44 -13.01
CA GLN D 3 -78.98 12.35 -13.94
C GLN D 3 -78.46 11.98 -15.33
N LEU D 4 -79.28 11.24 -16.06
CA LEU D 4 -78.92 10.74 -17.38
C LEU D 4 -79.93 11.21 -18.42
N VAL D 5 -79.49 11.26 -19.67
CA VAL D 5 -80.34 11.68 -20.79
C VAL D 5 -80.15 10.69 -21.92
N GLU D 6 -81.26 10.13 -22.41
CA GLU D 6 -81.25 9.24 -23.56
C GLU D 6 -81.81 9.96 -24.78
N SER D 7 -81.13 9.82 -25.91
CA SER D 7 -81.54 10.47 -27.14
C SER D 7 -81.03 9.65 -28.33
N GLY D 8 -81.46 10.05 -29.52
CA GLY D 8 -81.07 9.38 -30.74
C GLY D 8 -82.13 8.47 -31.33
N GLY D 9 -83.17 8.14 -30.56
CA GLY D 9 -84.24 7.31 -31.08
C GLY D 9 -85.15 8.07 -32.04
N GLY D 10 -85.93 7.30 -32.78
CA GLY D 10 -86.84 7.90 -33.74
C GLY D 10 -87.47 6.84 -34.63
N LEU D 11 -88.01 7.29 -35.76
CA LEU D 11 -88.67 6.42 -36.72
C LEU D 11 -87.62 5.90 -37.70
N VAL D 12 -87.34 4.60 -37.64
CA VAL D 12 -86.39 3.96 -38.55
C VAL D 12 -87.04 2.75 -39.18
N GLN D 13 -86.56 2.38 -40.35
CA GLN D 13 -87.08 1.23 -41.08
C GLN D 13 -86.45 -0.06 -40.56
N PRO D 14 -87.12 -1.20 -40.74
CA PRO D 14 -86.52 -2.48 -40.36
C PRO D 14 -85.21 -2.71 -41.10
N GLY D 15 -84.25 -3.30 -40.40
CA GLY D 15 -82.92 -3.51 -40.94
C GLY D 15 -82.02 -2.30 -40.87
N GLY D 16 -82.48 -1.20 -40.30
CA GLY D 16 -81.69 0.01 -40.19
C GLY D 16 -80.76 -0.03 -38.99
N SER D 17 -80.12 1.12 -38.74
CA SER D 17 -79.18 1.27 -37.66
C SER D 17 -79.47 2.54 -36.88
N LEU D 18 -79.12 2.52 -35.59
CA LEU D 18 -79.32 3.67 -34.72
C LEU D 18 -78.18 3.73 -33.73
N THR D 19 -77.95 4.92 -33.18
CA THR D 19 -76.88 5.16 -32.21
C THR D 19 -77.44 6.04 -31.09
N LEU D 20 -77.69 5.43 -29.93
CA LEU D 20 -78.16 6.17 -28.78
C LEU D 20 -77.00 6.75 -27.98
N SER D 21 -77.34 7.61 -27.02
CA SER D 21 -76.34 8.22 -26.16
C SER D 21 -76.96 8.46 -24.79
N CYS D 22 -76.20 8.16 -23.74
CA CYS D 22 -76.62 8.35 -22.36
C CYS D 22 -75.72 9.41 -21.74
N VAL D 23 -76.12 10.67 -21.88
CA VAL D 23 -75.31 11.80 -21.41
C VAL D 23 -75.50 11.95 -19.91
N ALA D 24 -74.40 11.92 -19.16
CA ALA D 24 -74.41 12.15 -17.72
C ALA D 24 -73.90 13.56 -17.42
N SER D 25 -74.52 14.20 -16.45
CA SER D 25 -74.16 15.56 -16.05
CA SER D 25 -74.16 15.56 -16.05
C SER D 25 -74.03 15.64 -14.55
N GLU D 26 -73.19 16.59 -14.10
CA GLU D 26 -72.97 16.91 -12.69
C GLU D 26 -72.17 15.81 -11.98
N SER D 27 -71.94 14.69 -12.67
CA SER D 27 -71.20 13.58 -12.08
C SER D 27 -70.37 12.90 -13.15
N SER D 28 -69.36 12.14 -12.70
CA SER D 28 -68.47 11.41 -13.58
C SER D 28 -68.82 9.92 -13.54
N LEU D 29 -69.00 9.32 -14.71
CA LEU D 29 -69.34 7.92 -14.84
C LEU D 29 -68.11 7.03 -15.05
N ALA D 30 -66.91 7.61 -14.99
CA ALA D 30 -65.70 6.83 -15.27
C ALA D 30 -65.50 5.66 -14.32
N PRO D 31 -65.59 5.80 -12.99
CA PRO D 31 -65.39 4.66 -12.11
C PRO D 31 -66.63 3.81 -11.88
N TYR D 32 -67.69 3.99 -12.67
CA TYR D 32 -68.96 3.33 -12.44
C TYR D 32 -69.45 2.63 -13.70
N ARG D 33 -70.20 1.56 -13.51
CA ARG D 33 -70.77 0.81 -14.61
C ARG D 33 -72.06 1.45 -15.10
N VAL D 34 -72.32 1.30 -16.39
CA VAL D 34 -73.52 1.84 -17.02
C VAL D 34 -74.23 0.71 -17.76
N ALA D 35 -75.56 0.69 -17.65
CA ALA D 35 -76.37 -0.33 -18.31
C ALA D 35 -77.47 0.32 -19.12
N TRP D 36 -77.85 -0.34 -20.21
CA TRP D 36 -78.93 0.10 -21.08
C TRP D 36 -80.14 -0.80 -20.87
N PHE D 37 -81.32 -0.17 -20.77
CA PHE D 37 -82.57 -0.88 -20.60
C PHE D 37 -83.57 -0.36 -21.61
N ARG D 38 -84.49 -1.23 -22.03
CA ARG D 38 -85.59 -0.83 -22.89
C ARG D 38 -86.89 -1.35 -22.31
N GLN D 39 -87.96 -0.57 -22.50
CA GLN D 39 -89.26 -0.92 -21.93
C GLN D 39 -90.34 -0.43 -22.90
N ALA D 40 -90.79 -1.33 -23.77
CA ALA D 40 -91.99 -1.03 -24.54
C ALA D 40 -93.22 -1.18 -23.66
N PRO D 41 -94.28 -0.42 -23.93
CA PRO D 41 -95.49 -0.54 -23.10
C PRO D 41 -96.07 -1.95 -23.16
N GLY D 42 -96.54 -2.42 -22.02
CA GLY D 42 -97.11 -3.74 -21.88
C GLY D 42 -96.20 -4.78 -21.26
N LYS D 43 -94.90 -4.52 -21.19
CA LYS D 43 -93.95 -5.47 -20.64
C LYS D 43 -93.01 -4.76 -19.66
N GLU D 44 -92.49 -5.54 -18.71
CA GLU D 44 -91.63 -5.01 -17.67
C GLU D 44 -90.28 -4.60 -18.25
N ARG D 45 -89.61 -3.68 -17.56
CA ARG D 45 -88.27 -3.26 -17.94
C ARG D 45 -87.33 -4.46 -17.99
N GLU D 46 -86.56 -4.56 -19.07
CA GLU D 46 -85.61 -5.64 -19.26
C GLU D 46 -84.25 -5.08 -19.62
N GLY D 47 -83.21 -5.81 -19.23
CA GLY D 47 -81.86 -5.41 -19.58
C GLY D 47 -81.59 -5.56 -21.06
N VAL D 48 -80.66 -4.75 -21.55
CA VAL D 48 -80.22 -4.78 -22.94
C VAL D 48 -78.71 -4.95 -23.04
N SER D 49 -77.96 -4.07 -22.38
CA SER D 49 -76.51 -4.13 -22.42
C SER D 49 -75.97 -3.54 -21.13
N CYS D 50 -74.75 -3.96 -20.77
CA CYS D 50 -74.11 -3.49 -19.54
C CYS D 50 -72.62 -3.32 -19.78
N ILE D 51 -72.14 -2.09 -19.62
CA ILE D 51 -70.72 -1.80 -19.71
C ILE D 51 -70.20 -1.47 -18.32
N SER D 52 -68.96 -1.88 -18.06
CA SER D 52 -68.35 -1.70 -16.75
C SER D 52 -67.45 -0.47 -16.75
N ARG D 53 -66.84 -0.21 -15.59
CA ARG D 53 -65.97 0.96 -15.47
C ARG D 53 -64.67 0.77 -16.25
N ASP D 54 -64.23 -0.46 -16.45
CA ASP D 54 -63.02 -0.73 -17.21
C ASP D 54 -63.27 -0.85 -18.71
N ALA D 55 -64.54 -0.94 -19.13
CA ALA D 55 -64.90 -1.04 -20.55
C ALA D 55 -64.18 -2.21 -21.23
N HIS D 56 -64.09 -3.33 -20.52
CA HIS D 56 -63.43 -4.50 -21.07
C HIS D 56 -64.45 -5.47 -21.66
N PRO D 57 -64.09 -6.17 -22.74
CA PRO D 57 -65.02 -7.16 -23.31
C PRO D 57 -65.42 -8.25 -22.33
N THR D 58 -64.52 -8.65 -21.44
CA THR D 58 -64.87 -9.61 -20.40
C THR D 58 -65.94 -9.05 -19.47
N SER D 59 -65.83 -7.77 -19.13
CA SER D 59 -66.81 -7.09 -18.30
C SER D 59 -67.94 -6.46 -19.12
N THR D 60 -67.93 -6.68 -20.44
CA THR D 60 -68.97 -6.17 -21.32
C THR D 60 -70.04 -7.25 -21.50
N TYR D 61 -71.29 -6.90 -21.17
CA TYR D 61 -72.38 -7.87 -21.16
C TYR D 61 -73.54 -7.37 -22.01
N TYR D 62 -74.03 -8.22 -22.89
CA TYR D 62 -75.24 -7.97 -23.67
C TYR D 62 -76.24 -9.08 -23.40
N THR D 63 -77.52 -8.76 -23.55
CA THR D 63 -78.56 -9.76 -23.42
CA THR D 63 -78.57 -9.76 -23.43
C THR D 63 -78.63 -10.62 -24.70
N ALA D 64 -79.32 -11.76 -24.58
CA ALA D 64 -79.37 -12.70 -25.69
C ALA D 64 -80.00 -12.09 -26.94
N SER D 65 -81.06 -11.29 -26.76
CA SER D 65 -81.77 -10.74 -27.90
C SER D 65 -80.96 -9.72 -28.69
N VAL D 66 -79.90 -9.16 -28.10
CA VAL D 66 -79.11 -8.12 -28.73
C VAL D 66 -77.69 -8.55 -29.04
N LYS D 67 -77.33 -9.81 -28.78
CA LYS D 67 -75.97 -10.27 -29.06
C LYS D 67 -75.71 -10.25 -30.56
N GLY D 68 -74.57 -9.67 -30.93
CA GLY D 68 -74.17 -9.60 -32.32
C GLY D 68 -74.74 -8.45 -33.10
N ARG D 69 -75.63 -7.65 -32.51
CA ARG D 69 -76.25 -6.52 -33.19
C ARG D 69 -76.07 -5.21 -32.45
N PHE D 70 -76.13 -5.22 -31.12
CA PHE D 70 -76.01 -4.02 -30.32
C PHE D 70 -74.59 -3.90 -29.78
N THR D 71 -74.04 -2.69 -29.81
CA THR D 71 -72.69 -2.44 -29.35
C THR D 71 -72.66 -1.14 -28.55
N MET D 72 -71.81 -1.11 -27.52
CA MET D 72 -71.64 0.08 -26.70
C MET D 72 -70.19 0.56 -26.79
N SER D 73 -69.99 1.80 -26.37
CA SER D 73 -68.65 2.34 -26.19
C SER D 73 -68.78 3.62 -25.37
N ARG D 74 -68.03 3.70 -24.28
CA ARG D 74 -68.11 4.83 -23.35
C ARG D 74 -66.92 5.75 -23.55
N ASP D 75 -67.20 7.05 -23.64
CA ASP D 75 -66.19 8.09 -23.74
C ASP D 75 -66.14 8.81 -22.40
N ASN D 76 -65.03 8.65 -21.68
CA ASN D 76 -64.96 9.12 -20.30
C ASN D 76 -64.81 10.64 -20.21
N ALA D 77 -64.16 11.25 -21.20
CA ALA D 77 -63.99 12.71 -21.16
C ALA D 77 -65.32 13.43 -21.25
N LYS D 78 -66.20 12.98 -22.14
CA LYS D 78 -67.53 13.57 -22.28
C LYS D 78 -68.52 13.00 -21.28
N ASN D 79 -68.18 11.88 -20.63
CA ASN D 79 -69.04 11.22 -19.64
C ASN D 79 -70.37 10.81 -20.26
N THR D 80 -70.27 9.95 -21.27
CA THR D 80 -71.44 9.47 -22.02
C THR D 80 -71.14 8.07 -22.53
N VAL D 81 -72.19 7.25 -22.63
CA VAL D 81 -72.10 5.93 -23.22
C VAL D 81 -73.10 5.86 -24.36
N TYR D 82 -72.81 5.01 -25.34
CA TYR D 82 -73.70 4.81 -26.47
C TYR D 82 -74.29 3.41 -26.45
N LEU D 83 -75.29 3.21 -27.30
CA LEU D 83 -75.86 1.90 -27.60
C LEU D 83 -76.04 1.86 -29.12
N GLN D 84 -75.01 1.39 -29.82
CA GLN D 84 -75.07 1.34 -31.28
C GLN D 84 -75.92 0.15 -31.72
N MET D 85 -76.96 0.44 -32.50
CA MET D 85 -77.83 -0.59 -33.04
C MET D 85 -77.44 -0.87 -34.48
N ASN D 86 -77.28 -2.15 -34.80
CA ASN D 86 -77.05 -2.61 -36.16
C ASN D 86 -78.09 -3.66 -36.50
N SER D 87 -78.73 -3.51 -37.66
CA SER D 87 -79.80 -4.42 -38.09
C SER D 87 -80.93 -4.45 -37.07
N LEU D 88 -81.60 -3.31 -36.92
CA LEU D 88 -82.72 -3.21 -36.01
C LEU D 88 -83.90 -4.03 -36.50
N LYS D 89 -84.56 -4.73 -35.58
CA LYS D 89 -85.81 -5.44 -35.83
C LYS D 89 -86.99 -4.69 -35.23
N PRO D 90 -88.20 -4.92 -35.75
CA PRO D 90 -89.38 -4.30 -35.12
C PRO D 90 -89.58 -4.70 -33.67
N SER D 91 -89.09 -5.87 -33.27
CA SER D 91 -89.18 -6.26 -31.86
C SER D 91 -88.36 -5.35 -30.96
N ASP D 92 -87.35 -4.68 -31.50
CA ASP D 92 -86.55 -3.74 -30.72
C ASP D 92 -87.26 -2.43 -30.45
N THR D 93 -88.45 -2.22 -31.02
CA THR D 93 -89.19 -0.98 -30.80
C THR D 93 -89.60 -0.89 -29.35
N ALA D 94 -88.93 0.00 -28.60
CA ALA D 94 -89.19 0.17 -27.18
C ALA D 94 -88.60 1.50 -26.75
N VAL D 95 -88.96 1.93 -25.54
CA VAL D 95 -88.40 3.12 -24.93
C VAL D 95 -87.10 2.70 -24.23
N TYR D 96 -85.97 3.20 -24.72
CA TYR D 96 -84.68 2.77 -24.22
C TYR D 96 -84.21 3.69 -23.09
N TYR D 97 -83.87 3.09 -21.96
CA TYR D 97 -83.38 3.81 -20.80
C TYR D 97 -81.96 3.38 -20.47
N CYS D 98 -81.21 4.27 -19.85
CA CYS D 98 -79.88 3.97 -19.35
C CYS D 98 -79.85 4.22 -17.85
N ALA D 99 -79.19 3.31 -17.12
CA ALA D 99 -79.12 3.41 -15.67
C ALA D 99 -77.69 3.12 -15.22
N THR D 100 -77.30 3.78 -14.13
CA THR D 100 -75.97 3.62 -13.57
C THR D 100 -76.08 3.63 -12.04
N ASP D 101 -75.06 3.07 -11.40
CA ASP D 101 -75.00 3.03 -9.93
C ASP D 101 -73.56 3.29 -9.51
N LEU D 102 -73.28 3.06 -8.23
CA LEU D 102 -71.92 3.19 -7.73
C LEU D 102 -71.06 1.97 -8.01
N GLY D 103 -71.67 0.88 -8.48
CA GLY D 103 -70.88 -0.27 -8.89
C GLY D 103 -70.05 0.02 -10.13
N GLY D 104 -68.99 -0.76 -10.29
CA GLY D 104 -68.07 -0.51 -11.38
C GLY D 104 -68.00 -1.61 -12.42
N TYR D 105 -68.48 -2.81 -12.08
CA TYR D 105 -68.37 -3.96 -12.97
C TYR D 105 -69.72 -4.65 -13.09
N CYS D 106 -70.13 -4.91 -14.33
CA CYS D 106 -71.36 -5.62 -14.60
C CYS D 106 -71.14 -7.13 -14.46
N SER D 107 -72.23 -7.88 -14.65
CA SER D 107 -72.18 -9.33 -14.75
C SER D 107 -73.19 -9.74 -15.82
N ASP D 108 -73.37 -11.05 -16.00
CA ASP D 108 -74.36 -11.53 -16.94
C ASP D 108 -75.77 -11.16 -16.51
N SER D 109 -76.00 -11.01 -15.20
CA SER D 109 -77.32 -10.69 -14.68
C SER D 109 -77.27 -9.59 -13.63
N ASN D 110 -76.23 -8.75 -13.64
CA ASN D 110 -76.09 -7.66 -12.69
C ASN D 110 -75.87 -6.36 -13.45
N TYR D 111 -76.92 -5.55 -13.54
CA TYR D 111 -76.89 -4.28 -14.24
C TYR D 111 -77.21 -3.15 -13.27
N PRO D 112 -76.50 -2.02 -13.35
CA PRO D 112 -76.88 -0.86 -12.54
C PRO D 112 -78.28 -0.37 -12.89
N ARG D 113 -79.03 0.02 -11.87
CA ARG D 113 -80.42 0.41 -12.05
C ARG D 113 -80.83 1.59 -11.19
N ALA D 114 -79.89 2.42 -10.75
CA ALA D 114 -80.19 3.43 -9.74
C ALA D 114 -80.81 4.69 -10.35
N TRP D 115 -80.05 5.38 -11.18
CA TRP D 115 -80.48 6.66 -11.73
C TRP D 115 -80.81 6.49 -13.20
N TRP D 116 -82.07 6.76 -13.55
CA TRP D 116 -82.57 6.54 -14.89
C TRP D 116 -82.81 7.88 -15.58
N GLY D 117 -82.55 7.90 -16.89
CA GLY D 117 -82.88 9.05 -17.69
C GLY D 117 -84.33 9.04 -18.11
N GLN D 118 -84.71 10.09 -18.85
CA GLN D 118 -86.08 10.18 -19.35
C GLN D 118 -86.39 9.11 -20.38
N GLY D 119 -85.37 8.52 -21.01
CA GLY D 119 -85.57 7.52 -22.02
C GLY D 119 -85.73 8.10 -23.40
N THR D 120 -85.48 7.26 -24.41
CA THR D 120 -85.64 7.64 -25.80
C THR D 120 -86.51 6.60 -26.51
N GLN D 121 -87.34 7.07 -27.44
CA GLN D 121 -88.24 6.20 -28.17
C GLN D 121 -87.57 5.74 -29.45
N VAL D 122 -87.29 4.44 -29.54
CA VAL D 122 -86.76 3.83 -30.74
C VAL D 122 -87.89 3.06 -31.41
N THR D 123 -88.26 3.48 -32.61
CA THR D 123 -89.36 2.88 -33.35
C THR D 123 -88.82 2.26 -34.62
N VAL D 124 -89.12 0.97 -34.83
CA VAL D 124 -88.68 0.27 -36.03
C VAL D 124 -89.90 -0.09 -36.87
N SER D 125 -90.25 0.78 -37.82
CA SER D 125 -91.41 0.57 -38.66
C SER D 125 -91.24 1.39 -39.93
N SER D 126 -92.06 1.07 -40.93
CA SER D 126 -92.02 1.76 -42.21
C SER D 126 -92.46 3.22 -42.06
N GLN E 1 -54.97 -17.33 -39.91
CA GLN E 1 -55.68 -17.90 -38.76
C GLN E 1 -56.46 -16.82 -38.00
N VAL E 2 -56.05 -15.56 -38.20
CA VAL E 2 -56.70 -14.45 -37.52
C VAL E 2 -57.97 -14.06 -38.26
N GLN E 3 -59.03 -13.79 -37.51
CA GLN E 3 -60.29 -13.33 -38.06
C GLN E 3 -60.57 -11.91 -37.57
N LEU E 4 -61.18 -11.12 -38.44
CA LEU E 4 -61.47 -9.73 -38.15
C LEU E 4 -62.97 -9.47 -38.25
N VAL E 5 -63.45 -8.52 -37.45
CA VAL E 5 -64.86 -8.17 -37.41
C VAL E 5 -64.98 -6.66 -37.59
N GLU E 6 -65.61 -6.24 -38.68
CA GLU E 6 -65.86 -4.83 -38.94
C GLU E 6 -67.24 -4.43 -38.42
N SER E 7 -67.31 -3.26 -37.80
CA SER E 7 -68.56 -2.80 -37.21
C SER E 7 -68.54 -1.27 -37.16
N GLY E 8 -69.72 -0.69 -36.93
CA GLY E 8 -69.89 0.74 -36.82
C GLY E 8 -70.48 1.40 -38.04
N GLY E 9 -70.53 0.71 -39.18
CA GLY E 9 -71.10 1.29 -40.37
C GLY E 9 -72.61 1.40 -40.30
N GLY E 10 -73.16 2.27 -41.15
CA GLY E 10 -74.59 2.46 -41.17
C GLY E 10 -74.95 3.63 -42.07
N LEU E 11 -76.24 3.98 -42.03
CA LEU E 11 -76.75 5.08 -42.84
C LEU E 11 -76.43 6.41 -42.16
N VAL E 12 -75.74 7.29 -42.89
CA VAL E 12 -75.42 8.62 -42.41
C VAL E 12 -75.77 9.63 -43.49
N GLN E 13 -76.03 10.86 -43.06
CA GLN E 13 -76.28 11.94 -43.99
C GLN E 13 -74.96 12.46 -44.56
N PRO E 14 -75.00 13.13 -45.72
CA PRO E 14 -73.77 13.69 -46.28
C PRO E 14 -73.09 14.65 -45.30
N GLY E 15 -71.77 14.56 -45.23
CA GLY E 15 -71.02 15.33 -44.25
C GLY E 15 -71.04 14.76 -42.86
N GLY E 16 -71.53 13.53 -42.68
CA GLY E 16 -71.64 12.93 -41.36
C GLY E 16 -70.35 12.34 -40.86
N SER E 17 -70.44 11.71 -39.70
CA SER E 17 -69.29 11.11 -39.03
C SER E 17 -69.65 9.74 -38.50
N LEU E 18 -68.62 8.92 -38.31
CA LEU E 18 -68.77 7.56 -37.81
C LEU E 18 -67.42 7.10 -37.29
N THR E 19 -67.35 5.82 -36.89
CA THR E 19 -66.10 5.21 -36.45
C THR E 19 -66.22 3.71 -36.66
N LEU E 20 -65.36 3.15 -37.51
CA LEU E 20 -65.38 1.73 -37.82
C LEU E 20 -64.36 0.99 -36.97
N SER E 21 -64.80 -0.09 -36.33
CA SER E 21 -63.94 -0.90 -35.48
C SER E 21 -63.70 -2.25 -36.13
N CYS E 22 -62.43 -2.61 -36.29
CA CYS E 22 -62.03 -3.89 -36.87
C CYS E 22 -61.57 -4.79 -35.72
N VAL E 23 -62.51 -5.51 -35.14
CA VAL E 23 -62.23 -6.34 -33.97
C VAL E 23 -61.39 -7.53 -34.40
N ALA E 24 -60.25 -7.70 -33.74
CA ALA E 24 -59.36 -8.82 -33.98
C ALA E 24 -59.41 -9.78 -32.80
N SER E 25 -59.55 -11.07 -33.10
CA SER E 25 -59.64 -12.11 -32.08
CA SER E 25 -59.64 -12.11 -32.08
C SER E 25 -58.76 -13.29 -32.46
N GLU E 26 -58.37 -14.05 -31.44
CA GLU E 26 -57.57 -15.27 -31.57
C GLU E 26 -56.12 -14.93 -31.92
N SER E 27 -55.84 -13.66 -32.21
CA SER E 27 -54.50 -13.24 -32.57
C SER E 27 -54.30 -11.79 -32.14
N SER E 28 -53.03 -11.38 -32.08
CA SER E 28 -52.66 -10.03 -31.69
C SER E 28 -52.21 -9.28 -32.94
N LEU E 29 -52.78 -8.09 -33.16
CA LEU E 29 -52.47 -7.27 -34.31
C LEU E 29 -51.35 -6.27 -34.05
N ALA E 30 -50.77 -6.26 -32.84
CA ALA E 30 -49.74 -5.29 -32.51
C ALA E 30 -48.50 -5.39 -33.40
N PRO E 31 -47.90 -6.56 -33.63
CA PRO E 31 -46.72 -6.62 -34.48
C PRO E 31 -47.00 -6.68 -35.98
N TYR E 32 -48.25 -6.50 -36.39
CA TYR E 32 -48.64 -6.66 -37.79
C TYR E 32 -49.39 -5.43 -38.28
N ARG E 33 -49.13 -5.06 -39.54
CA ARG E 33 -49.82 -3.94 -40.15
C ARG E 33 -51.28 -4.27 -40.41
N VAL E 34 -52.12 -3.25 -40.33
CA VAL E 34 -53.55 -3.39 -40.58
C VAL E 34 -53.96 -2.36 -41.62
N ALA E 35 -54.76 -2.79 -42.58
CA ALA E 35 -55.24 -1.92 -43.65
C ALA E 35 -56.76 -1.96 -43.70
N TRP E 36 -57.34 -0.86 -44.17
CA TRP E 36 -58.78 -0.73 -44.34
C TRP E 36 -59.12 -0.73 -45.83
N PHE E 37 -60.14 -1.49 -46.19
CA PHE E 37 -60.59 -1.59 -47.58
C PHE E 37 -62.10 -1.37 -47.62
N ARG E 38 -62.58 -0.85 -48.75
CA ARG E 38 -64.00 -0.72 -48.99
C ARG E 38 -64.32 -1.24 -50.38
N GLN E 39 -65.52 -1.83 -50.51
CA GLN E 39 -65.93 -2.41 -51.79
C GLN E 39 -67.43 -2.18 -51.93
N ALA E 40 -67.79 -1.12 -52.63
CA ALA E 40 -69.19 -0.93 -53.01
C ALA E 40 -69.53 -1.86 -54.17
N PRO E 41 -70.80 -2.27 -54.28
CA PRO E 41 -71.18 -3.12 -55.41
C PRO E 41 -70.91 -2.42 -56.74
N GLY E 42 -70.43 -3.20 -57.70
CA GLY E 42 -70.11 -2.69 -59.02
C GLY E 42 -68.65 -2.33 -59.24
N LYS E 43 -67.85 -2.26 -58.18
CA LYS E 43 -66.43 -1.93 -58.30
C LYS E 43 -65.60 -2.87 -57.44
N GLU E 44 -64.34 -3.01 -57.84
CA GLU E 44 -63.40 -3.90 -57.16
C GLU E 44 -63.01 -3.31 -55.80
N ARG E 45 -62.56 -4.20 -54.91
CA ARG E 45 -62.04 -3.79 -53.61
C ARG E 45 -60.91 -2.78 -53.80
N GLU E 46 -60.96 -1.69 -53.04
CA GLU E 46 -60.01 -0.60 -53.18
C GLU E 46 -59.43 -0.26 -51.81
N GLY E 47 -58.12 -0.02 -51.78
CA GLY E 47 -57.45 0.30 -50.54
C GLY E 47 -57.84 1.69 -50.04
N VAL E 48 -58.17 1.75 -48.75
CA VAL E 48 -58.59 3.02 -48.15
C VAL E 48 -57.44 3.59 -47.35
N SER E 49 -56.96 2.85 -46.36
CA SER E 49 -55.93 3.37 -45.48
C SER E 49 -55.20 2.20 -44.84
N CYS E 50 -53.93 2.43 -44.51
CA CYS E 50 -53.09 1.40 -43.94
C CYS E 50 -52.34 1.94 -42.72
N ILE E 51 -52.36 1.19 -41.63
CA ILE E 51 -51.64 1.53 -40.42
C ILE E 51 -50.67 0.40 -40.10
N SER E 52 -49.47 0.76 -39.66
CA SER E 52 -48.40 -0.19 -39.46
C SER E 52 -48.31 -0.60 -37.99
N ARG E 53 -47.35 -1.47 -37.69
CA ARG E 53 -47.17 -1.95 -36.32
C ARG E 53 -46.60 -0.85 -35.42
N ASP E 54 -45.89 0.12 -35.99
CA ASP E 54 -45.30 1.19 -35.20
C ASP E 54 -46.22 2.38 -35.02
N ALA E 55 -47.37 2.41 -35.72
CA ALA E 55 -48.34 3.50 -35.61
C ALA E 55 -47.68 4.86 -35.84
N HIS E 56 -46.79 4.91 -36.82
CA HIS E 56 -46.05 6.11 -37.16
C HIS E 56 -46.61 6.74 -38.43
N PRO E 57 -46.82 8.06 -38.47
CA PRO E 57 -47.43 8.66 -39.66
C PRO E 57 -46.57 8.53 -40.91
N THR E 58 -45.26 8.31 -40.76
CA THR E 58 -44.47 7.91 -41.91
C THR E 58 -44.91 6.54 -42.42
N SER E 59 -45.24 5.63 -41.50
CA SER E 59 -45.73 4.31 -41.84
C SER E 59 -47.24 4.23 -41.93
N THR E 60 -47.95 5.33 -41.66
CA THR E 60 -49.40 5.40 -41.80
C THR E 60 -49.73 6.01 -43.16
N TYR E 61 -50.59 5.34 -43.91
CA TYR E 61 -50.85 5.72 -45.30
C TYR E 61 -52.34 5.82 -45.57
N TYR E 62 -52.70 6.86 -46.31
CA TYR E 62 -54.06 7.08 -46.80
C TYR E 62 -54.03 7.19 -48.31
N THR E 63 -55.11 6.75 -48.95
CA THR E 63 -55.23 6.90 -50.39
CA THR E 63 -55.23 6.90 -50.39
C THR E 63 -55.72 8.30 -50.73
N ALA E 64 -55.62 8.64 -52.02
CA ALA E 64 -55.92 10.01 -52.46
C ALA E 64 -57.36 10.41 -52.12
N SER E 65 -58.32 9.52 -52.34
CA SER E 65 -59.72 9.86 -52.12
C SER E 65 -60.06 10.05 -50.64
N VAL E 66 -59.17 9.66 -49.73
CA VAL E 66 -59.46 9.67 -48.31
C VAL E 66 -58.53 10.59 -47.52
N LYS E 67 -57.53 11.20 -48.17
CA LYS E 67 -56.62 12.08 -47.47
C LYS E 67 -57.35 13.29 -46.90
N GLY E 68 -57.08 13.59 -45.64
CA GLY E 68 -57.68 14.73 -44.97
C GLY E 68 -59.06 14.50 -44.41
N ARG E 69 -59.64 13.32 -44.63
CA ARG E 69 -60.98 13.06 -44.12
C ARG E 69 -61.07 11.83 -43.24
N PHE E 70 -60.37 10.74 -43.58
CA PHE E 70 -60.47 9.51 -42.83
C PHE E 70 -59.26 9.40 -41.91
N THR E 71 -59.44 8.72 -40.77
CA THR E 71 -58.39 8.59 -39.78
C THR E 71 -58.50 7.24 -39.08
N MET E 72 -57.35 6.69 -38.69
CA MET E 72 -57.28 5.46 -37.91
C MET E 72 -56.82 5.74 -36.49
N SER E 73 -56.96 4.71 -35.65
CA SER E 73 -56.35 4.67 -34.34
C SER E 73 -56.39 3.23 -33.86
N ARG E 74 -55.26 2.73 -33.36
CA ARG E 74 -55.17 1.35 -32.90
C ARG E 74 -54.76 1.34 -31.43
N ASP E 75 -55.42 0.46 -30.67
CA ASP E 75 -55.09 0.23 -29.26
C ASP E 75 -54.81 -1.25 -29.10
N ASN E 76 -53.53 -1.59 -28.98
CA ASN E 76 -53.11 -2.99 -28.91
C ASN E 76 -53.64 -3.70 -27.68
N ALA E 77 -54.04 -2.95 -26.65
CA ALA E 77 -54.60 -3.59 -25.45
C ALA E 77 -55.90 -4.33 -25.76
N LYS E 78 -56.77 -3.71 -26.55
CA LYS E 78 -58.03 -4.34 -26.91
C LYS E 78 -57.96 -5.05 -28.25
N ASN E 79 -56.86 -4.88 -28.99
CA ASN E 79 -56.61 -5.60 -30.25
C ASN E 79 -57.66 -5.26 -31.31
N THR E 80 -57.77 -3.97 -31.62
CA THR E 80 -58.71 -3.50 -32.62
C THR E 80 -58.23 -2.16 -33.16
N VAL E 81 -58.34 -1.98 -34.48
CA VAL E 81 -58.00 -0.73 -35.13
C VAL E 81 -59.28 0.02 -35.45
N TYR E 82 -59.25 1.34 -35.29
CA TYR E 82 -60.38 2.18 -35.61
C TYR E 82 -60.24 2.77 -37.01
N LEU E 83 -61.35 3.29 -37.52
CA LEU E 83 -61.38 4.03 -38.79
C LEU E 83 -62.30 5.23 -38.56
N GLN E 84 -61.72 6.34 -38.10
CA GLN E 84 -62.49 7.55 -37.86
C GLN E 84 -63.07 8.07 -39.17
N MET E 85 -64.36 8.39 -39.14
CA MET E 85 -65.10 8.79 -40.33
C MET E 85 -65.41 10.27 -40.20
N ASN E 86 -64.90 11.08 -41.13
CA ASN E 86 -65.12 12.53 -41.09
C ASN E 86 -65.49 13.02 -42.48
N SER E 87 -66.45 13.95 -42.52
CA SER E 87 -66.94 14.54 -43.77
C SER E 87 -67.36 13.45 -44.75
N LEU E 88 -68.20 12.54 -44.27
CA LEU E 88 -68.65 11.42 -45.09
C LEU E 88 -69.44 11.92 -46.29
N LYS E 89 -69.14 11.38 -47.46
CA LYS E 89 -69.76 11.75 -48.72
C LYS E 89 -70.42 10.54 -49.34
N PRO E 90 -71.43 10.74 -50.20
CA PRO E 90 -72.09 9.59 -50.84
C PRO E 90 -71.14 8.72 -51.64
N SER E 91 -70.03 9.27 -52.13
CA SER E 91 -69.03 8.46 -52.82
C SER E 91 -68.35 7.47 -51.89
N ASP E 92 -68.41 7.69 -50.58
CA ASP E 92 -67.82 6.79 -49.61
C ASP E 92 -68.71 5.58 -49.31
N THR E 93 -69.91 5.54 -49.86
CA THR E 93 -70.84 4.44 -49.61
C THR E 93 -70.27 3.15 -50.17
N ALA E 94 -69.82 2.26 -49.27
CA ALA E 94 -69.23 1.00 -49.68
C ALA E 94 -69.22 0.05 -48.48
N VAL E 95 -68.93 -1.22 -48.76
CA VAL E 95 -68.77 -2.22 -47.71
C VAL E 95 -67.32 -2.16 -47.26
N TYR E 96 -67.09 -1.71 -46.03
CA TYR E 96 -65.75 -1.44 -45.53
C TYR E 96 -65.18 -2.69 -44.87
N TYR E 97 -64.06 -3.17 -45.40
CA TYR E 97 -63.35 -4.32 -44.85
C TYR E 97 -62.03 -3.87 -44.24
N CYS E 98 -61.49 -4.74 -43.38
CA CYS E 98 -60.17 -4.56 -42.81
C CYS E 98 -59.35 -5.82 -43.05
N ALA E 99 -58.07 -5.66 -43.36
CA ALA E 99 -57.21 -6.78 -43.68
C ALA E 99 -55.88 -6.64 -42.96
N THR E 100 -55.25 -7.78 -42.70
CA THR E 100 -53.96 -7.83 -42.02
C THR E 100 -53.18 -9.02 -42.53
N ASP E 101 -51.86 -8.96 -42.35
CA ASP E 101 -50.96 -10.04 -42.77
C ASP E 101 -49.86 -10.17 -41.74
N LEU E 102 -48.84 -10.97 -42.07
CA LEU E 102 -47.67 -11.09 -41.21
C LEU E 102 -46.74 -9.89 -41.30
N GLY E 103 -46.89 -9.05 -42.33
CA GLY E 103 -46.13 -7.82 -42.38
C GLY E 103 -46.55 -6.84 -41.30
N GLY E 104 -45.62 -5.97 -40.95
CA GLY E 104 -45.87 -5.03 -39.86
C GLY E 104 -45.83 -3.57 -40.26
N TYR E 105 -45.42 -3.28 -41.49
CA TYR E 105 -45.25 -1.90 -41.93
C TYR E 105 -45.97 -1.69 -43.25
N CYS E 106 -46.77 -0.63 -43.32
CA CYS E 106 -47.53 -0.32 -44.53
C CYS E 106 -46.68 0.49 -45.51
N SER E 107 -47.28 0.80 -46.65
CA SER E 107 -46.67 1.66 -47.65
C SER E 107 -47.79 2.35 -48.42
N ASP E 108 -47.41 3.24 -49.34
CA ASP E 108 -48.41 3.89 -50.18
C ASP E 108 -49.06 2.94 -51.16
N SER E 109 -48.42 1.80 -51.46
CA SER E 109 -48.97 0.83 -52.38
C SER E 109 -49.01 -0.59 -51.83
N ASN E 110 -48.45 -0.85 -50.66
CA ASN E 110 -48.43 -2.18 -50.05
C ASN E 110 -49.36 -2.18 -48.84
N TYR E 111 -50.53 -2.79 -49.00
CA TYR E 111 -51.48 -2.99 -47.91
C TYR E 111 -51.61 -4.48 -47.62
N PRO E 112 -51.71 -4.87 -46.35
CA PRO E 112 -51.94 -6.28 -46.05
C PRO E 112 -53.26 -6.76 -46.66
N ARG E 113 -53.24 -7.97 -47.21
CA ARG E 113 -54.42 -8.54 -47.85
C ARG E 113 -54.56 -10.03 -47.58
N ALA E 114 -53.96 -10.54 -46.51
CA ALA E 114 -53.97 -11.98 -46.25
C ALA E 114 -55.30 -12.43 -45.66
N TRP E 115 -55.70 -11.84 -44.53
CA TRP E 115 -56.90 -12.24 -43.82
C TRP E 115 -57.89 -11.08 -43.81
N TRP E 116 -59.14 -11.38 -44.17
CA TRP E 116 -60.17 -10.37 -44.29
C TRP E 116 -61.30 -10.62 -43.30
N GLY E 117 -61.94 -9.55 -42.86
CA GLY E 117 -63.14 -9.64 -42.07
C GLY E 117 -64.39 -9.68 -42.94
N GLN E 118 -65.53 -9.84 -42.27
CA GLN E 118 -66.79 -9.88 -43.00
C GLN E 118 -67.16 -8.53 -43.61
N GLY E 119 -66.66 -7.44 -43.05
CA GLY E 119 -66.93 -6.13 -43.59
C GLY E 119 -68.13 -5.47 -42.96
N THR E 120 -68.12 -4.13 -42.98
CA THR E 120 -69.22 -3.32 -42.47
C THR E 120 -69.76 -2.45 -43.60
N GLN E 121 -71.07 -2.26 -43.61
CA GLN E 121 -71.73 -1.49 -44.65
C GLN E 121 -71.86 -0.04 -44.20
N VAL E 122 -71.31 0.88 -44.98
CA VAL E 122 -71.39 2.31 -44.73
C VAL E 122 -72.15 2.95 -45.88
N THR E 123 -73.23 3.65 -45.56
CA THR E 123 -74.06 4.32 -46.55
C THR E 123 -74.20 5.78 -46.18
N VAL E 124 -73.99 6.66 -47.15
CA VAL E 124 -74.05 8.10 -46.95
C VAL E 124 -75.16 8.63 -47.85
N SER E 125 -76.34 8.88 -47.27
CA SER E 125 -77.48 9.39 -48.02
C SER E 125 -78.50 9.92 -47.02
N SER E 126 -79.68 10.29 -47.51
CA SER E 126 -80.75 10.79 -46.65
C SER E 126 -81.47 9.66 -45.93
N GLN F 1 -56.37 34.21 -43.78
CA GLN F 1 -56.27 33.22 -44.84
C GLN F 1 -57.06 31.96 -44.48
N VAL F 2 -57.28 31.76 -43.20
CA VAL F 2 -57.99 30.57 -42.72
C VAL F 2 -59.48 30.74 -42.95
N GLN F 3 -60.13 29.67 -43.39
CA GLN F 3 -61.57 29.64 -43.59
C GLN F 3 -62.17 28.64 -42.61
N LEU F 4 -63.39 28.95 -42.17
CA LEU F 4 -64.08 28.15 -41.16
C LEU F 4 -65.42 27.70 -41.70
N VAL F 5 -65.86 26.51 -41.25
CA VAL F 5 -67.12 25.92 -41.69
C VAL F 5 -67.92 25.54 -40.45
N GLU F 6 -69.08 26.14 -40.28
CA GLU F 6 -69.98 25.81 -39.18
C GLU F 6 -71.04 24.82 -39.66
N SER F 7 -71.33 23.83 -38.81
CA SER F 7 -72.27 22.79 -39.17
C SER F 7 -72.87 22.21 -37.90
N GLY F 8 -73.95 21.45 -38.07
CA GLY F 8 -74.63 20.80 -36.97
C GLY F 8 -75.92 21.46 -36.54
N GLY F 9 -76.19 22.68 -36.97
CA GLY F 9 -77.43 23.34 -36.61
C GLY F 9 -78.63 22.74 -37.33
N GLY F 10 -79.80 22.99 -36.77
CA GLY F 10 -81.02 22.46 -37.34
C GLY F 10 -82.20 22.70 -36.43
N LEU F 11 -83.30 22.04 -36.78
CA LEU F 11 -84.56 22.17 -36.05
C LEU F 11 -84.51 21.26 -34.82
N VAL F 12 -84.48 21.86 -33.63
CA VAL F 12 -84.50 21.11 -32.38
C VAL F 12 -85.59 21.67 -31.48
N GLN F 13 -86.07 20.83 -30.58
CA GLN F 13 -87.11 21.21 -29.64
C GLN F 13 -86.51 21.95 -28.45
N PRO F 14 -87.30 22.77 -27.76
CA PRO F 14 -86.78 23.45 -26.57
C PRO F 14 -86.31 22.44 -25.52
N GLY F 15 -85.20 22.79 -24.86
CA GLY F 15 -84.58 21.89 -23.91
C GLY F 15 -83.73 20.81 -24.52
N GLY F 16 -83.56 20.80 -25.84
CA GLY F 16 -82.76 19.79 -26.51
C GLY F 16 -81.28 20.07 -26.45
N SER F 17 -80.52 19.23 -27.15
CA SER F 17 -79.07 19.33 -27.19
C SER F 17 -78.59 19.33 -28.63
N LEU F 18 -77.42 19.93 -28.85
CA LEU F 18 -76.83 20.02 -30.17
C LEU F 18 -75.32 20.11 -30.04
N THR F 19 -74.63 19.85 -31.15
CA THR F 19 -73.17 19.92 -31.19
C THR F 19 -72.76 20.56 -32.51
N LEU F 20 -72.21 21.77 -32.43
CA LEU F 20 -71.72 22.46 -33.61
C LEU F 20 -70.23 22.20 -33.81
N SER F 21 -69.81 22.16 -35.06
CA SER F 21 -68.41 21.96 -35.41
C SER F 21 -67.95 23.10 -36.32
N CYS F 22 -66.83 23.72 -35.97
CA CYS F 22 -66.25 24.80 -36.74
C CYS F 22 -64.99 24.26 -37.42
N VAL F 23 -65.16 23.73 -38.63
CA VAL F 23 -64.06 23.08 -39.34
C VAL F 23 -63.12 24.13 -39.90
N ALA F 24 -61.84 24.01 -39.55
CA ALA F 24 -60.81 24.91 -40.03
C ALA F 24 -59.93 24.16 -41.04
N SER F 25 -59.67 24.81 -42.17
CA SER F 25 -58.88 24.21 -43.24
CA SER F 25 -58.89 24.22 -43.25
C SER F 25 -57.87 25.23 -43.76
N GLU F 26 -56.80 24.69 -44.36
CA GLU F 26 -55.72 25.46 -44.97
C GLU F 26 -54.85 26.11 -43.89
N SER F 27 -55.27 26.02 -42.65
CA SER F 27 -54.51 26.58 -41.53
C SER F 27 -54.77 25.75 -40.29
N SER F 28 -53.85 25.86 -39.33
CA SER F 28 -53.93 25.12 -38.08
C SER F 28 -54.43 26.03 -36.98
N LEU F 29 -55.46 25.59 -36.26
CA LEU F 29 -56.03 26.33 -35.15
C LEU F 29 -55.36 26.02 -33.82
N ALA F 30 -54.34 25.16 -33.81
CA ALA F 30 -53.72 24.73 -32.56
C ALA F 30 -53.11 25.88 -31.77
N PRO F 31 -52.29 26.77 -32.35
CA PRO F 31 -51.71 27.86 -31.55
C PRO F 31 -52.57 29.10 -31.46
N TYR F 32 -53.85 29.04 -31.82
CA TYR F 32 -54.69 30.22 -31.90
C TYR F 32 -55.99 30.01 -31.13
N ARG F 33 -56.48 31.09 -30.55
CA ARG F 33 -57.76 31.06 -29.85
C ARG F 33 -58.91 31.00 -30.84
N VAL F 34 -60.01 30.39 -30.42
CA VAL F 34 -61.22 30.27 -31.22
C VAL F 34 -62.40 30.80 -30.42
N ALA F 35 -63.28 31.55 -31.07
CA ALA F 35 -64.45 32.12 -30.43
C ALA F 35 -65.71 31.71 -31.17
N TRP F 36 -66.81 31.61 -30.44
CA TRP F 36 -68.11 31.29 -31.00
C TRP F 36 -69.02 32.52 -30.89
N PHE F 37 -69.76 32.78 -31.97
CA PHE F 37 -70.70 33.88 -32.03
C PHE F 37 -72.03 33.39 -32.60
N ARG F 38 -73.11 34.04 -32.19
CA ARG F 38 -74.42 33.77 -32.75
C ARG F 38 -75.10 35.10 -33.08
N GLN F 39 -75.90 35.10 -34.14
CA GLN F 39 -76.57 36.32 -34.59
C GLN F 39 -77.88 35.92 -35.25
N ALA F 40 -78.97 36.04 -34.51
CA ALA F 40 -80.29 35.94 -35.13
C ALA F 40 -80.57 37.24 -35.89
N PRO F 41 -81.37 37.16 -36.95
CA PRO F 41 -81.68 38.39 -37.70
C PRO F 41 -82.35 39.43 -36.82
N GLY F 42 -81.96 40.68 -37.00
CA GLY F 42 -82.49 41.77 -36.19
C GLY F 42 -81.50 42.30 -35.17
N LYS F 43 -80.71 41.42 -34.56
CA LYS F 43 -79.76 41.80 -33.54
C LYS F 43 -78.34 41.63 -34.04
N GLU F 44 -77.44 42.47 -33.55
CA GLU F 44 -76.04 42.44 -33.92
C GLU F 44 -75.38 41.16 -33.39
N ARG F 45 -74.26 40.80 -34.01
CA ARG F 45 -73.51 39.62 -33.60
C ARG F 45 -73.12 39.72 -32.13
N GLU F 46 -73.39 38.64 -31.39
CA GLU F 46 -73.07 38.57 -29.97
C GLU F 46 -72.17 37.38 -29.71
N GLY F 47 -71.27 37.56 -28.74
CA GLY F 47 -70.38 36.47 -28.37
C GLY F 47 -71.12 35.32 -27.74
N VAL F 48 -70.57 34.12 -27.91
CA VAL F 48 -71.13 32.93 -27.30
C VAL F 48 -70.09 32.35 -26.35
N SER F 49 -68.91 32.06 -26.88
CA SER F 49 -67.85 31.44 -26.09
C SER F 49 -66.52 31.67 -26.79
N CYS F 50 -65.43 31.46 -26.06
CA CYS F 50 -64.09 31.67 -26.59
C CYS F 50 -63.13 30.70 -25.94
N ILE F 51 -62.59 29.78 -26.74
CA ILE F 51 -61.60 28.82 -26.27
C ILE F 51 -60.23 29.28 -26.76
N SER F 52 -59.22 29.06 -25.94
CA SER F 52 -57.86 29.47 -26.25
C SER F 52 -57.07 28.30 -26.82
N ARG F 53 -55.80 28.58 -27.16
CA ARG F 53 -54.95 27.54 -27.72
C ARG F 53 -54.60 26.47 -26.69
N ASP F 54 -54.56 26.82 -25.40
CA ASP F 54 -54.30 25.84 -24.36
C ASP F 54 -55.53 25.04 -23.96
N ALA F 55 -56.73 25.50 -24.34
CA ALA F 55 -57.98 24.82 -24.01
C ALA F 55 -58.10 24.58 -22.50
N HIS F 56 -57.72 25.59 -21.71
CA HIS F 56 -57.78 25.45 -20.26
C HIS F 56 -59.06 26.06 -19.72
N PRO F 57 -59.61 25.49 -18.64
CA PRO F 57 -60.81 26.10 -18.03
C PRO F 57 -60.62 27.55 -17.63
N THR F 58 -59.43 27.93 -17.18
CA THR F 58 -59.16 29.34 -16.91
C THR F 58 -59.25 30.16 -18.20
N SER F 59 -58.74 29.62 -19.30
CA SER F 59 -58.85 30.27 -20.61
C SER F 59 -60.16 29.93 -21.31
N THR F 60 -61.04 29.16 -20.68
CA THR F 60 -62.34 28.81 -21.24
C THR F 60 -63.34 29.87 -20.81
N TYR F 61 -63.93 30.56 -21.79
CA TYR F 61 -64.84 31.67 -21.52
C TYR F 61 -66.19 31.38 -22.18
N TYR F 62 -67.26 31.61 -21.42
CA TYR F 62 -68.62 31.55 -21.93
C TYR F 62 -69.36 32.83 -21.58
N THR F 63 -70.28 33.22 -22.45
CA THR F 63 -71.09 34.40 -22.18
CA THR F 63 -71.11 34.39 -22.19
C THR F 63 -72.18 34.06 -21.17
N ALA F 64 -72.80 35.12 -20.62
CA ALA F 64 -73.78 34.93 -19.55
C ALA F 64 -74.96 34.08 -20.01
N SER F 65 -75.43 34.31 -21.24
CA SER F 65 -76.60 33.59 -21.74
C SER F 65 -76.34 32.11 -21.97
N VAL F 66 -75.07 31.67 -21.95
CA VAL F 66 -74.73 30.28 -22.23
C VAL F 66 -74.00 29.62 -21.08
N LYS F 67 -73.79 30.32 -19.97
CA LYS F 67 -73.12 29.71 -18.82
C LYS F 67 -73.95 28.56 -18.27
N GLY F 68 -73.29 27.42 -18.07
CA GLY F 68 -73.94 26.25 -17.51
C GLY F 68 -74.75 25.44 -18.50
N ARG F 69 -74.85 25.87 -19.74
CA ARG F 69 -75.62 25.13 -20.74
C ARG F 69 -74.80 24.80 -21.99
N PHE F 70 -73.95 25.72 -22.45
CA PHE F 70 -73.17 25.53 -23.65
C PHE F 70 -71.74 25.18 -23.29
N THR F 71 -71.20 24.16 -23.94
CA THR F 71 -69.85 23.70 -23.66
C THR F 71 -69.11 23.52 -24.98
N MET F 72 -67.80 23.80 -24.96
CA MET F 72 -66.96 23.67 -26.13
C MET F 72 -65.78 22.75 -25.82
N SER F 73 -65.21 22.21 -26.89
CA SER F 73 -63.98 21.43 -26.81
C SER F 73 -63.31 21.45 -28.17
N ARG F 74 -62.00 21.24 -28.19
CA ARG F 74 -61.22 21.32 -29.41
C ARG F 74 -60.29 20.13 -29.52
N ASP F 75 -60.08 19.67 -30.76
CA ASP F 75 -59.10 18.65 -31.08
C ASP F 75 -58.26 19.19 -32.23
N ASN F 76 -57.07 19.71 -31.90
CA ASN F 76 -56.22 20.36 -32.89
C ASN F 76 -55.74 19.40 -33.97
N ALA F 77 -55.77 18.09 -33.70
CA ALA F 77 -55.36 17.12 -34.72
C ALA F 77 -56.28 17.18 -35.94
N LYS F 78 -57.59 17.27 -35.72
CA LYS F 78 -58.53 17.34 -36.83
C LYS F 78 -58.78 18.79 -37.25
N ASN F 79 -58.27 19.76 -36.48
CA ASN F 79 -58.36 21.18 -36.82
C ASN F 79 -59.81 21.65 -36.84
N THR F 80 -60.51 21.44 -35.73
CA THR F 80 -61.91 21.81 -35.59
C THR F 80 -62.25 21.90 -34.11
N VAL F 81 -63.11 22.85 -33.77
CA VAL F 81 -63.58 23.04 -32.40
C VAL F 81 -65.06 22.70 -32.36
N TYR F 82 -65.48 22.04 -31.28
CA TYR F 82 -66.89 21.75 -31.06
C TYR F 82 -67.53 22.81 -30.18
N LEU F 83 -68.86 22.86 -30.24
CA LEU F 83 -69.68 23.64 -29.33
C LEU F 83 -70.89 22.79 -28.99
N GLN F 84 -71.03 22.41 -27.73
CA GLN F 84 -72.09 21.51 -27.27
C GLN F 84 -73.12 22.32 -26.51
N MET F 85 -74.33 22.40 -27.06
CA MET F 85 -75.43 23.07 -26.38
C MET F 85 -76.25 22.04 -25.60
N ASN F 86 -76.59 22.38 -24.36
CA ASN F 86 -77.43 21.53 -23.52
C ASN F 86 -78.62 22.34 -23.04
N SER F 87 -79.80 21.72 -23.08
CA SER F 87 -81.06 22.37 -22.72
C SER F 87 -81.26 23.65 -23.54
N LEU F 88 -81.34 23.46 -24.85
CA LEU F 88 -81.46 24.59 -25.76
C LEU F 88 -82.76 25.34 -25.53
N LYS F 89 -82.68 26.67 -25.54
CA LYS F 89 -83.82 27.54 -25.33
C LYS F 89 -84.18 28.26 -26.63
N PRO F 90 -85.45 28.67 -26.78
CA PRO F 90 -85.82 29.42 -27.99
C PRO F 90 -85.03 30.71 -28.17
N SER F 91 -84.58 31.33 -27.08
CA SER F 91 -83.73 32.51 -27.19
C SER F 91 -82.39 32.19 -27.83
N ASP F 92 -81.96 30.93 -27.82
CA ASP F 92 -80.71 30.53 -28.44
C ASP F 92 -80.83 30.36 -29.96
N THR F 93 -82.05 30.47 -30.50
CA THR F 93 -82.24 30.35 -31.95
C THR F 93 -81.56 31.50 -32.66
N ALA F 94 -80.45 31.21 -33.32
CA ALA F 94 -79.67 32.23 -34.00
C ALA F 94 -78.74 31.55 -35.00
N VAL F 95 -78.14 32.36 -35.86
CA VAL F 95 -77.14 31.88 -36.81
C VAL F 95 -75.79 31.91 -36.10
N TYR F 96 -75.24 30.74 -35.82
CA TYR F 96 -74.02 30.63 -35.03
C TYR F 96 -72.79 30.70 -35.93
N TYR F 97 -71.90 31.64 -35.62
CA TYR F 97 -70.65 31.82 -36.34
C TYR F 97 -69.47 31.54 -35.41
N CYS F 98 -68.39 31.03 -35.99
CA CYS F 98 -67.13 30.85 -35.27
C CYS F 98 -66.10 31.79 -35.87
N ALA F 99 -65.37 32.48 -35.00
CA ALA F 99 -64.36 33.44 -35.43
C ALA F 99 -63.03 33.13 -34.75
N THR F 100 -61.94 33.34 -35.50
CA THR F 100 -60.61 33.08 -34.99
C THR F 100 -59.65 34.11 -35.56
N ASP F 101 -58.52 34.27 -34.88
CA ASP F 101 -57.47 35.19 -35.31
C ASP F 101 -56.13 34.52 -35.06
N LEU F 102 -55.06 35.31 -35.13
CA LEU F 102 -53.72 34.83 -34.80
C LEU F 102 -53.43 34.90 -33.30
N GLY F 103 -54.32 35.49 -32.51
CA GLY F 103 -54.18 35.43 -31.08
C GLY F 103 -54.41 34.04 -30.54
N GLY F 104 -53.78 33.75 -29.41
CA GLY F 104 -53.82 32.41 -28.87
C GLY F 104 -54.66 32.23 -27.62
N TYR F 105 -54.86 33.30 -26.86
CA TYR F 105 -55.56 33.21 -25.58
C TYR F 105 -56.74 34.17 -25.57
N CYS F 106 -57.91 33.67 -25.18
CA CYS F 106 -59.09 34.50 -25.05
C CYS F 106 -59.08 35.26 -23.72
N SER F 107 -60.04 36.17 -23.60
CA SER F 107 -60.28 36.89 -22.36
C SER F 107 -61.79 37.02 -22.18
N ASP F 108 -62.18 37.50 -21.00
CA ASP F 108 -63.60 37.72 -20.74
C ASP F 108 -64.20 38.78 -21.66
N SER F 109 -63.36 39.65 -22.24
CA SER F 109 -63.83 40.71 -23.11
C SER F 109 -63.27 40.64 -24.53
N ASN F 110 -62.15 39.98 -24.75
CA ASN F 110 -61.51 39.90 -26.05
C ASN F 110 -61.79 38.56 -26.69
N TYR F 111 -62.48 38.57 -27.84
CA TYR F 111 -62.69 37.39 -28.67
C TYR F 111 -62.09 37.64 -30.04
N PRO F 112 -61.51 36.61 -30.66
CA PRO F 112 -61.01 36.78 -32.04
C PRO F 112 -62.15 37.14 -32.98
N ARG F 113 -61.86 38.04 -33.93
CA ARG F 113 -62.86 38.48 -34.90
C ARG F 113 -62.27 38.64 -36.29
N ALA F 114 -61.12 38.04 -36.57
CA ALA F 114 -60.45 38.25 -37.84
C ALA F 114 -61.13 37.48 -38.97
N TRP F 115 -61.20 36.16 -38.84
CA TRP F 115 -61.75 35.31 -39.89
C TRP F 115 -62.99 34.59 -39.36
N TRP F 116 -64.04 34.59 -40.17
CA TRP F 116 -65.32 34.02 -39.80
C TRP F 116 -65.72 32.94 -40.79
N GLY F 117 -66.54 32.00 -40.32
CA GLY F 117 -67.14 31.00 -41.19
C GLY F 117 -68.47 31.48 -41.76
N GLN F 118 -69.04 30.64 -42.60
CA GLN F 118 -70.33 30.97 -43.21
C GLN F 118 -71.47 30.95 -42.18
N GLY F 119 -71.30 30.22 -41.09
CA GLY F 119 -72.32 30.19 -40.05
C GLY F 119 -73.32 29.07 -40.25
N THR F 120 -73.87 28.61 -39.12
CA THR F 120 -74.89 27.57 -39.12
C THR F 120 -76.11 28.08 -38.37
N GLN F 121 -77.29 27.63 -38.81
CA GLN F 121 -78.54 28.06 -38.21
C GLN F 121 -78.99 27.02 -37.18
N VAL F 122 -79.14 27.46 -35.94
CA VAL F 122 -79.66 26.62 -34.86
C VAL F 122 -81.06 27.13 -34.52
N THR F 123 -82.06 26.28 -34.73
CA THR F 123 -83.45 26.64 -34.48
C THR F 123 -83.98 25.81 -33.32
N VAL F 124 -84.50 26.48 -32.31
CA VAL F 124 -85.02 25.84 -31.10
C VAL F 124 -86.51 26.14 -31.06
N SER F 125 -87.32 25.22 -31.60
CA SER F 125 -88.77 25.41 -31.67
C SER F 125 -89.41 24.05 -31.90
N SER F 126 -90.72 24.08 -32.16
CA SER F 126 -91.48 22.86 -32.41
C SER F 126 -91.51 22.54 -33.90
C1 NAG G . -9.25 -34.82 28.86
C2 NAG G . -8.44 -35.61 27.83
C3 NAG G . -8.23 -37.05 28.29
C4 NAG G . -7.64 -37.08 29.69
C5 NAG G . -8.49 -36.24 30.65
C6 NAG G . -7.89 -36.13 32.03
C7 NAG G . -8.65 -34.69 25.57
C8 NAG G . -9.39 -34.73 24.27
N2 NAG G . -9.04 -35.55 26.52
O3 NAG G . -7.37 -37.72 27.38
O4 NAG G . -7.55 -38.43 30.15
O5 NAG G . -8.60 -34.91 30.15
O6 NAG G . -8.59 -36.92 32.97
O7 NAG G . -7.71 -33.91 25.77
C1 NAG G . -8.86 -39.00 30.42
C2 NAG G . -8.97 -40.38 29.74
C3 NAG G . -10.31 -41.02 30.09
C4 NAG G . -10.50 -41.07 31.61
C5 NAG G . -10.32 -39.68 32.21
C6 NAG G . -10.38 -39.68 33.72
C7 NAG G . -7.93 -40.98 27.60
C8 NAG G . -7.08 -41.92 28.39
N2 NAG G . -8.81 -40.26 28.30
O3 NAG G . -10.36 -42.33 29.55
O4 NAG G . -11.81 -41.55 31.91
O5 NAG G . -9.05 -39.15 31.84
O6 NAG G . -9.22 -40.28 34.27
O7 NAG G . -7.83 -40.85 26.38
C1 NAG H . 72.49 8.04 57.20
C2 NAG H . 71.92 8.80 58.38
C3 NAG H . 72.08 10.31 58.21
C4 NAG H . 73.53 10.65 57.89
C5 NAG H . 74.06 9.76 56.75
C6 NAG H . 75.55 9.96 56.52
C7 NAG H . 69.42 8.53 57.95
C8 NAG H . 69.57 9.13 56.55
N2 NAG H . 70.53 8.43 58.70
O3 NAG H . 71.68 10.97 59.40
O4 NAG H . 73.59 12.02 57.50
O5 NAG H . 73.87 8.38 57.05
O6 NAG H . 76.29 9.78 57.71
O7 NAG H . 68.33 8.16 58.36
C1 NAG H . 74.37 12.93 58.32
C2 NAG H . 75.17 12.32 59.49
C3 NAG H . 76.14 13.35 60.09
C4 NAG H . 76.99 14.00 59.02
C5 NAG H . 76.09 14.59 57.94
C6 NAG H . 76.86 15.21 56.80
C7 NAG H . 74.51 10.65 61.15
C8 NAG H . 73.50 10.26 62.20
N2 NAG H . 74.29 11.80 60.52
O3 NAG H . 76.96 12.71 61.05
O4 NAG H . 77.79 15.03 59.58
O5 NAG H . 75.28 13.55 57.38
O6 NAG H . 76.56 14.56 55.57
O7 NAG H . 75.48 9.94 60.91
C1 NAG I . 59.74 -8.85 62.14
C2 NAG I . 60.95 -8.11 62.64
C3 NAG I . 62.17 -9.02 62.61
C4 NAG I . 61.88 -10.40 63.21
C5 NAG I . 60.50 -10.94 62.82
C6 NAG I . 60.06 -12.12 63.66
C7 NAG I . 61.46 -7.00 60.52
C8 NAG I . 61.55 -5.71 59.81
N2 NAG I . 61.15 -6.94 61.81
O3 NAG I . 63.26 -8.39 63.29
O4 NAG I . 62.88 -11.27 62.70
O5 NAG I . 59.48 -9.94 62.96
O6 NAG I . 60.23 -11.86 65.04
O7 NAG I . 61.65 -8.07 59.94
C1 NAG I . 63.56 -12.19 63.61
C2 NAG I . 63.56 -11.71 65.07
C3 NAG I . 64.18 -12.78 65.98
C4 NAG I . 63.48 -14.12 65.77
C5 NAG I . 63.51 -14.50 64.29
C6 NAG I . 62.77 -15.77 63.99
C7 NAG I . 63.87 -9.42 65.95
C8 NAG I . 62.55 -9.61 66.65
N2 NAG I . 64.30 -10.45 65.21
O3 NAG I . 64.05 -12.38 67.33
O4 NAG I . 64.14 -15.13 66.52
O5 NAG I . 62.89 -13.46 63.52
O6 NAG I . 62.54 -15.92 62.59
O7 NAG I . 64.51 -8.39 66.04
C1 NAG J . 45.96 -20.21 52.72
C2 NAG J . 45.69 -20.98 54.03
C3 NAG J . 44.32 -20.64 54.61
C4 NAG J . 43.22 -20.64 53.56
C5 NAG J . 43.71 -21.17 52.21
C6 NAG J . 42.69 -21.00 51.11
C7 NAG J . 46.91 -23.10 54.30
C8 NAG J . 47.97 -22.30 54.99
N2 NAG J . 45.85 -22.42 53.87
O3 NAG J . 44.39 -19.36 55.24
O4 NAG J . 42.13 -21.42 54.03
O5 NAG J . 44.87 -20.42 51.78
O6 NAG J . 43.13 -20.05 50.14
O7 NAG J . 47.02 -24.31 54.14
C1 NAG J . 42.34 -22.85 53.88
C2 NAG J . 42.33 -23.55 55.25
C3 NAG J . 41.14 -24.51 55.36
C4 NAG J . 41.12 -25.51 54.21
C5 NAG J . 41.43 -24.81 52.89
C6 NAG J . 40.49 -25.19 51.77
C7 NAG J . 44.35 -24.08 56.55
C8 NAG J . 43.85 -23.09 57.55
N2 NAG J . 43.58 -24.26 55.47
O3 NAG J . 39.93 -23.76 55.39
O4 NAG J . 42.07 -26.53 54.44
O5 NAG J . 41.31 -23.39 53.06
O6 NAG J . 39.42 -25.99 52.25
O7 NAG J . 45.39 -24.70 56.70
C1 NAG K . 38.37 -35.74 42.04
C2 NAG K . 38.45 -37.19 41.49
C3 NAG K . 37.06 -37.83 41.47
C4 NAG K . 36.43 -37.76 42.84
C5 NAG K . 36.33 -36.30 43.26
C6 NAG K . 35.72 -36.12 44.63
C7 NAG K . 40.27 -37.66 39.92
C8 NAG K . 41.05 -38.16 41.11
N2 NAG K . 39.04 -37.21 40.17
O3 NAG K . 37.19 -39.18 41.05
O4 NAG K . 35.16 -38.40 42.87
O5 NAG K . 37.65 -35.73 43.31
O6 NAG K . 34.35 -35.79 44.55
O7 NAG K . 40.75 -37.67 38.79
C1 NAG K . 34.29 -37.93 41.81
C2 NAG K . 33.72 -39.15 41.10
C3 NAG K . 32.74 -38.71 40.01
C4 NAG K . 31.67 -37.79 40.61
C5 NAG K . 32.32 -36.64 41.36
C6 NAG K . 31.32 -35.78 42.09
C7 NAG K . 34.86 -41.29 40.76
C8 NAG K . 36.01 -41.99 40.09
N2 NAG K . 34.76 -39.98 40.53
O3 NAG K . 32.12 -39.86 39.44
O4 NAG K . 30.85 -37.27 39.56
O5 NAG K . 33.23 -37.15 42.35
O6 NAG K . 30.60 -36.55 43.06
O7 NAG K . 34.05 -41.89 41.47
C1 NAG L . 48.63 22.13 40.51
C2 NAG L . 47.31 22.29 39.81
C3 NAG L . 47.18 23.69 39.21
C4 NAG L . 47.47 24.76 40.25
C5 NAG L . 48.78 24.46 40.98
C6 NAG L . 49.02 25.34 42.19
C7 NAG L . 46.58 20.09 38.97
C8 NAG L . 46.57 19.15 37.80
N2 NAG L . 47.18 21.27 38.77
O3 NAG L . 45.87 23.86 38.69
O4 NAG L . 47.55 26.02 39.58
O5 NAG L . 48.77 23.12 41.47
O6 NAG L . 48.10 25.03 43.24
O7 NAG L . 46.05 19.81 40.04
C1 NAG L . 46.95 27.18 40.22
C2 NAG L . 45.66 26.83 41.01
C3 NAG L . 45.19 28.03 41.84
C4 NAG L . 46.33 28.58 42.69
C5 NAG L . 47.49 28.95 41.81
C6 NAG L . 48.69 29.44 42.59
C7 NAG L . 43.49 25.80 40.49
C8 NAG L . 42.51 25.48 39.42
N2 NAG L . 44.62 26.42 40.10
O3 NAG L . 44.11 27.64 42.68
O4 NAG L . 45.88 29.74 43.40
O5 NAG L . 47.93 27.78 41.10
O6 NAG L . 49.23 28.42 43.41
O7 NAG L . 43.29 25.53 41.67
C1 NAG M . 64.49 17.74 27.42
C2 NAG M . 63.75 17.54 28.78
C3 NAG M . 64.66 17.64 30.00
C4 NAG M . 65.65 18.80 29.94
C5 NAG M . 66.39 18.85 28.61
C6 NAG M . 67.34 17.69 28.39
C7 NAG M . 62.49 19.71 28.72
C8 NAG M . 61.15 20.33 28.94
N2 NAG M . 62.55 18.38 28.92
O3 NAG M . 65.35 16.40 30.18
O4 NAG M . 64.92 20.02 30.07
O5 NAG M . 65.45 18.85 27.52
O6 NAG M . 67.83 17.17 29.62
O7 NAG M . 63.47 20.37 28.39
C1 NAG M . 65.49 20.88 31.07
C2 NAG M . 64.93 22.27 30.79
C3 NAG M . 65.05 23.16 32.03
C4 NAG M . 66.06 22.63 33.05
C5 NAG M . 65.87 21.15 33.38
C6 NAG M . 65.12 20.93 34.67
C7 NAG M . 66.84 23.13 29.48
C8 NAG M . 67.25 23.78 28.19
N2 NAG M . 65.53 22.88 29.63
O3 NAG M . 63.77 23.30 32.65
O4 NAG M . 67.39 22.85 32.58
O5 NAG M . 65.13 20.47 32.35
O6 NAG M . 65.06 22.11 35.45
O7 NAG M . 67.66 22.84 30.35
C1 NAG N . 84.80 8.55 25.45
C2 NAG N . 85.34 9.94 25.71
C3 NAG N . 86.76 9.85 26.25
C4 NAG N . 86.76 9.02 27.52
C5 NAG N . 86.13 7.65 27.26
C6 NAG N . 85.98 6.82 28.52
C7 NAG N . 85.84 10.41 23.33
C8 NAG N . 85.68 11.39 22.21
N2 NAG N . 85.29 10.76 24.50
O3 NAG N . 87.28 11.15 26.48
O4 NAG N . 88.10 8.88 27.98
O5 NAG N . 84.82 7.79 26.69
O6 NAG N . 85.37 7.58 29.55
O7 NAG N . 86.44 9.35 23.18
C1 NAG N . 88.41 9.41 29.30
C2 NAG N . 87.29 10.25 29.97
C3 NAG N . 87.67 10.59 31.41
C4 NAG N . 88.08 9.34 32.19
C5 NAG N . 89.18 8.62 31.44
C6 NAG N . 89.60 7.32 32.11
C7 NAG N . 85.78 11.95 29.05
C8 NAG N . 85.68 13.22 28.25
N2 NAG N . 87.02 11.47 29.22
O3 NAG N . 86.57 11.24 32.05
O4 NAG N . 88.53 9.70 33.48
O5 NAG N . 88.73 8.27 30.12
O6 NAG N . 90.24 7.58 33.35
O7 NAG N . 84.80 11.38 29.50
C1 NAG O . 70.04 -37.78 47.49
C2 NAG O . 68.83 -38.70 47.26
C3 NAG O . 68.10 -38.92 48.59
C4 NAG O . 69.05 -39.42 49.66
C5 NAG O . 70.23 -38.46 49.79
C6 NAG O . 71.28 -38.92 50.76
C7 NAG O . 67.55 -38.87 45.19
C8 NAG O . 66.63 -38.16 44.24
N2 NAG O . 67.94 -38.17 46.26
O3 NAG O . 67.04 -39.86 48.35
O4 NAG O . 68.40 -39.52 50.92
O5 NAG O . 70.88 -38.31 48.51
O6 NAG O . 70.76 -39.02 52.08
O7 NAG O . 67.94 -40.02 44.99
C1 NAG O . 67.76 -40.81 51.08
C2 NAG O . 68.83 -41.94 51.14
C3 NAG O . 69.43 -42.13 52.54
C4 NAG O . 68.40 -42.13 53.66
C5 NAG O . 67.41 -40.97 53.55
C6 NAG O . 68.01 -39.62 53.87
C7 NAG O . 67.25 -43.85 50.85
C8 NAG O . 67.03 -45.14 50.10
N2 NAG O . 68.39 -43.20 50.55
O3 NAG O . 70.44 -41.15 52.78
O4 NAG O . 67.69 -43.36 53.69
O5 NAG O . 66.85 -40.90 52.24
O6 NAG O . 67.04 -38.59 53.79
O7 NAG O . 66.45 -43.43 51.68
C1 NAG P . 75.17 -36.14 26.95
C2 NAG P . 75.77 -37.45 27.39
C3 NAG P . 77.07 -37.17 28.13
C4 NAG P . 78.01 -36.34 27.28
C5 NAG P . 77.30 -35.10 26.71
C6 NAG P . 78.12 -34.38 25.66
C7 NAG P . 74.24 -39.32 27.80
C8 NAG P . 74.53 -39.74 26.39
N2 NAG P . 74.86 -38.22 28.22
O3 NAG P . 77.69 -38.40 28.50
O4 NAG P . 79.09 -35.89 28.10
O5 NAG P . 76.06 -35.46 26.07
O6 NAG P . 78.30 -35.17 24.50
O7 NAG P . 73.48 -39.95 28.52
C1 NAG P . 80.40 -36.52 27.98
C2 NAG P . 80.58 -37.56 26.83
C3 NAG P . 82.04 -37.95 26.71
C4 NAG P . 82.94 -36.73 26.58
C5 NAG P . 82.70 -35.79 27.76
C6 NAG P . 83.49 -34.50 27.66
C7 NAG P . 79.20 -39.41 26.04
C8 NAG P . 78.38 -40.61 26.43
N2 NAG P . 79.75 -38.73 27.05
O3 NAG P . 82.22 -38.80 25.58
O4 NAG P . 84.31 -37.13 26.58
O5 NAG P . 81.31 -35.41 27.78
O6 NAG P . 83.86 -34.23 26.31
O7 NAG P . 79.33 -39.07 24.87
C1 NAG Q . 65.12 -10.84 -5.08
C2 NAG Q . 66.44 -10.49 -5.77
C3 NAG Q . 66.18 -10.03 -7.20
C4 NAG Q . 65.37 -11.06 -7.96
C5 NAG Q . 64.09 -11.40 -7.18
C6 NAG Q . 63.29 -12.53 -7.78
C7 NAG Q . 68.08 -9.78 -4.08
C8 NAG Q . 68.73 -8.61 -3.42
N2 NAG Q . 67.17 -9.48 -5.02
O3 NAG Q . 67.42 -9.78 -7.86
O4 NAG Q . 65.04 -10.55 -9.24
O5 NAG Q . 64.43 -11.82 -5.84
O6 NAG Q . 64.05 -13.72 -7.87
O7 NAG Q . 68.35 -10.93 -3.78
C1 NAG Q . 65.32 -11.42 -10.37
C2 NAG Q . 66.44 -12.45 -10.10
C3 NAG Q . 66.57 -13.41 -11.27
C4 NAG Q . 65.22 -14.04 -11.61
C5 NAG Q . 64.20 -12.94 -11.88
C6 NAG Q . 62.81 -13.48 -12.16
C7 NAG Q . 68.61 -12.29 -9.00
C8 NAG Q . 69.89 -11.49 -8.85
N2 NAG Q . 67.71 -11.80 -9.84
O3 NAG Q . 67.50 -14.44 -10.94
O4 NAG Q . 65.34 -14.86 -12.77
O5 NAG Q . 64.09 -12.10 -10.73
O6 NAG Q . 62.80 -14.35 -13.27
O7 NAG Q . 68.43 -13.33 -8.37
C1 NAG R . 66.94 -27.67 10.22
C2 NAG R . 68.28 -26.96 10.29
C3 NAG R . 68.76 -26.61 8.89
C4 NAG R . 68.73 -27.84 7.99
C5 NAG R . 67.40 -28.57 8.07
C6 NAG R . 67.39 -29.89 7.34
C7 NAG R . 68.61 -25.68 12.37
C8 NAG R . 69.24 -26.93 12.93
N2 NAG R . 68.18 -25.76 11.11
O3 NAG R . 70.07 -26.08 8.96
O4 NAG R . 68.95 -27.45 6.64
O5 NAG R . 67.07 -28.85 9.43
O6 NAG R . 68.01 -30.91 8.11
O7 NAG R . 68.52 -24.65 13.03
C1 NAG R . 70.23 -27.93 6.20
C2 NAG R . 70.23 -28.00 4.67
C3 NAG R . 71.61 -28.41 4.17
C4 NAG R . 72.69 -27.51 4.74
C5 NAG R . 72.58 -27.46 6.26
C6 NAG R . 73.54 -26.49 6.89
C7 NAG R . 67.92 -28.56 4.06
C8 NAG R . 67.00 -29.64 3.55
N2 NAG R . 69.21 -28.91 4.19
O3 NAG R . 71.62 -28.34 2.74
O4 NAG R . 73.97 -28.00 4.38
O5 NAG R . 71.27 -27.05 6.64
O6 NAG R . 72.91 -25.26 7.20
O7 NAG R . 67.51 -27.44 4.36
C1 NAG S . 53.64 12.06 53.85
C2 NAG S . 54.59 13.10 53.25
C3 NAG S . 53.91 14.47 53.18
C4 NAG S . 52.58 14.35 52.45
C5 NAG S . 51.71 13.27 53.09
C6 NAG S . 50.43 13.00 52.33
C7 NAG S . 55.94 13.54 55.27
C8 NAG S . 57.34 13.57 55.84
N2 NAG S . 55.84 13.19 53.98
O3 NAG S . 54.75 15.38 52.50
O4 NAG S . 51.88 15.59 52.49
O5 NAG S . 52.43 12.02 53.10
O6 NAG S . 50.54 13.42 50.98
O7 NAG S . 54.97 13.83 55.95
C1 NAG T . 48.13 -1.10 56.81
C2 NAG T . 47.01 -2.12 56.59
C3 NAG T . 45.72 -1.40 56.26
C4 NAG T . 45.38 -0.41 57.37
C5 NAG T . 46.56 0.54 57.62
C6 NAG T . 46.35 1.45 58.81
C7 NAG T . 47.56 -4.37 55.79
C8 NAG T . 47.36 -4.82 57.21
N2 NAG T . 47.37 -3.07 55.55
O3 NAG T . 44.66 -2.36 56.13
O4 NAG T . 44.23 0.36 57.00
O5 NAG T . 47.76 -0.21 57.88
O6 NAG T . 47.54 1.62 59.54
O7 NAG T . 47.88 -5.15 54.91
C1 NAG U . 73.64 10.47 11.95
C2 NAG U . 72.70 11.65 12.23
C3 NAG U . 71.84 11.97 11.01
C4 NAG U . 72.70 12.12 9.76
C5 NAG U . 73.60 10.90 9.59
C6 NAG U . 74.55 11.03 8.42
C7 NAG U . 72.10 11.93 14.60
C8 NAG U . 71.13 11.55 15.68
N2 NAG U . 71.87 11.40 13.39
O3 NAG U . 71.11 13.16 11.24
O4 NAG U . 71.87 12.26 8.62
O5 NAG U . 74.40 10.73 10.76
O6 NAG U . 75.82 10.50 8.74
O7 NAG U . 73.04 12.68 14.80
C1 NAG V . 91.07 -10.00 17.35
C2 NAG V . 90.82 -10.06 15.84
C3 NAG V . 91.18 -11.45 15.31
C4 NAG V . 92.59 -11.83 15.71
C5 NAG V . 92.78 -11.69 17.21
C6 NAG V . 94.20 -11.93 17.67
C7 NAG V . 89.03 -8.51 15.21
C8 NAG V . 87.58 -8.36 14.91
N2 NAG V . 89.44 -9.74 15.53
O3 NAG V . 91.05 -11.47 13.90
O4 NAG V . 92.87 -13.18 15.33
O5 NAG V . 92.43 -10.36 17.63
O6 NAG V . 95.06 -12.18 16.57
O7 NAG V . 89.82 -7.56 15.14
C1 NAG W . 75.87 -3.47 5.40
C2 NAG W . 76.67 -2.66 4.40
C3 NAG W . 78.14 -3.00 4.52
C4 NAG W . 78.37 -4.49 4.24
C5 NAG W . 77.42 -5.39 5.04
C6 NAG W . 77.91 -5.67 6.45
C7 NAG W . 75.92 -1.92 2.18
C8 NAG W . 76.09 -0.52 2.68
N2 NAG W . 76.20 -2.91 3.05
O3 NAG W . 78.61 -2.66 5.82
O4 NAG W . 78.19 -4.75 2.85
O5 NAG W . 76.08 -4.89 5.13
O6 NAG W . 76.83 -6.10 7.29
O7 NAG W . 75.53 -2.16 1.04
C1 NAG X . 8.81 41.02 20.47
C2 NAG X . 10.06 41.79 20.07
C3 NAG X . 10.68 42.45 21.29
C4 NAG X . 9.65 43.32 22.00
C5 NAG X . 8.41 42.50 22.33
C6 NAG X . 7.30 43.32 22.92
C7 NAG X . 11.08 40.75 18.09
C8 NAG X . 12.15 39.81 17.59
N2 NAG X . 11.02 40.91 19.41
O3 NAG X . 11.79 43.26 20.87
O4 NAG X . 10.20 43.84 23.20
O5 NAG X . 7.89 41.90 21.13
O6 NAG X . 6.80 44.27 21.98
O7 NAG X . 10.33 41.34 17.33
C1 NAG Y . 29.24 -10.51 -35.62
C2 NAG Y . 30.03 -11.82 -35.62
C3 NAG Y . 31.47 -11.56 -36.09
C4 NAG Y . 31.48 -10.85 -37.43
C5 NAG Y . 30.62 -9.58 -37.36
C6 NAG Y . 30.49 -8.89 -38.70
C7 NAG Y . 30.50 -11.95 -33.20
C8 NAG Y . 30.36 -12.79 -31.97
N2 NAG Y . 30.01 -12.47 -34.32
O3 NAG Y . 32.15 -12.81 -36.19
O4 NAG Y . 32.80 -10.50 -37.79
O5 NAG Y . 29.29 -9.91 -36.93
O6 NAG Y . 29.19 -9.08 -39.26
O7 NAG Y . 31.05 -10.85 -33.16
C1 NAG Z . 52.52 -40.10 37.58
C2 NAG Z . 51.80 -41.01 36.61
C3 NAG Z . 50.46 -41.45 37.19
C4 NAG Z . 50.66 -42.07 38.57
C5 NAG Z . 51.44 -41.11 39.47
C6 NAG Z . 51.79 -41.72 40.81
C7 NAG Z . 52.29 -40.66 34.23
C8 NAG Z . 53.32 -41.75 34.38
N2 NAG Z . 51.60 -40.36 35.33
O3 NAG Z . 49.88 -42.43 36.33
O4 NAG Z . 49.40 -42.36 39.17
O5 NAG Z . 52.68 -40.75 38.84
O6 NAG Z . 51.02 -42.88 41.08
O7 NAG Z . 52.11 -40.10 33.16
C1 NAG AA . 59.08 -38.82 22.36
C2 NAG AA . 58.89 -38.06 21.05
C3 NAG AA . 57.46 -38.23 20.54
C4 NAG AA . 57.09 -39.70 20.46
C5 NAG AA . 57.36 -40.39 21.79
C6 NAG AA . 57.14 -41.88 21.73
C7 NAG AA . 60.36 -36.10 20.77
C8 NAG AA . 61.31 -37.02 20.07
N2 NAG AA . 59.22 -36.65 21.21
O3 NAG AA . 57.34 -37.61 19.26
O4 NAG AA . 55.71 -39.83 20.13
O5 NAG AA . 58.73 -40.19 22.18
O6 NAG AA . 55.77 -42.20 21.53
O7 NAG AA . 60.61 -34.91 20.94
#